data_3BDJ
#
_entry.id   3BDJ
#
_cell.length_a   166.517
_cell.length_b   124.074
_cell.length_c   148.797
_cell.angle_alpha   90.00
_cell.angle_beta   91.01
_cell.angle_gamma   90.00
#
_symmetry.space_group_name_H-M   'C 1 2 1'
#
loop_
_entity.id
_entity.type
_entity.pdbx_description
1 polymer 'Xanthine dehydrogenase/oxidase'
2 non-polymer 'CALCIUM ION'
3 non-polymer 'FE2/S2 (INORGANIC) CLUSTER'
4 non-polymer 'PHOSPHONIC ACIDMONO-(2-AMINO-5,6-DIMERCAPTO-4-OXO-3,7,8A,9,10,10A-HEXAHYDRO-4H-8-OXA-1,3,9,10-TETRAAZA-ANTHRACEN-7-YLMETHYL)ESTER'
5 non-polymer 'Oxo(sulfanyl)molybdenum(IV) ION'
6 non-polymer 'FLAVIN-ADENINE DINUCLEOTIDE'
7 non-polymer Oxypurinol
8 non-polymer GLYCEROL
9 non-polymer 'CARBONATE ION'
10 water water
#
_entity_poly.entity_id   1
_entity_poly.type   'polypeptide(L)'
_entity_poly.pdbx_seq_one_letter_code
;MTADELVFFVNGKKVVEKNADPETTLLAYLRRKLGLRGTKLGCGEGGCGACTVMLSKYDRLQDKIIHFSANACLAPICTL
HHVAVTTVEGIGSTKTRLHPVQERIAKSHGSQCGFCTPGIVMSMYTLLRNQPEPTVEEIEDAFQGNLCRCTGYRPILQGF
RTFAKNGGCCGGNGNNPNCCMNQKKDHTVTLSPSLFNPEEFMPLDPTQEPIFPPELLRLKDVPPKQLRFEGERVTWIQAS
TLKELLDLKAQHPEAKLVVGNTEIGIEMKFKNQLFPMIICPAWIPELNAVEHGPEGISFGAACALSSVEKTLLEAVAKLP
TQKTEVFRGVLEQLRWFAGKQVKSVASLGGNIITASPISDLNPVFMASGTKLTIVSRGTRRTVPMDHTFFPSYRKTLLGP
EEILLSIEIPYSREDEFFSAFKQASRREDDIAKVTCGMRVLFQPGSMQVKELALCYGGMADRTISALKTTQKQLSKFWNE
KLLQDVCAGLAEELSLSPDAPGGMIEFRRTLTLSFFFKFYLTVLKKLGKDSKDKCGKLDPTYTSATLLFQKHPPANIQLF
QEVPNGQSKEDTVGRPLPHLAAAMQASGEAVYCDDIPRYENELFLRLVTSTRAHAKIKSIDVSEAQKVPGFVCFLSADDI
PGSNETGLFNDETVFAKDTVTCVGHIIGAVVADTPEHAERAAHVVKVTYEDLPAIITIEDAIKNNSFYGSELKIEKGDLK
KGFSEADNVVSGELYIGGQDHFYLETHCTIAIPKGEEGEMELFVSTQNAMKTQSFVAKMLGVPVNRILVRVKRMGGGFGG
KETRSTLVSVAVALAAYKTGHPVRCMLDRNEDMLITGGRHPFLARYKVGFMKTGTIVALEVDHYSNAGNSRDLSHSIMER
ALFHMDNCYKIPNIRGTGRLCKTNLSSNTAFRGFGGPQALFIAENWMSEVAVTCGLPAEEVRWKNMYKEGDLTHFNQRLE
GFSVPRCWDECLKSSQYYARKSEVDKFNKENCWKKRGLCIIPTKFGISFTVPFLNQAGALIHVYTDGSVLVSHGGTEMGQ
GLHTKMVQVASKALKIPISKIYISETSTNTVPNSSPTAASVSTDIYGQAVYEACQTILKRLEPFKKKNPDGSWEDWVMAA
YQDRVSLSTTGFYRTPNLGYSFETNSGNAFHYFTYGVACSEVEIDCLTGDHKNLRTDIVMDVGSSLNPAIDIGQVEGAFV
QGLGLFTLEELHYSPEGSLHTRGPSTYKIPAFGSIPTEFRVSLLRDCPNKKAIYASKAVGEPPLFLGASVFFAIKDAIRA
ARAQHTNNNTKELFRLDSPATPEKIRNACVDKFTTLCVTGAPGNCKPWSLRV
;
_entity_poly.pdbx_strand_id   A,B
#
# COMPACT_ATOMS: atom_id res chain seq x y z
N ALA A 3 -11.69 34.32 11.20
CA ALA A 3 -10.76 34.21 10.03
C ALA A 3 -11.51 34.18 8.71
N ASP A 4 -10.98 34.91 7.73
CA ASP A 4 -11.59 34.97 6.40
C ASP A 4 -11.21 33.73 5.58
N GLU A 5 -12.00 33.42 4.57
CA GLU A 5 -11.70 32.28 3.73
C GLU A 5 -10.61 32.69 2.74
N LEU A 6 -9.71 31.75 2.43
CA LEU A 6 -8.64 32.01 1.47
C LEU A 6 -9.17 31.43 0.17
N VAL A 7 -9.22 32.24 -0.87
CA VAL A 7 -9.73 31.78 -2.15
C VAL A 7 -8.76 31.96 -3.30
N PHE A 8 -8.41 30.87 -3.95
CA PHE A 8 -7.50 30.92 -5.09
C PHE A 8 -7.78 29.76 -6.03
N PHE A 9 -7.03 29.68 -7.12
CA PHE A 9 -7.24 28.63 -8.09
C PHE A 9 -5.98 27.81 -8.37
N VAL A 10 -6.17 26.52 -8.61
CA VAL A 10 -5.07 25.64 -8.92
C VAL A 10 -5.47 24.90 -10.19
N ASN A 11 -4.73 25.11 -11.26
CA ASN A 11 -5.00 24.49 -12.54
C ASN A 11 -6.44 24.72 -13.00
N GLY A 12 -6.92 25.95 -12.81
CA GLY A 12 -8.26 26.30 -13.23
C GLY A 12 -9.38 25.96 -12.24
N LYS A 13 -9.04 25.17 -11.22
CA LYS A 13 -10.03 24.77 -10.22
C LYS A 13 -10.01 25.69 -9.00
N LYS A 14 -11.20 26.13 -8.60
CA LYS A 14 -11.35 27.03 -7.46
C LYS A 14 -11.08 26.30 -6.15
N VAL A 15 -10.34 26.95 -5.25
CA VAL A 15 -10.03 26.37 -3.96
C VAL A 15 -10.46 27.32 -2.86
N VAL A 16 -11.25 26.82 -1.93
CA VAL A 16 -11.72 27.63 -0.81
C VAL A 16 -11.18 27.00 0.46
N GLU A 17 -10.21 27.66 1.08
CA GLU A 17 -9.63 27.16 2.32
C GLU A 17 -10.20 27.99 3.46
N LYS A 18 -11.07 27.37 4.26
CA LYS A 18 -11.72 28.04 5.37
C LYS A 18 -10.83 28.23 6.59
N ASN A 19 -9.75 27.47 6.68
CA ASN A 19 -8.86 27.57 7.83
C ASN A 19 -7.39 27.61 7.40
N ALA A 20 -7.06 28.65 6.64
CA ALA A 20 -5.70 28.81 6.16
C ALA A 20 -4.72 29.12 7.28
N ASP A 21 -3.63 28.36 7.31
CA ASP A 21 -2.61 28.59 8.33
C ASP A 21 -1.51 29.39 7.64
N PRO A 22 -1.14 30.55 8.21
CA PRO A 22 -0.09 31.41 7.67
C PRO A 22 1.23 30.71 7.39
N GLU A 23 1.52 29.66 8.14
CA GLU A 23 2.77 28.93 7.98
C GLU A 23 2.74 27.87 6.88
N THR A 24 1.58 27.65 6.27
CA THR A 24 1.48 26.64 5.21
C THR A 24 2.03 27.15 3.89
N THR A 25 2.98 26.43 3.32
CA THR A 25 3.58 26.81 2.04
C THR A 25 2.74 26.20 0.90
N LEU A 26 2.80 26.82 -0.28
CA LEU A 26 2.04 26.29 -1.41
C LEU A 26 2.47 24.86 -1.73
N LEU A 27 3.76 24.56 -1.56
CA LEU A 27 4.24 23.20 -1.83
C LEU A 27 3.54 22.16 -0.97
N ALA A 28 3.51 22.40 0.33
CA ALA A 28 2.87 21.47 1.26
C ALA A 28 1.38 21.33 0.93
N TYR A 29 0.75 22.45 0.61
CA TYR A 29 -0.67 22.44 0.30
C TYR A 29 -0.95 21.60 -0.95
N LEU A 30 -0.15 21.80 -1.98
CA LEU A 30 -0.32 21.05 -3.22
C LEU A 30 -0.14 19.55 -2.98
N ARG A 31 0.93 19.20 -2.29
CA ARG A 31 1.23 17.79 -2.05
C ARG A 31 0.37 17.08 -1.01
N ARG A 32 0.07 17.74 0.10
CA ARG A 32 -0.70 17.08 1.16
C ARG A 32 -2.19 17.33 1.20
N LYS A 33 -2.64 18.45 0.65
CA LYS A 33 -4.05 18.75 0.67
C LYS A 33 -4.76 18.57 -0.67
N LEU A 34 -4.07 18.87 -1.77
CA LEU A 34 -4.69 18.75 -3.08
C LEU A 34 -4.34 17.48 -3.86
N GLY A 35 -3.39 16.71 -3.35
CA GLY A 35 -3.00 15.48 -4.03
C GLY A 35 -2.28 15.68 -5.35
N LEU A 36 -1.67 16.85 -5.53
CA LEU A 36 -0.94 17.16 -6.76
C LEU A 36 0.54 17.04 -6.42
N ARG A 37 1.06 15.83 -6.57
CA ARG A 37 2.44 15.50 -6.23
C ARG A 37 3.49 15.70 -7.32
N GLY A 38 3.11 16.36 -8.41
CA GLY A 38 4.06 16.61 -9.49
C GLY A 38 5.13 17.62 -9.09
N THR A 39 4.75 18.60 -8.29
CA THR A 39 5.67 19.62 -7.79
C THR A 39 6.45 18.93 -6.67
N LYS A 40 7.79 19.05 -6.70
CA LYS A 40 8.63 18.37 -5.71
C LYS A 40 9.34 19.26 -4.70
N LEU A 41 9.83 18.63 -3.62
CA LEU A 41 10.61 19.33 -2.60
C LEU A 41 12.05 18.91 -2.85
N GLY A 42 12.94 19.86 -3.10
CA GLY A 42 14.33 19.53 -3.37
C GLY A 42 15.32 20.16 -2.42
N CYS A 43 14.93 21.25 -1.75
CA CYS A 43 15.83 21.92 -0.83
C CYS A 43 15.10 22.76 0.20
N GLY A 44 13.90 23.22 -0.15
CA GLY A 44 13.14 24.04 0.77
C GLY A 44 13.74 25.40 1.05
N GLU A 45 14.77 25.78 0.28
CA GLU A 45 15.38 27.08 0.48
C GLU A 45 15.45 27.96 -0.77
N GLY A 46 14.68 27.61 -1.78
CA GLY A 46 14.61 28.40 -3.00
C GLY A 46 15.74 28.30 -4.01
N GLY A 47 16.68 27.39 -3.80
CA GLY A 47 17.80 27.27 -4.72
C GLY A 47 17.85 26.13 -5.73
N CYS A 48 16.85 25.26 -5.79
CA CYS A 48 16.90 24.16 -6.76
C CYS A 48 15.83 24.22 -7.84
N GLY A 49 14.75 24.94 -7.56
CA GLY A 49 13.68 25.07 -8.53
C GLY A 49 12.80 23.84 -8.75
N ALA A 50 13.00 22.78 -7.96
CA ALA A 50 12.19 21.57 -8.14
C ALA A 50 10.72 21.82 -7.78
N CYS A 51 10.47 22.86 -6.99
CA CYS A 51 9.11 23.20 -6.57
C CYS A 51 8.49 24.31 -7.43
N THR A 52 9.11 24.60 -8.57
CA THR A 52 8.62 25.67 -9.45
C THR A 52 7.19 25.45 -9.99
N VAL A 53 6.40 26.52 -9.94
CA VAL A 53 5.04 26.51 -10.46
C VAL A 53 4.84 27.88 -11.11
N MET A 54 3.72 28.07 -11.81
CA MET A 54 3.46 29.36 -12.40
C MET A 54 2.32 30.00 -11.63
N LEU A 55 2.37 31.32 -11.52
CA LEU A 55 1.34 32.09 -10.84
C LEU A 55 0.79 33.12 -11.81
N SER A 56 -0.52 33.25 -11.85
CA SER A 56 -1.17 34.21 -12.73
C SER A 56 -2.13 35.05 -11.91
N LYS A 57 -2.17 36.34 -12.20
CA LYS A 57 -3.07 37.24 -11.49
C LYS A 57 -3.42 38.44 -12.36
N TYR A 58 -4.50 39.12 -11.97
CA TYR A 58 -4.92 40.32 -12.68
C TYR A 58 -4.23 41.48 -11.98
N ASP A 59 -3.38 42.19 -12.71
CA ASP A 59 -2.68 43.33 -12.15
C ASP A 59 -3.53 44.58 -12.27
N ARG A 60 -4.03 45.07 -11.15
CA ARG A 60 -4.88 46.26 -11.12
C ARG A 60 -4.19 47.51 -11.67
N LEU A 61 -2.92 47.70 -11.34
CA LEU A 61 -2.18 48.87 -11.79
C LEU A 61 -1.83 48.84 -13.27
N GLN A 62 -1.75 47.64 -13.84
CA GLN A 62 -1.42 47.50 -15.26
C GLN A 62 -2.65 47.12 -16.08
N ASP A 63 -3.75 46.81 -15.40
CA ASP A 63 -4.98 46.41 -16.06
C ASP A 63 -4.61 45.31 -17.06
N LYS A 64 -3.98 44.26 -16.55
CA LYS A 64 -3.55 43.15 -17.41
C LYS A 64 -3.30 41.87 -16.61
N ILE A 65 -3.36 40.74 -17.29
CA ILE A 65 -3.11 39.45 -16.65
C ILE A 65 -1.62 39.15 -16.78
N ILE A 66 -0.97 38.93 -15.64
CA ILE A 66 0.47 38.64 -15.65
C ILE A 66 0.75 37.20 -15.21
N HIS A 67 1.80 36.63 -15.77
CA HIS A 67 2.22 35.27 -15.45
C HIS A 67 3.69 35.30 -15.03
N PHE A 68 4.01 34.63 -13.92
CA PHE A 68 5.39 34.59 -13.46
C PHE A 68 5.63 33.29 -12.70
N SER A 69 6.90 32.91 -12.55
CA SER A 69 7.20 31.68 -11.86
C SER A 69 7.50 31.96 -10.39
N ALA A 70 7.46 30.92 -9.56
CA ALA A 70 7.72 31.08 -8.13
C ALA A 70 8.01 29.73 -7.49
N ASN A 71 8.79 29.75 -6.42
CA ASN A 71 9.14 28.54 -5.70
C ASN A 71 7.99 28.22 -4.75
N ALA A 72 7.31 27.10 -4.99
CA ALA A 72 6.21 26.71 -4.12
C ALA A 72 6.68 26.47 -2.68
N CYS A 73 7.97 26.19 -2.51
CA CYS A 73 8.48 25.94 -1.16
C CYS A 73 8.61 27.18 -0.30
N LEU A 74 8.57 28.37 -0.91
CA LEU A 74 8.68 29.62 -0.16
C LEU A 74 7.42 30.49 -0.23
N ALA A 75 6.50 30.09 -1.09
CA ALA A 75 5.26 30.84 -1.26
C ALA A 75 4.21 30.51 -0.20
N PRO A 76 3.92 31.45 0.70
CA PRO A 76 2.89 31.14 1.71
C PRO A 76 1.56 31.15 0.98
N ILE A 77 0.72 30.13 1.17
CA ILE A 77 -0.56 30.15 0.48
C ILE A 77 -1.35 31.41 0.83
N CYS A 78 -1.05 32.00 1.99
CA CYS A 78 -1.75 33.21 2.42
C CYS A 78 -1.45 34.43 1.56
N THR A 79 -0.48 34.33 0.66
CA THR A 79 -0.15 35.44 -0.23
C THR A 79 -0.85 35.24 -1.56
N LEU A 80 -1.52 34.10 -1.72
CA LEU A 80 -2.17 33.76 -2.98
C LEU A 80 -3.66 34.01 -3.14
N HIS A 81 -4.27 34.77 -2.24
CA HIS A 81 -5.70 35.03 -2.36
C HIS A 81 -5.96 35.62 -3.75
N HIS A 82 -6.92 35.03 -4.47
CA HIS A 82 -7.30 35.46 -5.81
C HIS A 82 -6.16 35.37 -6.83
N VAL A 83 -5.32 34.35 -6.67
CA VAL A 83 -4.22 34.13 -7.60
C VAL A 83 -4.49 32.76 -8.23
N ALA A 84 -4.08 32.60 -9.48
CA ALA A 84 -4.28 31.34 -10.18
C ALA A 84 -2.94 30.61 -10.32
N VAL A 85 -2.89 29.42 -9.72
CA VAL A 85 -1.68 28.60 -9.76
C VAL A 85 -1.76 27.59 -10.91
N THR A 86 -0.63 27.37 -11.56
CA THR A 86 -0.57 26.37 -12.61
C THR A 86 0.63 25.48 -12.27
N THR A 87 0.39 24.17 -12.12
CA THR A 87 1.46 23.22 -11.80
C THR A 87 1.73 22.40 -13.05
N VAL A 88 2.72 21.51 -12.97
CA VAL A 88 3.06 20.67 -14.10
C VAL A 88 1.85 19.89 -14.57
N GLU A 89 1.00 19.47 -13.63
CA GLU A 89 -0.20 18.73 -14.00
C GLU A 89 -1.19 19.58 -14.77
N GLY A 90 -1.12 20.90 -14.58
CA GLY A 90 -2.04 21.78 -15.27
C GLY A 90 -1.78 22.08 -16.74
N ILE A 91 -0.62 21.69 -17.28
CA ILE A 91 -0.34 21.98 -18.68
C ILE A 91 -0.42 20.76 -19.59
N GLY A 92 -0.47 19.57 -18.99
CA GLY A 92 -0.56 18.35 -19.79
C GLY A 92 -0.17 17.10 -19.03
N SER A 93 -0.37 15.95 -19.68
CA SER A 93 -0.02 14.67 -19.08
C SER A 93 -0.09 13.57 -20.12
N THR A 94 0.46 12.40 -19.79
CA THR A 94 0.44 11.28 -20.72
C THR A 94 -0.97 10.68 -20.79
N LYS A 95 -1.80 10.97 -19.79
CA LYS A 95 -3.15 10.42 -19.79
C LYS A 95 -4.05 11.19 -20.74
N THR A 96 -3.70 12.44 -21.02
CA THR A 96 -4.46 13.26 -21.94
C THR A 96 -3.53 13.56 -23.12
N ARG A 97 -2.76 14.64 -23.00
CA ARG A 97 -1.83 15.01 -24.04
C ARG A 97 -0.70 15.85 -23.44
N LEU A 98 0.54 15.57 -23.84
CA LEU A 98 1.66 16.33 -23.31
C LEU A 98 1.72 17.70 -23.96
N HIS A 99 2.11 18.69 -23.18
CA HIS A 99 2.27 20.05 -23.68
C HIS A 99 3.61 20.04 -24.41
N PRO A 100 3.77 20.88 -25.45
CA PRO A 100 5.03 20.93 -26.20
C PRO A 100 6.28 20.93 -25.31
N VAL A 101 6.26 21.70 -24.23
CA VAL A 101 7.42 21.77 -23.33
C VAL A 101 7.75 20.40 -22.77
N GLN A 102 6.72 19.66 -22.37
CA GLN A 102 6.90 18.33 -21.80
C GLN A 102 7.37 17.35 -22.87
N GLU A 103 6.76 17.42 -24.05
CA GLU A 103 7.13 16.52 -25.12
C GLU A 103 8.61 16.67 -25.52
N ARG A 104 9.05 17.91 -25.69
CA ARG A 104 10.41 18.18 -26.11
C ARG A 104 11.49 17.83 -25.09
N ILE A 105 11.30 18.17 -23.82
CA ILE A 105 12.33 17.84 -22.85
C ILE A 105 12.44 16.31 -22.75
N ALA A 106 11.32 15.62 -22.97
CA ALA A 106 11.32 14.17 -22.90
C ALA A 106 12.01 13.53 -24.11
N LYS A 107 11.62 13.95 -25.32
CA LYS A 107 12.19 13.40 -26.54
C LYS A 107 13.65 13.82 -26.77
N SER A 108 14.03 14.97 -26.24
CA SER A 108 15.39 15.47 -26.42
C SER A 108 16.38 14.87 -25.42
N HIS A 109 15.88 13.95 -24.59
CA HIS A 109 16.70 13.28 -23.58
C HIS A 109 17.11 14.25 -22.48
N GLY A 110 16.28 15.24 -22.23
CA GLY A 110 16.59 16.21 -21.18
C GLY A 110 16.13 15.77 -19.81
N SER A 111 15.76 14.49 -19.69
CA SER A 111 15.28 13.95 -18.43
C SER A 111 15.89 12.58 -18.15
N GLN A 112 16.58 12.46 -17.01
CA GLN A 112 17.17 11.18 -16.61
C GLN A 112 16.46 10.63 -15.39
N CYS A 113 16.82 11.09 -14.18
CA CYS A 113 16.13 10.59 -12.99
C CYS A 113 14.72 11.18 -12.96
N GLY A 114 14.56 12.37 -13.55
CA GLY A 114 13.27 13.01 -13.63
C GLY A 114 12.73 13.85 -12.47
N PHE A 115 13.46 13.96 -11.36
CA PHE A 115 12.98 14.72 -10.21
C PHE A 115 12.97 16.25 -10.42
N CYS A 116 13.87 16.74 -11.27
CA CYS A 116 13.97 18.18 -11.54
C CYS A 116 13.12 18.60 -12.74
N THR A 117 12.67 17.62 -13.52
CA THR A 117 11.91 17.92 -14.73
C THR A 117 10.67 18.79 -14.59
N PRO A 118 9.79 18.50 -13.62
CA PRO A 118 8.59 19.34 -13.48
C PRO A 118 8.95 20.81 -13.26
N GLY A 119 9.90 21.06 -12.35
CA GLY A 119 10.34 22.42 -12.07
C GLY A 119 10.89 23.13 -13.29
N ILE A 120 11.72 22.43 -14.05
CA ILE A 120 12.31 22.99 -15.27
C ILE A 120 11.22 23.16 -16.33
N VAL A 121 10.30 22.20 -16.40
CA VAL A 121 9.20 22.28 -17.34
C VAL A 121 8.39 23.56 -17.05
N MET A 122 8.15 23.85 -15.77
CA MET A 122 7.38 25.03 -15.41
C MET A 122 8.14 26.33 -15.65
N SER A 123 9.46 26.31 -15.52
CA SER A 123 10.22 27.54 -15.76
C SER A 123 10.14 27.87 -17.26
N MET A 124 10.26 26.84 -18.09
CA MET A 124 10.18 27.00 -19.54
C MET A 124 8.77 27.41 -19.94
N TYR A 125 7.77 26.75 -19.36
CA TYR A 125 6.38 27.05 -19.66
C TYR A 125 6.08 28.51 -19.37
N THR A 126 6.47 28.97 -18.18
CA THR A 126 6.25 30.35 -17.79
C THR A 126 6.87 31.32 -18.79
N LEU A 127 8.08 30.99 -19.26
CA LEU A 127 8.75 31.85 -20.23
C LEU A 127 7.88 31.99 -21.47
N LEU A 128 7.43 30.85 -22.01
CA LEU A 128 6.61 30.83 -23.20
C LEU A 128 5.27 31.56 -23.05
N ARG A 129 4.72 31.58 -21.83
CA ARG A 129 3.46 32.28 -21.59
C ARG A 129 3.70 33.79 -21.60
N ASN A 130 4.95 34.19 -21.39
CA ASN A 130 5.31 35.61 -21.41
C ASN A 130 5.81 35.97 -22.80
N GLN A 131 6.54 35.05 -23.41
CA GLN A 131 7.12 35.24 -24.74
C GLN A 131 7.07 33.94 -25.53
N PRO A 132 6.07 33.79 -26.43
CA PRO A 132 5.86 32.62 -27.29
C PRO A 132 7.07 32.24 -28.14
N GLU A 133 7.88 33.23 -28.50
CA GLU A 133 9.06 32.95 -29.30
C GLU A 133 10.27 33.66 -28.69
N PRO A 134 10.81 33.09 -27.61
CA PRO A 134 11.97 33.66 -26.92
C PRO A 134 13.26 33.45 -27.68
N THR A 135 14.29 34.21 -27.32
CA THR A 135 15.59 34.10 -27.94
C THR A 135 16.36 33.08 -27.12
N VAL A 136 17.49 32.62 -27.65
CA VAL A 136 18.32 31.65 -26.94
C VAL A 136 18.71 32.20 -25.57
N GLU A 137 19.05 33.48 -25.52
CA GLU A 137 19.42 34.13 -24.27
C GLU A 137 18.32 33.98 -23.21
N GLU A 138 17.10 34.38 -23.57
CA GLU A 138 15.97 34.30 -22.66
C GLU A 138 15.74 32.87 -22.20
N ILE A 139 15.94 31.91 -23.09
CA ILE A 139 15.75 30.50 -22.74
C ILE A 139 16.73 30.08 -21.66
N GLU A 140 18.00 30.44 -21.80
CA GLU A 140 18.98 30.07 -20.78
C GLU A 140 18.69 30.77 -19.46
N ASP A 141 18.37 32.06 -19.52
CA ASP A 141 18.09 32.82 -18.31
C ASP A 141 16.87 32.32 -17.54
N ALA A 142 16.01 31.58 -18.21
CA ALA A 142 14.81 31.06 -17.57
C ALA A 142 15.15 30.05 -16.47
N PHE A 143 16.35 29.47 -16.54
CA PHE A 143 16.74 28.46 -15.57
C PHE A 143 17.84 28.83 -14.57
N GLN A 144 17.97 30.11 -14.27
CA GLN A 144 18.97 30.55 -13.30
C GLN A 144 18.67 29.95 -11.94
N GLY A 145 17.42 29.54 -11.75
CA GLY A 145 17.02 28.97 -10.47
C GLY A 145 16.61 27.51 -10.49
N ASN A 146 17.06 26.76 -11.50
CA ASN A 146 16.74 25.34 -11.59
C ASN A 146 18.04 24.53 -11.66
N LEU A 147 18.11 23.46 -10.87
CA LEU A 147 19.29 22.62 -10.84
C LEU A 147 18.99 21.20 -11.30
N CYS A 148 19.94 20.60 -12.02
CA CYS A 148 19.81 19.23 -12.46
C CYS A 148 21.16 18.56 -12.19
N ARG A 149 21.11 17.39 -11.57
CA ARG A 149 22.32 16.63 -11.23
C ARG A 149 22.67 15.53 -12.22
N CYS A 150 21.69 15.09 -13.00
CA CYS A 150 21.89 13.99 -13.94
C CYS A 150 22.35 14.29 -15.36
N THR A 151 21.64 15.18 -16.03
CA THR A 151 21.86 15.49 -17.44
C THR A 151 23.07 16.25 -17.95
N GLY A 152 23.60 17.19 -17.19
CA GLY A 152 24.71 17.97 -17.71
C GLY A 152 24.10 19.12 -18.50
N TYR A 153 22.81 19.32 -18.32
CA TYR A 153 22.05 20.40 -18.94
C TYR A 153 21.96 20.55 -20.46
N ARG A 154 23.03 20.19 -21.17
CA ARG A 154 23.07 20.31 -22.63
C ARG A 154 21.76 19.90 -23.34
N PRO A 155 21.30 18.65 -23.13
CA PRO A 155 20.06 18.22 -23.80
C PRO A 155 18.81 19.06 -23.51
N ILE A 156 18.72 19.59 -22.29
CA ILE A 156 17.57 20.41 -21.90
C ILE A 156 17.57 21.71 -22.71
N LEU A 157 18.71 22.39 -22.74
CA LEU A 157 18.83 23.63 -23.49
C LEU A 157 18.64 23.41 -24.99
N GLN A 158 19.29 22.38 -25.53
CA GLN A 158 19.21 22.10 -26.96
C GLN A 158 17.79 21.75 -27.39
N GLY A 159 17.08 21.01 -26.56
CA GLY A 159 15.71 20.65 -26.92
C GLY A 159 14.82 21.87 -26.91
N PHE A 160 14.95 22.71 -25.88
CA PHE A 160 14.13 23.91 -25.77
C PHE A 160 14.51 24.97 -26.80
N ARG A 161 15.74 24.90 -27.30
CA ARG A 161 16.22 25.86 -28.28
C ARG A 161 15.35 25.82 -29.54
N THR A 162 14.65 24.71 -29.72
CA THR A 162 13.76 24.56 -30.88
C THR A 162 12.59 25.53 -30.77
N PHE A 163 12.39 26.13 -29.60
CA PHE A 163 11.31 27.09 -29.39
C PHE A 163 11.72 28.49 -29.85
N ALA A 164 13.02 28.71 -30.05
CA ALA A 164 13.49 30.01 -30.49
C ALA A 164 13.13 30.24 -31.97
N PRO A 193 23.87 10.24 -37.58
CA PRO A 193 22.50 10.13 -37.03
C PRO A 193 22.27 11.17 -35.93
N SER A 194 21.02 11.52 -35.69
CA SER A 194 20.68 12.52 -34.66
C SER A 194 20.02 11.88 -33.45
N LEU A 195 20.22 12.50 -32.29
CA LEU A 195 19.65 12.00 -31.05
C LEU A 195 18.13 12.20 -31.02
N PHE A 196 17.64 13.25 -31.65
CA PHE A 196 16.21 13.52 -31.70
C PHE A 196 15.89 14.31 -32.97
N ASN A 197 14.61 14.31 -33.37
CA ASN A 197 14.20 15.00 -34.58
C ASN A 197 13.15 16.06 -34.31
N PRO A 198 13.55 17.34 -34.29
CA PRO A 198 12.71 18.53 -34.04
C PRO A 198 11.49 18.60 -34.93
N GLU A 199 11.60 18.04 -36.12
CA GLU A 199 10.49 18.06 -37.07
C GLU A 199 9.27 17.27 -36.58
N GLU A 200 9.49 16.37 -35.62
CA GLU A 200 8.39 15.57 -35.09
C GLU A 200 7.63 16.32 -33.99
N PHE A 201 8.25 17.37 -33.45
CA PHE A 201 7.66 18.15 -32.36
C PHE A 201 6.37 18.88 -32.70
N MET A 202 5.36 18.72 -31.86
CA MET A 202 4.10 19.42 -32.08
C MET A 202 4.38 20.91 -31.89
N PRO A 203 3.95 21.75 -32.84
CA PRO A 203 4.18 23.19 -32.69
C PRO A 203 3.47 23.76 -31.47
N LEU A 204 3.98 24.88 -30.97
CA LEU A 204 3.39 25.55 -29.83
C LEU A 204 2.23 26.40 -30.36
N ASP A 205 1.07 26.33 -29.72
CA ASP A 205 -0.09 27.12 -30.16
C ASP A 205 -0.72 27.77 -28.94
N PRO A 206 -0.39 29.04 -28.69
CA PRO A 206 -0.88 29.85 -27.57
C PRO A 206 -2.40 29.89 -27.45
N THR A 207 -3.09 29.80 -28.59
CA THR A 207 -4.55 29.84 -28.60
C THR A 207 -5.15 28.66 -27.84
N GLN A 208 -4.40 27.58 -27.69
CA GLN A 208 -4.91 26.40 -26.99
C GLN A 208 -4.52 26.32 -25.52
N GLU A 209 -3.91 27.37 -24.98
CA GLU A 209 -3.52 27.40 -23.58
C GLU A 209 -4.75 27.60 -22.68
N PRO A 210 -4.73 27.06 -21.46
CA PRO A 210 -5.84 27.21 -20.52
C PRO A 210 -6.08 28.69 -20.28
N ILE A 211 -7.33 29.10 -20.18
CA ILE A 211 -7.64 30.51 -19.96
C ILE A 211 -7.57 30.90 -18.50
N PHE A 212 -7.47 32.21 -18.26
CA PHE A 212 -7.43 32.74 -16.90
C PHE A 212 -8.82 32.45 -16.34
N PRO A 213 -8.91 31.83 -15.16
CA PRO A 213 -10.21 31.51 -14.55
C PRO A 213 -11.20 32.67 -14.60
N PRO A 214 -12.30 32.51 -15.36
CA PRO A 214 -13.33 33.55 -15.49
C PRO A 214 -13.79 34.12 -14.15
N GLU A 215 -14.00 33.25 -13.17
CA GLU A 215 -14.45 33.69 -11.86
C GLU A 215 -13.48 34.71 -11.27
N LEU A 216 -12.18 34.49 -11.45
CA LEU A 216 -11.19 35.43 -10.93
C LEU A 216 -11.30 36.76 -11.66
N LEU A 217 -11.58 36.71 -12.95
CA LEU A 217 -11.69 37.92 -13.75
C LEU A 217 -12.88 38.76 -13.29
N ARG A 218 -13.88 38.11 -12.71
CA ARG A 218 -15.06 38.82 -12.22
C ARG A 218 -14.71 39.47 -10.89
N LEU A 219 -14.03 38.72 -10.04
CA LEU A 219 -13.62 39.20 -8.71
C LEU A 219 -12.82 40.49 -8.79
N LYS A 220 -12.18 40.74 -9.92
CA LYS A 220 -11.38 41.95 -10.10
C LYS A 220 -12.25 43.19 -9.90
N ASP A 221 -13.55 43.02 -10.08
CA ASP A 221 -14.48 44.13 -9.95
C ASP A 221 -15.01 44.32 -8.53
N VAL A 222 -14.48 43.53 -7.60
CA VAL A 222 -14.89 43.65 -6.20
C VAL A 222 -13.80 44.41 -5.46
N PRO A 223 -14.20 45.40 -4.64
CA PRO A 223 -13.24 46.19 -3.87
C PRO A 223 -12.44 45.35 -2.90
N PRO A 224 -11.11 45.50 -2.90
CA PRO A 224 -10.23 44.75 -2.01
C PRO A 224 -10.57 45.01 -0.54
N LYS A 225 -10.50 43.97 0.28
CA LYS A 225 -10.80 44.09 1.70
C LYS A 225 -9.71 43.42 2.53
N GLN A 226 -9.45 43.98 3.71
CA GLN A 226 -8.45 43.42 4.60
C GLN A 226 -8.86 42.01 4.99
N LEU A 227 -7.89 41.08 5.02
CA LEU A 227 -8.19 39.71 5.38
C LEU A 227 -7.38 39.26 6.58
N ARG A 228 -7.97 38.37 7.38
CA ARG A 228 -7.31 37.86 8.56
C ARG A 228 -7.30 36.33 8.52
N PHE A 229 -6.12 35.75 8.68
CA PHE A 229 -5.96 34.29 8.69
C PHE A 229 -5.35 33.89 10.02
N GLU A 230 -5.86 32.81 10.60
CA GLU A 230 -5.37 32.36 11.91
C GLU A 230 -4.85 30.93 11.84
N GLY A 231 -3.58 30.75 12.23
CA GLY A 231 -2.99 29.42 12.22
C GLY A 231 -2.78 28.87 13.61
N GLU A 232 -2.01 27.80 13.70
CA GLU A 232 -1.73 27.17 15.00
C GLU A 232 -0.86 28.10 15.84
N ARG A 233 0.02 28.85 15.20
CA ARG A 233 0.92 29.73 15.93
C ARG A 233 1.02 31.15 15.40
N VAL A 234 0.51 31.37 14.19
CA VAL A 234 0.62 32.69 13.58
C VAL A 234 -0.67 33.34 13.08
N THR A 235 -0.71 34.67 13.18
CA THR A 235 -1.84 35.45 12.71
C THR A 235 -1.33 36.27 11.53
N TRP A 236 -2.06 36.20 10.42
CA TRP A 236 -1.68 36.88 9.19
C TRP A 236 -2.75 37.91 8.77
N ILE A 237 -2.32 39.14 8.55
CA ILE A 237 -3.24 40.20 8.12
C ILE A 237 -2.83 40.71 6.73
N GLN A 238 -3.72 40.56 5.77
CA GLN A 238 -3.47 41.04 4.42
C GLN A 238 -4.05 42.46 4.39
N ALA A 239 -3.17 43.46 4.43
CA ALA A 239 -3.59 44.86 4.42
C ALA A 239 -3.99 45.29 3.02
N SER A 240 -5.17 45.89 2.87
CA SER A 240 -5.62 46.34 1.55
C SER A 240 -5.25 47.78 1.23
N THR A 241 -5.13 48.62 2.25
CA THR A 241 -4.78 50.03 2.01
C THR A 241 -3.58 50.47 2.84
N LEU A 242 -2.89 51.52 2.37
CA LEU A 242 -1.74 52.05 3.07
C LEU A 242 -2.15 52.49 4.47
N LYS A 243 -3.36 53.01 4.57
CA LYS A 243 -3.91 53.49 5.82
C LYS A 243 -4.04 52.33 6.82
N GLU A 244 -4.53 51.19 6.35
CA GLU A 244 -4.68 50.03 7.23
C GLU A 244 -3.29 49.55 7.65
N LEU A 245 -2.34 49.56 6.72
CA LEU A 245 -0.99 49.11 7.04
C LEU A 245 -0.39 49.97 8.15
N LEU A 246 -0.50 51.29 8.02
CA LEU A 246 0.07 52.17 9.04
C LEU A 246 -0.60 52.03 10.40
N ASP A 247 -1.91 51.79 10.43
CA ASP A 247 -2.61 51.62 11.70
C ASP A 247 -2.12 50.32 12.33
N LEU A 248 -2.05 49.28 11.50
CA LEU A 248 -1.60 47.98 11.97
C LEU A 248 -0.20 48.06 12.55
N LYS A 249 0.67 48.83 11.91
CA LYS A 249 2.03 48.98 12.40
C LYS A 249 2.11 49.83 13.66
N ALA A 250 1.15 50.75 13.82
CA ALA A 250 1.12 51.60 15.00
C ALA A 250 0.66 50.77 16.19
N GLN A 251 -0.24 49.82 15.93
CA GLN A 251 -0.77 48.95 16.97
C GLN A 251 0.13 47.75 17.26
N HIS A 252 0.81 47.26 16.23
CA HIS A 252 1.69 46.10 16.35
C HIS A 252 3.03 46.37 15.70
N PRO A 253 3.86 47.23 16.32
CA PRO A 253 5.18 47.59 15.79
C PRO A 253 6.06 46.37 15.54
N GLU A 254 5.83 45.32 16.30
CA GLU A 254 6.61 44.09 16.17
C GLU A 254 6.18 43.25 14.97
N ALA A 255 4.93 43.45 14.53
CA ALA A 255 4.42 42.71 13.38
C ALA A 255 5.45 42.65 12.27
N LYS A 256 5.69 41.44 11.79
CA LYS A 256 6.66 41.21 10.73
C LYS A 256 5.98 41.36 9.37
N LEU A 257 6.51 42.22 8.52
CA LEU A 257 5.93 42.38 7.19
C LEU A 257 6.43 41.24 6.33
N VAL A 258 5.62 40.81 5.38
CA VAL A 258 6.04 39.75 4.47
C VAL A 258 5.47 40.05 3.09
N VAL A 259 6.31 39.94 2.08
CA VAL A 259 5.90 40.16 0.71
C VAL A 259 6.25 38.89 -0.07
N GLY A 260 7.52 38.74 -0.40
CA GLY A 260 7.96 37.56 -1.13
C GLY A 260 8.27 36.38 -0.22
N ASN A 261 8.56 36.66 1.05
CA ASN A 261 8.85 35.62 2.04
C ASN A 261 10.16 34.88 1.73
N THR A 262 11.01 35.44 0.88
CA THR A 262 12.26 34.76 0.55
C THR A 262 13.33 34.93 1.63
N GLU A 263 13.00 35.70 2.67
CA GLU A 263 13.89 35.90 3.82
C GLU A 263 13.17 35.32 5.04
N ILE A 264 11.97 35.80 5.30
CA ILE A 264 11.19 35.34 6.45
C ILE A 264 10.98 33.82 6.41
N GLY A 265 10.76 33.28 5.21
CA GLY A 265 10.57 31.84 5.08
C GLY A 265 11.81 31.10 5.55
N ILE A 266 12.98 31.63 5.17
CA ILE A 266 14.25 31.03 5.56
C ILE A 266 14.41 31.11 7.08
N GLU A 267 14.15 32.29 7.63
CA GLU A 267 14.28 32.48 9.08
C GLU A 267 13.34 31.55 9.85
N MET A 268 12.13 31.37 9.34
CA MET A 268 11.15 30.49 9.98
C MET A 268 11.57 29.02 9.90
N LYS A 269 11.95 28.59 8.70
CA LYS A 269 12.33 27.21 8.46
C LYS A 269 13.69 26.77 9.00
N PHE A 270 14.72 27.58 8.81
CA PHE A 270 16.06 27.22 9.24
C PHE A 270 16.66 27.97 10.44
N LYS A 271 16.14 29.16 10.74
CA LYS A 271 16.71 29.92 11.85
C LYS A 271 15.96 29.81 13.17
N ASN A 272 15.02 28.87 13.25
CA ASN A 272 14.27 28.66 14.48
C ASN A 272 13.53 29.93 14.92
N GLN A 273 13.07 30.73 13.95
CA GLN A 273 12.36 31.96 14.27
C GLN A 273 10.85 31.75 14.23
N LEU A 274 10.14 32.50 15.07
CA LEU A 274 8.69 32.44 15.11
C LEU A 274 8.13 33.84 15.28
N PHE A 275 7.42 34.32 14.26
CA PHE A 275 6.83 35.65 14.30
C PHE A 275 5.32 35.45 14.45
N PRO A 276 4.77 35.73 15.64
CA PRO A 276 3.35 35.58 15.97
C PRO A 276 2.38 36.32 15.05
N MET A 277 2.78 37.50 14.57
CA MET A 277 1.91 38.27 13.68
C MET A 277 2.62 38.78 12.45
N ILE A 278 2.01 38.53 11.30
CA ILE A 278 2.54 38.96 10.01
C ILE A 278 1.57 39.89 9.30
N ILE A 279 2.10 40.91 8.64
CA ILE A 279 1.29 41.83 7.88
C ILE A 279 1.81 41.81 6.45
N CYS A 280 0.96 41.41 5.50
CA CYS A 280 1.39 41.41 4.10
C CYS A 280 0.79 42.63 3.42
N PRO A 281 1.66 43.56 3.00
CA PRO A 281 1.27 44.80 2.32
C PRO A 281 1.32 44.75 0.79
N ALA A 282 1.56 43.56 0.25
CA ALA A 282 1.68 43.36 -1.20
C ALA A 282 0.60 44.02 -2.06
N TRP A 283 -0.64 44.03 -1.60
CA TRP A 283 -1.76 44.62 -2.34
C TRP A 283 -1.79 46.15 -2.43
N ILE A 284 -1.14 46.83 -1.49
CA ILE A 284 -1.16 48.29 -1.44
C ILE A 284 -0.61 49.00 -2.68
N PRO A 285 -1.47 49.79 -3.36
CA PRO A 285 -1.09 50.54 -4.57
C PRO A 285 0.17 51.38 -4.42
N GLU A 286 0.24 52.17 -3.35
CA GLU A 286 1.40 53.02 -3.14
C GLU A 286 2.69 52.21 -3.08
N LEU A 287 2.62 51.00 -2.51
CA LEU A 287 3.78 50.12 -2.41
C LEU A 287 4.13 49.44 -3.72
N ASN A 288 3.29 49.62 -4.74
CA ASN A 288 3.53 49.00 -6.04
C ASN A 288 3.64 50.01 -7.18
N ALA A 289 3.60 51.29 -6.84
CA ALA A 289 3.67 52.37 -7.83
C ALA A 289 5.05 52.61 -8.42
N VAL A 290 5.08 52.97 -9.70
CA VAL A 290 6.31 53.27 -10.42
C VAL A 290 6.19 54.66 -11.01
N GLU A 291 7.04 55.58 -10.55
CA GLU A 291 7.00 56.97 -11.03
C GLU A 291 8.32 57.46 -11.60
N HIS A 292 8.25 58.08 -12.78
CA HIS A 292 9.43 58.61 -13.45
C HIS A 292 9.58 60.11 -13.14
N GLY A 293 10.52 60.43 -12.27
CA GLY A 293 10.74 61.82 -11.90
C GLY A 293 11.96 62.44 -12.54
N PRO A 294 12.17 63.75 -12.34
CA PRO A 294 13.33 64.44 -12.90
C PRO A 294 14.65 64.00 -12.29
N GLU A 295 14.62 63.50 -11.07
CA GLU A 295 15.84 63.05 -10.40
C GLU A 295 16.09 61.56 -10.61
N GLY A 296 15.04 60.81 -10.94
CA GLY A 296 15.21 59.38 -11.15
C GLY A 296 13.88 58.65 -11.24
N ILE A 297 13.92 57.34 -11.10
CA ILE A 297 12.73 56.50 -11.17
C ILE A 297 12.42 55.92 -9.79
N SER A 298 11.20 56.13 -9.34
CA SER A 298 10.77 55.65 -8.03
C SER A 298 9.99 54.34 -8.10
N PHE A 299 10.24 53.46 -7.14
CA PHE A 299 9.56 52.17 -7.08
C PHE A 299 8.96 51.96 -5.70
N GLY A 300 7.72 51.52 -5.64
CA GLY A 300 7.10 51.25 -4.37
C GLY A 300 7.89 50.09 -3.76
N ALA A 301 8.06 50.08 -2.46
CA ALA A 301 8.82 49.05 -1.76
C ALA A 301 8.34 47.61 -1.98
N ALA A 302 7.11 47.44 -2.45
CA ALA A 302 6.58 46.09 -2.67
C ALA A 302 6.85 45.56 -4.08
N CYS A 303 7.35 46.42 -4.96
CA CYS A 303 7.65 46.00 -6.33
C CYS A 303 8.64 44.84 -6.35
N ALA A 304 8.39 43.86 -7.20
CA ALA A 304 9.27 42.69 -7.33
C ALA A 304 10.53 43.09 -8.07
N LEU A 305 11.63 42.45 -7.74
CA LEU A 305 12.90 42.75 -8.41
C LEU A 305 12.80 42.56 -9.91
N SER A 306 11.96 41.62 -10.35
CA SER A 306 11.79 41.39 -11.77
C SER A 306 11.14 42.62 -12.42
N SER A 307 10.27 43.31 -11.68
CA SER A 307 9.61 44.50 -12.19
C SER A 307 10.63 45.62 -12.31
N VAL A 308 11.44 45.79 -11.26
CA VAL A 308 12.47 46.81 -11.26
C VAL A 308 13.40 46.55 -12.44
N GLU A 309 13.76 45.30 -12.65
CA GLU A 309 14.66 44.92 -13.72
C GLU A 309 14.06 45.27 -15.09
N LYS A 310 12.78 44.98 -15.27
CA LYS A 310 12.10 45.29 -16.53
C LYS A 310 12.08 46.80 -16.79
N THR A 311 11.70 47.57 -15.77
CA THR A 311 11.63 49.03 -15.89
C THR A 311 13.00 49.66 -16.15
N LEU A 312 14.03 49.20 -15.44
CA LEU A 312 15.35 49.77 -15.65
C LEU A 312 15.92 49.42 -17.02
N LEU A 313 15.62 48.22 -17.51
CA LEU A 313 16.10 47.82 -18.83
C LEU A 313 15.51 48.75 -19.88
N GLU A 314 14.22 49.01 -19.76
CA GLU A 314 13.53 49.89 -20.69
C GLU A 314 14.10 51.30 -20.60
N ALA A 315 14.42 51.73 -19.39
CA ALA A 315 14.98 53.05 -19.17
C ALA A 315 16.37 53.17 -19.79
N VAL A 316 17.16 52.10 -19.66
CA VAL A 316 18.51 52.09 -20.21
C VAL A 316 18.48 52.13 -21.74
N ALA A 317 17.43 51.56 -22.31
CA ALA A 317 17.29 51.53 -23.75
C ALA A 317 16.77 52.84 -24.32
N LYS A 318 16.10 53.64 -23.49
CA LYS A 318 15.54 54.90 -23.96
C LYS A 318 16.30 56.17 -23.57
N LEU A 319 16.96 56.15 -22.42
CA LEU A 319 17.68 57.33 -21.95
C LEU A 319 19.15 57.35 -22.35
N PRO A 320 19.77 58.55 -22.38
CA PRO A 320 21.18 58.68 -22.73
C PRO A 320 22.04 57.87 -21.77
N THR A 321 23.10 57.28 -22.30
CA THR A 321 24.01 56.47 -21.51
C THR A 321 24.48 57.22 -20.25
N GLN A 322 24.73 58.52 -20.38
CA GLN A 322 25.21 59.29 -19.26
C GLN A 322 24.23 59.47 -18.10
N LYS A 323 22.98 59.09 -18.30
CA LYS A 323 21.99 59.21 -17.23
C LYS A 323 21.67 57.87 -16.57
N THR A 324 22.09 56.77 -17.19
CA THR A 324 21.79 55.44 -16.69
C THR A 324 22.94 54.67 -16.03
N GLU A 325 23.95 55.39 -15.54
CA GLU A 325 25.09 54.75 -14.88
C GLU A 325 24.65 53.91 -13.68
N VAL A 326 23.82 54.48 -12.83
CA VAL A 326 23.35 53.75 -11.66
C VAL A 326 22.40 52.63 -12.04
N PHE A 327 21.49 52.89 -12.99
CA PHE A 327 20.53 51.87 -13.42
C PHE A 327 21.27 50.62 -13.88
N ARG A 328 22.31 50.82 -14.69
CA ARG A 328 23.08 49.70 -15.20
C ARG A 328 23.83 48.96 -14.09
N GLY A 329 24.16 49.66 -13.02
CA GLY A 329 24.83 49.02 -11.89
C GLY A 329 23.83 48.07 -11.25
N VAL A 330 22.62 48.56 -11.05
CA VAL A 330 21.56 47.77 -10.45
C VAL A 330 21.27 46.54 -11.31
N LEU A 331 21.21 46.75 -12.63
CA LEU A 331 20.94 45.68 -13.56
C LEU A 331 22.02 44.61 -13.60
N GLU A 332 23.28 45.02 -13.43
CA GLU A 332 24.38 44.06 -13.43
C GLU A 332 24.24 43.14 -12.21
N GLN A 333 23.90 43.71 -11.05
CA GLN A 333 23.71 42.89 -9.86
C GLN A 333 22.51 41.97 -10.08
N LEU A 334 21.42 42.52 -10.60
CA LEU A 334 20.21 41.72 -10.83
C LEU A 334 20.44 40.53 -11.76
N ARG A 335 21.47 40.60 -12.60
CA ARG A 335 21.78 39.49 -13.51
C ARG A 335 22.13 38.27 -12.68
N TRP A 336 22.84 38.51 -11.59
CA TRP A 336 23.31 37.45 -10.72
C TRP A 336 22.59 37.40 -9.37
N PHE A 337 21.35 37.86 -9.36
CA PHE A 337 20.56 37.87 -8.13
C PHE A 337 19.57 36.70 -8.17
N ALA A 338 19.86 35.66 -7.40
CA ALA A 338 18.99 34.48 -7.34
C ALA A 338 18.63 34.03 -8.75
N GLY A 339 17.35 33.72 -8.97
CA GLY A 339 16.89 33.29 -10.28
C GLY A 339 15.55 33.92 -10.60
N LYS A 340 14.89 33.46 -11.65
CA LYS A 340 13.58 34.03 -12.03
C LYS A 340 12.53 33.83 -10.94
N GLN A 341 12.43 32.63 -10.38
CA GLN A 341 11.44 32.36 -9.34
C GLN A 341 11.55 33.31 -8.17
N VAL A 342 12.76 33.54 -7.67
CA VAL A 342 12.94 34.44 -6.54
C VAL A 342 12.78 35.91 -6.91
N LYS A 343 13.33 36.31 -8.06
CA LYS A 343 13.24 37.70 -8.48
C LYS A 343 11.80 38.13 -8.79
N SER A 344 10.94 37.18 -9.15
CA SER A 344 9.55 37.51 -9.47
C SER A 344 8.67 37.72 -8.23
N VAL A 345 9.16 37.30 -7.06
CA VAL A 345 8.39 37.49 -5.82
C VAL A 345 9.12 38.36 -4.80
N ALA A 346 10.45 38.42 -4.90
CA ALA A 346 11.26 39.22 -3.97
C ALA A 346 11.04 40.72 -4.16
N SER A 347 10.77 41.42 -3.07
CA SER A 347 10.52 42.86 -3.14
C SER A 347 11.76 43.69 -2.84
N LEU A 348 11.72 44.96 -3.26
CA LEU A 348 12.81 45.89 -3.02
C LEU A 348 12.96 46.10 -1.51
N GLY A 349 11.86 46.51 -0.89
CA GLY A 349 11.88 46.75 0.55
C GLY A 349 12.43 45.58 1.32
N GLY A 350 12.05 44.38 0.91
CA GLY A 350 12.53 43.19 1.59
C GLY A 350 14.04 43.11 1.64
N ASN A 351 14.69 43.31 0.50
CA ASN A 351 16.15 43.24 0.48
C ASN A 351 16.81 44.38 1.26
N ILE A 352 16.27 45.58 1.12
CA ILE A 352 16.83 46.73 1.81
C ILE A 352 16.70 46.62 3.33
N ILE A 353 15.49 46.33 3.80
CA ILE A 353 15.26 46.23 5.24
C ILE A 353 15.84 44.98 5.90
N THR A 354 15.96 43.88 5.17
CA THR A 354 16.54 42.67 5.77
C THR A 354 17.95 43.06 6.20
N ALA A 355 18.53 43.98 5.46
CA ALA A 355 19.87 44.48 5.75
C ALA A 355 20.90 43.39 5.97
N SER A 356 20.94 42.42 5.06
CA SER A 356 21.92 41.34 5.18
C SER A 356 23.29 41.89 4.83
N PRO A 357 24.34 41.36 5.49
CA PRO A 357 25.72 41.80 5.23
C PRO A 357 26.09 41.58 3.77
N ILE A 358 25.47 40.58 3.15
CA ILE A 358 25.78 40.25 1.77
C ILE A 358 24.75 40.66 0.72
N SER A 359 23.93 41.65 1.05
CA SER A 359 22.93 42.14 0.11
C SER A 359 23.71 42.70 -1.08
N ASP A 360 23.26 42.37 -2.29
CA ASP A 360 23.91 42.84 -3.50
C ASP A 360 23.35 44.19 -3.93
N LEU A 361 22.21 44.59 -3.37
CA LEU A 361 21.59 45.86 -3.75
C LEU A 361 21.93 47.03 -2.82
N ASN A 362 22.00 46.78 -1.52
CA ASN A 362 22.29 47.86 -0.58
C ASN A 362 23.61 48.59 -0.87
N PRO A 363 24.66 47.86 -1.28
CA PRO A 363 25.92 48.57 -1.56
C PRO A 363 25.73 49.55 -2.73
N VAL A 364 24.89 49.15 -3.68
CA VAL A 364 24.60 49.98 -4.85
C VAL A 364 23.71 51.16 -4.45
N PHE A 365 22.75 50.90 -3.59
CA PHE A 365 21.86 51.95 -3.12
C PHE A 365 22.61 52.95 -2.26
N MET A 366 23.57 52.46 -1.47
CA MET A 366 24.36 53.33 -0.61
C MET A 366 25.31 54.22 -1.42
N ALA A 367 26.05 53.61 -2.34
CA ALA A 367 27.00 54.34 -3.18
C ALA A 367 26.32 55.39 -4.05
N SER A 368 25.11 55.09 -4.52
CA SER A 368 24.37 56.01 -5.38
C SER A 368 23.48 56.97 -4.58
N GLY A 369 23.48 56.83 -3.25
CA GLY A 369 22.65 57.68 -2.44
C GLY A 369 21.17 57.57 -2.80
N THR A 370 20.74 56.38 -3.19
CA THR A 370 19.35 56.15 -3.54
C THR A 370 18.44 56.65 -2.41
N LYS A 371 17.40 57.40 -2.77
CA LYS A 371 16.49 57.97 -1.80
C LYS A 371 15.40 57.02 -1.29
N LEU A 372 15.21 57.04 0.02
CA LEU A 372 14.22 56.19 0.67
C LEU A 372 13.12 57.02 1.32
N THR A 373 11.87 56.76 0.93
CA THR A 373 10.75 57.48 1.52
C THR A 373 10.19 56.58 2.61
N ILE A 374 10.33 57.02 3.86
CA ILE A 374 9.88 56.28 5.02
C ILE A 374 8.64 56.90 5.66
N VAL A 375 7.67 56.06 6.03
CA VAL A 375 6.45 56.55 6.64
C VAL A 375 5.95 55.74 7.83
N SER A 376 5.07 56.37 8.61
CA SER A 376 4.43 55.77 9.78
C SER A 376 3.14 56.55 9.90
N ARG A 377 2.17 56.06 10.67
CA ARG A 377 0.93 56.80 10.80
C ARG A 377 1.22 58.20 11.31
N GLY A 378 0.95 59.19 10.47
CA GLY A 378 1.17 60.57 10.86
C GLY A 378 2.49 61.19 10.43
N THR A 379 3.47 60.38 10.01
CA THR A 379 4.76 60.95 9.60
C THR A 379 5.26 60.48 8.24
N ARG A 380 6.19 61.25 7.68
CA ARG A 380 6.79 60.95 6.39
C ARG A 380 8.09 61.70 6.19
N ARG A 381 9.13 61.00 5.76
CA ARG A 381 10.43 61.59 5.53
C ARG A 381 11.16 60.86 4.41
N THR A 382 12.04 61.58 3.71
CA THR A 382 12.80 61.00 2.61
C THR A 382 14.28 61.25 2.86
N VAL A 383 15.07 60.20 2.88
CA VAL A 383 16.49 60.35 3.11
C VAL A 383 17.31 59.49 2.16
N PRO A 384 18.43 60.03 1.66
CA PRO A 384 19.26 59.25 0.75
C PRO A 384 19.99 58.21 1.59
N MET A 385 20.12 56.99 1.08
CA MET A 385 20.81 55.96 1.83
C MET A 385 22.29 56.31 1.91
N ASP A 386 22.86 56.19 3.11
CA ASP A 386 24.28 56.46 3.30
C ASP A 386 24.78 55.47 4.35
N HIS A 387 26.05 55.56 4.71
CA HIS A 387 26.62 54.62 5.67
C HIS A 387 25.92 54.51 7.02
N THR A 388 25.20 55.55 7.43
CA THR A 388 24.52 55.55 8.72
C THR A 388 23.20 54.78 8.74
N PHE A 389 22.63 54.52 7.57
CA PHE A 389 21.36 53.81 7.48
C PHE A 389 21.41 52.40 8.09
N PHE A 390 22.60 51.79 8.08
CA PHE A 390 22.77 50.46 8.65
C PHE A 390 23.69 50.59 9.86
N PRO A 391 23.13 51.00 11.01
CA PRO A 391 23.90 51.18 12.25
C PRO A 391 24.57 49.92 12.80
N SER A 392 23.92 48.78 12.66
CA SER A 392 24.48 47.52 13.15
C SER A 392 23.88 46.31 12.47
N TYR A 393 24.40 45.14 12.83
CA TYR A 393 23.95 43.87 12.26
C TYR A 393 22.44 43.71 12.09
N ARG A 394 22.01 43.54 10.84
CA ARG A 394 20.61 43.33 10.51
C ARG A 394 19.67 44.47 10.92
N LYS A 395 20.23 45.65 11.16
CA LYS A 395 19.39 46.78 11.55
C LYS A 395 19.49 47.95 10.59
N THR A 396 18.42 48.73 10.53
CA THR A 396 18.35 49.91 9.69
C THR A 396 17.90 51.05 10.60
N LEU A 397 17.88 52.28 10.09
CA LEU A 397 17.47 53.41 10.90
C LEU A 397 15.96 53.64 10.98
N LEU A 398 15.17 52.68 10.54
CA LEU A 398 13.72 52.84 10.61
C LEU A 398 13.21 52.65 12.04
N GLY A 399 12.18 53.39 12.40
CA GLY A 399 11.60 53.25 13.73
C GLY A 399 10.73 52.01 13.75
N PRO A 400 10.33 51.52 14.93
CA PRO A 400 9.50 50.32 15.02
C PRO A 400 8.14 50.46 14.33
N GLU A 401 7.61 51.69 14.31
CA GLU A 401 6.31 51.96 13.70
C GLU A 401 6.39 52.27 12.20
N GLU A 402 7.60 52.52 11.70
CA GLU A 402 7.78 52.87 10.29
C GLU A 402 7.90 51.72 9.30
N ILE A 403 7.64 52.04 8.04
CA ILE A 403 7.76 51.08 6.95
C ILE A 403 8.34 51.83 5.76
N LEU A 404 9.05 51.13 4.89
CA LEU A 404 9.63 51.74 3.70
C LEU A 404 8.54 51.80 2.64
N LEU A 405 8.16 53.00 2.24
CA LEU A 405 7.11 53.20 1.25
C LEU A 405 7.61 53.07 -0.19
N SER A 406 8.66 53.81 -0.51
CA SER A 406 9.20 53.77 -1.86
C SER A 406 10.68 54.09 -1.93
N ILE A 407 11.26 53.82 -3.10
CA ILE A 407 12.68 54.04 -3.33
C ILE A 407 12.89 54.72 -4.68
N GLU A 408 13.73 55.75 -4.71
CA GLU A 408 14.00 56.44 -5.96
C GLU A 408 15.45 56.23 -6.37
N ILE A 409 15.64 55.47 -7.45
CA ILE A 409 16.97 55.19 -7.97
C ILE A 409 17.30 56.38 -8.87
N PRO A 410 18.37 57.11 -8.53
CA PRO A 410 18.80 58.30 -9.27
C PRO A 410 19.39 58.13 -10.67
N TYR A 411 19.15 59.14 -11.49
CA TYR A 411 19.71 59.20 -12.81
C TYR A 411 21.15 59.60 -12.49
N SER A 412 22.09 59.26 -13.36
CA SER A 412 23.46 59.67 -13.13
C SER A 412 23.65 61.01 -13.83
N ARG A 413 24.51 61.85 -13.29
CA ARG A 413 24.78 63.18 -13.85
C ARG A 413 26.02 63.17 -14.72
N GLU A 414 26.31 64.32 -15.33
CA GLU A 414 27.49 64.45 -16.18
C GLU A 414 28.72 64.35 -15.26
N ASP A 415 29.80 63.76 -15.78
CA ASP A 415 31.02 63.60 -14.99
C ASP A 415 30.80 62.64 -13.82
N GLU A 416 29.75 61.83 -13.89
CA GLU A 416 29.46 60.88 -12.82
C GLU A 416 29.41 59.46 -13.36
N PHE A 417 30.26 58.59 -12.81
CA PHE A 417 30.32 57.21 -13.28
C PHE A 417 30.07 56.19 -12.17
N PHE A 418 29.47 55.06 -12.55
CA PHE A 418 29.12 54.03 -11.59
C PHE A 418 29.48 52.62 -12.05
N SER A 419 29.79 51.77 -11.08
CA SER A 419 30.11 50.36 -11.34
C SER A 419 29.60 49.49 -10.19
N ALA A 420 29.16 48.29 -10.54
CA ALA A 420 28.68 47.33 -9.54
C ALA A 420 29.28 45.98 -9.89
N PHE A 421 29.88 45.32 -8.89
CA PHE A 421 30.50 44.02 -9.12
C PHE A 421 30.10 43.02 -8.05
N LYS A 422 30.11 41.74 -8.42
CA LYS A 422 29.78 40.67 -7.49
C LYS A 422 30.60 39.44 -7.86
N GLN A 423 31.18 38.81 -6.84
CA GLN A 423 31.95 37.60 -7.06
C GLN A 423 31.52 36.61 -5.97
N ALA A 424 31.23 35.39 -6.36
CA ALA A 424 30.80 34.35 -5.44
C ALA A 424 31.56 33.06 -5.70
N SER A 425 30.91 31.92 -5.50
CA SER A 425 31.54 30.62 -5.76
C SER A 425 31.10 30.14 -7.13
N ARG A 426 29.91 30.57 -7.54
CA ARG A 426 29.34 30.24 -8.84
C ARG A 426 28.64 31.49 -9.34
N ARG A 427 28.69 31.74 -10.65
CA ARG A 427 28.05 32.93 -11.20
C ARG A 427 26.56 33.02 -10.91
N GLU A 428 25.83 31.94 -11.20
CA GLU A 428 24.38 31.95 -11.01
C GLU A 428 23.86 31.58 -9.62
N ASP A 429 22.81 32.27 -9.23
CA ASP A 429 22.12 32.05 -7.96
C ASP A 429 23.05 31.65 -6.82
N ASP A 430 23.91 32.58 -6.41
CA ASP A 430 24.84 32.32 -5.33
C ASP A 430 24.93 33.53 -4.38
N ILE A 431 25.44 33.29 -3.17
CA ILE A 431 25.60 34.35 -2.18
C ILE A 431 26.95 35.02 -2.44
N ALA A 432 26.96 36.35 -2.43
CA ALA A 432 28.19 37.09 -2.69
C ALA A 432 29.30 36.84 -1.66
N LYS A 433 30.53 36.75 -2.13
CA LYS A 433 31.68 36.60 -1.24
C LYS A 433 32.02 38.05 -0.93
N VAL A 434 32.04 38.86 -1.99
CA VAL A 434 32.27 40.29 -1.90
C VAL A 434 31.44 40.90 -3.02
N THR A 435 30.69 41.95 -2.67
CA THR A 435 29.84 42.61 -3.64
C THR A 435 29.99 44.11 -3.41
N CYS A 436 29.84 44.92 -4.44
CA CYS A 436 30.02 46.36 -4.23
C CYS A 436 29.26 47.29 -5.16
N GLY A 437 29.26 48.56 -4.76
CA GLY A 437 28.65 49.63 -5.51
C GLY A 437 29.72 50.71 -5.46
N MET A 438 30.07 51.29 -6.60
CA MET A 438 31.10 52.31 -6.63
C MET A 438 30.70 53.51 -7.51
N ARG A 439 30.84 54.71 -6.96
CA ARG A 439 30.49 55.92 -7.68
C ARG A 439 31.54 57.01 -7.55
N VAL A 440 31.75 57.74 -8.64
CA VAL A 440 32.69 58.85 -8.64
C VAL A 440 32.07 60.03 -9.38
N LEU A 441 32.22 61.21 -8.79
CA LEU A 441 31.71 62.45 -9.37
C LEU A 441 32.91 63.38 -9.54
N PHE A 442 33.18 63.78 -10.78
CA PHE A 442 34.31 64.67 -11.02
C PHE A 442 33.85 66.12 -11.17
N GLN A 443 34.78 67.06 -11.02
CA GLN A 443 34.45 68.45 -11.21
C GLN A 443 34.10 68.51 -12.70
N PRO A 444 33.23 69.45 -13.11
CA PRO A 444 32.83 69.57 -14.52
C PRO A 444 33.95 69.39 -15.54
N GLY A 445 33.79 68.40 -16.41
CA GLY A 445 34.77 68.12 -17.46
C GLY A 445 36.20 67.80 -17.04
N SER A 446 36.42 67.48 -15.77
CA SER A 446 37.75 67.18 -15.29
C SER A 446 37.95 65.71 -14.89
N MET A 447 39.14 65.44 -14.35
CA MET A 447 39.50 64.12 -13.85
C MET A 447 39.75 64.32 -12.36
N GLN A 448 39.28 65.47 -11.84
CA GLN A 448 39.45 65.80 -10.43
C GLN A 448 38.24 65.37 -9.61
N VAL A 449 38.48 64.48 -8.66
CA VAL A 449 37.43 63.94 -7.80
C VAL A 449 36.68 64.94 -6.94
N LYS A 450 35.35 64.91 -7.03
CA LYS A 450 34.52 65.79 -6.22
C LYS A 450 33.87 64.92 -5.14
N GLU A 451 33.37 63.76 -5.55
CA GLU A 451 32.75 62.81 -4.61
C GLU A 451 33.21 61.41 -5.00
N LEU A 452 33.44 60.57 -3.99
CA LEU A 452 33.87 59.19 -4.22
C LEU A 452 33.23 58.27 -3.17
N ALA A 453 32.57 57.23 -3.65
CA ALA A 453 31.94 56.29 -2.73
C ALA A 453 32.21 54.85 -3.16
N LEU A 454 32.81 54.09 -2.25
CA LEU A 454 33.11 52.69 -2.49
C LEU A 454 32.42 51.92 -1.36
N CYS A 455 31.30 51.28 -1.69
CA CYS A 455 30.53 50.55 -0.69
C CYS A 455 30.54 49.05 -0.96
N TYR A 456 30.86 48.28 0.08
CA TYR A 456 30.95 46.83 -0.04
C TYR A 456 30.04 46.01 0.85
N GLY A 457 29.70 44.83 0.34
CA GLY A 457 28.91 43.86 1.08
C GLY A 457 29.86 42.68 1.25
N GLY A 458 29.68 41.91 2.32
CA GLY A 458 30.54 40.76 2.54
C GLY A 458 31.90 40.99 3.18
N MET A 459 32.12 42.19 3.73
CA MET A 459 33.40 42.50 4.38
C MET A 459 33.21 42.92 5.84
N ALA A 460 31.98 42.84 6.32
CA ALA A 460 31.65 43.21 7.70
C ALA A 460 30.26 42.67 8.00
N ASP A 461 29.80 42.87 9.23
CA ASP A 461 28.48 42.39 9.61
C ASP A 461 27.37 43.30 9.09
N ARG A 462 27.71 44.15 8.13
CA ARG A 462 26.74 45.07 7.54
C ARG A 462 27.35 45.72 6.30
N THR A 463 26.51 46.36 5.49
CA THR A 463 27.00 47.03 4.28
C THR A 463 27.81 48.22 4.76
N ILE A 464 29.05 48.36 4.28
CA ILE A 464 29.90 49.45 4.70
C ILE A 464 30.48 50.27 3.56
N SER A 465 30.93 51.47 3.90
CA SER A 465 31.53 52.39 2.95
C SER A 465 32.97 52.63 3.38
N ALA A 466 33.91 52.58 2.44
CA ALA A 466 35.31 52.82 2.77
C ALA A 466 35.57 54.32 2.82
N LEU A 467 34.88 54.99 3.75
CA LEU A 467 34.98 56.43 3.95
C LEU A 467 36.37 56.98 4.25
N LYS A 468 37.11 56.32 5.14
CA LYS A 468 38.44 56.78 5.49
C LYS A 468 39.28 56.89 4.22
N THR A 469 39.23 55.86 3.40
CA THR A 469 39.99 55.81 2.17
C THR A 469 39.54 56.82 1.11
N THR A 470 38.24 56.86 0.82
CA THR A 470 37.73 57.77 -0.20
C THR A 470 37.86 59.24 0.18
N GLN A 471 37.64 59.57 1.45
CA GLN A 471 37.74 60.96 1.87
C GLN A 471 39.11 61.55 1.53
N LYS A 472 40.15 60.72 1.61
CA LYS A 472 41.51 61.19 1.32
C LYS A 472 41.74 61.49 -0.16
N GLN A 473 40.80 61.11 -1.01
CA GLN A 473 40.97 61.35 -2.44
C GLN A 473 40.17 62.54 -2.99
N LEU A 474 39.35 63.16 -2.15
CA LEU A 474 38.58 64.31 -2.61
C LEU A 474 39.54 65.38 -3.12
N SER A 475 39.26 65.93 -4.30
CA SER A 475 40.09 66.94 -4.94
C SER A 475 41.35 66.39 -5.59
N LYS A 476 41.54 65.07 -5.53
CA LYS A 476 42.71 64.47 -6.16
C LYS A 476 42.32 64.07 -7.59
N PHE A 477 43.31 63.78 -8.42
CA PHE A 477 43.04 63.41 -9.81
C PHE A 477 43.09 61.89 -10.06
N TRP A 478 42.30 61.44 -11.02
CA TRP A 478 42.24 60.02 -11.37
C TRP A 478 43.51 59.61 -12.09
N ASN A 479 44.45 59.07 -11.32
CA ASN A 479 45.74 58.64 -11.86
C ASN A 479 46.32 57.46 -11.09
N GLU A 480 47.45 56.94 -11.59
CA GLU A 480 48.13 55.81 -10.99
C GLU A 480 48.36 55.99 -9.49
N LYS A 481 48.72 57.20 -9.08
CA LYS A 481 48.96 57.48 -7.68
C LYS A 481 47.70 57.29 -6.83
N LEU A 482 46.55 57.70 -7.37
CA LEU A 482 45.29 57.54 -6.66
C LEU A 482 44.96 56.05 -6.55
N LEU A 483 45.22 55.31 -7.62
CA LEU A 483 44.96 53.88 -7.64
C LEU A 483 45.72 53.21 -6.51
N GLN A 484 47.00 53.55 -6.39
CA GLN A 484 47.87 52.99 -5.37
C GLN A 484 47.43 53.39 -3.96
N ASP A 485 47.10 54.66 -3.79
CA ASP A 485 46.66 55.16 -2.49
C ASP A 485 45.37 54.48 -2.04
N VAL A 486 44.41 54.37 -2.95
CA VAL A 486 43.13 53.73 -2.61
C VAL A 486 43.32 52.27 -2.25
N CYS A 487 44.14 51.55 -3.02
CA CYS A 487 44.38 50.12 -2.74
C CYS A 487 45.01 49.93 -1.37
N ALA A 488 46.00 50.74 -1.03
CA ALA A 488 46.66 50.64 0.26
C ALA A 488 45.64 50.98 1.34
N GLY A 489 44.83 52.01 1.07
CA GLY A 489 43.81 52.41 2.01
C GLY A 489 42.82 51.28 2.27
N LEU A 490 42.32 50.68 1.19
CA LEU A 490 41.38 49.58 1.30
C LEU A 490 41.95 48.43 2.12
N ALA A 491 43.21 48.09 1.84
CA ALA A 491 43.90 47.00 2.53
C ALA A 491 43.93 47.21 4.04
N GLU A 492 44.09 48.46 4.44
CA GLU A 492 44.14 48.81 5.86
C GLU A 492 42.76 49.02 6.47
N GLU A 493 41.87 49.68 5.73
CA GLU A 493 40.54 49.96 6.24
C GLU A 493 39.59 48.76 6.25
N LEU A 494 39.62 47.93 5.22
CA LEU A 494 38.74 46.76 5.18
C LEU A 494 39.50 45.51 5.61
N SER A 495 40.02 45.54 6.82
CA SER A 495 40.76 44.40 7.36
C SER A 495 39.84 43.29 7.83
N LEU A 496 40.36 42.07 7.85
CA LEU A 496 39.59 40.92 8.31
C LEU A 496 40.41 40.11 9.30
N SER A 497 39.86 39.92 10.49
CA SER A 497 40.53 39.14 11.52
C SER A 497 40.56 37.69 11.05
N PRO A 498 41.63 36.96 11.38
CA PRO A 498 41.77 35.55 10.98
C PRO A 498 40.55 34.67 11.26
N ASP A 499 39.74 35.05 12.25
CA ASP A 499 38.56 34.28 12.61
C ASP A 499 37.27 34.85 12.02
N ALA A 500 37.40 35.71 11.01
CA ALA A 500 36.24 36.31 10.38
C ALA A 500 35.29 35.26 9.81
N PRO A 501 33.97 35.41 10.08
CA PRO A 501 32.96 34.47 9.60
C PRO A 501 33.00 34.34 8.08
N GLY A 502 32.97 33.10 7.58
CA GLY A 502 33.01 32.88 6.14
C GLY A 502 34.41 32.56 5.63
N GLY A 503 35.42 32.87 6.42
CA GLY A 503 36.79 32.58 6.02
C GLY A 503 37.20 33.28 4.73
N MET A 504 38.07 32.63 3.96
CA MET A 504 38.55 33.17 2.70
C MET A 504 38.99 34.62 2.90
N ILE A 505 39.77 34.83 3.94
CA ILE A 505 40.30 36.16 4.31
C ILE A 505 41.09 36.81 3.16
N GLU A 506 42.10 36.11 2.66
CA GLU A 506 42.95 36.62 1.59
C GLU A 506 42.13 36.96 0.33
N PHE A 507 41.32 36.00 -0.09
CA PHE A 507 40.50 36.15 -1.28
C PHE A 507 39.60 37.37 -1.21
N ARG A 508 38.84 37.52 -0.13
CA ARG A 508 37.95 38.65 0.01
C ARG A 508 38.67 40.01 -0.01
N ARG A 509 39.77 40.12 0.71
CA ARG A 509 40.50 41.38 0.71
C ARG A 509 41.04 41.66 -0.68
N THR A 510 41.50 40.62 -1.37
CA THR A 510 42.01 40.80 -2.72
C THR A 510 40.90 41.28 -3.66
N LEU A 511 39.71 40.74 -3.50
CA LEU A 511 38.57 41.14 -4.33
C LEU A 511 38.21 42.62 -4.11
N THR A 512 38.31 43.09 -2.87
CA THR A 512 37.98 44.48 -2.61
C THR A 512 38.90 45.41 -3.41
N LEU A 513 40.18 45.05 -3.52
CA LEU A 513 41.12 45.86 -4.28
C LEU A 513 40.96 45.63 -5.78
N SER A 514 40.72 44.38 -6.17
CA SER A 514 40.56 44.04 -7.57
C SER A 514 39.33 44.73 -8.19
N PHE A 515 38.26 44.82 -7.40
CA PHE A 515 37.05 45.48 -7.86
C PHE A 515 37.36 46.96 -8.08
N PHE A 516 38.10 47.56 -7.15
CA PHE A 516 38.42 48.97 -7.33
C PHE A 516 39.28 49.16 -8.57
N PHE A 517 40.23 48.27 -8.78
CA PHE A 517 41.11 48.35 -9.96
C PHE A 517 40.22 48.32 -11.20
N LYS A 518 39.25 47.41 -11.24
CA LYS A 518 38.35 47.31 -12.38
C LYS A 518 37.57 48.61 -12.55
N PHE A 519 37.16 49.19 -11.43
CA PHE A 519 36.41 50.44 -11.43
C PHE A 519 37.34 51.55 -11.97
N TYR A 520 38.56 51.58 -11.45
CA TYR A 520 39.56 52.56 -11.86
C TYR A 520 39.75 52.56 -13.39
N LEU A 521 40.04 51.39 -13.95
CA LEU A 521 40.27 51.29 -15.38
C LEU A 521 39.01 51.65 -16.16
N THR A 522 37.86 51.18 -15.67
CA THR A 522 36.59 51.45 -16.31
C THR A 522 36.33 52.94 -16.38
N VAL A 523 36.66 53.66 -15.30
CA VAL A 523 36.46 55.10 -15.28
C VAL A 523 37.40 55.80 -16.25
N LEU A 524 38.65 55.34 -16.36
CA LEU A 524 39.58 55.94 -17.30
C LEU A 524 38.97 55.82 -18.69
N LYS A 525 38.41 54.66 -18.98
CA LYS A 525 37.79 54.39 -20.27
C LYS A 525 36.61 55.33 -20.50
N LYS A 526 35.75 55.50 -19.50
CA LYS A 526 34.59 56.38 -19.62
C LYS A 526 35.01 57.85 -19.73
N LEU A 527 36.11 58.21 -19.07
CA LEU A 527 36.59 59.58 -19.13
C LEU A 527 37.08 59.89 -20.55
N GLY A 528 37.37 58.84 -21.30
CA GLY A 528 37.83 59.00 -22.67
C GLY A 528 36.66 59.05 -23.64
N LYS A 537 42.97 54.99 -25.57
CA LYS A 537 44.15 55.52 -24.83
C LYS A 537 44.61 54.49 -23.79
N LEU A 538 43.66 53.68 -23.34
CA LEU A 538 43.93 52.62 -22.36
C LEU A 538 44.70 51.49 -23.04
N ASP A 539 45.72 50.96 -22.36
CA ASP A 539 46.51 49.89 -22.94
C ASP A 539 45.61 48.75 -23.41
N PRO A 540 45.82 48.29 -24.65
CA PRO A 540 45.03 47.20 -25.24
C PRO A 540 44.95 45.94 -24.39
N THR A 541 46.05 45.58 -23.73
CA THR A 541 46.08 44.38 -22.90
C THR A 541 45.36 44.56 -21.57
N TYR A 542 44.86 45.76 -21.32
CA TYR A 542 44.14 46.06 -20.08
C TYR A 542 42.65 46.22 -20.31
N THR A 543 42.26 46.44 -21.57
CA THR A 543 40.86 46.65 -21.92
C THR A 543 39.85 45.62 -21.41
N SER A 544 40.12 44.33 -21.63
CA SER A 544 39.19 43.30 -21.19
C SER A 544 38.86 43.35 -19.71
N ALA A 545 39.76 43.90 -18.90
CA ALA A 545 39.52 43.99 -17.46
C ALA A 545 38.29 44.85 -17.14
N THR A 546 37.88 45.69 -18.10
CA THR A 546 36.73 46.57 -17.91
C THR A 546 35.42 46.01 -18.46
N LEU A 547 35.48 44.90 -19.16
CA LEU A 547 34.28 44.31 -19.74
C LEU A 547 33.45 43.52 -18.74
N LEU A 548 32.13 43.64 -18.84
CA LEU A 548 31.23 42.91 -17.96
C LEU A 548 31.05 41.53 -18.58
N PHE A 549 30.71 40.54 -17.76
CA PHE A 549 30.52 39.18 -18.26
C PHE A 549 29.73 39.16 -19.55
N GLN A 550 30.23 38.42 -20.54
CA GLN A 550 29.58 38.32 -21.83
C GLN A 550 29.30 36.88 -22.21
N LYS A 551 28.03 36.56 -22.41
CA LYS A 551 27.60 35.22 -22.77
C LYS A 551 27.90 34.94 -24.24
N HIS A 552 28.45 33.77 -24.54
CA HIS A 552 28.76 33.42 -25.91
C HIS A 552 27.71 32.41 -26.38
N PRO A 553 27.37 32.42 -27.69
CA PRO A 553 26.37 31.50 -28.24
C PRO A 553 26.79 30.04 -28.13
N PRO A 554 25.86 29.17 -27.70
CA PRO A 554 26.14 27.74 -27.55
C PRO A 554 26.27 27.00 -28.88
N ALA A 555 27.02 25.91 -28.86
CA ALA A 555 27.24 25.06 -30.03
C ALA A 555 27.45 23.65 -29.52
N ASN A 556 26.52 22.76 -29.83
CA ASN A 556 26.61 21.37 -29.39
C ASN A 556 26.52 20.40 -30.54
N ILE A 557 27.34 19.36 -30.48
CA ILE A 557 27.33 18.35 -31.52
C ILE A 557 27.51 16.98 -30.87
N GLN A 558 26.67 16.03 -31.26
CA GLN A 558 26.80 14.68 -30.73
C GLN A 558 26.99 13.74 -31.91
N LEU A 559 28.07 12.97 -31.87
CA LEU A 559 28.35 12.03 -32.94
C LEU A 559 28.30 10.60 -32.43
N PHE A 560 27.54 9.76 -33.12
CA PHE A 560 27.46 8.36 -32.74
C PHE A 560 27.26 7.53 -33.99
N GLN A 561 27.20 6.22 -33.83
CA GLN A 561 27.06 5.32 -34.97
C GLN A 561 25.66 4.80 -35.23
N GLU A 562 25.29 4.83 -36.51
CA GLU A 562 24.01 4.35 -36.97
C GLU A 562 24.02 2.83 -36.84
N VAL A 563 22.84 2.22 -36.71
CA VAL A 563 22.77 0.77 -36.59
C VAL A 563 22.90 0.13 -37.97
N PRO A 564 23.24 -1.16 -38.02
CA PRO A 564 23.38 -1.86 -39.31
C PRO A 564 22.23 -1.55 -40.26
N ASN A 565 22.55 -1.54 -41.54
CA ASN A 565 21.58 -1.25 -42.59
C ASN A 565 20.32 -2.12 -42.57
N GLY A 566 20.50 -3.42 -42.37
CA GLY A 566 19.35 -4.30 -42.38
C GLY A 566 18.64 -4.56 -41.06
N GLN A 567 19.14 -3.98 -39.97
CA GLN A 567 18.52 -4.20 -38.67
C GLN A 567 17.03 -3.87 -38.66
N SER A 568 16.25 -4.73 -38.02
CA SER A 568 14.81 -4.53 -37.92
C SER A 568 14.45 -3.29 -37.11
N LYS A 569 13.38 -2.61 -37.53
CA LYS A 569 12.92 -1.42 -36.84
C LYS A 569 12.49 -1.73 -35.40
N GLU A 570 12.02 -2.96 -35.17
CA GLU A 570 11.59 -3.37 -33.84
C GLU A 570 12.77 -3.72 -32.95
N ASP A 571 13.94 -3.85 -33.55
CA ASP A 571 15.16 -4.12 -32.81
C ASP A 571 15.71 -2.75 -32.45
N THR A 572 15.52 -2.32 -31.20
CA THR A 572 15.97 -1.00 -30.78
C THR A 572 17.38 -0.91 -30.19
N VAL A 573 18.05 -2.05 -30.07
CA VAL A 573 19.40 -2.04 -29.52
C VAL A 573 20.31 -1.25 -30.46
N GLY A 574 20.93 -0.21 -29.92
CA GLY A 574 21.81 0.62 -30.73
C GLY A 574 21.15 1.91 -31.20
N ARG A 575 19.85 2.05 -30.95
CA ARG A 575 19.11 3.25 -31.34
C ARG A 575 18.95 4.20 -30.16
N PRO A 576 18.81 5.51 -30.42
CA PRO A 576 18.65 6.51 -29.35
C PRO A 576 17.22 6.60 -28.80
N LEU A 577 16.73 5.49 -28.26
CA LEU A 577 15.39 5.43 -27.68
C LEU A 577 15.33 6.24 -26.38
N PRO A 578 14.40 7.20 -26.29
CA PRO A 578 14.27 8.00 -25.06
C PRO A 578 13.95 7.15 -23.83
N HIS A 579 14.37 7.63 -22.67
CA HIS A 579 14.11 6.97 -21.38
C HIS A 579 12.61 6.69 -21.32
N LEU A 580 12.23 5.42 -21.10
CA LEU A 580 10.82 5.05 -21.07
C LEU A 580 9.90 5.79 -20.11
N ALA A 581 10.45 6.42 -19.08
CA ALA A 581 9.60 7.14 -18.13
C ALA A 581 9.73 8.66 -18.26
N ALA A 582 10.53 9.09 -19.24
CA ALA A 582 10.75 10.51 -19.47
C ALA A 582 9.47 11.33 -19.63
N ALA A 583 8.51 10.81 -20.38
CA ALA A 583 7.25 11.53 -20.58
C ALA A 583 6.51 11.71 -19.26
N MET A 584 6.50 10.65 -18.45
CA MET A 584 5.83 10.70 -17.16
C MET A 584 6.60 11.55 -16.16
N GLN A 585 7.89 11.71 -16.37
CA GLN A 585 8.70 12.53 -15.48
C GLN A 585 8.47 14.01 -15.84
N ALA A 586 8.25 14.28 -17.11
CA ALA A 586 8.00 15.65 -17.57
C ALA A 586 6.57 16.06 -17.18
N SER A 587 5.69 15.07 -17.03
CA SER A 587 4.30 15.34 -16.68
C SER A 587 4.05 15.29 -15.17
N GLY A 588 5.05 14.88 -14.41
CA GLY A 588 4.87 14.82 -12.97
C GLY A 588 4.06 13.64 -12.52
N GLU A 589 3.82 12.68 -13.43
CA GLU A 589 3.05 11.49 -13.09
C GLU A 589 3.96 10.38 -12.55
N ALA A 590 5.26 10.51 -12.80
CA ALA A 590 6.23 9.53 -12.32
C ALA A 590 6.21 9.57 -10.80
N VAL A 591 5.99 8.42 -10.18
CA VAL A 591 5.93 8.35 -8.72
C VAL A 591 7.26 8.06 -8.04
N TYR A 592 7.66 8.95 -7.13
CA TYR A 592 8.88 8.77 -6.35
C TYR A 592 8.38 8.43 -4.94
N CYS A 593 9.26 7.87 -4.12
CA CYS A 593 8.88 7.42 -2.78
C CYS A 593 7.85 8.25 -2.02
N ASP A 594 8.14 9.53 -1.79
CA ASP A 594 7.20 10.34 -1.03
C ASP A 594 5.91 10.69 -1.78
N ASP A 595 5.90 10.48 -3.10
CA ASP A 595 4.70 10.77 -3.88
C ASP A 595 3.64 9.72 -3.61
N ILE A 596 4.06 8.59 -3.05
CA ILE A 596 3.13 7.52 -2.71
C ILE A 596 2.16 8.07 -1.66
N PRO A 597 0.85 7.86 -1.86
CA PRO A 597 -0.14 8.35 -0.89
C PRO A 597 0.09 7.80 0.51
N ARG A 598 -0.19 8.60 1.53
CA ARG A 598 -0.01 8.14 2.90
C ARG A 598 -1.28 7.48 3.39
N TYR A 599 -1.14 6.48 4.24
CA TYR A 599 -2.31 5.82 4.80
C TYR A 599 -2.95 6.79 5.78
N GLU A 600 -4.25 6.63 6.02
CA GLU A 600 -4.94 7.51 6.95
C GLU A 600 -4.27 7.52 8.32
N ASN A 601 -3.70 6.38 8.72
CA ASN A 601 -3.06 6.26 10.03
C ASN A 601 -1.53 6.33 9.97
N GLU A 602 -0.99 6.79 8.84
CA GLU A 602 0.47 6.87 8.67
C GLU A 602 1.07 8.04 9.45
N LEU A 603 2.14 7.76 10.18
CA LEU A 603 2.80 8.78 11.00
C LEU A 603 4.10 9.24 10.34
N PHE A 604 4.68 10.32 10.88
CA PHE A 604 5.92 10.87 10.34
C PHE A 604 7.05 10.81 11.34
N LEU A 605 8.26 10.58 10.84
CA LEU A 605 9.45 10.48 11.67
C LEU A 605 10.51 11.53 11.37
N ARG A 606 11.08 12.09 12.42
CA ARG A 606 12.12 13.10 12.32
C ARG A 606 13.30 12.59 13.17
N LEU A 607 14.49 12.52 12.57
CA LEU A 607 15.67 12.04 13.29
C LEU A 607 16.22 13.06 14.28
N VAL A 608 16.68 12.55 15.43
CA VAL A 608 17.28 13.42 16.44
C VAL A 608 18.76 13.11 16.35
N THR A 609 19.57 14.08 15.95
CA THR A 609 21.00 13.85 15.78
C THR A 609 21.93 14.62 16.72
N SER A 610 23.15 14.11 16.85
CA SER A 610 24.16 14.73 17.71
C SER A 610 24.65 16.09 17.22
N THR A 611 24.88 17.00 18.16
CA THR A 611 25.40 18.31 17.83
C THR A 611 26.87 18.39 18.24
N ARG A 612 27.42 17.27 18.68
CA ARG A 612 28.82 17.18 19.10
C ARG A 612 29.56 16.17 18.24
N ALA A 613 30.84 16.43 17.98
CA ALA A 613 31.65 15.53 17.16
C ALA A 613 32.04 14.25 17.91
N HIS A 614 32.28 14.39 19.21
CA HIS A 614 32.65 13.23 20.02
C HIS A 614 32.35 13.54 21.47
N ALA A 615 31.40 12.81 22.05
CA ALA A 615 31.03 13.06 23.44
C ALA A 615 30.19 11.93 24.00
N LYS A 616 30.11 11.90 25.32
CA LYS A 616 29.31 10.90 26.01
C LYS A 616 27.92 11.51 26.10
N ILE A 617 26.90 10.68 26.00
CA ILE A 617 25.52 11.15 26.13
C ILE A 617 25.20 10.98 27.61
N LYS A 618 25.08 12.08 28.32
CA LYS A 618 24.80 12.03 29.75
C LYS A 618 23.32 11.81 30.04
N SER A 619 22.45 12.46 29.28
CA SER A 619 21.03 12.30 29.48
C SER A 619 20.24 12.83 28.31
N ILE A 620 18.98 12.42 28.24
CA ILE A 620 18.09 12.86 27.18
C ILE A 620 16.77 13.24 27.82
N ASP A 621 16.34 14.48 27.61
CA ASP A 621 15.09 14.95 28.17
C ASP A 621 14.11 15.29 27.04
N VAL A 622 12.94 14.65 27.07
CA VAL A 622 11.91 14.85 26.05
C VAL A 622 10.66 15.52 26.62
N SER A 623 10.74 16.00 27.85
CA SER A 623 9.59 16.64 28.48
C SER A 623 9.02 17.78 27.64
N GLU A 624 9.90 18.50 26.94
CA GLU A 624 9.46 19.60 26.08
C GLU A 624 8.84 19.07 24.80
N ALA A 625 9.52 18.12 24.17
CA ALA A 625 9.02 17.54 22.92
C ALA A 625 7.63 16.97 23.12
N GLN A 626 7.40 16.40 24.30
CA GLN A 626 6.11 15.82 24.64
C GLN A 626 4.97 16.84 24.65
N LYS A 627 5.32 18.11 24.65
CA LYS A 627 4.30 19.16 24.67
C LYS A 627 3.87 19.60 23.28
N VAL A 628 4.67 19.30 22.27
CA VAL A 628 4.31 19.68 20.90
C VAL A 628 3.08 18.88 20.47
N PRO A 629 2.06 19.58 19.95
CA PRO A 629 0.84 18.91 19.52
C PRO A 629 1.15 17.82 18.50
N GLY A 630 0.41 16.71 18.55
CA GLY A 630 0.62 15.62 17.61
C GLY A 630 1.78 14.71 17.93
N PHE A 631 2.52 15.01 19.00
CA PHE A 631 3.65 14.17 19.39
C PHE A 631 3.15 12.77 19.70
N VAL A 632 3.87 11.76 19.25
CA VAL A 632 3.49 10.37 19.50
C VAL A 632 4.50 9.67 20.41
N CYS A 633 5.79 9.79 20.09
CA CYS A 633 6.80 9.15 20.92
C CYS A 633 8.21 9.47 20.49
N PHE A 634 9.14 9.22 21.40
CA PHE A 634 10.56 9.42 21.13
C PHE A 634 11.15 8.01 21.15
N LEU A 635 11.90 7.68 20.12
CA LEU A 635 12.52 6.36 20.02
C LEU A 635 14.02 6.47 20.18
N SER A 636 14.61 5.47 20.83
CA SER A 636 16.05 5.43 21.03
C SER A 636 16.55 4.00 21.06
N ALA A 637 17.84 3.82 21.28
CA ALA A 637 18.48 2.51 21.31
C ALA A 637 17.72 1.43 22.07
N ASP A 638 17.18 1.78 23.23
CA ASP A 638 16.46 0.84 24.07
C ASP A 638 15.16 0.30 23.49
N ASP A 639 14.64 0.93 22.45
CA ASP A 639 13.39 0.48 21.84
C ASP A 639 13.62 -0.62 20.80
N ILE A 640 14.88 -0.82 20.41
CA ILE A 640 15.20 -1.83 19.40
C ILE A 640 14.94 -3.23 19.94
N PRO A 641 14.10 -4.01 19.23
CA PRO A 641 13.77 -5.38 19.65
C PRO A 641 14.84 -6.39 19.28
N GLY A 642 15.58 -6.11 18.21
CA GLY A 642 16.62 -7.02 17.77
C GLY A 642 18.03 -6.59 18.13
N SER A 643 18.76 -6.08 17.15
CA SER A 643 20.13 -5.65 17.37
C SER A 643 20.34 -4.19 17.04
N ASN A 644 21.18 -3.51 17.83
CA ASN A 644 21.48 -2.11 17.60
C ASN A 644 22.82 -2.03 16.86
N GLU A 645 23.29 -3.18 16.39
CA GLU A 645 24.54 -3.26 15.64
C GLU A 645 24.21 -3.31 14.16
N THR A 646 24.71 -2.35 13.39
CA THR A 646 24.42 -2.31 11.97
C THR A 646 25.63 -1.86 11.17
N GLY A 647 25.42 -1.59 9.89
CA GLY A 647 26.51 -1.15 9.04
C GLY A 647 27.14 -2.31 8.29
N LEU A 648 27.74 -2.01 7.14
CA LEU A 648 28.37 -3.01 6.31
C LEU A 648 29.35 -3.87 7.11
N PHE A 649 30.09 -3.24 8.03
CA PHE A 649 31.05 -3.97 8.82
C PHE A 649 30.65 -4.11 10.29
N ASN A 650 29.36 -4.00 10.58
CA ASN A 650 28.86 -4.13 11.95
C ASN A 650 29.58 -3.26 12.97
N ASP A 651 29.99 -2.07 12.55
CA ASP A 651 30.70 -1.16 13.44
C ASP A 651 29.88 0.12 13.66
N GLU A 652 28.58 0.05 13.42
CA GLU A 652 27.71 1.21 13.58
C GLU A 652 26.53 0.87 14.47
N THR A 653 25.87 1.91 14.97
CA THR A 653 24.69 1.75 15.81
C THR A 653 23.50 2.25 14.99
N VAL A 654 22.32 1.74 15.30
CA VAL A 654 21.10 2.18 14.63
C VAL A 654 20.79 3.51 15.31
N PHE A 655 20.91 3.51 16.63
CA PHE A 655 20.71 4.67 17.47
C PHE A 655 21.90 4.71 18.42
N ALA A 656 22.51 5.89 18.56
CA ALA A 656 23.67 6.04 19.45
C ALA A 656 23.45 5.51 20.86
N LYS A 657 24.46 4.83 21.38
CA LYS A 657 24.41 4.25 22.71
C LYS A 657 25.63 4.72 23.50
N ASP A 658 25.38 5.49 24.56
CA ASP A 658 26.41 6.01 25.44
C ASP A 658 27.28 7.12 24.83
N THR A 659 27.68 6.96 23.57
CA THR A 659 28.53 7.95 22.93
C THR A 659 28.12 8.36 21.51
N VAL A 660 28.41 9.61 21.15
CA VAL A 660 28.12 10.11 19.81
C VAL A 660 29.52 10.31 19.21
N THR A 661 29.71 9.90 17.96
CA THR A 661 31.02 10.01 17.32
C THR A 661 31.12 10.93 16.11
N CYS A 662 30.12 11.79 15.92
CA CYS A 662 30.13 12.76 14.84
C CYS A 662 28.89 13.64 14.91
N VAL A 663 29.01 14.84 14.39
CA VAL A 663 27.86 15.74 14.35
C VAL A 663 26.97 15.05 13.33
N GLY A 664 25.69 14.86 13.64
CA GLY A 664 24.80 14.20 12.72
C GLY A 664 24.58 12.74 13.10
N HIS A 665 25.31 12.28 14.10
CA HIS A 665 25.19 10.91 14.58
C HIS A 665 23.76 10.73 15.10
N ILE A 666 23.03 9.75 14.54
CA ILE A 666 21.65 9.54 14.94
C ILE A 666 21.49 8.98 16.36
N ILE A 667 20.89 9.79 17.21
CA ILE A 667 20.65 9.43 18.61
C ILE A 667 19.30 8.77 18.80
N GLY A 668 18.29 9.25 18.08
CA GLY A 668 16.96 8.68 18.20
C GLY A 668 16.04 9.29 17.16
N ALA A 669 14.75 9.28 17.43
CA ALA A 669 13.80 9.84 16.49
C ALA A 669 12.46 10.16 17.13
N VAL A 670 11.81 11.20 16.61
CA VAL A 670 10.50 11.59 17.09
C VAL A 670 9.48 11.15 16.04
N VAL A 671 8.35 10.67 16.51
CA VAL A 671 7.27 10.25 15.63
C VAL A 671 6.09 11.15 15.99
N ALA A 672 5.46 11.76 14.99
CA ALA A 672 4.31 12.64 15.24
C ALA A 672 3.28 12.50 14.14
N ASP A 673 2.15 13.20 14.30
CA ASP A 673 1.07 13.12 13.32
C ASP A 673 1.32 13.89 12.02
N THR A 674 2.20 14.88 12.08
CA THR A 674 2.53 15.65 10.88
C THR A 674 4.04 15.88 10.84
N PRO A 675 4.60 16.18 9.66
CA PRO A 675 6.04 16.41 9.52
C PRO A 675 6.49 17.62 10.36
N GLU A 676 5.68 18.67 10.39
CA GLU A 676 6.02 19.87 11.16
C GLU A 676 6.14 19.56 12.64
N HIS A 677 5.11 18.90 13.16
CA HIS A 677 5.11 18.56 14.58
C HIS A 677 6.30 17.66 14.92
N ALA A 678 6.60 16.70 14.08
CA ALA A 678 7.74 15.82 14.34
C ALA A 678 9.03 16.65 14.36
N GLU A 679 9.16 17.55 13.40
CA GLU A 679 10.34 18.41 13.29
C GLU A 679 10.46 19.31 14.53
N ARG A 680 9.38 20.01 14.87
CA ARG A 680 9.36 20.90 16.02
C ARG A 680 9.66 20.17 17.34
N ALA A 681 9.10 18.99 17.50
CA ALA A 681 9.32 18.22 18.72
C ALA A 681 10.77 17.75 18.82
N ALA A 682 11.30 17.25 17.71
CA ALA A 682 12.68 16.76 17.69
C ALA A 682 13.66 17.87 18.02
N HIS A 683 13.32 19.09 17.60
CA HIS A 683 14.19 20.23 17.84
C HIS A 683 14.27 20.63 19.32
N VAL A 684 13.25 20.28 20.10
CA VAL A 684 13.27 20.62 21.52
C VAL A 684 13.70 19.45 22.41
N VAL A 685 14.13 18.35 21.79
CA VAL A 685 14.62 17.22 22.58
C VAL A 685 15.98 17.70 23.08
N LYS A 686 16.18 17.69 24.39
CA LYS A 686 17.42 18.15 24.97
C LYS A 686 18.40 17.05 25.36
N VAL A 687 19.60 17.10 24.78
CA VAL A 687 20.62 16.11 25.06
C VAL A 687 21.77 16.75 25.83
N THR A 688 22.17 16.13 26.93
CA THR A 688 23.28 16.64 27.72
C THR A 688 24.54 15.86 27.36
N TYR A 689 25.57 16.57 26.92
CA TYR A 689 26.81 15.93 26.52
C TYR A 689 28.01 16.24 27.43
N GLU A 690 29.05 15.44 27.24
CA GLU A 690 30.31 15.60 27.93
C GLU A 690 31.32 15.28 26.83
N ASP A 691 31.92 16.32 26.26
CA ASP A 691 32.89 16.16 25.18
C ASP A 691 34.05 15.22 25.46
N LEU A 692 34.50 14.57 24.39
CA LEU A 692 35.63 13.65 24.41
C LEU A 692 36.60 14.14 23.34
N PRO A 693 37.89 13.81 23.49
CA PRO A 693 38.87 14.25 22.49
C PRO A 693 38.38 13.82 21.12
N ALA A 694 38.43 14.72 20.14
CA ALA A 694 37.96 14.41 18.80
C ALA A 694 39.06 14.46 17.73
N ILE A 695 38.89 13.63 16.71
CA ILE A 695 39.84 13.58 15.59
C ILE A 695 39.04 13.87 14.32
N ILE A 696 39.25 15.05 13.77
CA ILE A 696 38.51 15.51 12.61
C ILE A 696 39.18 15.34 11.24
N THR A 697 40.37 15.89 11.09
CA THR A 697 41.08 15.86 9.82
C THR A 697 41.97 14.67 9.53
N ILE A 698 42.38 14.54 8.27
CA ILE A 698 43.28 13.48 7.87
C ILE A 698 44.57 13.67 8.64
N GLU A 699 45.00 14.92 8.75
CA GLU A 699 46.22 15.26 9.46
C GLU A 699 46.10 14.84 10.93
N ASP A 700 44.96 15.14 11.55
CA ASP A 700 44.73 14.75 12.94
C ASP A 700 44.84 13.24 13.06
N ALA A 701 44.21 12.55 12.12
CA ALA A 701 44.18 11.10 12.10
C ALA A 701 45.58 10.52 11.98
N ILE A 702 46.38 11.05 11.07
CA ILE A 702 47.74 10.56 10.88
C ILE A 702 48.55 10.78 12.15
N LYS A 703 48.43 11.96 12.72
CA LYS A 703 49.15 12.32 13.94
C LYS A 703 48.77 11.41 15.11
N ASN A 704 47.51 11.02 15.15
CA ASN A 704 47.03 10.17 16.23
C ASN A 704 47.00 8.69 15.87
N ASN A 705 47.43 8.35 14.66
CA ASN A 705 47.44 6.97 14.24
C ASN A 705 46.02 6.39 14.32
N SER A 706 45.04 7.17 13.86
CA SER A 706 43.64 6.76 13.86
C SER A 706 43.21 6.26 12.48
N PHE A 707 43.31 4.95 12.27
CA PHE A 707 42.96 4.35 10.99
C PHE A 707 42.03 3.15 11.14
N TYR A 708 41.50 2.68 10.01
CA TYR A 708 40.65 1.50 9.97
C TYR A 708 41.51 0.46 9.26
N GLY A 709 41.76 -0.67 9.92
CA GLY A 709 42.56 -1.71 9.30
C GLY A 709 44.00 -1.30 9.04
N SER A 710 44.73 -2.13 8.31
CA SER A 710 46.12 -1.84 8.01
C SER A 710 46.30 -1.30 6.59
N GLU A 711 47.52 -0.87 6.30
CA GLU A 711 47.85 -0.30 5.01
C GLU A 711 47.52 -1.18 3.79
N LEU A 712 47.04 -0.54 2.72
CA LEU A 712 46.73 -1.23 1.48
C LEU A 712 47.91 -0.88 0.60
N LYS A 713 48.32 -1.78 -0.28
CA LYS A 713 49.48 -1.47 -1.13
C LYS A 713 49.61 -2.31 -2.38
N ILE A 714 50.13 -1.67 -3.43
CA ILE A 714 50.39 -2.34 -4.70
C ILE A 714 51.80 -1.89 -5.08
N GLU A 715 52.70 -2.84 -5.27
CA GLU A 715 54.06 -2.49 -5.64
C GLU A 715 54.55 -3.40 -6.75
N LYS A 716 55.15 -2.79 -7.76
CA LYS A 716 55.68 -3.54 -8.90
C LYS A 716 57.00 -2.93 -9.33
N GLY A 717 57.93 -3.78 -9.75
CA GLY A 717 59.23 -3.28 -10.20
C GLY A 717 60.20 -3.01 -9.06
N ASP A 718 61.21 -2.21 -9.36
CA ASP A 718 62.25 -1.87 -8.40
C ASP A 718 62.31 -0.35 -8.26
N LEU A 719 61.66 0.20 -7.25
CA LEU A 719 61.65 1.65 -7.07
C LEU A 719 63.05 2.23 -6.90
N LYS A 720 63.81 1.69 -5.94
CA LYS A 720 65.15 2.19 -5.70
C LYS A 720 65.92 2.28 -7.03
N LYS A 721 65.87 1.21 -7.80
CA LYS A 721 66.53 1.19 -9.09
C LYS A 721 65.92 2.24 -10.02
N GLY A 722 64.59 2.33 -10.00
CA GLY A 722 63.90 3.30 -10.83
C GLY A 722 64.31 4.73 -10.55
N PHE A 723 64.37 5.10 -9.28
CA PHE A 723 64.77 6.46 -8.92
C PHE A 723 66.25 6.71 -9.22
N SER A 724 67.05 5.65 -9.23
CA SER A 724 68.49 5.76 -9.51
C SER A 724 68.78 6.09 -10.97
N GLU A 725 67.92 5.64 -11.87
CA GLU A 725 68.13 5.89 -13.29
C GLU A 725 67.43 7.17 -13.78
N ALA A 726 66.53 7.71 -12.96
CA ALA A 726 65.80 8.91 -13.33
C ALA A 726 66.68 10.15 -13.41
N ASP A 727 66.42 10.99 -14.41
CA ASP A 727 67.17 12.23 -14.57
C ASP A 727 66.65 13.26 -13.58
N ASN A 728 65.33 13.29 -13.41
CA ASN A 728 64.69 14.24 -12.50
C ASN A 728 63.76 13.54 -11.52
N VAL A 729 63.60 14.14 -10.35
CA VAL A 729 62.72 13.60 -9.31
C VAL A 729 61.90 14.76 -8.73
N VAL A 730 60.60 14.55 -8.63
CA VAL A 730 59.71 15.57 -8.08
C VAL A 730 58.88 15.01 -6.93
N SER A 731 58.84 15.75 -5.83
CA SER A 731 58.08 15.37 -4.65
C SER A 731 57.04 16.43 -4.37
N GLY A 732 55.92 16.02 -3.79
CA GLY A 732 54.88 16.98 -3.47
C GLY A 732 53.73 16.39 -2.68
N GLU A 733 52.75 17.24 -2.39
CA GLU A 733 51.57 16.84 -1.64
C GLU A 733 50.37 17.43 -2.38
N LEU A 734 49.26 16.71 -2.38
CA LEU A 734 48.06 17.17 -3.07
C LEU A 734 46.82 16.81 -2.27
N TYR A 735 45.81 17.67 -2.34
CA TYR A 735 44.57 17.43 -1.62
C TYR A 735 43.38 17.63 -2.54
N ILE A 736 42.36 16.79 -2.37
CA ILE A 736 41.16 16.91 -3.15
C ILE A 736 40.00 16.83 -2.17
N GLY A 737 39.17 17.87 -2.16
CA GLY A 737 38.03 17.94 -1.26
C GLY A 737 36.94 16.96 -1.60
N GLY A 738 36.04 16.74 -0.63
CA GLY A 738 34.93 15.82 -0.83
C GLY A 738 33.87 16.31 -1.79
N GLN A 739 32.68 15.75 -1.68
CA GLN A 739 31.58 16.12 -2.56
C GLN A 739 30.27 15.54 -2.05
N ASP A 740 29.20 16.33 -2.10
CA ASP A 740 27.88 15.87 -1.66
C ASP A 740 27.15 15.40 -2.90
N HIS A 741 26.53 14.23 -2.82
CA HIS A 741 25.82 13.68 -3.97
C HIS A 741 24.80 14.62 -4.60
N PHE A 742 24.09 15.34 -3.75
CA PHE A 742 23.04 16.26 -4.16
C PHE A 742 22.10 15.66 -5.19
N TYR A 743 21.62 14.46 -4.93
CA TYR A 743 20.64 13.81 -5.79
C TYR A 743 19.44 14.74 -5.55
N LEU A 744 18.69 15.09 -6.59
CA LEU A 744 17.57 16.00 -6.38
C LEU A 744 16.56 15.46 -5.38
N GLU A 745 16.38 14.13 -5.36
CA GLU A 745 15.49 13.52 -4.39
C GLU A 745 16.36 12.99 -3.24
N THR A 746 16.11 13.49 -2.03
CA THR A 746 16.86 13.06 -0.85
C THR A 746 16.42 11.65 -0.43
N HIS A 747 17.08 11.13 0.61
CA HIS A 747 16.75 9.80 1.11
C HIS A 747 15.32 9.75 1.62
N CYS A 748 14.65 8.62 1.40
CA CYS A 748 13.27 8.49 1.82
C CYS A 748 12.88 7.03 1.98
N THR A 749 12.08 6.76 3.02
CA THR A 749 11.59 5.42 3.28
C THR A 749 10.19 5.46 3.87
N ILE A 750 9.36 4.51 3.43
CA ILE A 750 8.01 4.34 3.98
C ILE A 750 8.05 2.90 4.47
N ALA A 751 7.61 2.67 5.71
CA ALA A 751 7.61 1.32 6.27
C ALA A 751 6.21 0.94 6.72
N ILE A 752 5.70 -0.16 6.15
CA ILE A 752 4.35 -0.63 6.49
C ILE A 752 4.40 -1.91 7.32
N PRO A 753 4.09 -1.82 8.62
CA PRO A 753 4.12 -3.03 9.45
C PRO A 753 2.79 -3.77 9.23
N LYS A 754 2.85 -5.08 8.99
CA LYS A 754 1.62 -5.83 8.74
C LYS A 754 0.93 -6.30 10.01
N GLY A 755 1.69 -6.48 11.07
CA GLY A 755 1.11 -6.95 12.31
C GLY A 755 1.08 -8.46 12.36
N GLU A 756 1.62 -9.08 11.31
CA GLU A 756 1.66 -10.54 11.20
C GLU A 756 3.07 -11.10 11.09
N GLU A 757 3.42 -12.01 11.98
CA GLU A 757 4.71 -12.69 11.94
C GLU A 757 5.93 -11.78 11.75
N GLY A 758 5.81 -10.52 12.17
CA GLY A 758 6.94 -9.61 12.02
C GLY A 758 7.10 -9.05 10.62
N GLU A 759 6.14 -9.34 9.74
CA GLU A 759 6.17 -8.87 8.36
C GLU A 759 6.20 -7.36 8.21
N MET A 760 6.99 -6.87 7.26
CA MET A 760 7.07 -5.45 7.00
C MET A 760 7.35 -5.22 5.51
N GLU A 761 6.62 -4.27 4.91
CA GLU A 761 6.81 -3.95 3.51
C GLU A 761 7.30 -2.51 3.44
N LEU A 762 8.44 -2.29 2.79
CA LEU A 762 8.99 -0.95 2.70
C LEU A 762 9.19 -0.46 1.28
N PHE A 763 8.95 0.84 1.09
CA PHE A 763 9.15 1.50 -0.20
C PHE A 763 10.33 2.40 0.11
N VAL A 764 11.44 2.16 -0.58
CA VAL A 764 12.66 2.92 -0.31
C VAL A 764 13.37 3.49 -1.52
N SER A 765 13.95 4.67 -1.35
CA SER A 765 14.72 5.31 -2.42
C SER A 765 16.15 4.78 -2.19
N THR A 766 16.46 3.62 -2.76
CA THR A 766 17.78 3.03 -2.57
C THR A 766 18.27 2.19 -3.74
N GLN A 767 19.59 2.12 -3.90
CA GLN A 767 20.19 1.33 -4.96
C GLN A 767 20.47 -0.08 -4.42
N ASN A 768 20.12 -0.30 -3.16
CA ASN A 768 20.43 -1.57 -2.51
C ASN A 768 19.28 -2.19 -1.71
N ALA A 769 18.32 -2.78 -2.39
CA ALA A 769 17.18 -3.39 -1.71
C ALA A 769 17.61 -4.56 -0.81
N MET A 770 18.61 -5.32 -1.24
CA MET A 770 19.09 -6.46 -0.45
C MET A 770 19.62 -6.07 0.94
N LYS A 771 20.54 -5.11 1.00
CA LYS A 771 21.07 -4.69 2.29
C LYS A 771 20.01 -3.97 3.12
N THR A 772 19.08 -3.29 2.44
CA THR A 772 18.01 -2.61 3.15
C THR A 772 17.21 -3.68 3.89
N GLN A 773 16.89 -4.74 3.14
CA GLN A 773 16.11 -5.86 3.67
C GLN A 773 16.78 -6.59 4.85
N SER A 774 18.06 -6.90 4.71
CA SER A 774 18.75 -7.61 5.78
C SER A 774 19.04 -6.73 7.00
N PHE A 775 19.31 -5.44 6.78
CA PHE A 775 19.58 -4.51 7.88
C PHE A 775 18.31 -4.29 8.71
N VAL A 776 17.17 -4.21 8.04
CA VAL A 776 15.90 -4.03 8.74
C VAL A 776 15.59 -5.29 9.53
N ALA A 777 15.79 -6.44 8.91
CA ALA A 777 15.53 -7.72 9.56
C ALA A 777 16.43 -7.92 10.79
N LYS A 778 17.69 -7.52 10.66
CA LYS A 778 18.65 -7.67 11.76
C LYS A 778 18.24 -6.80 12.95
N MET A 779 17.83 -5.57 12.65
CA MET A 779 17.42 -4.65 13.70
C MET A 779 16.17 -5.13 14.42
N LEU A 780 15.26 -5.74 13.67
CA LEU A 780 14.00 -6.25 14.23
C LEU A 780 14.17 -7.61 14.88
N GLY A 781 15.21 -8.33 14.49
CA GLY A 781 15.42 -9.65 15.04
C GLY A 781 14.47 -10.68 14.44
N VAL A 782 14.24 -10.58 13.13
CA VAL A 782 13.35 -11.52 12.44
C VAL A 782 14.05 -12.06 11.19
N PRO A 783 13.59 -13.20 10.68
CA PRO A 783 14.22 -13.77 9.48
C PRO A 783 14.07 -12.82 8.29
N VAL A 784 15.06 -12.84 7.41
CA VAL A 784 15.03 -11.97 6.24
C VAL A 784 13.79 -12.20 5.36
N ASN A 785 13.29 -13.43 5.33
CA ASN A 785 12.11 -13.74 4.50
C ASN A 785 10.81 -13.08 4.96
N ARG A 786 10.88 -12.27 6.03
CA ARG A 786 9.70 -11.58 6.53
C ARG A 786 9.65 -10.14 6.03
N ILE A 787 10.76 -9.69 5.46
CA ILE A 787 10.88 -8.31 5.00
C ILE A 787 10.85 -8.15 3.49
N LEU A 788 9.98 -7.26 3.02
CA LEU A 788 9.85 -6.98 1.59
C LEU A 788 10.26 -5.54 1.32
N VAL A 789 11.20 -5.35 0.40
CA VAL A 789 11.64 -4.01 0.04
C VAL A 789 11.33 -3.81 -1.44
N ARG A 790 10.68 -2.69 -1.75
CA ARG A 790 10.30 -2.36 -3.12
C ARG A 790 10.88 -1.01 -3.53
N VAL A 791 11.53 -0.97 -4.68
CA VAL A 791 12.12 0.26 -5.20
C VAL A 791 11.56 0.52 -6.60
N LYS A 792 10.77 1.59 -6.73
CA LYS A 792 10.21 1.94 -8.02
C LYS A 792 11.30 2.67 -8.79
N ARG A 793 11.70 3.82 -8.28
CA ARG A 793 12.76 4.61 -8.89
C ARG A 793 13.32 5.58 -7.86
N MET A 794 14.53 6.07 -8.11
CA MET A 794 15.18 7.03 -7.24
C MET A 794 15.37 8.31 -8.05
N GLY A 795 15.21 9.45 -7.40
CA GLY A 795 15.43 10.71 -8.08
C GLY A 795 16.91 11.00 -7.91
N GLY A 796 17.74 10.07 -8.35
CA GLY A 796 19.19 10.21 -8.21
C GLY A 796 19.71 9.33 -7.07
N GLY A 797 20.93 8.81 -7.25
CA GLY A 797 21.55 7.96 -6.24
C GLY A 797 23.04 8.23 -6.16
N PHE A 798 23.69 8.14 -7.33
CA PHE A 798 25.12 8.43 -7.47
C PHE A 798 26.04 7.75 -6.44
N GLY A 799 25.62 6.61 -5.91
CA GLY A 799 26.42 5.91 -4.93
C GLY A 799 26.01 6.25 -3.51
N GLY A 800 25.42 7.44 -3.34
CA GLY A 800 24.97 7.87 -2.04
C GLY A 800 23.83 7.04 -1.48
N LYS A 801 23.21 6.22 -2.34
CA LYS A 801 22.12 5.38 -1.88
C LYS A 801 22.49 3.90 -2.00
N GLU A 802 23.79 3.63 -2.08
CA GLU A 802 24.26 2.25 -2.16
C GLU A 802 24.17 1.59 -0.79
N THR A 803 24.42 2.37 0.26
CA THR A 803 24.35 1.84 1.63
C THR A 803 23.73 2.79 2.65
N ARG A 804 24.14 4.06 2.62
CA ARG A 804 23.67 5.02 3.60
C ARG A 804 22.17 5.25 3.68
N SER A 805 21.41 4.73 2.72
CA SER A 805 19.97 4.90 2.76
C SER A 805 19.40 4.10 3.93
N THR A 806 20.16 3.11 4.42
CA THR A 806 19.69 2.30 5.54
C THR A 806 19.55 3.11 6.84
N LEU A 807 20.35 4.16 6.99
CA LEU A 807 20.28 5.00 8.20
C LEU A 807 18.83 5.44 8.43
N VAL A 808 18.17 5.83 7.35
CA VAL A 808 16.79 6.27 7.42
C VAL A 808 15.84 5.06 7.45
N SER A 809 16.06 4.12 6.54
CA SER A 809 15.19 2.94 6.46
C SER A 809 15.05 2.19 7.78
N VAL A 810 16.16 1.94 8.46
CA VAL A 810 16.10 1.20 9.70
C VAL A 810 15.40 1.97 10.81
N ALA A 811 15.61 3.29 10.86
CA ALA A 811 14.96 4.11 11.87
C ALA A 811 13.45 4.10 11.64
N VAL A 812 13.05 4.21 10.38
CA VAL A 812 11.62 4.22 10.04
C VAL A 812 10.98 2.87 10.33
N ALA A 813 11.70 1.79 10.06
CA ALA A 813 11.19 0.45 10.31
C ALA A 813 10.93 0.26 11.81
N LEU A 814 11.84 0.75 12.64
CA LEU A 814 11.68 0.62 14.09
C LEU A 814 10.42 1.35 14.56
N ALA A 815 10.20 2.54 14.00
CA ALA A 815 9.03 3.35 14.35
C ALA A 815 7.75 2.62 13.96
N ALA A 816 7.76 1.99 12.79
CA ALA A 816 6.60 1.24 12.32
C ALA A 816 6.38 0.03 13.24
N TYR A 817 7.48 -0.59 13.65
CA TYR A 817 7.39 -1.76 14.54
C TYR A 817 6.80 -1.39 15.91
N LYS A 818 7.32 -0.32 16.50
CA LYS A 818 6.87 0.13 17.82
C LYS A 818 5.44 0.69 17.85
N THR A 819 5.08 1.47 16.85
CA THR A 819 3.73 2.06 16.83
C THR A 819 2.68 1.15 16.20
N GLY A 820 3.10 0.28 15.29
CA GLY A 820 2.13 -0.57 14.63
C GLY A 820 1.50 0.18 13.46
N HIS A 821 1.89 1.44 13.30
CA HIS A 821 1.38 2.29 12.22
C HIS A 821 2.39 2.42 11.08
N PRO A 822 1.89 2.71 9.87
CA PRO A 822 2.83 2.88 8.75
C PRO A 822 3.56 4.17 9.13
N VAL A 823 4.82 4.31 8.74
CA VAL A 823 5.57 5.52 9.06
C VAL A 823 6.45 5.88 7.87
N ARG A 824 6.75 7.16 7.72
CA ARG A 824 7.61 7.57 6.62
C ARG A 824 8.51 8.71 7.03
N CYS A 825 9.58 8.88 6.27
CA CYS A 825 10.52 9.96 6.51
C CYS A 825 11.29 10.29 5.25
N MET A 826 11.24 11.55 4.86
CA MET A 826 12.01 12.02 3.72
C MET A 826 12.90 13.11 4.32
N LEU A 827 14.21 12.99 4.14
CA LEU A 827 15.13 13.97 4.71
C LEU A 827 15.09 15.35 4.02
N ASP A 828 15.24 16.40 4.82
CA ASP A 828 15.29 17.75 4.26
C ASP A 828 16.73 17.79 3.73
N ARG A 829 17.02 18.70 2.80
CA ARG A 829 18.36 18.78 2.24
C ARG A 829 19.44 18.94 3.30
N ASN A 830 19.25 19.83 4.27
CA ASN A 830 20.28 20.02 5.30
C ASN A 830 20.54 18.77 6.14
N GLU A 831 19.51 17.97 6.41
CA GLU A 831 19.71 16.74 7.17
C GLU A 831 20.51 15.78 6.31
N ASP A 832 20.12 15.66 5.05
CA ASP A 832 20.77 14.75 4.11
C ASP A 832 22.26 15.02 3.97
N MET A 833 22.62 16.29 3.75
CA MET A 833 24.02 16.67 3.57
C MET A 833 24.86 16.49 4.84
N LEU A 834 24.23 16.61 6.00
CA LEU A 834 24.94 16.46 7.27
C LEU A 834 25.19 15.00 7.66
N ILE A 835 24.14 14.19 7.56
CA ILE A 835 24.15 12.79 7.97
C ILE A 835 24.61 11.67 7.04
N THR A 836 24.13 11.67 5.80
CA THR A 836 24.39 10.56 4.89
C THR A 836 25.77 10.34 4.26
N GLY A 837 26.72 11.24 4.50
CA GLY A 837 28.05 11.04 3.96
C GLY A 837 28.22 11.44 2.50
N GLY A 838 29.46 11.54 2.05
CA GLY A 838 29.72 11.91 0.67
C GLY A 838 30.98 11.29 0.13
N ARG A 839 31.55 11.90 -0.91
CA ARG A 839 32.78 11.38 -1.50
C ARG A 839 33.91 11.54 -0.49
N HIS A 840 34.89 10.64 -0.56
CA HIS A 840 36.03 10.66 0.34
C HIS A 840 37.06 11.74 0.03
N PRO A 841 37.34 12.63 0.99
CA PRO A 841 38.36 13.64 0.69
C PRO A 841 39.66 12.83 0.67
N PHE A 842 40.61 13.19 -0.18
CA PHE A 842 41.89 12.48 -0.28
C PHE A 842 43.09 13.41 -0.09
N LEU A 843 44.11 12.90 0.59
CA LEU A 843 45.35 13.64 0.77
C LEU A 843 46.41 12.73 0.16
N ALA A 844 47.26 13.26 -0.70
CA ALA A 844 48.29 12.44 -1.31
C ALA A 844 49.69 13.00 -1.15
N ARG A 845 50.64 12.10 -0.97
CA ARG A 845 52.06 12.44 -0.84
C ARG A 845 52.68 11.60 -1.94
N TYR A 846 53.30 12.26 -2.90
CA TYR A 846 53.89 11.56 -4.05
C TYR A 846 55.33 11.91 -4.34
N LYS A 847 55.95 11.08 -5.17
CA LYS A 847 57.35 11.24 -5.57
C LYS A 847 57.47 10.53 -6.91
N VAL A 848 57.79 11.28 -7.96
CA VAL A 848 57.91 10.69 -9.29
C VAL A 848 59.29 10.89 -9.92
N GLY A 849 59.81 9.83 -10.52
CA GLY A 849 61.10 9.89 -11.18
C GLY A 849 60.88 9.80 -12.67
N PHE A 850 61.59 10.62 -13.43
CA PHE A 850 61.44 10.61 -14.88
C PHE A 850 62.70 11.07 -15.62
N MET A 851 62.72 10.86 -16.92
CA MET A 851 63.87 11.27 -17.74
C MET A 851 63.59 12.64 -18.35
N LYS A 852 64.63 13.29 -18.87
CA LYS A 852 64.47 14.60 -19.48
C LYS A 852 63.47 14.57 -20.61
N THR A 853 63.25 13.38 -21.17
CA THR A 853 62.31 13.19 -22.27
C THR A 853 60.86 13.17 -21.78
N GLY A 854 60.66 13.01 -20.46
CA GLY A 854 59.33 12.97 -19.91
C GLY A 854 58.87 11.57 -19.56
N THR A 855 59.67 10.57 -19.95
CA THR A 855 59.34 9.19 -19.66
C THR A 855 59.41 8.92 -18.15
N ILE A 856 58.38 8.27 -17.62
CA ILE A 856 58.31 7.95 -16.19
C ILE A 856 59.07 6.66 -15.89
N VAL A 857 59.89 6.67 -14.84
CA VAL A 857 60.66 5.49 -14.48
C VAL A 857 60.40 5.02 -13.06
N ALA A 858 59.80 5.89 -12.24
CA ALA A 858 59.51 5.55 -10.85
C ALA A 858 58.40 6.44 -10.28
N LEU A 859 57.57 5.85 -9.43
CA LEU A 859 56.48 6.60 -8.81
C LEU A 859 56.04 5.97 -7.50
N GLU A 860 55.97 6.79 -6.46
CA GLU A 860 55.53 6.34 -5.15
C GLU A 860 54.41 7.29 -4.73
N VAL A 861 53.27 6.74 -4.35
CA VAL A 861 52.15 7.57 -3.93
C VAL A 861 51.49 6.96 -2.70
N ASP A 862 51.40 7.75 -1.64
CA ASP A 862 50.75 7.30 -0.42
C ASP A 862 49.42 8.05 -0.35
N HIS A 863 48.31 7.32 -0.33
CA HIS A 863 47.00 7.93 -0.27
C HIS A 863 46.41 7.88 1.12
N TYR A 864 45.66 8.91 1.48
CA TYR A 864 44.97 8.98 2.76
C TYR A 864 43.58 9.52 2.50
N SER A 865 42.56 8.78 2.94
CA SER A 865 41.19 9.22 2.76
C SER A 865 40.55 9.46 4.12
N ASN A 866 39.67 10.45 4.20
CA ASN A 866 38.97 10.73 5.44
C ASN A 866 37.70 9.90 5.35
N ALA A 867 37.68 8.79 6.08
CA ALA A 867 36.57 7.84 6.06
C ALA A 867 35.36 8.13 6.94
N GLY A 868 35.53 8.95 7.97
CA GLY A 868 34.39 9.21 8.84
C GLY A 868 34.30 8.26 10.03
N ASN A 869 33.14 8.23 10.67
CA ASN A 869 32.97 7.41 11.87
C ASN A 869 32.60 5.94 11.71
N SER A 870 32.77 5.39 10.51
CA SER A 870 32.51 3.98 10.29
C SER A 870 33.24 3.56 9.01
N ARG A 871 33.41 2.25 8.84
CA ARG A 871 34.09 1.75 7.66
C ARG A 871 33.28 1.85 6.38
N ASP A 872 32.07 1.33 6.42
CA ASP A 872 31.19 1.34 5.26
C ASP A 872 31.96 0.86 4.02
N LEU A 873 31.93 1.61 2.93
CA LEU A 873 32.60 1.19 1.70
C LEU A 873 34.01 1.76 1.51
N SER A 874 34.53 2.39 2.55
CA SER A 874 35.85 3.00 2.49
C SER A 874 37.00 2.12 2.02
N HIS A 875 37.02 0.85 2.40
CA HIS A 875 38.12 -0.01 1.99
C HIS A 875 38.09 -0.28 0.49
N SER A 876 36.95 -0.73 -0.01
CA SER A 876 36.82 -1.02 -1.43
C SER A 876 37.09 0.21 -2.28
N ILE A 877 36.70 1.37 -1.77
CA ILE A 877 36.91 2.62 -2.48
C ILE A 877 38.42 2.88 -2.61
N MET A 878 39.17 2.62 -1.55
CA MET A 878 40.62 2.83 -1.59
C MET A 878 41.24 1.83 -2.57
N GLU A 879 40.71 0.61 -2.59
CA GLU A 879 41.24 -0.39 -3.53
C GLU A 879 41.06 0.13 -4.95
N ARG A 880 39.88 0.64 -5.28
CA ARG A 880 39.65 1.16 -6.63
C ARG A 880 40.60 2.32 -6.89
N ALA A 881 40.88 3.12 -5.86
CA ALA A 881 41.80 4.24 -6.02
C ALA A 881 43.16 3.68 -6.44
N LEU A 882 43.68 2.73 -5.67
CA LEU A 882 44.97 2.13 -6.00
C LEU A 882 44.94 1.51 -7.40
N PHE A 883 43.80 0.94 -7.78
CA PHE A 883 43.65 0.33 -9.10
C PHE A 883 43.75 1.35 -10.24
N HIS A 884 43.59 2.63 -9.92
CA HIS A 884 43.66 3.66 -10.96
C HIS A 884 44.74 4.74 -10.81
N MET A 885 45.71 4.51 -9.94
CA MET A 885 46.78 5.50 -9.72
C MET A 885 47.69 5.64 -10.94
N ASP A 886 47.47 4.79 -11.94
CA ASP A 886 48.27 4.80 -13.16
C ASP A 886 47.58 5.55 -14.29
N ASN A 887 46.26 5.61 -14.21
CA ASN A 887 45.44 6.21 -15.26
C ASN A 887 45.76 5.46 -16.55
N CYS A 888 46.28 6.14 -17.56
CA CYS A 888 46.59 5.47 -18.82
C CYS A 888 48.09 5.37 -19.11
N TYR A 889 48.90 5.42 -18.05
CA TYR A 889 50.35 5.40 -18.23
C TYR A 889 51.11 4.19 -17.70
N LYS A 890 52.05 3.71 -18.51
CA LYS A 890 52.90 2.58 -18.17
C LYS A 890 54.01 3.06 -17.24
N ILE A 891 54.01 2.56 -16.01
CA ILE A 891 55.01 2.94 -15.02
C ILE A 891 55.72 1.67 -14.56
N PRO A 892 56.90 1.38 -15.13
CA PRO A 892 57.70 0.19 -14.81
C PRO A 892 57.97 -0.08 -13.32
N ASN A 893 58.28 0.96 -12.57
CA ASN A 893 58.57 0.83 -11.15
C ASN A 893 57.57 1.72 -10.42
N ILE A 894 56.69 1.10 -9.62
CA ILE A 894 55.65 1.85 -8.94
C ILE A 894 55.21 1.24 -7.61
N ARG A 895 54.92 2.11 -6.65
CA ARG A 895 54.47 1.70 -5.33
C ARG A 895 53.38 2.65 -4.84
N GLY A 896 52.21 2.10 -4.55
CA GLY A 896 51.10 2.90 -4.07
C GLY A 896 50.52 2.34 -2.80
N THR A 897 50.31 3.19 -1.80
CA THR A 897 49.73 2.73 -0.55
C THR A 897 48.46 3.51 -0.26
N GLY A 898 47.61 2.94 0.59
CA GLY A 898 46.37 3.60 0.94
C GLY A 898 46.10 3.41 2.42
N ARG A 899 45.55 4.44 3.06
CA ARG A 899 45.24 4.37 4.48
C ARG A 899 43.89 5.06 4.71
N LEU A 900 43.02 4.40 5.46
CA LEU A 900 41.70 4.95 5.77
C LEU A 900 41.75 5.68 7.10
N CYS A 901 41.47 6.98 7.09
CA CYS A 901 41.51 7.74 8.33
C CYS A 901 40.18 7.67 9.08
N LYS A 902 40.26 7.23 10.34
CA LYS A 902 39.10 7.10 11.20
C LYS A 902 38.91 8.45 11.88
N THR A 903 37.80 9.11 11.61
CA THR A 903 37.56 10.44 12.19
C THR A 903 36.13 10.63 12.69
N ASN A 904 35.94 11.69 13.46
CA ASN A 904 34.62 12.00 14.00
C ASN A 904 33.84 12.89 13.05
N LEU A 905 33.51 12.33 11.89
CA LEU A 905 32.74 13.01 10.86
C LEU A 905 31.81 11.94 10.33
N SER A 906 30.71 12.34 9.73
CA SER A 906 29.79 11.34 9.19
C SER A 906 30.60 10.41 8.30
N SER A 907 30.22 9.13 8.27
CA SER A 907 30.92 8.14 7.47
C SER A 907 30.77 8.42 5.98
N ASN A 908 31.89 8.56 5.27
CA ASN A 908 31.79 8.81 3.84
C ASN A 908 31.54 7.50 3.11
N THR A 909 31.02 7.59 1.90
CA THR A 909 30.65 6.39 1.18
C THR A 909 30.93 6.44 -0.32
N ALA A 910 30.19 5.66 -1.08
CA ALA A 910 30.36 5.61 -2.52
C ALA A 910 29.82 6.86 -3.22
N PHE A 911 30.56 7.35 -4.21
CA PHE A 911 30.15 8.50 -5.01
C PHE A 911 30.73 8.28 -6.41
N ARG A 912 29.84 8.26 -7.40
CA ARG A 912 30.20 8.04 -8.80
C ARG A 912 31.71 8.12 -9.05
N GLY A 913 32.33 6.95 -9.24
CA GLY A 913 33.76 6.91 -9.44
C GLY A 913 34.37 5.94 -8.42
N PHE A 914 33.77 5.93 -7.23
CA PHE A 914 34.18 5.03 -6.15
C PHE A 914 35.69 5.02 -5.91
N GLY A 915 36.28 6.19 -5.71
CA GLY A 915 37.71 6.28 -5.44
C GLY A 915 38.57 6.50 -6.67
N GLY A 916 38.09 6.08 -7.83
CA GLY A 916 38.83 6.24 -9.06
C GLY A 916 39.21 7.69 -9.37
N PRO A 917 38.23 8.61 -9.39
CA PRO A 917 38.46 10.02 -9.67
C PRO A 917 39.61 10.64 -8.86
N GLN A 918 39.65 10.33 -7.58
CA GLN A 918 40.68 10.87 -6.71
C GLN A 918 42.07 10.41 -7.14
N ALA A 919 42.21 9.11 -7.40
CA ALA A 919 43.49 8.56 -7.80
C ALA A 919 43.88 9.04 -9.19
N LEU A 920 42.90 9.13 -10.09
CA LEU A 920 43.18 9.59 -11.45
C LEU A 920 43.62 11.04 -11.43
N PHE A 921 43.06 11.82 -10.50
CA PHE A 921 43.39 13.23 -10.37
C PHE A 921 44.83 13.36 -9.89
N ILE A 922 45.19 12.63 -8.85
CA ILE A 922 46.53 12.66 -8.30
C ILE A 922 47.53 12.31 -9.42
N ALA A 923 47.18 11.30 -10.21
CA ALA A 923 48.03 10.88 -11.30
C ALA A 923 48.28 12.02 -12.28
N GLU A 924 47.21 12.63 -12.78
CA GLU A 924 47.35 13.70 -13.75
C GLU A 924 48.09 14.90 -13.18
N ASN A 925 47.99 15.09 -11.85
CA ASN A 925 48.69 16.21 -11.24
C ASN A 925 50.20 16.06 -11.42
N TRP A 926 50.77 14.93 -11.00
CA TRP A 926 52.21 14.79 -11.16
C TRP A 926 52.61 14.69 -12.61
N MET A 927 51.72 14.16 -13.45
CA MET A 927 52.02 14.07 -14.87
C MET A 927 52.15 15.47 -15.45
N SER A 928 51.33 16.39 -14.95
CA SER A 928 51.38 17.77 -15.44
C SER A 928 52.66 18.43 -14.94
N GLU A 929 53.12 18.05 -13.75
CA GLU A 929 54.34 18.63 -13.20
C GLU A 929 55.57 18.12 -13.93
N VAL A 930 55.48 16.90 -14.46
CA VAL A 930 56.58 16.30 -15.21
C VAL A 930 56.77 17.05 -16.52
N ALA A 931 55.65 17.39 -17.16
CA ALA A 931 55.68 18.11 -18.43
C ALA A 931 56.32 19.48 -18.27
N VAL A 932 55.87 20.22 -17.25
CA VAL A 932 56.40 21.55 -16.97
C VAL A 932 57.89 21.48 -16.65
N THR A 933 58.25 20.56 -15.74
CA THR A 933 59.64 20.40 -15.36
C THR A 933 60.51 20.12 -16.58
N CYS A 934 60.01 19.26 -17.48
CA CYS A 934 60.74 18.91 -18.69
C CYS A 934 60.67 19.98 -19.78
N GLY A 935 59.79 20.95 -19.60
CA GLY A 935 59.67 22.00 -20.60
C GLY A 935 59.18 21.45 -21.93
N LEU A 936 58.38 20.40 -21.87
CA LEU A 936 57.84 19.79 -23.08
C LEU A 936 56.32 19.88 -23.12
N PRO A 937 55.74 19.85 -24.33
CA PRO A 937 54.29 19.94 -24.49
C PRO A 937 53.64 18.82 -23.68
N ALA A 938 52.64 19.17 -22.88
CA ALA A 938 51.95 18.20 -22.04
C ALA A 938 51.39 17.02 -22.83
N GLU A 939 50.80 17.29 -23.99
CA GLU A 939 50.21 16.19 -24.76
C GLU A 939 51.29 15.23 -25.29
N GLU A 940 52.50 15.74 -25.51
CA GLU A 940 53.57 14.88 -25.99
C GLU A 940 54.03 13.96 -24.86
N VAL A 941 54.15 14.52 -23.66
CA VAL A 941 54.58 13.75 -22.50
C VAL A 941 53.54 12.70 -22.12
N ARG A 942 52.27 13.05 -22.23
CA ARG A 942 51.24 12.08 -21.90
C ARG A 942 51.25 10.93 -22.90
N TRP A 943 51.30 11.27 -24.19
CA TRP A 943 51.30 10.24 -25.23
C TRP A 943 52.45 9.25 -25.14
N LYS A 944 53.68 9.74 -24.98
CA LYS A 944 54.82 8.86 -24.91
C LYS A 944 54.84 7.95 -23.67
N ASN A 945 54.03 8.28 -22.67
CA ASN A 945 53.96 7.48 -21.45
C ASN A 945 52.75 6.56 -21.43
N MET A 946 51.90 6.71 -22.44
CA MET A 946 50.68 5.93 -22.54
C MET A 946 50.93 4.43 -22.72
N TYR A 947 50.01 3.62 -22.22
CA TYR A 947 50.13 2.17 -22.36
C TYR A 947 50.00 1.83 -23.83
N LYS A 948 50.33 0.60 -24.18
CA LYS A 948 50.22 0.13 -25.55
C LYS A 948 49.37 -1.13 -25.50
N GLU A 949 48.70 -1.43 -26.61
CA GLU A 949 47.85 -2.61 -26.72
C GLU A 949 48.62 -3.84 -26.21
N GLY A 950 48.06 -4.51 -25.22
CA GLY A 950 48.72 -5.70 -24.69
C GLY A 950 49.55 -5.51 -23.43
N ASP A 951 49.81 -4.26 -23.06
CA ASP A 951 50.60 -4.02 -21.86
C ASP A 951 49.88 -4.50 -20.60
N LEU A 952 50.63 -4.66 -19.53
CA LEU A 952 50.06 -5.07 -18.24
C LEU A 952 50.03 -3.82 -17.38
N THR A 953 49.00 -3.71 -16.53
CA THR A 953 48.88 -2.57 -15.63
C THR A 953 49.78 -2.85 -14.44
N HIS A 954 49.84 -1.90 -13.51
CA HIS A 954 50.67 -2.08 -12.31
C HIS A 954 50.12 -3.22 -11.45
N PHE A 955 48.87 -3.61 -11.69
CA PHE A 955 48.29 -4.73 -10.94
C PHE A 955 48.22 -5.97 -11.85
N ASN A 956 49.13 -5.98 -12.81
CA ASN A 956 49.32 -7.07 -13.77
C ASN A 956 48.15 -7.65 -14.57
N GLN A 957 47.22 -6.80 -15.01
CA GLN A 957 46.15 -7.29 -15.83
C GLN A 957 46.44 -6.80 -17.24
N ARG A 958 46.31 -7.69 -18.22
CA ARG A 958 46.59 -7.34 -19.60
C ARG A 958 45.50 -6.43 -20.16
N LEU A 959 45.94 -5.38 -20.86
CA LEU A 959 45.01 -4.44 -21.47
C LEU A 959 44.73 -4.90 -22.89
N GLU A 960 43.55 -5.48 -23.09
CA GLU A 960 43.14 -5.97 -24.41
C GLU A 960 42.08 -5.05 -25.01
N GLY A 961 42.29 -4.63 -26.25
CA GLY A 961 41.36 -3.72 -26.87
C GLY A 961 41.49 -2.36 -26.22
N PHE A 962 42.74 -1.92 -26.07
CA PHE A 962 43.06 -0.62 -25.47
C PHE A 962 42.81 0.45 -26.52
N SER A 963 41.68 1.16 -26.41
CA SER A 963 41.33 2.16 -27.40
C SER A 963 41.71 3.62 -27.10
N VAL A 964 42.42 3.87 -26.01
CA VAL A 964 42.80 5.24 -25.69
C VAL A 964 43.48 5.91 -26.89
N PRO A 965 44.44 5.22 -27.55
CA PRO A 965 45.11 5.82 -28.70
C PRO A 965 44.15 6.38 -29.74
N ARG A 966 43.13 5.61 -30.10
CA ARG A 966 42.14 6.06 -31.09
C ARG A 966 41.34 7.25 -30.58
N CYS A 967 40.86 7.16 -29.33
CA CYS A 967 40.07 8.25 -28.75
C CYS A 967 40.91 9.51 -28.71
N TRP A 968 42.20 9.31 -28.41
CA TRP A 968 43.15 10.41 -28.31
C TRP A 968 43.38 11.10 -29.65
N ASP A 969 43.73 10.35 -30.69
CA ASP A 969 43.96 10.95 -32.00
C ASP A 969 42.69 11.61 -32.54
N GLU A 970 41.56 10.92 -32.44
CA GLU A 970 40.32 11.48 -32.94
C GLU A 970 39.91 12.74 -32.18
N CYS A 971 40.16 12.78 -30.88
CA CYS A 971 39.81 13.95 -30.08
C CYS A 971 40.75 15.12 -30.42
N LEU A 972 42.03 14.81 -30.60
CA LEU A 972 43.00 15.85 -30.95
C LEU A 972 42.57 16.48 -32.26
N LYS A 973 42.13 15.63 -33.19
CA LYS A 973 41.70 16.06 -34.50
C LYS A 973 40.37 16.81 -34.54
N SER A 974 39.34 16.25 -33.95
CA SER A 974 38.03 16.90 -33.96
C SER A 974 37.99 18.16 -33.11
N SER A 975 38.88 18.24 -32.11
CA SER A 975 38.93 19.41 -31.25
C SER A 975 39.86 20.47 -31.80
N GLN A 976 40.59 20.11 -32.86
CA GLN A 976 41.54 21.05 -33.47
C GLN A 976 42.49 21.55 -32.40
N TYR A 977 42.91 20.63 -31.53
CA TYR A 977 43.80 20.94 -30.42
C TYR A 977 44.99 21.86 -30.77
N TYR A 978 45.82 21.42 -31.70
CA TYR A 978 47.00 22.20 -32.07
C TYR A 978 46.71 23.60 -32.59
N ALA A 979 45.73 23.73 -33.47
CA ALA A 979 45.39 25.03 -34.03
C ALA A 979 44.94 25.98 -32.92
N ARG A 980 44.15 25.45 -31.99
CA ARG A 980 43.64 26.24 -30.89
C ARG A 980 44.70 26.55 -29.86
N LYS A 981 45.72 25.70 -29.77
CA LYS A 981 46.79 25.90 -28.81
C LYS A 981 47.51 27.23 -29.10
N SER A 982 47.78 27.50 -30.38
CA SER A 982 48.48 28.74 -30.75
C SER A 982 47.56 29.93 -30.52
N GLU A 983 46.26 29.72 -30.75
CA GLU A 983 45.29 30.78 -30.57
C GLU A 983 45.18 31.15 -29.09
N VAL A 984 45.41 30.16 -28.22
CA VAL A 984 45.37 30.41 -26.79
C VAL A 984 46.56 31.29 -26.39
N ASP A 985 47.74 30.96 -26.91
CA ASP A 985 48.93 31.74 -26.59
C ASP A 985 48.78 33.19 -27.04
N LYS A 986 48.13 33.38 -28.19
CA LYS A 986 47.92 34.71 -28.71
C LYS A 986 47.04 35.50 -27.73
N PHE A 987 45.91 34.91 -27.36
CA PHE A 987 44.99 35.56 -26.44
C PHE A 987 45.70 35.99 -25.16
N ASN A 988 46.59 35.15 -24.66
CA ASN A 988 47.32 35.44 -23.44
C ASN A 988 48.35 36.56 -23.60
N LYS A 989 48.79 36.79 -24.82
CA LYS A 989 49.74 37.86 -25.08
C LYS A 989 49.00 39.18 -25.21
N GLU A 990 47.77 39.11 -25.72
CA GLU A 990 46.96 40.30 -25.92
C GLU A 990 46.10 40.65 -24.70
N ASN A 991 46.18 39.83 -23.66
CA ASN A 991 45.39 40.05 -22.45
C ASN A 991 46.20 39.93 -21.17
N CYS A 992 46.15 40.99 -20.37
CA CYS A 992 46.89 41.04 -19.13
C CYS A 992 46.13 40.54 -17.90
N TRP A 993 44.82 40.78 -17.87
CA TRP A 993 44.01 40.40 -16.71
C TRP A 993 43.02 39.27 -16.96
N LYS A 994 43.22 38.56 -18.06
CA LYS A 994 42.40 37.41 -18.42
C LYS A 994 43.35 36.47 -19.14
N LYS A 995 43.16 35.17 -18.95
CA LYS A 995 44.01 34.17 -19.59
C LYS A 995 43.20 32.95 -19.97
N ARG A 996 43.68 32.23 -20.98
CA ARG A 996 43.02 31.02 -21.40
C ARG A 996 43.95 29.82 -21.21
N GLY A 997 43.34 28.65 -21.06
CA GLY A 997 44.10 27.43 -20.85
C GLY A 997 43.46 26.31 -21.66
N LEU A 998 44.29 25.39 -22.12
CA LEU A 998 43.84 24.26 -22.94
C LEU A 998 44.51 22.98 -22.43
N CYS A 999 43.72 21.93 -22.27
CA CYS A 999 44.27 20.67 -21.81
C CYS A 999 43.47 19.48 -22.28
N ILE A 1000 44.18 18.43 -22.69
CA ILE A 1000 43.53 17.22 -23.17
C ILE A 1000 44.03 16.06 -22.31
N ILE A 1001 43.11 15.35 -21.68
CA ILE A 1001 43.47 14.22 -20.84
C ILE A 1001 42.67 12.99 -21.17
N PRO A 1002 43.25 11.81 -20.92
CA PRO A 1002 42.57 10.55 -21.20
C PRO A 1002 42.19 9.89 -19.88
N THR A 1003 41.54 8.74 -19.97
CA THR A 1003 41.20 8.00 -18.78
C THR A 1003 40.84 6.59 -19.17
N LYS A 1004 40.94 5.71 -18.19
CA LYS A 1004 40.57 4.31 -18.36
C LYS A 1004 39.96 3.99 -17.01
N PHE A 1005 38.89 3.21 -17.00
CA PHE A 1005 38.20 2.85 -15.76
C PHE A 1005 37.93 1.35 -15.77
N GLY A 1006 38.34 0.66 -14.71
CA GLY A 1006 38.14 -0.77 -14.62
C GLY A 1006 36.70 -1.14 -14.34
N ILE A 1007 36.15 -2.04 -15.15
CA ILE A 1007 34.76 -2.46 -15.01
C ILE A 1007 34.54 -3.79 -14.27
N SER A 1008 33.81 -3.69 -13.15
CA SER A 1008 33.43 -4.78 -12.26
C SER A 1008 33.59 -4.35 -10.79
N PHE A 1009 32.70 -4.84 -9.93
CA PHE A 1009 32.80 -4.53 -8.49
C PHE A 1009 34.16 -5.03 -8.00
N THR A 1010 34.80 -4.26 -7.13
CA THR A 1010 36.09 -4.68 -6.57
C THR A 1010 35.86 -5.95 -5.75
N VAL A 1011 34.63 -6.12 -5.26
CA VAL A 1011 34.28 -7.31 -4.49
C VAL A 1011 33.80 -8.33 -5.50
N PRO A 1012 34.59 -9.39 -5.71
CA PRO A 1012 34.27 -10.46 -6.67
C PRO A 1012 32.84 -11.01 -6.66
N PHE A 1013 32.36 -11.47 -5.51
CA PHE A 1013 31.03 -12.07 -5.46
C PHE A 1013 29.84 -11.14 -5.75
N LEU A 1014 30.09 -9.85 -5.81
CA LEU A 1014 29.00 -8.91 -6.09
C LEU A 1014 28.68 -8.89 -7.58
N ASN A 1015 29.59 -9.43 -8.39
CA ASN A 1015 29.40 -9.46 -9.84
C ASN A 1015 28.51 -10.63 -10.25
N GLN A 1016 27.25 -10.55 -9.82
CA GLN A 1016 26.25 -11.56 -10.12
C GLN A 1016 24.90 -10.86 -10.31
N ALA A 1017 24.04 -11.42 -11.14
CA ALA A 1017 22.75 -10.80 -11.41
C ALA A 1017 21.67 -11.81 -11.81
N GLY A 1018 20.46 -11.56 -11.33
CA GLY A 1018 19.37 -12.45 -11.65
C GLY A 1018 18.20 -11.68 -12.21
N ALA A 1019 17.33 -12.37 -12.94
CA ALA A 1019 16.15 -11.77 -13.52
C ALA A 1019 15.01 -12.75 -13.44
N LEU A 1020 13.78 -12.25 -13.55
CA LEU A 1020 12.59 -13.07 -13.50
C LEU A 1020 11.68 -12.55 -14.60
N ILE A 1021 11.20 -13.43 -15.46
CA ILE A 1021 10.35 -12.99 -16.55
C ILE A 1021 9.06 -13.81 -16.66
N HIS A 1022 7.95 -13.10 -16.82
CA HIS A 1022 6.65 -13.77 -16.96
C HIS A 1022 6.03 -13.32 -18.29
N VAL A 1023 5.43 -14.26 -19.00
CA VAL A 1023 4.72 -13.93 -20.22
C VAL A 1023 3.28 -14.27 -19.87
N TYR A 1024 2.41 -13.27 -19.88
CA TYR A 1024 1.01 -13.54 -19.56
C TYR A 1024 0.28 -14.05 -20.80
N THR A 1025 -0.90 -14.61 -20.61
CA THR A 1025 -1.66 -15.18 -21.72
C THR A 1025 -2.08 -14.27 -22.87
N ASP A 1026 -1.90 -12.96 -22.71
CA ASP A 1026 -2.26 -12.03 -23.78
C ASP A 1026 -0.97 -11.73 -24.55
N GLY A 1027 0.12 -12.40 -24.16
CA GLY A 1027 1.38 -12.20 -24.82
C GLY A 1027 2.22 -11.06 -24.26
N SER A 1028 1.66 -10.28 -23.34
CA SER A 1028 2.41 -9.18 -22.74
C SER A 1028 3.46 -9.76 -21.79
N VAL A 1029 4.62 -9.12 -21.73
CA VAL A 1029 5.72 -9.59 -20.91
C VAL A 1029 6.09 -8.67 -19.74
N LEU A 1030 6.25 -9.25 -18.57
CA LEU A 1030 6.63 -8.49 -17.38
C LEU A 1030 8.04 -8.91 -16.98
N VAL A 1031 8.99 -8.00 -17.13
CA VAL A 1031 10.38 -8.30 -16.79
C VAL A 1031 10.75 -7.73 -15.43
N SER A 1032 11.45 -8.53 -14.65
CA SER A 1032 11.91 -8.07 -13.35
C SER A 1032 13.37 -8.48 -13.19
N HIS A 1033 14.20 -7.59 -12.66
CA HIS A 1033 15.61 -7.90 -12.45
C HIS A 1033 16.10 -7.25 -11.17
N GLY A 1034 17.29 -7.62 -10.73
CA GLY A 1034 17.83 -7.07 -9.50
C GLY A 1034 18.22 -5.60 -9.49
N GLY A 1035 18.38 -5.01 -10.67
CA GLY A 1035 18.76 -3.61 -10.73
C GLY A 1035 17.65 -2.62 -10.47
N THR A 1036 18.03 -1.40 -10.10
CA THR A 1036 17.08 -0.33 -9.83
C THR A 1036 17.32 0.85 -10.77
N GLU A 1037 16.28 1.65 -10.96
CA GLU A 1037 16.34 2.83 -11.83
C GLU A 1037 16.58 4.10 -11.02
N MET A 1038 17.70 4.79 -11.29
CA MET A 1038 18.02 6.01 -10.59
C MET A 1038 18.23 7.15 -11.57
N GLY A 1039 17.77 6.92 -12.80
CA GLY A 1039 17.88 7.92 -13.85
C GLY A 1039 18.81 7.54 -14.98
N GLN A 1040 19.61 6.49 -14.77
CA GLN A 1040 20.57 6.08 -15.80
C GLN A 1040 19.95 5.31 -16.97
N GLY A 1041 18.66 5.02 -16.87
CA GLY A 1041 18.00 4.31 -17.96
C GLY A 1041 18.21 2.80 -18.01
N LEU A 1042 18.40 2.17 -16.86
CA LEU A 1042 18.62 0.73 -16.80
C LEU A 1042 17.41 -0.07 -17.31
N HIS A 1043 16.22 0.22 -16.79
CA HIS A 1043 15.04 -0.52 -17.24
C HIS A 1043 14.83 -0.35 -18.74
N THR A 1044 15.09 0.86 -19.22
CA THR A 1044 14.95 1.12 -20.65
C THR A 1044 15.86 0.16 -21.42
N LYS A 1045 17.13 0.13 -21.04
CA LYS A 1045 18.08 -0.76 -21.71
C LYS A 1045 17.68 -2.23 -21.61
N MET A 1046 17.15 -2.62 -20.45
CA MET A 1046 16.73 -4.01 -20.25
C MET A 1046 15.52 -4.33 -21.14
N VAL A 1047 14.64 -3.35 -21.32
CA VAL A 1047 13.47 -3.55 -22.17
C VAL A 1047 13.96 -3.68 -23.60
N GLN A 1048 14.96 -2.87 -23.96
CA GLN A 1048 15.53 -2.92 -25.30
C GLN A 1048 16.14 -4.30 -25.56
N VAL A 1049 16.87 -4.81 -24.56
CA VAL A 1049 17.52 -6.12 -24.64
C VAL A 1049 16.51 -7.25 -24.79
N ALA A 1050 15.49 -7.25 -23.94
CA ALA A 1050 14.46 -8.29 -23.98
C ALA A 1050 13.74 -8.30 -25.32
N SER A 1051 13.43 -7.11 -25.83
CA SER A 1051 12.75 -6.97 -27.11
C SER A 1051 13.57 -7.61 -28.24
N LYS A 1052 14.86 -7.33 -28.25
CA LYS A 1052 15.74 -7.89 -29.28
C LYS A 1052 15.85 -9.41 -29.16
N ALA A 1053 16.13 -9.89 -27.95
CA ALA A 1053 16.25 -11.33 -27.72
C ALA A 1053 14.99 -12.12 -28.07
N LEU A 1054 13.83 -11.59 -27.73
CA LEU A 1054 12.57 -12.28 -28.02
C LEU A 1054 12.03 -11.97 -29.42
N LYS A 1055 12.61 -10.95 -30.05
CA LYS A 1055 12.20 -10.51 -31.37
C LYS A 1055 10.75 -10.06 -31.41
N ILE A 1056 10.36 -9.23 -30.43
CA ILE A 1056 9.02 -8.67 -30.35
C ILE A 1056 9.22 -7.19 -30.04
N PRO A 1057 8.22 -6.35 -30.33
CA PRO A 1057 8.31 -4.90 -30.06
C PRO A 1057 8.42 -4.60 -28.57
N ILE A 1058 9.11 -3.52 -28.24
CA ILE A 1058 9.25 -3.13 -26.84
C ILE A 1058 7.90 -2.84 -26.20
N SER A 1059 6.91 -2.52 -27.04
CA SER A 1059 5.56 -2.19 -26.55
C SER A 1059 4.88 -3.38 -25.85
N LYS A 1060 5.40 -4.58 -26.04
CA LYS A 1060 4.82 -5.76 -25.42
C LYS A 1060 5.58 -6.16 -24.15
N ILE A 1061 6.60 -5.39 -23.80
CA ILE A 1061 7.42 -5.67 -22.62
C ILE A 1061 7.31 -4.53 -21.61
N TYR A 1062 7.29 -4.86 -20.33
CA TYR A 1062 7.16 -3.86 -19.28
C TYR A 1062 7.97 -4.20 -18.03
N ILE A 1063 8.53 -3.17 -17.40
CA ILE A 1063 9.27 -3.36 -16.16
C ILE A 1063 8.66 -2.36 -15.16
N SER A 1064 8.03 -2.88 -14.12
CA SER A 1064 7.37 -2.03 -13.14
C SER A 1064 8.23 -1.55 -11.98
N GLU A 1065 8.98 -2.47 -11.38
CA GLU A 1065 9.79 -2.09 -10.23
C GLU A 1065 10.80 -3.16 -9.89
N THR A 1066 11.53 -2.90 -8.81
CA THR A 1066 12.54 -3.81 -8.29
C THR A 1066 12.06 -4.22 -6.89
N SER A 1067 12.05 -5.52 -6.61
CA SER A 1067 11.59 -5.99 -5.31
C SER A 1067 12.31 -7.26 -4.84
N THR A 1068 12.57 -7.34 -3.54
CA THR A 1068 13.27 -8.47 -2.95
C THR A 1068 12.53 -9.79 -3.05
N ASN A 1069 11.23 -9.75 -3.37
CA ASN A 1069 10.49 -11.01 -3.48
C ASN A 1069 10.31 -11.51 -4.93
N THR A 1070 10.97 -10.85 -5.87
CA THR A 1070 10.94 -11.30 -7.27
C THR A 1070 12.36 -11.75 -7.62
N VAL A 1071 13.36 -10.98 -7.19
CA VAL A 1071 14.76 -11.32 -7.41
C VAL A 1071 15.48 -11.10 -6.08
N PRO A 1072 15.90 -12.18 -5.41
CA PRO A 1072 16.59 -12.07 -4.12
C PRO A 1072 18.10 -11.92 -4.18
N ASN A 1073 18.69 -11.59 -3.03
CA ASN A 1073 20.13 -11.45 -2.88
C ASN A 1073 20.84 -10.68 -3.99
N SER A 1074 20.26 -9.58 -4.42
CA SER A 1074 20.85 -8.79 -5.48
C SER A 1074 21.94 -7.87 -4.98
N SER A 1075 22.93 -7.63 -5.81
CA SER A 1075 24.00 -6.71 -5.45
C SER A 1075 23.39 -5.32 -5.65
N PRO A 1076 23.93 -4.29 -4.98
CA PRO A 1076 23.35 -2.96 -5.17
C PRO A 1076 23.52 -2.57 -6.63
N THR A 1077 22.66 -1.68 -7.14
CA THR A 1077 22.78 -1.25 -8.53
C THR A 1077 23.99 -0.34 -8.50
N ALA A 1078 25.13 -0.85 -8.97
CA ALA A 1078 26.34 -0.06 -8.89
C ALA A 1078 27.48 -0.55 -9.77
N ALA A 1079 28.64 0.10 -9.64
CA ALA A 1079 29.84 -0.24 -10.41
C ALA A 1079 29.66 -0.14 -11.92
N SER A 1080 28.62 0.57 -12.35
CA SER A 1080 28.36 0.76 -13.77
C SER A 1080 28.15 -0.56 -14.54
N VAL A 1081 28.00 -1.68 -13.85
CA VAL A 1081 27.83 -2.96 -14.53
C VAL A 1081 26.41 -3.49 -14.61
N SER A 1082 25.43 -2.71 -14.13
CA SER A 1082 24.04 -3.15 -14.14
C SER A 1082 23.55 -3.60 -15.52
N THR A 1083 23.88 -2.83 -16.56
CA THR A 1083 23.47 -3.19 -17.91
C THR A 1083 24.15 -4.50 -18.30
N ASP A 1084 25.45 -4.56 -18.08
CA ASP A 1084 26.25 -5.74 -18.38
C ASP A 1084 25.67 -7.02 -17.77
N ILE A 1085 25.51 -7.02 -16.46
CA ILE A 1085 25.03 -8.22 -15.79
C ILE A 1085 23.53 -8.51 -15.85
N TYR A 1086 22.68 -7.50 -15.63
CA TYR A 1086 21.24 -7.73 -15.71
C TYR A 1086 20.85 -7.98 -17.16
N GLY A 1087 21.65 -7.46 -18.09
CA GLY A 1087 21.39 -7.67 -19.50
C GLY A 1087 21.54 -9.14 -19.82
N GLN A 1088 22.59 -9.78 -19.29
CA GLN A 1088 22.81 -11.20 -19.52
C GLN A 1088 21.71 -12.01 -18.85
N ALA A 1089 21.38 -11.68 -17.60
CA ALA A 1089 20.35 -12.40 -16.86
C ALA A 1089 19.03 -12.33 -17.61
N VAL A 1090 18.67 -11.14 -18.09
CA VAL A 1090 17.43 -10.96 -18.85
C VAL A 1090 17.52 -11.74 -20.17
N TYR A 1091 18.69 -11.68 -20.79
CA TYR A 1091 18.94 -12.39 -22.04
C TYR A 1091 18.78 -13.90 -21.86
N GLU A 1092 19.38 -14.43 -20.80
CA GLU A 1092 19.28 -15.87 -20.52
C GLU A 1092 17.84 -16.28 -20.25
N ALA A 1093 17.10 -15.44 -19.52
CA ALA A 1093 15.71 -15.76 -19.23
C ALA A 1093 14.89 -15.76 -20.52
N CYS A 1094 15.21 -14.86 -21.45
CA CYS A 1094 14.49 -14.80 -22.72
C CYS A 1094 14.74 -16.05 -23.56
N GLN A 1095 15.98 -16.55 -23.53
CA GLN A 1095 16.34 -17.75 -24.28
C GLN A 1095 15.47 -18.91 -23.84
N THR A 1096 15.38 -19.11 -22.54
CA THR A 1096 14.57 -20.19 -21.97
C THR A 1096 13.12 -20.08 -22.47
N ILE A 1097 12.62 -18.85 -22.55
CA ILE A 1097 11.25 -18.62 -23.03
C ILE A 1097 11.17 -19.09 -24.49
N LEU A 1098 12.13 -18.64 -25.30
CA LEU A 1098 12.15 -19.01 -26.71
C LEU A 1098 12.19 -20.52 -26.89
N LYS A 1099 13.02 -21.21 -26.10
CA LYS A 1099 13.11 -22.67 -26.21
C LYS A 1099 11.77 -23.32 -25.90
N ARG A 1100 11.06 -22.80 -24.91
CA ARG A 1100 9.77 -23.36 -24.53
C ARG A 1100 8.69 -23.11 -25.58
N LEU A 1101 8.83 -22.01 -26.32
CA LEU A 1101 7.85 -21.66 -27.35
C LEU A 1101 8.15 -22.28 -28.71
N GLU A 1102 9.39 -22.72 -28.91
CA GLU A 1102 9.82 -23.30 -30.18
C GLU A 1102 8.91 -24.37 -30.78
N PRO A 1103 8.45 -25.34 -29.97
CA PRO A 1103 7.56 -26.39 -30.50
C PRO A 1103 6.28 -25.85 -31.10
N PHE A 1104 5.73 -24.81 -30.49
CA PHE A 1104 4.48 -24.23 -30.97
C PHE A 1104 4.69 -23.32 -32.17
N LYS A 1105 5.88 -22.74 -32.25
CA LYS A 1105 6.21 -21.87 -33.37
C LYS A 1105 6.36 -22.75 -34.62
N LYS A 1106 6.95 -23.92 -34.44
CA LYS A 1106 7.15 -24.86 -35.54
C LYS A 1106 5.84 -25.44 -36.05
N LYS A 1107 4.94 -25.80 -35.14
CA LYS A 1107 3.65 -26.35 -35.54
C LYS A 1107 2.73 -25.30 -36.16
N ASN A 1108 3.13 -24.04 -36.06
CA ASN A 1108 2.33 -22.95 -36.62
C ASN A 1108 3.22 -21.74 -36.94
N PRO A 1109 4.17 -21.93 -37.89
CA PRO A 1109 5.14 -20.93 -38.34
C PRO A 1109 4.56 -19.58 -38.75
N ASP A 1110 3.34 -19.59 -39.29
CA ASP A 1110 2.72 -18.35 -39.73
C ASP A 1110 1.90 -17.67 -38.64
N GLY A 1111 1.89 -18.26 -37.45
CA GLY A 1111 1.13 -17.69 -36.35
C GLY A 1111 1.82 -16.48 -35.73
N SER A 1112 1.11 -15.82 -34.82
CA SER A 1112 1.64 -14.65 -34.13
C SER A 1112 2.27 -15.04 -32.81
N TRP A 1113 2.94 -14.08 -32.18
CA TRP A 1113 3.55 -14.30 -30.87
C TRP A 1113 2.43 -14.66 -29.92
N GLU A 1114 1.32 -13.93 -30.02
CA GLU A 1114 0.16 -14.18 -29.18
C GLU A 1114 -0.37 -15.60 -29.37
N ASP A 1115 -0.38 -16.07 -30.62
CA ASP A 1115 -0.87 -17.42 -30.90
C ASP A 1115 0.00 -18.48 -30.23
N TRP A 1116 1.32 -18.31 -30.33
CA TRP A 1116 2.24 -19.28 -29.75
C TRP A 1116 2.16 -19.29 -28.22
N VAL A 1117 2.08 -18.09 -27.62
CA VAL A 1117 1.98 -17.98 -26.17
C VAL A 1117 0.73 -18.71 -25.66
N MET A 1118 -0.42 -18.44 -26.29
CA MET A 1118 -1.66 -19.09 -25.87
C MET A 1118 -1.59 -20.61 -26.04
N ALA A 1119 -0.96 -21.06 -27.11
CA ALA A 1119 -0.83 -22.50 -27.37
C ALA A 1119 0.01 -23.16 -26.29
N ALA A 1120 1.10 -22.49 -25.90
CA ALA A 1120 1.97 -23.02 -24.85
C ALA A 1120 1.19 -23.13 -23.55
N TYR A 1121 0.47 -22.07 -23.21
CA TYR A 1121 -0.33 -22.06 -21.98
C TYR A 1121 -1.31 -23.22 -21.93
N GLN A 1122 -2.11 -23.38 -22.99
CA GLN A 1122 -3.08 -24.44 -23.03
C GLN A 1122 -2.47 -25.82 -23.12
N ASP A 1123 -1.18 -25.90 -23.38
CA ASP A 1123 -0.50 -27.18 -23.45
C ASP A 1123 0.23 -27.38 -22.14
N ARG A 1124 -0.05 -26.48 -21.19
CA ARG A 1124 0.55 -26.51 -19.88
C ARG A 1124 2.07 -26.45 -19.87
N VAL A 1125 2.58 -25.43 -20.55
CA VAL A 1125 4.01 -25.16 -20.63
C VAL A 1125 4.18 -23.87 -19.84
N SER A 1126 5.03 -23.89 -18.82
CA SER A 1126 5.26 -22.72 -18.00
C SER A 1126 5.83 -21.54 -18.79
N LEU A 1127 5.26 -20.37 -18.57
CA LEU A 1127 5.70 -19.15 -19.25
C LEU A 1127 6.42 -18.23 -18.28
N SER A 1128 7.03 -18.83 -17.26
CA SER A 1128 7.76 -18.08 -16.25
C SER A 1128 9.13 -18.71 -16.03
N THR A 1129 10.15 -17.88 -15.94
CA THR A 1129 11.49 -18.38 -15.71
C THR A 1129 12.46 -17.33 -15.17
N THR A 1130 13.54 -17.82 -14.60
CA THR A 1130 14.58 -16.96 -14.06
C THR A 1130 15.73 -16.95 -15.05
N GLY A 1131 16.63 -15.99 -14.87
CA GLY A 1131 17.80 -15.85 -15.71
C GLY A 1131 18.89 -15.42 -14.74
N PHE A 1132 20.12 -15.87 -14.97
CA PHE A 1132 21.20 -15.51 -14.06
C PHE A 1132 22.50 -15.31 -14.83
N TYR A 1133 23.40 -14.50 -14.26
CA TYR A 1133 24.69 -14.25 -14.88
C TYR A 1133 25.76 -14.01 -13.82
N ARG A 1134 26.96 -14.50 -14.10
CA ARG A 1134 28.09 -14.38 -13.22
C ARG A 1134 29.30 -13.98 -14.08
N THR A 1135 29.88 -12.82 -13.80
CA THR A 1135 31.03 -12.38 -14.57
C THR A 1135 32.17 -13.36 -14.31
N PRO A 1136 32.68 -14.00 -15.36
CA PRO A 1136 33.76 -14.97 -15.27
C PRO A 1136 35.15 -14.47 -14.95
N ASN A 1137 35.96 -15.38 -14.41
CA ASN A 1137 37.36 -15.13 -14.06
C ASN A 1137 37.73 -13.84 -13.35
N LEU A 1138 37.07 -13.56 -12.23
CA LEU A 1138 37.38 -12.36 -11.46
C LEU A 1138 37.93 -12.78 -10.10
N GLY A 1139 38.90 -12.03 -9.59
CA GLY A 1139 39.48 -12.36 -8.30
C GLY A 1139 40.93 -11.90 -8.14
N TYR A 1140 41.12 -10.61 -7.88
CA TYR A 1140 42.46 -10.07 -7.69
C TYR A 1140 42.81 -10.12 -6.22
N SER A 1141 44.11 -10.23 -5.92
CA SER A 1141 44.59 -10.26 -4.54
C SER A 1141 45.68 -9.22 -4.35
N PHE A 1142 45.51 -8.35 -3.36
CA PHE A 1142 46.52 -7.34 -3.10
C PHE A 1142 47.76 -7.96 -2.45
N GLU A 1143 47.64 -9.20 -2.03
CA GLU A 1143 48.76 -9.92 -1.39
C GLU A 1143 49.77 -10.37 -2.44
N THR A 1144 49.27 -10.94 -3.52
CA THR A 1144 50.11 -11.46 -4.59
C THR A 1144 50.17 -10.61 -5.85
N ASN A 1145 49.41 -9.52 -5.87
CA ASN A 1145 49.34 -8.63 -7.03
C ASN A 1145 49.09 -9.48 -8.28
N SER A 1146 48.11 -10.36 -8.20
CA SER A 1146 47.75 -11.21 -9.32
C SER A 1146 46.24 -11.42 -9.33
N GLY A 1147 45.74 -11.93 -10.45
CA GLY A 1147 44.31 -12.17 -10.58
C GLY A 1147 43.61 -11.03 -11.30
N ASN A 1148 42.49 -11.33 -11.95
CA ASN A 1148 41.74 -10.32 -12.67
C ASN A 1148 40.82 -9.50 -11.79
N ALA A 1149 41.09 -8.20 -11.71
CA ALA A 1149 40.28 -7.30 -10.91
C ALA A 1149 39.08 -6.86 -11.74
N PHE A 1150 39.30 -6.68 -13.04
CA PHE A 1150 38.22 -6.22 -13.92
C PHE A 1150 37.99 -7.09 -15.13
N HIS A 1151 36.78 -7.03 -15.65
CA HIS A 1151 36.39 -7.81 -16.83
C HIS A 1151 36.90 -7.12 -18.11
N TYR A 1152 36.96 -5.79 -18.07
CA TYR A 1152 37.46 -5.00 -19.20
C TYR A 1152 37.52 -3.55 -18.74
N PHE A 1153 38.01 -2.67 -19.61
CA PHE A 1153 38.11 -1.25 -19.26
C PHE A 1153 37.36 -0.36 -20.24
N THR A 1154 36.79 0.72 -19.72
CA THR A 1154 36.07 1.69 -20.55
C THR A 1154 37.04 2.85 -20.68
N TYR A 1155 37.16 3.39 -21.89
CA TYR A 1155 38.10 4.47 -22.13
C TYR A 1155 37.50 5.74 -22.71
N GLY A 1156 38.26 6.83 -22.64
CA GLY A 1156 37.79 8.09 -23.16
C GLY A 1156 38.83 9.17 -23.08
N VAL A 1157 38.62 10.24 -23.84
CA VAL A 1157 39.54 11.38 -23.86
C VAL A 1157 38.73 12.66 -23.94
N ALA A 1158 39.19 13.68 -23.23
CA ALA A 1158 38.49 14.96 -23.24
C ALA A 1158 39.46 16.12 -23.34
N CYS A 1159 39.09 17.10 -24.15
CA CYS A 1159 39.88 18.31 -24.33
C CYS A 1159 38.99 19.47 -23.92
N SER A 1160 39.49 20.32 -23.03
CA SER A 1160 38.72 21.47 -22.56
C SER A 1160 39.52 22.76 -22.59
N GLU A 1161 38.82 23.86 -22.87
CA GLU A 1161 39.44 25.18 -22.92
C GLU A 1161 38.66 26.08 -21.99
N VAL A 1162 39.35 26.92 -21.24
CA VAL A 1162 38.70 27.84 -20.32
C VAL A 1162 39.32 29.22 -20.41
N GLU A 1163 38.63 30.19 -19.82
CA GLU A 1163 39.13 31.55 -19.76
C GLU A 1163 38.94 31.98 -18.31
N ILE A 1164 40.00 32.42 -17.66
CA ILE A 1164 39.88 32.85 -16.28
C ILE A 1164 39.99 34.36 -16.15
N ASP A 1165 39.30 34.89 -15.14
CA ASP A 1165 39.35 36.31 -14.85
C ASP A 1165 40.40 36.36 -13.75
N CYS A 1166 41.59 36.82 -14.09
CA CYS A 1166 42.69 36.89 -13.14
C CYS A 1166 42.41 37.83 -11.98
N LEU A 1167 41.39 38.67 -12.13
CA LEU A 1167 41.07 39.63 -11.08
C LEU A 1167 39.97 39.18 -10.12
N THR A 1168 39.15 38.21 -10.51
CA THR A 1168 38.05 37.76 -9.64
C THR A 1168 38.04 36.27 -9.29
N GLY A 1169 38.64 35.44 -10.14
CA GLY A 1169 38.64 34.01 -9.87
C GLY A 1169 37.57 33.30 -10.67
N ASP A 1170 36.62 34.07 -11.20
CA ASP A 1170 35.57 33.49 -12.03
C ASP A 1170 36.22 32.98 -13.31
N HIS A 1171 35.53 32.09 -14.03
CA HIS A 1171 36.08 31.57 -15.28
C HIS A 1171 34.97 31.04 -16.19
N LYS A 1172 35.30 30.84 -17.45
CA LYS A 1172 34.34 30.31 -18.40
C LYS A 1172 34.86 29.00 -18.96
N ASN A 1173 33.95 28.06 -19.17
CA ASN A 1173 34.31 26.80 -19.77
C ASN A 1173 33.94 27.06 -21.23
N LEU A 1174 34.92 27.45 -22.02
CA LEU A 1174 34.70 27.79 -23.42
C LEU A 1174 34.28 26.62 -24.29
N ARG A 1175 35.11 25.58 -24.29
CA ARG A 1175 34.83 24.42 -25.12
C ARG A 1175 35.37 23.12 -24.57
N THR A 1176 34.61 22.05 -24.79
CA THR A 1176 35.01 20.73 -24.36
C THR A 1176 34.65 19.74 -25.46
N ASP A 1177 35.60 18.86 -25.77
CA ASP A 1177 35.42 17.84 -26.79
C ASP A 1177 35.73 16.49 -26.13
N ILE A 1178 34.78 15.57 -26.22
CA ILE A 1178 34.95 14.25 -25.63
C ILE A 1178 34.77 13.14 -26.67
N VAL A 1179 35.67 12.16 -26.62
CA VAL A 1179 35.56 11.00 -27.49
C VAL A 1179 35.54 9.87 -26.47
N MET A 1180 34.42 9.16 -26.40
CA MET A 1180 34.26 8.07 -25.44
C MET A 1180 34.07 6.72 -26.13
N ASP A 1181 34.72 5.70 -25.60
CA ASP A 1181 34.59 4.36 -26.13
C ASP A 1181 33.65 3.55 -25.24
N VAL A 1182 32.41 3.38 -25.71
CA VAL A 1182 31.41 2.61 -24.97
C VAL A 1182 31.07 1.37 -25.77
N GLY A 1183 32.03 0.92 -26.57
CA GLY A 1183 31.80 -0.25 -27.41
C GLY A 1183 30.62 0.04 -28.31
N SER A 1184 29.85 -0.98 -28.65
CA SER A 1184 28.68 -0.78 -29.47
C SER A 1184 27.54 -0.42 -28.51
N SER A 1185 27.30 0.88 -28.35
CA SER A 1185 26.26 1.37 -27.46
C SER A 1185 24.91 0.70 -27.62
N LEU A 1186 24.26 0.37 -26.50
CA LEU A 1186 22.94 -0.25 -26.55
C LEU A 1186 21.92 0.84 -26.82
N ASN A 1187 22.25 2.06 -26.39
CA ASN A 1187 21.38 3.22 -26.58
C ASN A 1187 22.27 4.46 -26.53
N PRO A 1188 22.66 4.97 -27.72
CA PRO A 1188 23.53 6.14 -27.76
C PRO A 1188 22.97 7.41 -27.11
N ALA A 1189 21.64 7.53 -27.03
CA ALA A 1189 21.02 8.70 -26.40
C ALA A 1189 21.31 8.65 -24.90
N ILE A 1190 21.05 7.48 -24.30
CA ILE A 1190 21.29 7.32 -22.86
C ILE A 1190 22.79 7.37 -22.55
N ASP A 1191 23.60 6.75 -23.40
CA ASP A 1191 25.04 6.75 -23.15
C ASP A 1191 25.69 8.12 -23.30
N ILE A 1192 25.24 8.93 -24.25
CA ILE A 1192 25.81 10.26 -24.38
C ILE A 1192 25.35 11.06 -23.15
N GLY A 1193 24.12 10.77 -22.70
CA GLY A 1193 23.60 11.45 -21.52
C GLY A 1193 24.41 11.10 -20.29
N GLN A 1194 24.90 9.87 -20.21
CA GLN A 1194 25.70 9.44 -19.08
C GLN A 1194 27.07 10.11 -19.16
N VAL A 1195 27.59 10.23 -20.37
CA VAL A 1195 28.88 10.87 -20.59
C VAL A 1195 28.80 12.34 -20.20
N GLU A 1196 27.79 13.05 -20.71
CA GLU A 1196 27.63 14.47 -20.41
C GLU A 1196 27.35 14.71 -18.93
N GLY A 1197 26.51 13.85 -18.35
CA GLY A 1197 26.17 14.01 -16.94
C GLY A 1197 27.33 13.71 -16.00
N ALA A 1198 28.06 12.63 -16.27
CA ALA A 1198 29.18 12.28 -15.42
C ALA A 1198 30.23 13.38 -15.55
N PHE A 1199 30.43 13.86 -16.78
CA PHE A 1199 31.40 14.92 -17.03
C PHE A 1199 31.10 16.18 -16.22
N VAL A 1200 29.82 16.55 -16.13
CA VAL A 1200 29.45 17.75 -15.38
C VAL A 1200 29.61 17.55 -13.87
N GLN A 1201 29.40 16.33 -13.38
CA GLN A 1201 29.59 16.08 -11.94
C GLN A 1201 31.08 16.15 -11.61
N GLY A 1202 31.93 15.77 -12.55
CA GLY A 1202 33.37 15.82 -12.32
C GLY A 1202 33.78 17.28 -12.33
N LEU A 1203 33.22 18.00 -13.30
CA LEU A 1203 33.49 19.43 -13.44
C LEU A 1203 33.14 20.09 -12.11
N GLY A 1204 32.06 19.63 -11.50
CA GLY A 1204 31.64 20.18 -10.22
C GLY A 1204 32.62 19.84 -9.11
N LEU A 1205 33.05 18.60 -9.07
CA LEU A 1205 34.00 18.13 -8.06
C LEU A 1205 35.33 18.87 -8.11
N PHE A 1206 35.78 19.18 -9.31
CA PHE A 1206 37.08 19.82 -9.48
C PHE A 1206 37.12 21.33 -9.55
N THR A 1207 35.97 21.99 -9.71
CA THR A 1207 35.98 23.44 -9.84
C THR A 1207 34.93 24.26 -9.09
N LEU A 1208 33.83 23.65 -8.67
CA LEU A 1208 32.79 24.42 -8.00
C LEU A 1208 32.34 23.96 -6.62
N GLU A 1209 32.24 22.65 -6.44
CA GLU A 1209 31.77 22.07 -5.20
C GLU A 1209 32.77 21.98 -4.07
N GLU A 1210 32.39 22.56 -2.93
CA GLU A 1210 33.25 22.55 -1.75
C GLU A 1210 32.42 22.56 -0.47
N LEU A 1211 32.80 21.70 0.46
CA LEU A 1211 32.12 21.60 1.74
C LEU A 1211 33.04 22.21 2.80
N HIS A 1212 32.49 23.09 3.63
CA HIS A 1212 33.27 23.73 4.66
C HIS A 1212 32.84 23.24 6.04
N TYR A 1213 33.82 22.92 6.87
CA TYR A 1213 33.58 22.43 8.23
C TYR A 1213 34.28 23.31 9.26
N SER A 1214 33.64 23.50 10.41
CA SER A 1214 34.25 24.29 11.48
C SER A 1214 35.41 23.44 12.00
N PRO A 1215 36.32 24.04 12.78
CA PRO A 1215 37.45 23.26 13.29
C PRO A 1215 36.98 22.13 14.21
N GLU A 1216 35.79 22.30 14.81
CA GLU A 1216 35.23 21.29 15.71
C GLU A 1216 34.50 20.16 14.97
N GLY A 1217 34.49 20.22 13.63
CA GLY A 1217 33.83 19.18 12.86
C GLY A 1217 32.36 19.37 12.52
N SER A 1218 31.88 20.61 12.51
CA SER A 1218 30.49 20.85 12.17
C SER A 1218 30.36 21.42 10.77
N LEU A 1219 29.66 20.70 9.90
CA LEU A 1219 29.46 21.12 8.52
C LEU A 1219 28.73 22.47 8.42
N HIS A 1220 29.34 23.40 7.67
CA HIS A 1220 28.75 24.72 7.48
C HIS A 1220 27.80 24.75 6.28
N THR A 1221 28.22 24.14 5.18
CA THR A 1221 27.45 24.11 3.95
C THR A 1221 26.43 22.98 3.91
N ARG A 1222 25.17 23.32 4.18
CA ARG A 1222 24.10 22.34 4.22
C ARG A 1222 22.93 22.64 3.28
N GLY A 1223 23.21 23.32 2.18
CA GLY A 1223 22.14 23.63 1.24
C GLY A 1223 22.66 24.19 -0.08
N PRO A 1224 21.82 24.23 -1.11
CA PRO A 1224 22.24 24.75 -2.42
C PRO A 1224 22.70 26.20 -2.36
N SER A 1225 22.30 26.92 -1.32
CA SER A 1225 22.70 28.32 -1.18
C SER A 1225 24.20 28.43 -0.93
N THR A 1226 24.77 27.46 -0.20
CA THR A 1226 26.20 27.47 0.10
C THR A 1226 27.00 26.39 -0.62
N TYR A 1227 26.34 25.33 -1.07
CA TYR A 1227 27.04 24.26 -1.78
C TYR A 1227 26.63 24.44 -3.23
N LYS A 1228 27.59 24.84 -4.07
CA LYS A 1228 27.30 25.11 -5.46
C LYS A 1228 27.65 24.04 -6.48
N ILE A 1229 26.64 23.32 -6.95
CA ILE A 1229 26.85 22.31 -7.97
C ILE A 1229 26.75 23.02 -9.33
N PRO A 1230 27.16 22.37 -10.42
CA PRO A 1230 27.08 23.02 -11.72
C PRO A 1230 25.65 23.48 -12.04
N ALA A 1231 25.54 24.66 -12.65
CA ALA A 1231 24.24 25.22 -13.02
C ALA A 1231 24.12 25.20 -14.54
N PHE A 1232 22.95 25.53 -15.06
CA PHE A 1232 22.76 25.55 -16.52
C PHE A 1232 23.91 26.34 -17.17
N GLY A 1233 24.23 27.49 -16.59
CA GLY A 1233 25.29 28.33 -17.14
C GLY A 1233 26.71 27.87 -16.86
N SER A 1234 26.88 26.74 -16.17
CA SER A 1234 28.21 26.23 -15.84
C SER A 1234 28.85 25.32 -16.89
N ILE A 1235 28.07 24.77 -17.80
CA ILE A 1235 28.61 23.85 -18.81
C ILE A 1235 29.38 24.49 -19.95
N PRO A 1236 30.24 23.70 -20.63
CA PRO A 1236 31.01 24.25 -21.74
C PRO A 1236 30.07 24.82 -22.78
N THR A 1237 30.31 26.06 -23.18
CA THR A 1237 29.48 26.74 -24.17
C THR A 1237 29.44 25.93 -25.46
N GLU A 1238 30.60 25.46 -25.90
CA GLU A 1238 30.67 24.61 -27.07
C GLU A 1238 30.91 23.23 -26.45
N PHE A 1239 29.92 22.35 -26.56
CA PHE A 1239 29.98 21.03 -25.96
C PHE A 1239 29.86 19.92 -27.00
N ARG A 1240 30.96 19.23 -27.28
CA ARG A 1240 30.97 18.16 -28.27
C ARG A 1240 31.28 16.79 -27.68
N VAL A 1241 30.44 15.81 -28.01
CA VAL A 1241 30.61 14.45 -27.52
C VAL A 1241 30.48 13.45 -28.67
N SER A 1242 31.44 12.54 -28.75
CA SER A 1242 31.44 11.51 -29.79
C SER A 1242 31.66 10.14 -29.17
N LEU A 1243 30.91 9.15 -29.65
CA LEU A 1243 31.05 7.78 -29.19
C LEU A 1243 31.95 7.11 -30.24
N LEU A 1244 33.03 6.50 -29.79
CA LEU A 1244 33.97 5.85 -30.71
C LEU A 1244 33.23 4.83 -31.56
N ARG A 1245 33.38 4.92 -32.88
CA ARG A 1245 32.71 3.99 -33.76
C ARG A 1245 33.54 2.73 -34.04
N ASP A 1246 32.86 1.67 -34.44
CA ASP A 1246 33.50 0.40 -34.76
C ASP A 1246 34.48 -0.07 -33.69
N CYS A 1247 33.95 -0.37 -32.52
CA CYS A 1247 34.76 -0.85 -31.41
C CYS A 1247 33.98 -1.82 -30.52
N PRO A 1248 33.37 -2.86 -31.14
CA PRO A 1248 32.59 -3.83 -30.37
C PRO A 1248 33.38 -4.45 -29.21
N ASN A 1249 32.71 -4.63 -28.08
CA ASN A 1249 33.31 -5.22 -26.89
C ASN A 1249 32.73 -6.61 -26.69
N LYS A 1250 33.50 -7.64 -27.04
CA LYS A 1250 33.02 -9.01 -26.91
C LYS A 1250 32.83 -9.48 -25.48
N LYS A 1251 33.22 -8.66 -24.51
CA LYS A 1251 33.08 -9.04 -23.10
C LYS A 1251 31.72 -8.71 -22.48
N ALA A 1252 30.87 -7.98 -23.19
CA ALA A 1252 29.56 -7.62 -22.63
C ALA A 1252 28.38 -7.73 -23.59
N ILE A 1253 27.18 -7.77 -23.00
CA ILE A 1253 25.93 -7.89 -23.74
C ILE A 1253 25.86 -7.04 -25.00
N TYR A 1254 25.62 -7.71 -26.13
CA TYR A 1254 25.53 -7.08 -27.45
C TYR A 1254 26.70 -6.13 -27.78
N ALA A 1255 27.89 -6.50 -27.30
CA ALA A 1255 29.11 -5.75 -27.57
C ALA A 1255 29.20 -4.34 -26.97
N SER A 1256 28.37 -4.05 -25.98
CA SER A 1256 28.40 -2.73 -25.34
C SER A 1256 29.42 -2.66 -24.21
N LYS A 1257 29.51 -1.48 -23.58
CA LYS A 1257 30.44 -1.26 -22.46
C LYS A 1257 29.76 -0.41 -21.40
N ALA A 1258 30.15 -0.61 -20.14
CA ALA A 1258 29.62 0.14 -19.01
C ALA A 1258 29.94 1.62 -19.26
N VAL A 1259 29.03 2.52 -18.88
CA VAL A 1259 29.24 3.95 -19.12
C VAL A 1259 28.99 4.86 -17.90
N GLY A 1260 28.32 4.32 -16.89
CA GLY A 1260 27.99 5.14 -15.72
C GLY A 1260 29.05 6.02 -15.08
N GLU A 1261 30.15 5.42 -14.65
CA GLU A 1261 31.22 6.18 -13.97
C GLU A 1261 32.44 6.63 -14.77
N PRO A 1262 32.90 5.82 -15.73
CA PRO A 1262 34.07 6.16 -16.55
C PRO A 1262 34.28 7.60 -16.99
N PRO A 1263 33.23 8.26 -17.52
CA PRO A 1263 33.36 9.65 -17.99
C PRO A 1263 33.59 10.74 -16.96
N LEU A 1264 33.21 10.48 -15.72
CA LEU A 1264 33.34 11.50 -14.69
C LEU A 1264 34.73 12.14 -14.55
N PHE A 1265 35.78 11.33 -14.51
CA PHE A 1265 37.11 11.91 -14.35
C PHE A 1265 37.47 12.89 -15.46
N LEU A 1266 36.90 12.71 -16.65
CA LEU A 1266 37.19 13.58 -17.76
C LEU A 1266 36.92 15.05 -17.43
N GLY A 1267 36.14 15.28 -16.38
CA GLY A 1267 35.84 16.64 -15.97
C GLY A 1267 37.12 17.33 -15.50
N ALA A 1268 38.13 16.52 -15.17
CA ALA A 1268 39.41 17.04 -14.69
C ALA A 1268 40.10 17.86 -15.78
N SER A 1269 39.74 17.61 -17.04
CA SER A 1269 40.33 18.35 -18.15
C SER A 1269 40.07 19.84 -17.95
N VAL A 1270 38.97 20.18 -17.31
CA VAL A 1270 38.65 21.59 -17.05
C VAL A 1270 39.60 22.11 -15.96
N PHE A 1271 39.87 21.27 -14.97
CA PHE A 1271 40.76 21.65 -13.87
C PHE A 1271 42.16 21.96 -14.38
N PHE A 1272 42.67 21.11 -15.26
CA PHE A 1272 44.02 21.32 -15.76
C PHE A 1272 44.13 22.41 -16.82
N ALA A 1273 43.02 22.74 -17.47
CA ALA A 1273 43.04 23.81 -18.44
C ALA A 1273 43.13 25.09 -17.58
N ILE A 1274 42.43 25.08 -16.46
CA ILE A 1274 42.43 26.20 -15.53
C ILE A 1274 43.84 26.41 -15.00
N LYS A 1275 44.49 25.32 -14.63
CA LYS A 1275 45.85 25.41 -14.09
C LYS A 1275 46.79 25.95 -15.16
N ASP A 1276 46.52 25.59 -16.41
CA ASP A 1276 47.33 26.06 -17.52
C ASP A 1276 47.19 27.58 -17.56
N ALA A 1277 45.95 28.05 -17.44
CA ALA A 1277 45.65 29.47 -17.46
C ALA A 1277 46.32 30.20 -16.30
N ILE A 1278 46.28 29.60 -15.11
CA ILE A 1278 46.90 30.21 -13.94
C ILE A 1278 48.40 30.39 -14.16
N ARG A 1279 49.02 29.44 -14.83
CA ARG A 1279 50.46 29.55 -15.12
C ARG A 1279 50.70 30.79 -15.97
N ALA A 1280 49.85 30.98 -16.98
CA ALA A 1280 49.97 32.13 -17.87
C ALA A 1280 49.90 33.42 -17.07
N ALA A 1281 48.97 33.47 -16.12
CA ALA A 1281 48.79 34.63 -15.26
C ALA A 1281 50.00 34.86 -14.35
N ARG A 1282 50.57 33.77 -13.85
CA ARG A 1282 51.73 33.86 -12.97
C ARG A 1282 52.96 34.33 -13.76
N ALA A 1283 53.08 33.87 -15.01
CA ALA A 1283 54.20 34.27 -15.85
C ALA A 1283 54.05 35.75 -16.16
N GLN A 1284 52.79 36.22 -16.15
CA GLN A 1284 52.47 37.61 -16.45
C GLN A 1284 52.76 38.57 -15.30
N HIS A 1285 52.39 38.20 -14.07
CA HIS A 1285 52.59 39.08 -12.93
C HIS A 1285 53.38 38.53 -11.73
N THR A 1286 53.40 37.21 -11.56
CA THR A 1286 54.10 36.61 -10.42
C THR A 1286 55.62 36.58 -10.54
N ASN A 1287 56.14 35.74 -11.42
CA ASN A 1287 57.59 35.65 -11.61
C ASN A 1287 57.93 35.24 -13.03
N ASN A 1288 59.18 34.81 -13.24
CA ASN A 1288 59.64 34.42 -14.58
C ASN A 1288 60.15 32.98 -14.63
N ASN A 1289 59.88 32.21 -13.59
CA ASN A 1289 60.32 30.81 -13.55
C ASN A 1289 59.35 29.96 -14.35
N THR A 1290 59.69 29.74 -15.63
CA THR A 1290 58.83 28.96 -16.52
C THR A 1290 58.73 27.49 -16.15
N LYS A 1291 59.47 27.06 -15.13
CA LYS A 1291 59.43 25.67 -14.71
C LYS A 1291 59.01 25.56 -13.24
N GLU A 1292 58.41 26.62 -12.74
CA GLU A 1292 57.94 26.65 -11.36
C GLU A 1292 56.76 25.71 -11.20
N LEU A 1293 56.70 25.02 -10.06
CA LEU A 1293 55.61 24.10 -9.81
C LEU A 1293 54.80 24.58 -8.61
N PHE A 1294 53.73 25.32 -8.88
CA PHE A 1294 52.88 25.82 -7.82
C PHE A 1294 51.78 24.80 -7.56
N ARG A 1295 51.46 24.60 -6.30
CA ARG A 1295 50.43 23.65 -5.93
C ARG A 1295 49.02 24.19 -6.12
N LEU A 1296 48.14 23.33 -6.62
CA LEU A 1296 46.75 23.71 -6.83
C LEU A 1296 45.91 22.50 -6.43
N ASP A 1297 45.26 22.58 -5.27
CA ASP A 1297 44.42 21.50 -4.80
C ASP A 1297 43.05 21.59 -5.46
N SER A 1298 42.25 20.54 -5.28
CA SER A 1298 40.89 20.50 -5.83
C SER A 1298 39.94 20.72 -4.65
N PRO A 1299 38.83 21.44 -4.89
CA PRO A 1299 38.42 22.03 -6.17
C PRO A 1299 39.06 23.39 -6.45
N ALA A 1300 39.38 23.63 -7.72
CA ALA A 1300 39.96 24.90 -8.14
C ALA A 1300 38.81 25.89 -8.20
N THR A 1301 38.45 26.42 -7.04
CA THR A 1301 37.36 27.38 -6.90
C THR A 1301 37.85 28.80 -7.21
N PRO A 1302 36.92 29.77 -7.25
CA PRO A 1302 37.34 31.14 -7.53
C PRO A 1302 38.38 31.62 -6.51
N GLU A 1303 38.24 31.16 -5.27
CA GLU A 1303 39.20 31.55 -4.23
C GLU A 1303 40.61 31.03 -4.56
N LYS A 1304 40.70 29.76 -4.93
CA LYS A 1304 42.01 29.19 -5.25
C LYS A 1304 42.58 29.76 -6.54
N ILE A 1305 41.71 30.01 -7.52
CA ILE A 1305 42.17 30.57 -8.77
C ILE A 1305 42.70 31.98 -8.57
N ARG A 1306 41.92 32.83 -7.90
CA ARG A 1306 42.34 34.21 -7.65
C ARG A 1306 43.61 34.29 -6.82
N ASN A 1307 43.69 33.52 -5.74
CA ASN A 1307 44.87 33.54 -4.88
C ASN A 1307 46.11 33.07 -5.62
N ALA A 1308 45.93 32.18 -6.59
CA ALA A 1308 47.06 31.67 -7.36
C ALA A 1308 47.57 32.72 -8.34
N CYS A 1309 46.69 33.63 -8.75
CA CYS A 1309 47.10 34.68 -9.67
C CYS A 1309 47.77 35.80 -8.89
N VAL A 1310 48.92 35.48 -8.31
CA VAL A 1310 49.69 36.42 -7.52
C VAL A 1310 50.05 37.66 -8.32
N ASP A 1311 49.77 38.83 -7.75
CA ASP A 1311 50.05 40.10 -8.41
C ASP A 1311 50.24 41.21 -7.38
N LYS A 1312 50.26 42.45 -7.84
CA LYS A 1312 50.44 43.59 -6.96
C LYS A 1312 49.33 43.71 -5.93
N PHE A 1313 48.14 43.23 -6.27
CA PHE A 1313 47.00 43.31 -5.36
C PHE A 1313 47.04 42.23 -4.28
N THR A 1314 47.24 40.98 -4.68
CA THR A 1314 47.31 39.90 -3.70
C THR A 1314 48.44 40.21 -2.72
N THR A 1315 49.53 40.76 -3.25
CA THR A 1315 50.68 41.09 -2.42
C THR A 1315 50.37 42.16 -1.37
N LEU A 1316 49.55 43.14 -1.70
CA LEU A 1316 49.19 44.19 -0.75
C LEU A 1316 48.32 43.69 0.39
N CYS A 1317 47.46 42.71 0.09
CA CYS A 1317 46.57 42.15 1.11
C CYS A 1317 47.30 41.23 2.07
N LYS A 1326 58.01 40.98 8.64
CA LYS A 1326 58.81 42.12 9.19
C LYS A 1326 59.52 41.74 10.48
N PRO A 1327 60.20 40.59 10.51
CA PRO A 1327 60.91 40.18 11.72
C PRO A 1327 62.09 41.10 12.04
N TRP A 1328 62.43 41.16 13.32
CA TRP A 1328 63.53 42.00 13.77
C TRP A 1328 64.83 41.63 13.05
N SER A 1329 65.10 40.33 12.92
CA SER A 1329 66.31 39.89 12.25
C SER A 1329 66.04 38.70 11.32
N LEU A 1330 67.01 38.44 10.44
CA LEU A 1330 66.93 37.33 9.49
C LEU A 1330 68.35 36.87 9.19
N ARG A 1331 68.60 35.58 9.30
CA ARG A 1331 69.94 35.06 9.05
C ARG A 1331 70.36 35.32 7.61
N VAL A 1332 71.65 35.63 7.42
CA VAL A 1332 72.18 35.92 6.11
C VAL A 1332 72.73 34.68 5.41
N ALA B 3 -23.32 19.35 22.30
CA ALA B 3 -23.33 17.89 22.59
C ALA B 3 -22.34 17.52 23.69
N ASP B 4 -22.73 16.58 24.55
CA ASP B 4 -21.89 16.10 25.63
C ASP B 4 -20.85 15.14 25.09
N GLU B 5 -19.76 14.95 25.84
CA GLU B 5 -18.72 14.04 25.41
C GLU B 5 -19.15 12.60 25.72
N LEU B 6 -18.77 11.67 24.86
CA LEU B 6 -19.07 10.25 25.05
C LEU B 6 -17.80 9.64 25.60
N VAL B 7 -17.88 9.12 26.82
CA VAL B 7 -16.70 8.54 27.45
C VAL B 7 -16.87 7.06 27.80
N PHE B 8 -16.02 6.23 27.21
CA PHE B 8 -16.03 4.79 27.47
C PHE B 8 -14.62 4.25 27.35
N PHE B 9 -14.44 2.97 27.67
CA PHE B 9 -13.11 2.38 27.59
C PHE B 9 -13.07 1.20 26.63
N VAL B 10 -11.90 1.01 26.00
CA VAL B 10 -11.70 -0.08 25.07
C VAL B 10 -10.38 -0.73 25.41
N ASN B 11 -10.44 -1.99 25.82
CA ASN B 11 -9.25 -2.74 26.22
C ASN B 11 -8.45 -1.97 27.28
N GLY B 12 -9.16 -1.33 28.20
CA GLY B 12 -8.50 -0.61 29.28
C GLY B 12 -8.13 0.84 29.01
N LYS B 13 -8.08 1.24 27.75
CA LYS B 13 -7.72 2.61 27.39
C LYS B 13 -8.97 3.48 27.33
N LYS B 14 -8.89 4.69 27.91
CA LYS B 14 -10.05 5.57 27.89
C LYS B 14 -10.27 6.19 26.51
N VAL B 15 -11.52 6.33 26.13
CA VAL B 15 -11.87 6.92 24.85
C VAL B 15 -12.78 8.11 25.13
N VAL B 16 -12.43 9.25 24.57
CA VAL B 16 -13.25 10.44 24.74
C VAL B 16 -13.69 10.90 23.37
N GLU B 17 -14.96 10.64 23.05
CA GLU B 17 -15.50 11.04 21.75
C GLU B 17 -16.32 12.32 21.92
N LYS B 18 -15.75 13.43 21.46
CA LYS B 18 -16.40 14.72 21.59
C LYS B 18 -17.54 14.99 20.61
N ASN B 19 -17.61 14.19 19.55
CA ASN B 19 -18.67 14.37 18.56
C ASN B 19 -19.28 13.04 18.15
N ALA B 20 -19.78 12.30 19.13
CA ALA B 20 -20.39 11.00 18.87
C ALA B 20 -21.63 11.15 18.00
N ASP B 21 -21.69 10.37 16.92
CA ASP B 21 -22.84 10.38 16.04
C ASP B 21 -23.73 9.20 16.43
N PRO B 22 -24.97 9.47 16.84
CA PRO B 22 -25.91 8.43 17.26
C PRO B 22 -26.00 7.22 16.34
N GLU B 23 -25.69 7.42 15.06
CA GLU B 23 -25.76 6.33 14.09
C GLU B 23 -24.51 5.45 14.03
N THR B 24 -23.45 5.85 14.72
CA THR B 24 -22.21 5.07 14.70
C THR B 24 -22.28 3.80 15.55
N THR B 25 -22.04 2.65 14.93
CA THR B 25 -22.04 1.38 15.66
C THR B 25 -20.65 1.19 16.26
N LEU B 26 -20.55 0.31 17.26
CA LEU B 26 -19.27 0.03 17.88
C LEU B 26 -18.31 -0.61 16.88
N LEU B 27 -18.82 -1.51 16.04
CA LEU B 27 -17.98 -2.17 15.05
C LEU B 27 -17.30 -1.18 14.12
N ALA B 28 -18.06 -0.23 13.61
CA ALA B 28 -17.50 0.79 12.72
C ALA B 28 -16.47 1.61 13.46
N TYR B 29 -16.78 1.95 14.71
CA TYR B 29 -15.88 2.76 15.52
C TYR B 29 -14.55 2.06 15.76
N LEU B 30 -14.60 0.79 16.17
CA LEU B 30 -13.41 -0.01 16.43
C LEU B 30 -12.55 -0.12 15.17
N ARG B 31 -13.20 -0.47 14.06
CA ARG B 31 -12.52 -0.64 12.80
C ARG B 31 -12.04 0.61 12.07
N ARG B 32 -12.85 1.67 12.06
CA ARG B 32 -12.47 2.88 11.33
C ARG B 32 -11.85 4.00 12.17
N LYS B 33 -12.17 4.05 13.46
CA LYS B 33 -11.64 5.12 14.30
C LYS B 33 -10.53 4.67 15.25
N LEU B 34 -10.68 3.50 15.86
CA LEU B 34 -9.68 3.02 16.79
C LEU B 34 -8.59 2.12 16.21
N GLY B 35 -8.76 1.70 14.96
CA GLY B 35 -7.75 0.85 14.34
C GLY B 35 -7.64 -0.57 14.87
N LEU B 36 -8.74 -1.07 15.44
CA LEU B 36 -8.75 -2.44 15.99
C LEU B 36 -9.59 -3.28 15.04
N ARG B 37 -8.93 -3.87 14.06
CA ARG B 37 -9.60 -4.66 13.05
C ARG B 37 -9.83 -6.14 13.36
N GLY B 38 -9.56 -6.54 14.59
CA GLY B 38 -9.78 -7.94 14.98
C GLY B 38 -11.25 -8.30 14.91
N THR B 39 -12.11 -7.36 15.27
CA THR B 39 -13.56 -7.57 15.24
C THR B 39 -14.00 -7.43 13.78
N LYS B 40 -14.79 -8.38 13.29
CA LYS B 40 -15.22 -8.39 11.90
C LYS B 40 -16.70 -8.15 11.62
N LEU B 41 -16.98 -7.86 10.35
CA LEU B 41 -18.33 -7.66 9.86
C LEU B 41 -18.65 -8.90 9.04
N GLY B 42 -19.68 -9.64 9.45
CA GLY B 42 -20.05 -10.84 8.74
C GLY B 42 -21.46 -10.81 8.17
N CYS B 43 -22.33 -9.99 8.77
CA CYS B 43 -23.71 -9.92 8.31
C CYS B 43 -24.39 -8.58 8.61
N GLY B 44 -23.97 -7.93 9.69
CA GLY B 44 -24.59 -6.66 10.04
C GLY B 44 -25.99 -6.77 10.61
N GLU B 45 -26.48 -8.00 10.78
CA GLU B 45 -27.82 -8.16 11.34
C GLU B 45 -27.89 -9.01 12.60
N GLY B 46 -26.76 -9.15 13.28
CA GLY B 46 -26.73 -9.90 14.54
C GLY B 46 -26.83 -11.41 14.52
N GLY B 47 -26.77 -12.02 13.34
CA GLY B 47 -26.89 -13.46 13.26
C GLY B 47 -25.65 -14.33 13.08
N CYS B 48 -24.47 -13.73 12.91
CA CYS B 48 -23.27 -14.53 12.70
C CYS B 48 -22.27 -14.48 13.86
N GLY B 49 -22.32 -13.41 14.65
CA GLY B 49 -21.44 -13.27 15.80
C GLY B 49 -19.99 -12.93 15.54
N ALA B 50 -19.61 -12.73 14.27
CA ALA B 50 -18.24 -12.39 13.92
C ALA B 50 -17.79 -11.07 14.54
N CYS B 51 -18.75 -10.24 14.96
CA CYS B 51 -18.47 -8.94 15.57
C CYS B 51 -18.57 -8.97 17.10
N THR B 52 -18.65 -10.16 17.67
CA THR B 52 -18.78 -10.27 19.11
C THR B 52 -17.66 -9.62 19.90
N VAL B 53 -18.05 -8.93 20.98
CA VAL B 53 -17.09 -8.29 21.89
C VAL B 53 -17.65 -8.48 23.30
N MET B 54 -16.86 -8.17 24.31
CA MET B 54 -17.37 -8.28 25.66
C MET B 54 -17.55 -6.88 26.19
N LEU B 55 -18.60 -6.69 26.98
CA LEU B 55 -18.86 -5.38 27.58
C LEU B 55 -18.87 -5.57 29.10
N SER B 56 -18.26 -4.65 29.81
CA SER B 56 -18.21 -4.72 31.27
C SER B 56 -18.67 -3.38 31.83
N LYS B 57 -19.42 -3.44 32.93
CA LYS B 57 -19.92 -2.22 33.55
C LYS B 57 -20.25 -2.45 35.01
N TYR B 58 -20.26 -1.36 35.77
CA TYR B 58 -20.59 -1.43 37.18
C TYR B 58 -22.11 -1.26 37.26
N ASP B 59 -22.81 -2.31 37.66
CA ASP B 59 -24.26 -2.25 37.77
C ASP B 59 -24.63 -1.62 39.12
N ARG B 60 -25.14 -0.39 39.07
CA ARG B 60 -25.51 0.33 40.28
C ARG B 60 -26.50 -0.44 41.15
N LEU B 61 -27.53 -1.01 40.52
CA LEU B 61 -28.56 -1.74 41.24
C LEU B 61 -28.08 -3.02 41.90
N GLN B 62 -27.10 -3.70 41.29
CA GLN B 62 -26.58 -4.94 41.85
C GLN B 62 -25.34 -4.69 42.69
N ASP B 63 -24.75 -3.51 42.50
CA ASP B 63 -23.54 -3.13 43.22
C ASP B 63 -22.41 -4.11 42.90
N LYS B 64 -22.20 -4.36 41.61
CA LYS B 64 -21.15 -5.27 41.17
C LYS B 64 -20.81 -5.10 39.70
N ILE B 65 -19.61 -5.53 39.32
CA ILE B 65 -19.16 -5.44 37.95
C ILE B 65 -19.72 -6.64 37.18
N ILE B 66 -20.42 -6.38 36.08
CA ILE B 66 -20.96 -7.45 35.27
C ILE B 66 -20.30 -7.46 33.90
N HIS B 67 -20.21 -8.64 33.31
CA HIS B 67 -19.60 -8.84 32.00
C HIS B 67 -20.59 -9.60 31.12
N PHE B 68 -20.75 -9.15 29.88
CA PHE B 68 -21.64 -9.83 28.96
C PHE B 68 -21.18 -9.60 27.52
N SER B 69 -21.59 -10.47 26.61
CA SER B 69 -21.20 -10.32 25.22
C SER B 69 -22.22 -9.50 24.45
N ALA B 70 -21.84 -8.99 23.28
CA ALA B 70 -22.73 -8.18 22.47
C ALA B 70 -22.21 -8.09 21.04
N ASN B 71 -23.14 -7.94 20.10
CA ASN B 71 -22.78 -7.83 18.69
C ASN B 71 -22.37 -6.39 18.43
N ALA B 72 -21.09 -6.17 18.11
CA ALA B 72 -20.63 -4.81 17.85
C ALA B 72 -21.32 -4.17 16.63
N CYS B 73 -21.87 -4.99 15.73
CA CYS B 73 -22.52 -4.45 14.54
C CYS B 73 -23.87 -3.79 14.83
N LEU B 74 -24.44 -4.10 16.00
CA LEU B 74 -25.73 -3.55 16.40
C LEU B 74 -25.66 -2.66 17.64
N ALA B 75 -24.49 -2.60 18.28
CA ALA B 75 -24.34 -1.78 19.48
C ALA B 75 -24.01 -0.33 19.14
N PRO B 76 -24.92 0.60 19.46
CA PRO B 76 -24.64 2.01 19.17
C PRO B 76 -23.59 2.47 20.17
N ILE B 77 -22.61 3.25 19.73
CA ILE B 77 -21.60 3.69 20.70
C ILE B 77 -22.24 4.60 21.73
N CYS B 78 -23.34 5.25 21.36
CA CYS B 78 -24.01 6.15 22.28
C CYS B 78 -24.68 5.45 23.47
N THR B 79 -24.66 4.12 23.50
CA THR B 79 -25.23 3.36 24.61
C THR B 79 -24.10 2.94 25.55
N LEU B 80 -22.87 3.15 25.10
CA LEU B 80 -21.69 2.73 25.86
C LEU B 80 -21.02 3.73 26.81
N HIS B 81 -21.68 4.84 27.14
CA HIS B 81 -21.06 5.79 28.05
C HIS B 81 -20.74 5.09 29.37
N HIS B 82 -19.50 5.21 29.81
CA HIS B 82 -19.03 4.60 31.05
C HIS B 82 -19.10 3.07 31.06
N VAL B 83 -18.89 2.48 29.89
CA VAL B 83 -18.89 1.04 29.73
C VAL B 83 -17.48 0.67 29.26
N ALA B 84 -17.02 -0.51 29.62
CA ALA B 84 -15.68 -0.97 29.23
C ALA B 84 -15.80 -2.08 28.19
N VAL B 85 -15.21 -1.84 27.02
CA VAL B 85 -15.24 -2.80 25.93
C VAL B 85 -13.95 -3.62 25.88
N THR B 86 -14.09 -4.91 25.60
CA THR B 86 -12.94 -5.79 25.45
C THR B 86 -13.10 -6.49 24.09
N THR B 87 -12.12 -6.29 23.21
CA THR B 87 -12.14 -6.93 21.90
C THR B 87 -11.13 -8.08 21.93
N VAL B 88 -11.02 -8.81 20.83
CA VAL B 88 -10.09 -9.92 20.76
C VAL B 88 -8.66 -9.44 21.06
N GLU B 89 -8.31 -8.25 20.59
CA GLU B 89 -6.97 -7.72 20.83
C GLU B 89 -6.73 -7.43 22.31
N GLY B 90 -7.81 -7.31 23.06
CA GLY B 90 -7.68 -7.00 24.48
C GLY B 90 -7.33 -8.16 25.39
N ILE B 91 -7.45 -9.40 24.93
CA ILE B 91 -7.14 -10.53 25.80
C ILE B 91 -5.83 -11.26 25.50
N GLY B 92 -5.17 -10.90 24.41
CA GLY B 92 -3.91 -11.55 24.08
C GLY B 92 -3.54 -11.42 22.62
N SER B 93 -2.33 -11.88 22.27
CA SER B 93 -1.86 -11.79 20.90
C SER B 93 -0.56 -12.55 20.74
N THR B 94 -0.17 -12.81 19.50
CA THR B 94 1.06 -13.53 19.23
C THR B 94 2.28 -12.65 19.53
N LYS B 95 2.06 -11.35 19.64
CA LYS B 95 3.15 -10.42 19.94
C LYS B 95 3.47 -10.40 21.42
N THR B 96 2.53 -10.85 22.24
CA THR B 96 2.73 -10.90 23.69
C THR B 96 2.55 -12.35 24.13
N ARG B 97 1.32 -12.75 24.37
CA ARG B 97 1.02 -14.11 24.77
C ARG B 97 -0.47 -14.33 24.52
N LEU B 98 -0.81 -15.49 23.96
CA LEU B 98 -2.20 -15.79 23.70
C LEU B 98 -2.92 -16.12 24.99
N HIS B 99 -4.19 -15.77 25.05
CA HIS B 99 -5.00 -16.09 26.22
C HIS B 99 -5.39 -17.56 26.01
N PRO B 100 -5.65 -18.29 27.10
CA PRO B 100 -6.04 -19.71 26.99
C PRO B 100 -7.10 -19.98 25.91
N VAL B 101 -8.11 -19.12 25.83
CA VAL B 101 -9.17 -19.32 24.83
C VAL B 101 -8.58 -19.29 23.41
N GLN B 102 -7.65 -18.37 23.16
CA GLN B 102 -7.03 -18.27 21.84
C GLN B 102 -6.09 -19.45 21.58
N GLU B 103 -5.27 -19.78 22.57
CA GLU B 103 -4.33 -20.89 22.43
C GLU B 103 -5.08 -22.18 22.10
N ARG B 104 -6.14 -22.47 22.85
CA ARG B 104 -6.87 -23.70 22.64
C ARG B 104 -7.63 -23.83 21.33
N ILE B 105 -8.32 -22.78 20.88
CA ILE B 105 -9.05 -22.91 19.62
C ILE B 105 -8.07 -23.06 18.47
N ALA B 106 -6.87 -22.49 18.62
CA ALA B 106 -5.84 -22.58 17.59
C ALA B 106 -5.20 -23.97 17.60
N LYS B 107 -4.76 -24.41 18.76
CA LYS B 107 -4.13 -25.73 18.87
C LYS B 107 -5.07 -26.91 18.60
N SER B 108 -6.36 -26.71 18.86
CA SER B 108 -7.35 -27.76 18.66
C SER B 108 -7.86 -27.87 17.24
N HIS B 109 -7.32 -27.01 16.36
CA HIS B 109 -7.71 -26.98 14.96
C HIS B 109 -9.13 -26.45 14.78
N GLY B 110 -9.54 -25.56 15.68
CA GLY B 110 -10.87 -24.99 15.62
C GLY B 110 -10.92 -23.73 14.75
N SER B 111 -9.86 -23.47 14.00
CA SER B 111 -9.81 -22.30 13.14
C SER B 111 -9.28 -22.66 11.76
N GLN B 112 -10.09 -22.43 10.73
CA GLN B 112 -9.68 -22.70 9.36
C GLN B 112 -9.44 -21.40 8.60
N CYS B 113 -10.48 -20.79 8.02
CA CYS B 113 -10.25 -19.53 7.32
C CYS B 113 -9.96 -18.48 8.40
N GLY B 114 -10.51 -18.70 9.59
CA GLY B 114 -10.29 -17.79 10.71
C GLY B 114 -11.13 -16.53 10.84
N PHE B 115 -11.99 -16.23 9.86
CA PHE B 115 -12.79 -15.01 9.93
C PHE B 115 -13.80 -15.00 11.10
N CYS B 116 -14.25 -16.18 11.53
CA CYS B 116 -15.21 -16.28 12.64
C CYS B 116 -14.52 -16.43 14.00
N THR B 117 -13.24 -16.76 13.98
CA THR B 117 -12.51 -17.02 15.22
C THR B 117 -12.54 -15.93 16.30
N PRO B 118 -12.23 -14.67 15.96
CA PRO B 118 -12.28 -13.68 17.03
C PRO B 118 -13.64 -13.63 17.73
N GLY B 119 -14.72 -13.70 16.95
CA GLY B 119 -16.05 -13.65 17.54
C GLY B 119 -16.33 -14.82 18.47
N ILE B 120 -15.91 -16.00 18.07
CA ILE B 120 -16.11 -17.20 18.88
C ILE B 120 -15.25 -17.13 20.15
N VAL B 121 -14.01 -16.67 19.98
CA VAL B 121 -13.08 -16.50 21.10
C VAL B 121 -13.73 -15.58 22.15
N MET B 122 -14.32 -14.48 21.70
CA MET B 122 -14.93 -13.55 22.64
C MET B 122 -16.17 -14.11 23.33
N SER B 123 -16.94 -14.93 22.62
CA SER B 123 -18.12 -15.54 23.24
C SER B 123 -17.63 -16.50 24.33
N MET B 124 -16.56 -17.22 24.05
CA MET B 124 -16.01 -18.18 25.03
C MET B 124 -15.36 -17.41 26.18
N TYR B 125 -14.62 -16.35 25.86
CA TYR B 125 -13.96 -15.54 26.87
C TYR B 125 -14.99 -15.00 27.86
N THR B 126 -16.09 -14.47 27.32
CA THR B 126 -17.15 -13.90 28.14
C THR B 126 -17.72 -14.93 29.11
N LEU B 127 -17.96 -16.14 28.64
CA LEU B 127 -18.48 -17.21 29.50
C LEU B 127 -17.52 -17.41 30.67
N LEU B 128 -16.25 -17.58 30.36
CA LEU B 128 -15.24 -17.80 31.39
C LEU B 128 -15.16 -16.67 32.41
N ARG B 129 -15.35 -15.43 31.95
CA ARG B 129 -15.30 -14.28 32.86
C ARG B 129 -16.49 -14.32 33.81
N ASN B 130 -17.53 -15.05 33.45
CA ASN B 130 -18.70 -15.18 34.30
C ASN B 130 -18.60 -16.49 35.08
N GLN B 131 -18.05 -17.51 34.44
CA GLN B 131 -17.92 -18.82 35.05
C GLN B 131 -16.61 -19.50 34.65
N PRO B 132 -15.58 -19.41 35.51
CA PRO B 132 -14.24 -19.96 35.35
C PRO B 132 -14.24 -21.45 35.05
N GLU B 133 -15.20 -22.17 35.63
CA GLU B 133 -15.33 -23.60 35.41
C GLU B 133 -16.76 -23.91 34.97
N PRO B 134 -17.06 -23.68 33.68
CA PRO B 134 -18.40 -23.93 33.13
C PRO B 134 -18.66 -25.41 32.86
N THR B 135 -19.92 -25.75 32.65
CA THR B 135 -20.31 -27.13 32.35
C THR B 135 -20.24 -27.24 30.84
N VAL B 136 -20.28 -28.46 30.32
CA VAL B 136 -20.21 -28.64 28.88
C VAL B 136 -21.42 -27.98 28.21
N GLU B 137 -22.56 -28.01 28.90
CA GLU B 137 -23.77 -27.43 28.35
C GLU B 137 -23.66 -25.91 28.25
N GLU B 138 -23.07 -25.26 29.26
CA GLU B 138 -22.91 -23.82 29.22
C GLU B 138 -21.97 -23.44 28.09
N ILE B 139 -20.96 -24.27 27.86
CA ILE B 139 -20.00 -24.02 26.79
C ILE B 139 -20.68 -24.04 25.43
N GLU B 140 -21.54 -25.03 25.19
CA GLU B 140 -22.24 -25.12 23.91
C GLU B 140 -23.20 -23.94 23.75
N ASP B 141 -23.92 -23.59 24.83
CA ASP B 141 -24.88 -22.49 24.78
C ASP B 141 -24.24 -21.12 24.58
N ALA B 142 -22.94 -21.04 24.83
CA ALA B 142 -22.24 -19.77 24.66
C ALA B 142 -22.18 -19.35 23.20
N PHE B 143 -22.39 -20.30 22.29
CA PHE B 143 -22.31 -20.03 20.86
C PHE B 143 -23.61 -20.08 20.05
N GLN B 144 -24.75 -19.88 20.72
CA GLN B 144 -26.03 -19.91 20.01
C GLN B 144 -26.02 -18.83 18.93
N GLY B 145 -25.19 -17.81 19.11
CA GLY B 145 -25.13 -16.71 18.16
C GLY B 145 -23.83 -16.57 17.37
N ASN B 146 -23.08 -17.65 17.23
CA ASN B 146 -21.85 -17.61 16.44
C ASN B 146 -21.94 -18.64 15.34
N LEU B 147 -21.51 -18.26 14.15
CA LEU B 147 -21.54 -19.17 13.01
C LEU B 147 -20.13 -19.39 12.43
N CYS B 148 -19.88 -20.63 11.99
CA CYS B 148 -18.63 -20.97 11.35
C CYS B 148 -19.01 -21.82 10.15
N ARG B 149 -18.44 -21.49 9.00
CA ARG B 149 -18.73 -22.18 7.75
C ARG B 149 -17.65 -23.20 7.37
N CYS B 150 -16.48 -23.10 7.98
CA CYS B 150 -15.36 -23.99 7.66
C CYS B 150 -15.16 -25.28 8.45
N THR B 151 -15.18 -25.17 9.78
CA THR B 151 -14.88 -26.27 10.68
C THR B 151 -15.82 -27.43 10.98
N GLY B 152 -17.13 -27.21 10.90
CA GLY B 152 -18.02 -28.30 11.25
C GLY B 152 -18.20 -28.27 12.76
N TYR B 153 -17.67 -27.22 13.36
CA TYR B 153 -17.77 -26.96 14.81
C TYR B 153 -17.12 -27.94 15.80
N ARG B 154 -17.07 -29.22 15.45
CA ARG B 154 -16.51 -30.24 16.35
C ARG B 154 -15.22 -29.85 17.09
N PRO B 155 -14.17 -29.41 16.37
CA PRO B 155 -12.93 -29.04 17.03
C PRO B 155 -13.03 -27.86 18.01
N ILE B 156 -13.85 -26.88 17.65
CA ILE B 156 -14.02 -25.72 18.53
C ILE B 156 -14.60 -26.20 19.85
N LEU B 157 -15.69 -26.96 19.78
CA LEU B 157 -16.32 -27.46 20.99
C LEU B 157 -15.43 -28.42 21.79
N GLN B 158 -14.78 -29.36 21.10
CA GLN B 158 -13.92 -30.32 21.78
C GLN B 158 -12.74 -29.62 22.44
N GLY B 159 -12.16 -28.67 21.73
CA GLY B 159 -11.02 -27.95 22.30
C GLY B 159 -11.43 -27.16 23.52
N PHE B 160 -12.60 -26.51 23.45
CA PHE B 160 -13.08 -25.69 24.57
C PHE B 160 -13.63 -26.52 25.73
N ARG B 161 -14.02 -27.75 25.44
CA ARG B 161 -14.55 -28.63 26.49
C ARG B 161 -13.49 -28.88 27.55
N THR B 162 -12.22 -28.65 27.21
CA THR B 162 -11.14 -28.86 28.18
C THR B 162 -11.21 -27.83 29.31
N PHE B 163 -12.08 -26.82 29.16
CA PHE B 163 -12.24 -25.79 30.18
C PHE B 163 -13.20 -26.24 31.27
N ALA B 164 -14.04 -27.23 30.96
CA ALA B 164 -15.02 -27.73 31.93
C ALA B 164 -14.34 -28.57 33.01
N PRO B 193 -2.93 -42.06 17.77
CA PRO B 193 -2.41 -40.69 17.87
C PRO B 193 -3.57 -39.71 18.00
N SER B 194 -3.32 -38.56 18.64
CA SER B 194 -4.37 -37.57 18.80
C SER B 194 -4.05 -36.28 18.06
N LEU B 195 -5.11 -35.54 17.71
CA LEU B 195 -4.96 -34.29 16.98
C LEU B 195 -4.32 -33.17 17.80
N PHE B 196 -4.56 -33.17 19.11
CA PHE B 196 -3.96 -32.16 19.98
C PHE B 196 -3.76 -32.71 21.39
N ASN B 197 -2.91 -32.05 22.17
CA ASN B 197 -2.63 -32.50 23.52
C ASN B 197 -3.04 -31.46 24.56
N PRO B 198 -4.18 -31.71 25.23
CA PRO B 198 -4.75 -30.84 26.27
C PRO B 198 -3.76 -30.50 27.38
N GLU B 199 -2.84 -31.43 27.65
CA GLU B 199 -1.85 -31.24 28.70
C GLU B 199 -0.91 -30.07 28.45
N GLU B 200 -0.83 -29.62 27.20
CA GLU B 200 0.02 -28.50 26.85
C GLU B 200 -0.72 -27.20 27.13
N PHE B 201 -2.03 -27.30 27.37
CA PHE B 201 -2.84 -26.11 27.62
C PHE B 201 -2.60 -25.41 28.93
N MET B 202 -2.35 -24.11 28.84
CA MET B 202 -2.14 -23.28 30.02
C MET B 202 -3.48 -23.09 30.73
N PRO B 203 -3.53 -23.39 32.03
CA PRO B 203 -4.77 -23.23 32.79
C PRO B 203 -5.22 -21.78 32.81
N LEU B 204 -6.51 -21.59 33.04
CA LEU B 204 -7.07 -20.25 33.13
C LEU B 204 -6.72 -19.75 34.53
N ASP B 205 -6.34 -18.47 34.65
CA ASP B 205 -6.00 -17.89 35.94
C ASP B 205 -6.66 -16.52 36.09
N PRO B 206 -7.86 -16.47 36.70
CA PRO B 206 -8.62 -15.24 36.91
C PRO B 206 -7.80 -14.09 37.50
N THR B 207 -6.83 -14.42 38.35
CA THR B 207 -6.01 -13.39 38.97
C THR B 207 -5.15 -12.63 37.96
N GLN B 208 -5.01 -13.18 36.76
CA GLN B 208 -4.18 -12.52 35.75
C GLN B 208 -4.98 -11.79 34.64
N GLU B 209 -6.29 -11.74 34.79
CA GLU B 209 -7.14 -11.07 33.80
C GLU B 209 -7.06 -9.55 33.98
N PRO B 210 -7.29 -8.79 32.91
CA PRO B 210 -7.24 -7.32 33.00
C PRO B 210 -8.25 -6.83 34.04
N ILE B 211 -7.85 -5.89 34.87
CA ILE B 211 -8.74 -5.35 35.89
C ILE B 211 -9.69 -4.31 35.29
N PHE B 212 -10.87 -4.20 35.89
CA PHE B 212 -11.87 -3.24 35.45
C PHE B 212 -11.25 -1.85 35.56
N PRO B 213 -11.36 -1.03 34.51
CA PRO B 213 -10.78 0.32 34.55
C PRO B 213 -11.05 1.04 35.87
N PRO B 214 -9.98 1.34 36.62
CA PRO B 214 -10.11 2.03 37.92
C PRO B 214 -10.85 3.37 37.80
N GLU B 215 -10.54 4.14 36.76
CA GLU B 215 -11.19 5.42 36.56
C GLU B 215 -12.70 5.24 36.43
N LEU B 216 -13.11 4.17 35.76
CA LEU B 216 -14.53 3.89 35.58
C LEU B 216 -15.20 3.65 36.92
N LEU B 217 -14.56 2.84 37.75
CA LEU B 217 -15.09 2.51 39.05
C LEU B 217 -15.27 3.77 39.90
N ARG B 218 -14.42 4.78 39.68
CA ARG B 218 -14.52 6.03 40.43
C ARG B 218 -15.79 6.76 40.02
N LEU B 219 -16.07 6.76 38.72
CA LEU B 219 -17.23 7.42 38.15
C LEU B 219 -18.56 6.91 38.71
N LYS B 220 -18.56 5.68 39.23
CA LYS B 220 -19.78 5.10 39.78
C LYS B 220 -20.30 5.95 40.93
N ASP B 221 -19.46 6.86 41.42
CA ASP B 221 -19.84 7.73 42.53
C ASP B 221 -20.56 8.99 42.06
N VAL B 222 -20.17 9.50 40.89
CA VAL B 222 -20.79 10.70 40.35
C VAL B 222 -22.23 10.41 39.94
N PRO B 223 -23.16 11.33 40.27
CA PRO B 223 -24.58 11.19 39.94
C PRO B 223 -24.81 11.20 38.43
N PRO B 224 -25.61 10.26 37.92
CA PRO B 224 -25.91 10.18 36.49
C PRO B 224 -26.53 11.48 35.99
N LYS B 225 -26.15 11.91 34.79
CA LYS B 225 -26.69 13.13 34.20
C LYS B 225 -27.18 12.88 32.78
N GLN B 226 -28.24 13.58 32.38
CA GLN B 226 -28.79 13.42 31.04
C GLN B 226 -27.74 13.87 30.01
N LEU B 227 -27.57 13.09 28.96
CA LEU B 227 -26.59 13.42 27.94
C LEU B 227 -27.25 13.60 26.59
N ARG B 228 -26.62 14.40 25.74
CA ARG B 228 -27.14 14.67 24.41
C ARG B 228 -26.04 14.48 23.38
N PHE B 229 -26.36 13.72 22.33
CA PHE B 229 -25.40 13.49 21.25
C PHE B 229 -26.05 13.97 19.96
N GLU B 230 -25.26 14.62 19.10
CA GLU B 230 -25.75 15.14 17.84
C GLU B 230 -24.95 14.59 16.67
N GLY B 231 -25.64 13.91 15.75
CA GLY B 231 -24.99 13.34 14.58
C GLY B 231 -25.36 14.06 13.30
N GLU B 232 -25.00 13.46 12.17
CA GLU B 232 -25.31 14.06 10.87
C GLU B 232 -26.81 14.16 10.64
N ARG B 233 -27.55 13.11 11.00
CA ARG B 233 -29.00 13.08 10.79
C ARG B 233 -29.81 12.76 12.04
N VAL B 234 -29.15 12.30 13.10
CA VAL B 234 -29.87 11.92 14.31
C VAL B 234 -29.41 12.58 15.60
N THR B 235 -30.35 12.78 16.52
CA THR B 235 -30.07 13.36 17.83
C THR B 235 -30.39 12.26 18.84
N TRP B 236 -29.51 12.07 19.81
CA TRP B 236 -29.67 11.03 20.82
C TRP B 236 -29.66 11.61 22.22
N ILE B 237 -30.69 11.30 23.00
CA ILE B 237 -30.77 11.77 24.37
C ILE B 237 -30.74 10.59 25.34
N GLN B 238 -29.72 10.56 26.18
CA GLN B 238 -29.58 9.51 27.18
C GLN B 238 -30.30 10.01 28.44
N ALA B 239 -31.50 9.48 28.69
CA ALA B 239 -32.29 9.91 29.85
C ALA B 239 -31.79 9.27 31.15
N SER B 240 -31.51 10.08 32.16
CA SER B 240 -31.01 9.57 33.43
C SER B 240 -32.08 9.20 34.46
N THR B 241 -33.27 9.81 34.36
CA THR B 241 -34.34 9.50 35.32
C THR B 241 -35.65 9.25 34.62
N LEU B 242 -36.60 8.66 35.36
CA LEU B 242 -37.92 8.36 34.81
C LEU B 242 -38.64 9.66 34.47
N LYS B 243 -38.51 10.66 35.34
CA LYS B 243 -39.14 11.95 35.11
C LYS B 243 -38.63 12.54 33.80
N GLU B 244 -37.32 12.47 33.59
CA GLU B 244 -36.73 13.00 32.35
C GLU B 244 -37.29 12.25 31.14
N LEU B 245 -37.40 10.94 31.26
CA LEU B 245 -37.94 10.14 30.16
C LEU B 245 -39.36 10.55 29.81
N LEU B 246 -40.21 10.66 30.82
CA LEU B 246 -41.61 11.02 30.59
C LEU B 246 -41.78 12.41 29.99
N ASP B 247 -40.92 13.35 30.37
CA ASP B 247 -40.98 14.71 29.82
C ASP B 247 -40.51 14.72 28.37
N LEU B 248 -39.42 14.01 28.11
CA LEU B 248 -38.86 13.93 26.77
C LEU B 248 -39.87 13.30 25.83
N LYS B 249 -40.59 12.31 26.33
CA LYS B 249 -41.59 11.61 25.52
C LYS B 249 -42.73 12.57 25.15
N ALA B 250 -43.05 13.48 26.06
CA ALA B 250 -44.10 14.47 25.81
C ALA B 250 -43.61 15.47 24.78
N GLN B 251 -42.36 15.92 24.93
CA GLN B 251 -41.76 16.89 24.03
C GLN B 251 -41.48 16.32 22.64
N HIS B 252 -41.17 15.03 22.55
CA HIS B 252 -40.87 14.39 21.28
C HIS B 252 -41.57 13.03 21.22
N PRO B 253 -42.89 13.03 20.99
CA PRO B 253 -43.70 11.80 20.92
C PRO B 253 -43.21 10.81 19.86
N GLU B 254 -42.69 11.33 18.76
CA GLU B 254 -42.20 10.51 17.66
C GLU B 254 -40.87 9.83 17.97
N ALA B 255 -40.19 10.28 19.01
CA ALA B 255 -38.89 9.72 19.39
C ALA B 255 -38.95 8.22 19.65
N LYS B 256 -37.87 7.52 19.26
CA LYS B 256 -37.76 6.07 19.45
C LYS B 256 -36.97 5.80 20.72
N LEU B 257 -37.44 4.86 21.54
CA LEU B 257 -36.77 4.50 22.78
C LEU B 257 -35.82 3.31 22.59
N VAL B 258 -34.59 3.60 22.16
CA VAL B 258 -33.62 2.55 21.93
C VAL B 258 -32.98 2.06 23.22
N VAL B 259 -32.88 0.74 23.34
CA VAL B 259 -32.23 0.12 24.49
C VAL B 259 -31.17 -0.82 23.91
N GLY B 260 -31.61 -1.96 23.37
CA GLY B 260 -30.68 -2.90 22.78
C GLY B 260 -30.38 -2.62 21.32
N ASN B 261 -31.29 -1.90 20.66
CA ASN B 261 -31.13 -1.54 19.25
C ASN B 261 -31.18 -2.74 18.31
N THR B 262 -31.61 -3.90 18.81
CA THR B 262 -31.66 -5.08 17.95
C THR B 262 -32.85 -5.07 16.99
N GLU B 263 -33.73 -4.09 17.13
CA GLU B 263 -34.87 -3.96 16.23
C GLU B 263 -34.65 -2.68 15.43
N ILE B 264 -34.38 -1.59 16.13
CA ILE B 264 -34.16 -0.30 15.50
C ILE B 264 -32.97 -0.30 14.55
N GLY B 265 -31.89 -0.98 14.95
CA GLY B 265 -30.72 -1.05 14.11
C GLY B 265 -31.04 -1.72 12.77
N ILE B 266 -31.86 -2.76 12.82
CA ILE B 266 -32.25 -3.46 11.61
C ILE B 266 -33.12 -2.55 10.74
N GLU B 267 -34.03 -1.82 11.38
CA GLU B 267 -34.91 -0.90 10.64
C GLU B 267 -34.11 0.19 9.94
N MET B 268 -33.15 0.77 10.66
CA MET B 268 -32.31 1.82 10.12
C MET B 268 -31.42 1.31 8.99
N LYS B 269 -30.80 0.17 9.22
CA LYS B 269 -29.88 -0.40 8.25
C LYS B 269 -30.52 -1.09 7.05
N PHE B 270 -31.55 -1.90 7.28
CA PHE B 270 -32.19 -2.63 6.18
C PHE B 270 -33.56 -2.16 5.71
N LYS B 271 -34.29 -1.41 6.53
CA LYS B 271 -35.63 -0.97 6.12
C LYS B 271 -35.71 0.46 5.63
N ASN B 272 -34.55 1.07 5.35
CA ASN B 272 -34.52 2.44 4.85
C ASN B 272 -35.26 3.40 5.77
N GLN B 273 -35.15 3.21 7.07
CA GLN B 273 -35.83 4.09 8.02
C GLN B 273 -34.88 5.15 8.56
N LEU B 274 -35.44 6.27 8.99
CA LEU B 274 -34.66 7.36 9.56
C LEU B 274 -35.42 7.97 10.73
N PHE B 275 -34.96 7.68 11.93
CA PHE B 275 -35.59 8.21 13.14
C PHE B 275 -34.71 9.33 13.65
N PRO B 276 -35.10 10.59 13.41
CA PRO B 276 -34.39 11.80 13.80
C PRO B 276 -34.08 11.93 15.29
N MET B 277 -34.99 11.46 16.14
CA MET B 277 -34.82 11.58 17.58
C MET B 277 -34.87 10.23 18.29
N ILE B 278 -33.85 9.96 19.10
CA ILE B 278 -33.76 8.73 19.85
C ILE B 278 -33.61 9.06 21.32
N ILE B 279 -34.35 8.35 22.17
CA ILE B 279 -34.23 8.54 23.62
C ILE B 279 -33.84 7.18 24.16
N CYS B 280 -32.72 7.11 24.87
CA CYS B 280 -32.29 5.84 25.45
C CYS B 280 -32.56 5.88 26.94
N PRO B 281 -33.50 5.04 27.42
CA PRO B 281 -33.90 4.95 28.82
C PRO B 281 -33.18 3.87 29.63
N ALA B 282 -32.17 3.23 29.04
CA ALA B 282 -31.43 2.16 29.68
C ALA B 282 -30.98 2.39 31.13
N TRP B 283 -30.57 3.61 31.45
CA TRP B 283 -30.08 3.93 32.79
C TRP B 283 -31.12 4.05 33.91
N ILE B 284 -32.37 4.27 33.55
CA ILE B 284 -33.42 4.46 34.53
C ILE B 284 -33.68 3.28 35.46
N PRO B 285 -33.47 3.47 36.77
CA PRO B 285 -33.67 2.43 37.79
C PRO B 285 -35.01 1.72 37.68
N GLU B 286 -36.10 2.48 37.56
CA GLU B 286 -37.42 1.88 37.45
C GLU B 286 -37.54 0.95 36.25
N LEU B 287 -36.85 1.28 35.15
CA LEU B 287 -36.91 0.43 33.96
C LEU B 287 -36.00 -0.79 34.09
N ASN B 288 -35.26 -0.87 35.20
CA ASN B 288 -34.35 -1.99 35.43
C ASN B 288 -34.64 -2.77 36.71
N ALA B 289 -35.67 -2.36 37.45
CA ALA B 289 -36.00 -3.01 38.70
C ALA B 289 -36.68 -4.37 38.57
N VAL B 290 -36.34 -5.26 39.50
CA VAL B 290 -36.90 -6.61 39.55
C VAL B 290 -37.56 -6.69 40.92
N GLU B 291 -38.85 -6.99 40.94
CA GLU B 291 -39.57 -7.06 42.20
C GLU B 291 -40.41 -8.32 42.30
N HIS B 292 -40.28 -9.02 43.43
CA HIS B 292 -41.03 -10.24 43.66
C HIS B 292 -42.28 -9.95 44.46
N GLY B 293 -43.42 -10.05 43.80
CA GLY B 293 -44.67 -9.77 44.47
C GLY B 293 -45.50 -11.01 44.71
N PRO B 294 -46.67 -10.87 45.37
CA PRO B 294 -47.55 -12.01 45.64
C PRO B 294 -48.23 -12.59 44.40
N GLU B 295 -48.35 -11.79 43.35
CA GLU B 295 -48.99 -12.24 42.12
C GLU B 295 -48.01 -12.73 41.06
N GLY B 296 -46.76 -12.29 41.15
CA GLY B 296 -45.76 -12.71 40.19
C GLY B 296 -44.47 -11.92 40.31
N ILE B 297 -43.63 -11.99 39.29
CA ILE B 297 -42.37 -11.27 39.32
C ILE B 297 -42.38 -10.14 38.29
N SER B 298 -42.07 -8.95 38.77
CA SER B 298 -42.06 -7.77 37.92
C SER B 298 -40.67 -7.40 37.43
N PHE B 299 -40.57 -7.08 36.14
CA PHE B 299 -39.31 -6.68 35.54
C PHE B 299 -39.44 -5.32 34.89
N GLY B 300 -38.46 -4.46 35.09
CA GLY B 300 -38.48 -3.15 34.45
C GLY B 300 -38.44 -3.41 32.96
N ALA B 301 -39.06 -2.53 32.17
CA ALA B 301 -39.10 -2.70 30.71
C ALA B 301 -37.74 -2.73 29.99
N ALA B 302 -36.70 -2.19 30.63
CA ALA B 302 -35.38 -2.17 30.00
C ALA B 302 -34.53 -3.40 30.35
N CYS B 303 -35.00 -4.22 31.28
CA CYS B 303 -34.27 -5.42 31.68
C CYS B 303 -33.93 -6.29 30.49
N ALA B 304 -32.68 -6.71 30.40
CA ALA B 304 -32.24 -7.58 29.30
C ALA B 304 -32.89 -8.95 29.43
N LEU B 305 -33.13 -9.59 28.29
CA LEU B 305 -33.75 -10.91 28.32
C LEU B 305 -32.87 -11.89 29.09
N SER B 306 -31.56 -11.68 29.07
CA SER B 306 -30.66 -12.56 29.80
C SER B 306 -30.89 -12.41 31.30
N SER B 307 -31.21 -11.20 31.75
CA SER B 307 -31.47 -10.98 33.17
C SER B 307 -32.77 -11.66 33.54
N VAL B 308 -33.77 -11.53 32.66
CA VAL B 308 -35.08 -12.13 32.88
C VAL B 308 -34.91 -13.64 32.98
N GLU B 309 -34.09 -14.19 32.09
CA GLU B 309 -33.84 -15.61 32.05
C GLU B 309 -33.19 -16.09 33.36
N LYS B 310 -32.16 -15.37 33.81
CA LYS B 310 -31.46 -15.72 35.04
C LYS B 310 -32.40 -15.69 36.24
N THR B 311 -33.20 -14.64 36.32
CA THR B 311 -34.15 -14.48 37.41
C THR B 311 -35.19 -15.58 37.43
N LEU B 312 -35.74 -15.90 36.27
CA LEU B 312 -36.76 -16.93 36.20
C LEU B 312 -36.20 -18.32 36.49
N LEU B 313 -34.96 -18.58 36.06
CA LEU B 313 -34.35 -19.88 36.31
C LEU B 313 -34.25 -20.08 37.81
N GLU B 314 -33.80 -19.06 38.52
CA GLU B 314 -33.66 -19.12 39.96
C GLU B 314 -35.02 -19.34 40.61
N ALA B 315 -36.03 -18.65 40.09
CA ALA B 315 -37.38 -18.78 40.63
C ALA B 315 -37.92 -20.20 40.41
N VAL B 316 -37.63 -20.76 39.24
CA VAL B 316 -38.10 -22.11 38.93
C VAL B 316 -37.39 -23.12 39.84
N ALA B 317 -36.16 -22.82 40.22
CA ALA B 317 -35.41 -23.71 41.08
C ALA B 317 -35.86 -23.65 42.54
N LYS B 318 -36.31 -22.49 43.00
CA LYS B 318 -36.73 -22.35 44.39
C LYS B 318 -38.23 -22.34 44.70
N LEU B 319 -39.07 -22.30 43.67
CA LEU B 319 -40.51 -22.28 43.91
C LEU B 319 -41.19 -23.58 43.48
N PRO B 320 -42.33 -23.90 44.08
CA PRO B 320 -43.07 -25.12 43.74
C PRO B 320 -43.36 -25.17 42.24
N THR B 321 -43.23 -26.35 41.66
CA THR B 321 -43.47 -26.53 40.24
C THR B 321 -44.81 -25.93 39.80
N GLN B 322 -45.84 -26.11 40.61
CA GLN B 322 -47.17 -25.62 40.28
C GLN B 322 -47.30 -24.10 40.20
N LYS B 323 -46.28 -23.38 40.66
CA LYS B 323 -46.33 -21.93 40.62
C LYS B 323 -45.47 -21.35 39.50
N THR B 324 -44.72 -22.20 38.79
CA THR B 324 -43.84 -21.72 37.73
C THR B 324 -44.16 -22.19 36.32
N GLU B 325 -45.43 -22.49 36.08
CA GLU B 325 -45.86 -22.94 34.76
C GLU B 325 -45.58 -21.89 33.69
N VAL B 326 -45.87 -20.62 34.00
CA VAL B 326 -45.64 -19.56 33.03
C VAL B 326 -44.16 -19.22 32.91
N PHE B 327 -43.45 -19.19 34.03
CA PHE B 327 -42.02 -18.88 33.99
C PHE B 327 -41.29 -19.86 33.08
N ARG B 328 -41.66 -21.13 33.15
CA ARG B 328 -41.03 -22.14 32.33
C ARG B 328 -41.43 -21.99 30.87
N GLY B 329 -42.62 -21.47 30.62
CA GLY B 329 -43.05 -21.23 29.26
C GLY B 329 -42.14 -20.15 28.69
N VAL B 330 -41.86 -19.14 29.50
CA VAL B 330 -40.99 -18.05 29.08
C VAL B 330 -39.57 -18.58 28.87
N LEU B 331 -39.12 -19.45 29.77
CA LEU B 331 -37.78 -20.01 29.67
C LEU B 331 -37.60 -20.90 28.45
N GLU B 332 -38.63 -21.66 28.08
CA GLU B 332 -38.54 -22.52 26.91
C GLU B 332 -38.35 -21.67 25.65
N GLN B 333 -39.03 -20.52 25.58
CA GLN B 333 -38.89 -19.63 24.42
C GLN B 333 -37.51 -18.96 24.43
N LEU B 334 -37.05 -18.53 25.61
CA LEU B 334 -35.75 -17.89 25.70
C LEU B 334 -34.62 -18.82 25.28
N ARG B 335 -34.85 -20.13 25.33
CA ARG B 335 -33.84 -21.11 24.94
C ARG B 335 -33.51 -20.92 23.46
N TRP B 336 -34.54 -20.62 22.68
CA TRP B 336 -34.39 -20.47 21.25
C TRP B 336 -34.59 -19.04 20.76
N PHE B 337 -34.30 -18.07 21.62
CA PHE B 337 -34.45 -16.67 21.28
C PHE B 337 -33.08 -16.09 20.96
N ALA B 338 -32.80 -15.88 19.67
CA ALA B 338 -31.51 -15.34 19.25
C ALA B 338 -30.36 -16.12 19.88
N GLY B 339 -29.35 -15.39 20.35
CA GLY B 339 -28.21 -16.02 20.99
C GLY B 339 -27.82 -15.20 22.21
N LYS B 340 -26.70 -15.53 22.84
CA LYS B 340 -26.27 -14.81 24.03
C LYS B 340 -26.06 -13.30 23.78
N GLN B 341 -25.43 -12.96 22.66
CA GLN B 341 -25.17 -11.57 22.33
C GLN B 341 -26.44 -10.71 22.29
N VAL B 342 -27.46 -11.21 21.61
CA VAL B 342 -28.72 -10.47 21.50
C VAL B 342 -29.51 -10.46 22.82
N LYS B 343 -29.63 -11.61 23.47
CA LYS B 343 -30.36 -11.67 24.73
C LYS B 343 -29.73 -10.81 25.83
N SER B 344 -28.42 -10.58 25.73
CA SER B 344 -27.74 -9.75 26.73
C SER B 344 -27.98 -8.25 26.54
N VAL B 345 -28.48 -7.84 25.38
CA VAL B 345 -28.74 -6.41 25.18
C VAL B 345 -30.22 -6.14 24.85
N ALA B 346 -30.92 -7.16 24.38
CA ALA B 346 -32.34 -7.02 24.03
C ALA B 346 -33.18 -6.84 25.29
N SER B 347 -34.12 -5.89 25.25
CA SER B 347 -34.98 -5.61 26.40
C SER B 347 -36.38 -6.17 26.25
N LEU B 348 -37.08 -6.28 27.37
CA LEU B 348 -38.45 -6.77 27.37
C LEU B 348 -39.35 -5.80 26.60
N GLY B 349 -39.21 -4.52 26.92
CA GLY B 349 -40.01 -3.51 26.26
C GLY B 349 -39.81 -3.53 24.77
N GLY B 350 -38.56 -3.76 24.35
CA GLY B 350 -38.26 -3.78 22.94
C GLY B 350 -39.07 -4.82 22.19
N ASN B 351 -39.12 -6.03 22.73
CA ASN B 351 -39.86 -7.11 22.08
C ASN B 351 -41.36 -6.89 22.10
N ILE B 352 -41.88 -6.50 23.25
CA ILE B 352 -43.30 -6.28 23.42
C ILE B 352 -43.84 -5.17 22.51
N ILE B 353 -43.22 -3.99 22.58
CA ILE B 353 -43.68 -2.86 21.78
C ILE B 353 -43.38 -2.94 20.28
N THR B 354 -42.32 -3.65 19.90
CA THR B 354 -42.02 -3.79 18.47
C THR B 354 -43.22 -4.49 17.84
N ALA B 355 -43.92 -5.27 18.66
CA ALA B 355 -45.12 -5.99 18.23
C ALA B 355 -44.97 -6.73 16.92
N SER B 356 -43.86 -7.43 16.75
CA SER B 356 -43.66 -8.19 15.52
C SER B 356 -44.59 -9.40 15.49
N PRO B 357 -45.12 -9.74 14.32
CA PRO B 357 -46.01 -10.89 14.13
C PRO B 357 -45.35 -12.19 14.60
N ILE B 358 -44.03 -12.25 14.52
CA ILE B 358 -43.32 -13.46 14.92
C ILE B 358 -42.64 -13.40 16.29
N SER B 359 -43.00 -12.40 17.09
CA SER B 359 -42.46 -12.28 18.44
C SER B 359 -42.69 -13.60 19.17
N ASP B 360 -41.67 -14.11 19.83
CA ASP B 360 -41.81 -15.37 20.56
C ASP B 360 -42.29 -15.18 22.00
N LEU B 361 -42.25 -13.95 22.49
CA LEU B 361 -42.66 -13.67 23.86
C LEU B 361 -44.09 -13.16 24.03
N ASN B 362 -44.54 -12.32 23.10
CA ASN B 362 -45.89 -11.77 23.20
C ASN B 362 -46.99 -12.83 23.26
N PRO B 363 -46.84 -13.94 22.51
CA PRO B 363 -47.91 -14.97 22.58
C PRO B 363 -47.98 -15.55 24.00
N VAL B 364 -46.83 -15.62 24.65
CA VAL B 364 -46.74 -16.16 26.01
C VAL B 364 -47.30 -15.15 27.00
N PHE B 365 -46.95 -13.88 26.81
CA PHE B 365 -47.43 -12.82 27.69
C PHE B 365 -48.94 -12.66 27.50
N MET B 366 -49.42 -12.88 26.27
CA MET B 366 -50.84 -12.75 26.00
C MET B 366 -51.62 -13.92 26.62
N ALA B 367 -51.17 -15.15 26.35
CA ALA B 367 -51.83 -16.33 26.88
C ALA B 367 -51.85 -16.33 28.41
N SER B 368 -50.83 -15.74 29.03
CA SER B 368 -50.75 -15.70 30.50
C SER B 368 -51.37 -14.46 31.15
N GLY B 369 -51.77 -13.49 30.33
CA GLY B 369 -52.35 -12.29 30.90
C GLY B 369 -51.32 -11.46 31.65
N THR B 370 -50.07 -11.57 31.23
CA THR B 370 -48.98 -10.82 31.85
C THR B 370 -49.36 -9.35 32.02
N LYS B 371 -49.07 -8.81 33.21
CA LYS B 371 -49.42 -7.43 33.53
C LYS B 371 -48.45 -6.39 33.01
N LEU B 372 -48.99 -5.40 32.32
CA LEU B 372 -48.19 -4.31 31.76
C LEU B 372 -48.49 -2.99 32.46
N THR B 373 -47.46 -2.36 33.00
CA THR B 373 -47.64 -1.08 33.66
C THR B 373 -47.17 0.00 32.69
N ILE B 374 -48.13 0.78 32.20
CA ILE B 374 -47.88 1.84 31.23
C ILE B 374 -48.02 3.22 31.89
N VAL B 375 -47.00 4.05 31.70
CA VAL B 375 -47.00 5.39 32.29
C VAL B 375 -46.68 6.51 31.30
N SER B 376 -47.06 7.72 31.67
CA SER B 376 -46.80 8.92 30.88
C SER B 376 -46.73 10.02 31.92
N ARG B 377 -46.37 11.23 31.50
CA ARG B 377 -46.29 12.32 32.46
C ARG B 377 -47.68 12.54 33.05
N GLY B 378 -47.82 12.27 34.34
CA GLY B 378 -49.10 12.48 34.99
C GLY B 378 -50.10 11.33 34.97
N THR B 379 -49.77 10.22 34.32
CA THR B 379 -50.70 9.10 34.29
C THR B 379 -49.99 7.76 34.51
N ARG B 380 -50.75 6.78 34.98
CA ARG B 380 -50.22 5.45 35.24
C ARG B 380 -51.37 4.44 35.21
N ARG B 381 -51.16 3.32 34.53
CA ARG B 381 -52.19 2.29 34.45
C ARG B 381 -51.56 0.92 34.26
N THR B 382 -52.26 -0.11 34.72
CA THR B 382 -51.78 -1.47 34.60
C THR B 382 -52.88 -2.33 34.00
N VAL B 383 -52.57 -2.98 32.88
CA VAL B 383 -53.55 -3.83 32.23
C VAL B 383 -52.96 -5.18 31.87
N PRO B 384 -53.81 -6.23 31.86
CA PRO B 384 -53.27 -7.55 31.51
C PRO B 384 -53.22 -7.61 29.98
N MET B 385 -52.14 -8.15 29.43
CA MET B 385 -52.06 -8.25 27.98
C MET B 385 -53.08 -9.25 27.47
N ASP B 386 -53.92 -8.83 26.52
CA ASP B 386 -54.90 -9.71 25.91
C ASP B 386 -54.87 -9.45 24.42
N HIS B 387 -55.76 -10.11 23.68
CA HIS B 387 -55.80 -9.96 22.23
C HIS B 387 -55.97 -8.53 21.71
N THR B 388 -56.60 -7.66 22.50
CA THR B 388 -56.82 -6.29 22.05
C THR B 388 -55.62 -5.37 22.16
N PHE B 389 -54.57 -5.82 22.85
CA PHE B 389 -53.38 -5.00 23.02
C PHE B 389 -52.67 -4.76 21.69
N PHE B 390 -52.85 -5.67 20.73
CA PHE B 390 -52.24 -5.55 19.40
C PHE B 390 -53.36 -5.36 18.38
N PRO B 391 -53.83 -4.12 18.21
CA PRO B 391 -54.90 -3.77 17.27
C PRO B 391 -54.62 -4.04 15.81
N SER B 392 -53.40 -3.77 15.35
CA SER B 392 -53.05 -3.99 13.96
C SER B 392 -51.55 -4.15 13.80
N TYR B 393 -51.15 -4.49 12.57
CA TYR B 393 -49.76 -4.72 12.23
C TYR B 393 -48.76 -3.74 12.85
N ARG B 394 -47.87 -4.26 13.69
CA ARG B 394 -46.83 -3.46 14.34
C ARG B 394 -47.32 -2.38 15.31
N LYS B 395 -48.56 -2.46 15.75
CA LYS B 395 -49.07 -1.45 16.69
C LYS B 395 -49.54 -2.05 18.01
N THR B 396 -49.48 -1.25 19.06
CA THR B 396 -49.92 -1.66 20.38
C THR B 396 -50.89 -0.60 20.89
N LEU B 397 -51.46 -0.82 22.07
CA LEU B 397 -52.39 0.14 22.64
C LEU B 397 -51.73 1.22 23.49
N LEU B 398 -50.51 1.59 23.15
CA LEU B 398 -49.83 2.64 23.90
C LEU B 398 -50.07 4.00 23.28
N GLY B 399 -50.25 5.01 24.13
CA GLY B 399 -50.46 6.37 23.66
C GLY B 399 -49.16 6.91 23.12
N PRO B 400 -49.19 7.98 22.33
CA PRO B 400 -47.97 8.57 21.76
C PRO B 400 -46.99 9.10 22.81
N GLU B 401 -47.49 9.41 24.00
CA GLU B 401 -46.62 9.94 25.04
C GLU B 401 -46.39 8.93 26.17
N GLU B 402 -46.85 7.71 25.97
CA GLU B 402 -46.67 6.66 26.98
C GLU B 402 -45.51 5.73 26.67
N ILE B 403 -44.96 5.13 27.72
CA ILE B 403 -43.87 4.18 27.60
C ILE B 403 -44.19 2.99 28.51
N LEU B 404 -43.66 1.82 28.17
CA LEU B 404 -43.89 0.64 28.99
C LEU B 404 -42.91 0.72 30.16
N LEU B 405 -43.45 0.86 31.37
CA LEU B 405 -42.60 0.97 32.54
C LEU B 405 -42.12 -0.37 33.08
N SER B 406 -43.04 -1.32 33.22
CA SER B 406 -42.68 -2.63 33.75
C SER B 406 -43.67 -3.71 33.35
N ILE B 407 -43.28 -4.95 33.59
CA ILE B 407 -44.10 -6.12 33.26
C ILE B 407 -44.06 -7.12 34.42
N GLU B 408 -45.21 -7.70 34.74
CA GLU B 408 -45.24 -8.68 35.81
C GLU B 408 -45.66 -10.05 35.27
N ILE B 409 -44.71 -10.98 35.23
CA ILE B 409 -45.00 -12.33 34.75
C ILE B 409 -45.64 -13.02 35.95
N PRO B 410 -46.85 -13.54 35.79
CA PRO B 410 -47.60 -14.20 36.86
C PRO B 410 -47.22 -15.61 37.27
N TYR B 411 -47.42 -15.90 38.56
CA TYR B 411 -47.18 -17.24 39.09
C TYR B 411 -48.39 -18.01 38.59
N SER B 412 -48.24 -19.31 38.39
CA SER B 412 -49.36 -20.12 37.96
C SER B 412 -50.10 -20.56 39.22
N ARG B 413 -51.41 -20.74 39.09
CA ARG B 413 -52.25 -21.15 40.21
C ARG B 413 -52.47 -22.66 40.18
N GLU B 414 -53.23 -23.16 41.15
CA GLU B 414 -53.54 -24.58 41.20
C GLU B 414 -54.49 -24.83 40.04
N ASP B 415 -54.44 -26.03 39.47
CA ASP B 415 -55.31 -26.39 38.35
C ASP B 415 -55.07 -25.51 37.11
N GLU B 416 -53.88 -24.91 37.04
CA GLU B 416 -53.54 -24.05 35.90
C GLU B 416 -52.24 -24.53 35.25
N PHE B 417 -52.30 -24.83 33.95
CA PHE B 417 -51.11 -25.31 33.26
C PHE B 417 -50.75 -24.47 32.04
N PHE B 418 -49.46 -24.44 31.72
CA PHE B 418 -48.96 -23.63 30.63
C PHE B 418 -47.91 -24.34 29.76
N SER B 419 -47.89 -23.98 28.48
CA SER B 419 -46.92 -24.50 27.53
C SER B 419 -46.58 -23.38 26.54
N ALA B 420 -45.37 -23.46 26.01
CA ALA B 420 -44.90 -22.49 25.02
C ALA B 420 -44.07 -23.31 24.04
N PHE B 421 -44.37 -23.18 22.75
CA PHE B 421 -43.67 -23.93 21.72
C PHE B 421 -43.21 -23.01 20.58
N LYS B 422 -42.11 -23.39 19.93
CA LYS B 422 -41.59 -22.64 18.81
C LYS B 422 -40.98 -23.58 17.78
N GLN B 423 -41.27 -23.33 16.51
CA GLN B 423 -40.70 -24.14 15.44
C GLN B 423 -40.32 -23.21 14.30
N ALA B 424 -39.08 -23.32 13.85
CA ALA B 424 -38.56 -22.50 12.77
C ALA B 424 -37.91 -23.40 11.74
N SER B 425 -36.87 -22.90 11.08
CA SER B 425 -36.15 -23.68 10.09
C SER B 425 -34.97 -24.38 10.73
N ARG B 426 -34.42 -23.74 11.77
CA ARG B 426 -33.29 -24.28 12.53
C ARG B 426 -33.57 -23.95 14.00
N ARG B 427 -33.23 -24.88 14.91
CA ARG B 427 -33.47 -24.68 16.32
C ARG B 427 -32.86 -23.41 16.91
N GLU B 428 -31.54 -23.27 16.74
CA GLU B 428 -30.81 -22.12 17.27
C GLU B 428 -30.92 -20.84 16.45
N ASP B 429 -31.08 -19.72 17.16
CA ASP B 429 -31.15 -18.38 16.57
C ASP B 429 -31.88 -18.28 15.23
N ASP B 430 -33.17 -18.55 15.25
CA ASP B 430 -33.97 -18.48 14.03
C ASP B 430 -35.27 -17.73 14.30
N ILE B 431 -35.95 -17.33 13.22
CA ILE B 431 -37.21 -16.63 13.31
C ILE B 431 -38.30 -17.69 13.30
N ALA B 432 -39.24 -17.59 14.22
CA ALA B 432 -40.33 -18.57 14.30
C ALA B 432 -41.18 -18.66 13.04
N LYS B 433 -41.59 -19.88 12.70
CA LYS B 433 -42.49 -20.13 11.58
C LYS B 433 -43.83 -20.00 12.28
N VAL B 434 -43.94 -20.71 13.39
CA VAL B 434 -45.13 -20.68 14.24
C VAL B 434 -44.59 -20.77 15.66
N THR B 435 -45.08 -19.90 16.53
CA THR B 435 -44.65 -19.87 17.91
C THR B 435 -45.91 -19.65 18.71
N CYS B 436 -45.94 -20.12 19.97
CA CYS B 436 -47.15 -19.97 20.76
C CYS B 436 -47.02 -20.00 22.27
N GLY B 437 -48.13 -19.61 22.90
CA GLY B 437 -48.26 -19.60 24.34
C GLY B 437 -49.62 -20.22 24.55
N MET B 438 -49.73 -21.21 25.44
CA MET B 438 -51.01 -21.87 25.69
C MET B 438 -51.24 -22.07 27.18
N ARG B 439 -52.43 -21.66 27.65
CA ARG B 439 -52.78 -21.78 29.05
C ARG B 439 -54.17 -22.35 29.25
N VAL B 440 -54.34 -23.11 30.32
CA VAL B 440 -55.63 -23.68 30.64
C VAL B 440 -55.82 -23.66 32.16
N LEU B 441 -57.02 -23.28 32.59
CA LEU B 441 -57.36 -23.23 34.01
C LEU B 441 -58.63 -24.05 34.18
N PHE B 442 -58.57 -25.06 35.04
CA PHE B 442 -59.73 -25.91 35.29
C PHE B 442 -60.42 -25.53 36.60
N GLN B 443 -61.64 -26.02 36.80
CA GLN B 443 -62.34 -25.76 38.05
C GLN B 443 -61.52 -26.54 39.09
N PRO B 444 -61.50 -26.08 40.35
CA PRO B 444 -60.74 -26.75 41.41
C PRO B 444 -60.75 -28.28 41.37
N GLY B 445 -59.56 -28.86 41.28
CA GLY B 445 -59.41 -30.30 41.28
C GLY B 445 -60.16 -31.08 40.21
N SER B 446 -60.46 -30.47 39.08
CA SER B 446 -61.18 -31.19 38.03
C SER B 446 -60.51 -31.10 36.66
N MET B 447 -61.17 -31.68 35.67
CA MET B 447 -60.67 -31.65 34.30
C MET B 447 -61.63 -30.78 33.47
N GLN B 448 -62.40 -29.95 34.16
CA GLN B 448 -63.35 -29.08 33.47
C GLN B 448 -62.76 -27.70 33.24
N VAL B 449 -62.68 -27.32 31.98
CA VAL B 449 -62.12 -26.05 31.56
C VAL B 449 -62.87 -24.81 32.05
N LYS B 450 -62.15 -23.95 32.76
CA LYS B 450 -62.73 -22.71 33.25
C LYS B 450 -62.23 -21.59 32.31
N GLU B 451 -60.94 -21.65 31.99
CA GLU B 451 -60.30 -20.68 31.11
C GLU B 451 -59.37 -21.41 30.15
N LEU B 452 -59.35 -20.96 28.90
CA LEU B 452 -58.49 -21.55 27.87
C LEU B 452 -57.99 -20.46 26.93
N ALA B 453 -56.67 -20.42 26.72
CA ALA B 453 -56.07 -19.42 25.84
C ALA B 453 -54.99 -20.03 24.94
N LEU B 454 -55.19 -19.90 23.63
CA LEU B 454 -54.24 -20.41 22.65
C LEU B 454 -53.81 -19.24 21.79
N CYS B 455 -52.63 -18.71 22.09
CA CYS B 455 -52.11 -17.55 21.37
C CYS B 455 -50.93 -17.91 20.47
N TYR B 456 -51.01 -17.50 19.21
CA TYR B 456 -49.98 -17.80 18.23
C TYR B 456 -49.30 -16.61 17.57
N GLY B 457 -48.08 -16.86 17.12
CA GLY B 457 -47.30 -15.86 16.42
C GLY B 457 -46.99 -16.53 15.09
N GLY B 458 -46.88 -15.75 14.02
CA GLY B 458 -46.56 -16.33 12.73
C GLY B 458 -47.76 -16.83 11.93
N MET B 459 -48.96 -16.53 12.40
CA MET B 459 -50.17 -16.96 11.70
C MET B 459 -51.03 -15.79 11.21
N ALA B 460 -50.55 -14.57 11.43
CA ALA B 460 -51.27 -13.37 11.01
C ALA B 460 -50.29 -12.20 11.07
N ASP B 461 -50.78 -10.99 10.78
CA ASP B 461 -49.90 -9.82 10.81
C ASP B 461 -49.71 -9.30 12.22
N ARG B 462 -50.09 -10.11 13.20
CA ARG B 462 -49.95 -9.75 14.62
C ARG B 462 -50.14 -10.99 15.51
N THR B 463 -49.80 -10.84 16.79
CA THR B 463 -49.98 -11.95 17.73
C THR B 463 -51.49 -12.10 17.90
N ILE B 464 -52.01 -13.30 17.67
CA ILE B 464 -53.45 -13.53 17.80
C ILE B 464 -53.84 -14.67 18.74
N SER B 465 -55.08 -14.60 19.22
CA SER B 465 -55.64 -15.60 20.13
C SER B 465 -56.77 -16.32 19.38
N ALA B 466 -56.81 -17.65 19.49
CA ALA B 466 -57.85 -18.42 18.82
C ALA B 466 -59.14 -18.38 19.66
N LEU B 467 -59.62 -17.17 19.91
CA LEU B 467 -60.83 -16.96 20.72
C LEU B 467 -62.06 -17.76 20.32
N LYS B 468 -62.41 -17.75 19.04
CA LYS B 468 -63.59 -18.48 18.59
C LYS B 468 -63.53 -19.96 18.92
N THR B 469 -62.35 -20.55 18.79
CA THR B 469 -62.18 -21.97 19.07
C THR B 469 -62.16 -22.27 20.57
N THR B 470 -61.37 -21.51 21.33
CA THR B 470 -61.29 -21.73 22.77
C THR B 470 -62.58 -21.44 23.53
N GLN B 471 -63.32 -20.41 23.11
CA GLN B 471 -64.56 -20.08 23.79
C GLN B 471 -65.57 -21.23 23.76
N LYS B 472 -65.58 -22.00 22.69
CA LYS B 472 -66.49 -23.12 22.55
C LYS B 472 -66.18 -24.26 23.53
N GLN B 473 -65.01 -24.22 24.14
CA GLN B 473 -64.61 -25.27 25.07
C GLN B 473 -64.78 -24.95 26.54
N LEU B 474 -65.20 -23.73 26.85
CA LEU B 474 -65.40 -23.36 28.25
C LEU B 474 -66.50 -24.29 28.79
N SER B 475 -66.29 -24.84 29.98
CA SER B 475 -67.22 -25.77 30.63
C SER B 475 -67.06 -27.20 30.15
N LYS B 476 -66.32 -27.39 29.05
CA LYS B 476 -66.10 -28.74 28.52
C LYS B 476 -64.98 -29.39 29.31
N PHE B 477 -64.81 -30.70 29.16
CA PHE B 477 -63.77 -31.43 29.88
C PHE B 477 -62.58 -31.83 28.99
N TRP B 478 -61.42 -31.95 29.60
CA TRP B 478 -60.20 -32.29 28.86
C TRP B 478 -60.25 -33.74 28.41
N ASN B 479 -60.71 -33.95 27.17
CA ASN B 479 -60.82 -35.30 26.63
C ASN B 479 -60.62 -35.34 25.12
N GLU B 480 -60.68 -36.54 24.56
CA GLU B 480 -60.48 -36.76 23.13
C GLU B 480 -61.42 -35.91 22.27
N LYS B 481 -62.68 -35.78 22.69
CA LYS B 481 -63.66 -35.00 21.96
C LYS B 481 -63.22 -33.53 21.90
N LEU B 482 -62.66 -33.04 23.01
CA LEU B 482 -62.20 -31.66 23.05
C LEU B 482 -61.00 -31.48 22.12
N LEU B 483 -60.10 -32.46 22.12
CA LEU B 483 -58.93 -32.40 21.25
C LEU B 483 -59.40 -32.31 19.79
N GLN B 484 -60.41 -33.11 19.46
CA GLN B 484 -60.96 -33.13 18.10
C GLN B 484 -61.61 -31.81 17.71
N ASP B 485 -62.45 -31.28 18.59
CA ASP B 485 -63.13 -30.01 18.30
C ASP B 485 -62.14 -28.86 18.17
N VAL B 486 -61.15 -28.81 19.06
CA VAL B 486 -60.16 -27.75 19.04
C VAL B 486 -59.36 -27.77 17.73
N CYS B 487 -58.91 -28.95 17.33
CA CYS B 487 -58.14 -29.06 16.10
C CYS B 487 -58.98 -28.59 14.91
N ALA B 488 -60.24 -29.00 14.88
CA ALA B 488 -61.15 -28.61 13.81
C ALA B 488 -61.36 -27.10 13.85
N GLY B 489 -61.50 -26.58 15.06
CA GLY B 489 -61.69 -25.15 15.23
C GLY B 489 -60.48 -24.39 14.73
N LEU B 490 -59.29 -24.79 15.21
CA LEU B 490 -58.05 -24.14 14.80
C LEU B 490 -57.87 -24.19 13.29
N ALA B 491 -58.17 -25.34 12.70
CA ALA B 491 -58.04 -25.53 11.26
C ALA B 491 -58.93 -24.57 10.48
N GLU B 492 -60.05 -24.18 11.08
CA GLU B 492 -60.98 -23.27 10.43
C GLU B 492 -60.67 -21.81 10.74
N GLU B 493 -60.42 -21.52 12.01
CA GLU B 493 -60.15 -20.16 12.44
C GLU B 493 -58.79 -19.60 12.06
N LEU B 494 -57.74 -20.42 12.16
CA LEU B 494 -56.40 -19.94 11.82
C LEU B 494 -56.07 -20.27 10.37
N SER B 495 -56.87 -19.72 9.47
CA SER B 495 -56.71 -19.95 8.04
C SER B 495 -55.60 -19.07 7.43
N LEU B 496 -55.09 -19.51 6.30
CA LEU B 496 -54.06 -18.77 5.59
C LEU B 496 -54.36 -18.77 4.10
N SER B 497 -54.40 -17.59 3.50
CA SER B 497 -54.65 -17.46 2.07
C SER B 497 -53.42 -17.95 1.31
N PRO B 498 -53.60 -18.38 0.06
CA PRO B 498 -52.51 -18.88 -0.77
C PRO B 498 -51.34 -17.92 -0.91
N ASP B 499 -51.61 -16.63 -0.70
CA ASP B 499 -50.58 -15.60 -0.85
C ASP B 499 -50.06 -15.06 0.48
N ALA B 500 -50.26 -15.80 1.56
CA ALA B 500 -49.79 -15.34 2.86
C ALA B 500 -48.27 -15.18 2.84
N PRO B 501 -47.77 -14.05 3.37
CA PRO B 501 -46.33 -13.78 3.41
C PRO B 501 -45.58 -14.90 4.13
N GLY B 502 -44.50 -15.38 3.51
CA GLY B 502 -43.71 -16.44 4.11
C GLY B 502 -44.07 -17.82 3.59
N GLY B 503 -45.21 -17.93 2.91
CA GLY B 503 -45.63 -19.21 2.38
C GLY B 503 -45.71 -20.33 3.40
N MET B 504 -45.39 -21.55 2.95
CA MET B 504 -45.43 -22.73 3.82
C MET B 504 -46.78 -22.77 4.53
N ILE B 505 -47.83 -22.60 3.74
CA ILE B 505 -49.20 -22.59 4.24
C ILE B 505 -49.60 -23.84 5.03
N GLU B 506 -49.47 -25.00 4.40
CA GLU B 506 -49.85 -26.26 5.02
C GLU B 506 -49.00 -26.63 6.23
N PHE B 507 -47.71 -26.34 6.17
CA PHE B 507 -46.80 -26.65 7.28
C PHE B 507 -47.19 -25.84 8.51
N ARG B 508 -47.44 -24.54 8.31
CA ARG B 508 -47.80 -23.67 9.42
C ARG B 508 -49.13 -24.06 10.05
N ARG B 509 -50.12 -24.39 9.24
CA ARG B 509 -51.42 -24.77 9.78
C ARG B 509 -51.25 -26.07 10.56
N THR B 510 -50.46 -26.99 10.03
CA THR B 510 -50.22 -28.26 10.72
C THR B 510 -49.54 -28.01 12.07
N LEU B 511 -48.66 -27.03 12.13
CA LEU B 511 -47.97 -26.72 13.38
C LEU B 511 -48.92 -26.20 14.44
N THR B 512 -49.89 -25.38 14.05
CA THR B 512 -50.83 -24.84 15.03
C THR B 512 -51.61 -25.97 15.69
N LEU B 513 -52.00 -26.98 14.91
CA LEU B 513 -52.73 -28.12 15.47
C LEU B 513 -51.80 -29.05 16.26
N SER B 514 -50.61 -29.29 15.71
CA SER B 514 -49.63 -30.16 16.36
C SER B 514 -49.21 -29.61 17.73
N PHE B 515 -49.04 -28.29 17.80
CA PHE B 515 -48.67 -27.66 19.06
C PHE B 515 -49.80 -27.89 20.07
N PHE B 516 -51.04 -27.68 19.64
CA PHE B 516 -52.12 -27.90 20.59
C PHE B 516 -52.16 -29.35 21.04
N PHE B 517 -51.90 -30.27 20.11
CA PHE B 517 -51.90 -31.69 20.43
C PHE B 517 -50.87 -31.94 21.53
N LYS B 518 -49.68 -31.35 21.38
CA LYS B 518 -48.64 -31.52 22.39
C LYS B 518 -49.10 -30.93 23.71
N PHE B 519 -49.79 -29.80 23.64
CA PHE B 519 -50.30 -29.13 24.84
C PHE B 519 -51.34 -30.05 25.47
N TYR B 520 -52.23 -30.58 24.64
CA TYR B 520 -53.29 -31.48 25.10
C TYR B 520 -52.72 -32.66 25.89
N LEU B 521 -51.73 -33.34 25.32
CA LEU B 521 -51.12 -34.48 25.99
C LEU B 521 -50.37 -34.07 27.24
N THR B 522 -49.65 -32.95 27.16
CA THR B 522 -48.88 -32.48 28.30
C THR B 522 -49.78 -32.16 29.49
N VAL B 523 -50.96 -31.62 29.22
CA VAL B 523 -51.90 -31.27 30.27
C VAL B 523 -52.46 -32.56 30.88
N LEU B 524 -52.72 -33.56 30.04
CA LEU B 524 -53.23 -34.84 30.53
C LEU B 524 -52.21 -35.40 31.52
N LYS B 525 -50.94 -35.35 31.14
CA LYS B 525 -49.86 -35.85 32.00
C LYS B 525 -49.78 -35.04 33.28
N LYS B 526 -49.90 -33.71 33.16
CA LYS B 526 -49.82 -32.86 34.33
C LYS B 526 -51.05 -33.05 35.22
N LEU B 527 -52.17 -33.42 34.61
CA LEU B 527 -53.40 -33.65 35.36
C LEU B 527 -53.30 -34.97 36.10
N GLY B 528 -52.42 -35.85 35.61
CA GLY B 528 -52.24 -37.15 36.24
C GLY B 528 -51.36 -37.07 37.47
N LYS B 537 -53.04 -43.45 32.04
CA LYS B 537 -51.76 -42.81 32.44
C LYS B 537 -50.98 -42.34 31.22
N LEU B 538 -51.69 -42.18 30.09
CA LEU B 538 -51.08 -41.74 28.83
C LEU B 538 -50.29 -42.89 28.23
N ASP B 539 -50.65 -43.30 27.02
CA ASP B 539 -49.97 -44.39 26.34
C ASP B 539 -48.47 -44.14 26.33
N PRO B 540 -47.68 -45.17 26.69
CA PRO B 540 -46.22 -45.04 26.72
C PRO B 540 -45.61 -44.65 25.37
N THR B 541 -46.34 -44.90 24.29
CA THR B 541 -45.84 -44.56 22.97
C THR B 541 -46.16 -43.11 22.61
N TYR B 542 -46.95 -42.46 23.48
CA TYR B 542 -47.33 -41.07 23.28
C TYR B 542 -46.52 -40.13 24.16
N THR B 543 -45.95 -40.69 25.23
CA THR B 543 -45.16 -39.92 26.18
C THR B 543 -44.10 -38.98 25.62
N SER B 544 -43.26 -39.46 24.70
CA SER B 544 -42.21 -38.62 24.13
C SER B 544 -42.72 -37.34 23.47
N ALA B 545 -43.98 -37.33 23.05
CA ALA B 545 -44.54 -36.15 22.41
C ALA B 545 -44.64 -34.96 23.38
N THR B 546 -44.60 -35.24 24.68
CA THR B 546 -44.71 -34.20 25.69
C THR B 546 -43.36 -33.70 26.21
N LEU B 547 -42.28 -34.36 25.81
CA LEU B 547 -40.96 -33.96 26.28
C LEU B 547 -40.39 -32.75 25.55
N LEU B 548 -39.80 -31.84 26.30
CA LEU B 548 -39.19 -30.66 25.71
C LEU B 548 -37.81 -31.07 25.22
N PHE B 549 -37.27 -30.32 24.25
CA PHE B 549 -35.97 -30.67 23.70
C PHE B 549 -34.91 -30.87 24.77
N GLN B 550 -34.20 -31.98 24.66
CA GLN B 550 -33.14 -32.30 25.60
C GLN B 550 -31.94 -32.83 24.82
N LYS B 551 -30.79 -32.18 25.03
CA LYS B 551 -29.57 -32.57 24.34
C LYS B 551 -28.82 -33.67 25.09
N HIS B 552 -28.25 -34.60 24.33
CA HIS B 552 -27.49 -35.69 24.91
C HIS B 552 -26.02 -35.26 24.91
N PRO B 553 -25.20 -35.82 25.81
CA PRO B 553 -23.78 -35.44 25.86
C PRO B 553 -23.02 -35.78 24.58
N PRO B 554 -22.13 -34.89 24.14
CA PRO B 554 -21.36 -35.14 22.92
C PRO B 554 -20.25 -36.17 23.11
N ALA B 555 -19.87 -36.81 22.02
CA ALA B 555 -18.79 -37.79 22.03
C ALA B 555 -18.11 -37.70 20.67
N ASN B 556 -16.81 -37.41 20.67
CA ASN B 556 -16.07 -37.30 19.43
C ASN B 556 -14.82 -38.15 19.45
N ILE B 557 -14.55 -38.79 18.32
CA ILE B 557 -13.37 -39.62 18.18
C ILE B 557 -12.81 -39.47 16.78
N GLN B 558 -11.51 -39.20 16.70
CA GLN B 558 -10.85 -39.06 15.42
C GLN B 558 -9.75 -40.12 15.37
N LEU B 559 -9.75 -40.93 14.32
CA LEU B 559 -8.73 -41.96 14.17
C LEU B 559 -7.93 -41.71 12.91
N PHE B 560 -6.61 -41.70 13.05
CA PHE B 560 -5.74 -41.53 11.90
C PHE B 560 -4.48 -42.33 12.15
N GLN B 561 -3.54 -42.28 11.22
CA GLN B 561 -2.33 -43.08 11.31
C GLN B 561 -1.09 -42.31 11.75
N GLU B 562 -0.27 -42.97 12.55
CA GLU B 562 0.98 -42.40 13.03
C GLU B 562 1.97 -42.41 11.87
N VAL B 563 2.97 -41.54 11.92
CA VAL B 563 3.98 -41.51 10.86
C VAL B 563 5.02 -42.60 11.15
N PRO B 564 5.79 -43.00 10.13
CA PRO B 564 6.80 -44.04 10.34
C PRO B 564 7.64 -43.68 11.57
N ASN B 565 7.69 -44.59 12.54
CA ASN B 565 8.41 -44.40 13.80
C ASN B 565 9.82 -43.81 13.67
N GLY B 566 10.48 -44.04 12.53
CA GLY B 566 11.83 -43.51 12.36
C GLY B 566 11.92 -42.21 11.57
N GLN B 567 10.84 -41.44 11.55
CA GLN B 567 10.82 -40.17 10.83
C GLN B 567 11.27 -39.01 11.70
N SER B 568 12.13 -38.15 11.14
CA SER B 568 12.63 -37.01 11.88
C SER B 568 11.49 -36.13 12.38
N LYS B 569 11.63 -35.60 13.59
CA LYS B 569 10.59 -34.74 14.13
C LYS B 569 10.58 -33.46 13.30
N GLU B 570 11.64 -33.24 12.55
CA GLU B 570 11.78 -32.07 11.70
C GLU B 570 10.94 -32.28 10.43
N ASP B 571 10.62 -33.54 10.15
CA ASP B 571 9.80 -33.87 8.99
C ASP B 571 8.37 -33.89 9.52
N THR B 572 7.60 -32.87 9.16
CA THR B 572 6.23 -32.76 9.64
C THR B 572 5.17 -33.37 8.72
N VAL B 573 5.58 -33.85 7.55
CA VAL B 573 4.61 -34.45 6.64
C VAL B 573 3.94 -35.66 7.28
N GLY B 574 2.62 -35.61 7.38
CA GLY B 574 1.89 -36.70 7.98
C GLY B 574 1.55 -36.43 9.43
N ARG B 575 2.06 -35.32 9.96
CA ARG B 575 1.79 -34.97 11.34
C ARG B 575 0.66 -33.95 11.41
N PRO B 576 -0.09 -33.94 12.52
CA PRO B 576 -1.22 -33.01 12.72
C PRO B 576 -0.79 -31.60 13.09
N LEU B 577 -0.03 -30.97 12.22
CA LEU B 577 0.45 -29.61 12.46
C LEU B 577 -0.69 -28.62 12.32
N PRO B 578 -0.91 -27.75 13.32
CA PRO B 578 -2.00 -26.78 13.23
C PRO B 578 -1.77 -25.79 12.08
N HIS B 579 -2.86 -25.27 11.53
CA HIS B 579 -2.82 -24.28 10.45
C HIS B 579 -1.85 -23.21 10.92
N LEU B 580 -0.86 -22.89 10.09
CA LEU B 580 0.15 -21.90 10.45
C LEU B 580 -0.36 -20.53 10.88
N ALA B 581 -1.55 -20.14 10.44
CA ALA B 581 -2.08 -18.82 10.80
C ALA B 581 -3.17 -18.86 11.88
N ALA B 582 -3.46 -20.05 12.41
CA ALA B 582 -4.50 -20.20 13.43
C ALA B 582 -4.33 -19.31 14.66
N ALA B 583 -3.10 -19.12 15.12
CA ALA B 583 -2.86 -18.30 16.29
C ALA B 583 -3.18 -16.84 15.99
N MET B 584 -2.78 -16.36 14.81
CA MET B 584 -3.05 -14.98 14.44
C MET B 584 -4.53 -14.76 14.13
N GLN B 585 -5.21 -15.82 13.72
CA GLN B 585 -6.63 -15.72 13.45
C GLN B 585 -7.38 -15.63 14.78
N ALA B 586 -6.92 -16.38 15.78
CA ALA B 586 -7.52 -16.36 17.11
C ALA B 586 -7.24 -15.04 17.82
N SER B 587 -6.18 -14.36 17.42
CA SER B 587 -5.80 -13.10 18.05
C SER B 587 -6.32 -11.88 17.30
N GLY B 588 -6.86 -12.10 16.12
CA GLY B 588 -7.37 -10.99 15.34
C GLY B 588 -6.27 -10.26 14.60
N GLU B 589 -5.08 -10.84 14.59
CA GLU B 589 -3.95 -10.24 13.91
C GLU B 589 -3.94 -10.59 12.43
N ALA B 590 -4.52 -11.74 12.08
CA ALA B 590 -4.57 -12.16 10.69
C ALA B 590 -5.29 -11.06 9.90
N VAL B 591 -4.64 -10.58 8.84
CA VAL B 591 -5.20 -9.51 8.02
C VAL B 591 -6.02 -10.02 6.83
N TYR B 592 -7.28 -9.59 6.76
CA TYR B 592 -8.14 -9.95 5.63
C TYR B 592 -8.24 -8.66 4.80
N CYS B 593 -8.70 -8.78 3.56
CA CYS B 593 -8.76 -7.63 2.67
C CYS B 593 -9.17 -6.29 3.27
N ASP B 594 -10.34 -6.23 3.92
CA ASP B 594 -10.80 -4.96 4.48
C ASP B 594 -10.04 -4.51 5.72
N ASP B 595 -9.24 -5.41 6.30
CA ASP B 595 -8.45 -5.05 7.50
C ASP B 595 -7.23 -4.23 7.08
N ILE B 596 -6.93 -4.24 5.79
CA ILE B 596 -5.80 -3.47 5.28
C ILE B 596 -6.17 -1.99 5.46
N PRO B 597 -5.26 -1.19 6.03
CA PRO B 597 -5.51 0.24 6.25
C PRO B 597 -5.92 0.99 4.97
N ARG B 598 -6.81 1.97 5.10
CA ARG B 598 -7.22 2.74 3.94
C ARG B 598 -6.30 3.94 3.77
N TYR B 599 -6.01 4.30 2.51
CA TYR B 599 -5.19 5.47 2.26
C TYR B 599 -6.00 6.68 2.68
N GLU B 600 -5.32 7.78 2.99
CA GLU B 600 -6.02 8.98 3.42
C GLU B 600 -6.98 9.50 2.33
N ASN B 601 -6.66 9.18 1.09
CA ASN B 601 -7.50 9.63 -0.02
C ASN B 601 -8.35 8.51 -0.61
N GLU B 602 -8.44 7.39 0.11
CA GLU B 602 -9.19 6.23 -0.37
C GLU B 602 -10.69 6.49 -0.34
N LEU B 603 -11.37 6.14 -1.43
CA LEU B 603 -12.81 6.34 -1.53
C LEU B 603 -13.55 5.01 -1.44
N PHE B 604 -14.87 5.05 -1.31
CA PHE B 604 -15.67 3.83 -1.19
C PHE B 604 -16.68 3.69 -2.32
N LEU B 605 -16.90 2.45 -2.76
CA LEU B 605 -17.83 2.17 -3.83
C LEU B 605 -19.02 1.32 -3.38
N ARG B 606 -20.19 1.66 -3.88
CA ARG B 606 -21.42 0.94 -3.58
C ARG B 606 -22.06 0.61 -4.92
N LEU B 607 -22.39 -0.67 -5.12
CA LEU B 607 -23.00 -1.07 -6.39
C LEU B 607 -24.46 -0.62 -6.49
N VAL B 608 -24.88 -0.33 -7.71
CA VAL B 608 -26.24 0.07 -8.01
C VAL B 608 -26.72 -1.11 -8.86
N THR B 609 -27.69 -1.86 -8.33
CA THR B 609 -28.18 -3.05 -8.99
C THR B 609 -29.63 -2.99 -9.43
N SER B 610 -29.95 -3.81 -10.42
CA SER B 610 -31.29 -3.91 -10.96
C SER B 610 -32.30 -4.48 -9.95
N THR B 611 -33.49 -3.89 -9.93
CA THR B 611 -34.55 -4.36 -9.05
C THR B 611 -35.60 -5.11 -9.87
N ARG B 612 -35.30 -5.34 -11.15
CA ARG B 612 -36.20 -6.06 -12.04
C ARG B 612 -35.50 -7.30 -12.61
N ALA B 613 -36.25 -8.38 -12.83
CA ALA B 613 -35.67 -9.61 -13.36
C ALA B 613 -35.31 -9.49 -14.84
N HIS B 614 -36.11 -8.75 -15.60
CA HIS B 614 -35.84 -8.56 -17.03
C HIS B 614 -36.55 -7.30 -17.50
N ALA B 615 -35.78 -6.32 -17.95
CA ALA B 615 -36.36 -5.07 -18.41
C ALA B 615 -35.37 -4.18 -19.15
N LYS B 616 -35.91 -3.19 -19.85
CA LYS B 616 -35.10 -2.24 -20.57
C LYS B 616 -34.82 -1.11 -19.59
N ILE B 617 -33.64 -0.50 -19.70
CA ILE B 617 -33.30 0.62 -18.85
C ILE B 617 -33.72 1.84 -19.66
N LYS B 618 -34.75 2.54 -19.22
CA LYS B 618 -35.20 3.71 -19.96
C LYS B 618 -34.37 4.93 -19.63
N SER B 619 -34.06 5.10 -18.34
CA SER B 619 -33.26 6.23 -17.91
C SER B 619 -32.70 6.05 -16.51
N ILE B 620 -31.66 6.82 -16.20
CA ILE B 620 -31.02 6.78 -14.90
C ILE B 620 -30.93 8.21 -14.37
N ASP B 621 -31.48 8.46 -13.20
CA ASP B 621 -31.43 9.80 -12.62
C ASP B 621 -30.65 9.76 -11.31
N VAL B 622 -29.59 10.55 -11.25
CA VAL B 622 -28.73 10.61 -10.06
C VAL B 622 -28.85 11.94 -9.35
N SER B 623 -29.76 12.79 -9.81
CA SER B 623 -29.94 14.11 -9.22
C SER B 623 -30.10 14.06 -7.70
N GLU B 624 -30.72 13.00 -7.21
CA GLU B 624 -30.93 12.87 -5.77
C GLU B 624 -29.67 12.36 -5.07
N ALA B 625 -28.95 11.45 -5.72
CA ALA B 625 -27.73 10.90 -5.14
C ALA B 625 -26.68 12.00 -5.00
N GLN B 626 -26.61 12.89 -5.98
CA GLN B 626 -25.65 14.00 -5.97
C GLN B 626 -25.80 14.92 -4.77
N LYS B 627 -26.93 14.84 -4.07
CA LYS B 627 -27.16 15.70 -2.91
C LYS B 627 -26.59 15.12 -1.64
N VAL B 628 -26.39 13.81 -1.61
CA VAL B 628 -25.84 13.17 -0.42
C VAL B 628 -24.45 13.70 -0.14
N PRO B 629 -24.17 14.07 1.11
CA PRO B 629 -22.83 14.57 1.43
C PRO B 629 -21.77 13.53 1.09
N GLY B 630 -20.60 13.99 0.64
CA GLY B 630 -19.53 13.07 0.32
C GLY B 630 -19.65 12.38 -1.03
N PHE B 631 -20.74 12.63 -1.74
CA PHE B 631 -20.93 12.02 -3.06
C PHE B 631 -19.78 12.44 -3.95
N VAL B 632 -19.24 11.51 -4.73
CA VAL B 632 -18.14 11.84 -5.63
C VAL B 632 -18.60 11.67 -7.08
N CYS B 633 -19.21 10.53 -7.38
CA CYS B 633 -19.67 10.29 -8.74
C CYS B 633 -20.45 8.99 -8.88
N PHE B 634 -21.19 8.90 -9.99
CA PHE B 634 -21.95 7.71 -10.32
C PHE B 634 -21.26 7.19 -11.58
N LEU B 635 -20.95 5.90 -11.60
CA LEU B 635 -20.27 5.29 -12.72
C LEU B 635 -21.20 4.33 -13.44
N SER B 636 -21.13 4.32 -14.77
CA SER B 636 -21.96 3.42 -15.58
C SER B 636 -21.15 2.92 -16.77
N ALA B 637 -21.80 2.14 -17.63
CA ALA B 637 -21.15 1.56 -18.80
C ALA B 637 -20.27 2.51 -19.61
N ASP B 638 -20.81 3.67 -19.95
CA ASP B 638 -20.07 4.65 -20.75
C ASP B 638 -18.73 5.11 -20.17
N ASP B 639 -18.54 4.93 -18.87
CA ASP B 639 -17.28 5.35 -18.23
C ASP B 639 -16.14 4.37 -18.48
N ILE B 640 -16.47 3.16 -18.88
CA ILE B 640 -15.46 2.13 -19.15
C ILE B 640 -14.58 2.51 -20.33
N PRO B 641 -13.26 2.60 -20.12
CA PRO B 641 -12.31 2.95 -21.18
C PRO B 641 -12.00 1.82 -22.16
N GLY B 642 -12.06 0.59 -21.67
CA GLY B 642 -11.75 -0.55 -22.52
C GLY B 642 -12.97 -1.28 -23.06
N SER B 643 -13.26 -2.45 -22.49
CA SER B 643 -14.39 -3.25 -22.95
C SER B 643 -15.40 -3.51 -21.84
N ASN B 644 -16.68 -3.48 -22.19
CA ASN B 644 -17.75 -3.73 -21.23
C ASN B 644 -18.21 -5.19 -21.36
N GLU B 645 -17.45 -5.97 -22.11
CA GLU B 645 -17.77 -7.40 -22.30
C GLU B 645 -16.85 -8.17 -21.37
N THR B 646 -17.42 -8.95 -20.46
CA THR B 646 -16.62 -9.70 -19.50
C THR B 646 -17.19 -11.09 -19.27
N GLY B 647 -16.73 -11.75 -18.21
CA GLY B 647 -17.22 -13.08 -17.92
C GLY B 647 -16.39 -14.14 -18.60
N LEU B 648 -16.44 -15.35 -18.05
CA LEU B 648 -15.68 -16.47 -18.59
C LEU B 648 -15.94 -16.70 -20.07
N PHE B 649 -17.20 -16.56 -20.50
CA PHE B 649 -17.54 -16.75 -21.90
C PHE B 649 -17.91 -15.45 -22.62
N ASN B 650 -17.37 -14.34 -22.15
CA ASN B 650 -17.64 -13.03 -22.74
C ASN B 650 -19.10 -12.77 -23.05
N ASP B 651 -19.99 -13.25 -22.18
CA ASP B 651 -21.41 -13.08 -22.38
C ASP B 651 -22.00 -12.22 -21.26
N GLU B 652 -21.16 -11.40 -20.64
CA GLU B 652 -21.60 -10.54 -19.55
C GLU B 652 -21.12 -9.11 -19.74
N THR B 653 -21.80 -8.19 -19.08
CA THR B 653 -21.43 -6.78 -19.12
C THR B 653 -20.80 -6.45 -17.79
N VAL B 654 -19.90 -5.46 -17.76
CA VAL B 654 -19.30 -5.05 -16.49
C VAL B 654 -20.41 -4.26 -15.80
N PHE B 655 -21.08 -3.43 -16.60
CA PHE B 655 -22.21 -2.60 -16.14
C PHE B 655 -23.31 -2.77 -17.17
N ALA B 656 -24.53 -3.01 -16.68
CA ALA B 656 -25.67 -3.22 -17.57
C ALA B 656 -25.79 -2.12 -18.63
N LYS B 657 -26.05 -2.54 -19.87
CA LYS B 657 -26.20 -1.62 -20.99
C LYS B 657 -27.54 -1.85 -21.68
N ASP B 658 -28.45 -0.90 -21.53
CA ASP B 658 -29.78 -0.96 -22.14
C ASP B 658 -30.76 -1.95 -21.51
N THR B 659 -30.27 -3.10 -21.08
CA THR B 659 -31.14 -4.11 -20.49
C THR B 659 -30.56 -4.78 -19.25
N VAL B 660 -31.44 -5.11 -18.30
CA VAL B 660 -31.02 -5.81 -17.08
C VAL B 660 -31.63 -7.21 -17.22
N THR B 661 -30.85 -8.24 -16.86
CA THR B 661 -31.34 -9.61 -16.98
C THR B 661 -31.50 -10.42 -15.70
N CYS B 662 -31.59 -9.74 -14.56
CA CYS B 662 -31.81 -10.41 -13.27
C CYS B 662 -31.80 -9.39 -12.14
N VAL B 663 -32.54 -9.68 -11.07
CA VAL B 663 -32.54 -8.77 -9.93
C VAL B 663 -31.13 -8.95 -9.39
N GLY B 664 -30.42 -7.84 -9.21
CA GLY B 664 -29.04 -7.92 -8.74
C GLY B 664 -28.05 -7.57 -9.85
N HIS B 665 -28.55 -7.50 -11.08
CA HIS B 665 -27.72 -7.18 -12.23
C HIS B 665 -27.09 -5.80 -12.01
N ILE B 666 -25.76 -5.75 -11.99
CA ILE B 666 -25.06 -4.49 -11.75
C ILE B 666 -25.21 -3.47 -12.88
N ILE B 667 -25.84 -2.34 -12.55
CA ILE B 667 -26.09 -1.26 -13.50
C ILE B 667 -24.99 -0.22 -13.47
N GLY B 668 -24.48 0.05 -12.27
CA GLY B 668 -23.41 1.03 -12.13
C GLY B 668 -22.89 1.03 -10.71
N ALA B 669 -22.34 2.16 -10.28
CA ALA B 669 -21.82 2.24 -8.91
C ALA B 669 -21.64 3.68 -8.46
N VAL B 670 -21.79 3.89 -7.16
CA VAL B 670 -21.60 5.20 -6.58
C VAL B 670 -20.30 5.22 -5.77
N VAL B 671 -19.53 6.29 -5.92
CA VAL B 671 -18.28 6.45 -5.19
C VAL B 671 -18.51 7.63 -4.27
N ALA B 672 -18.12 7.47 -3.01
CA ALA B 672 -18.29 8.54 -2.02
C ALA B 672 -17.15 8.50 -1.01
N ASP B 673 -17.10 9.48 -0.12
CA ASP B 673 -16.04 9.54 0.87
C ASP B 673 -16.17 8.55 2.04
N THR B 674 -17.37 8.01 2.23
CA THR B 674 -17.57 7.04 3.30
C THR B 674 -18.53 5.95 2.82
N PRO B 675 -18.47 4.75 3.44
CA PRO B 675 -19.35 3.65 3.04
C PRO B 675 -20.82 4.06 3.19
N GLU B 676 -21.14 4.71 4.31
CA GLU B 676 -22.51 5.16 4.58
C GLU B 676 -23.02 6.07 3.48
N HIS B 677 -22.21 7.05 3.11
CA HIS B 677 -22.60 7.99 2.07
C HIS B 677 -22.76 7.31 0.71
N ALA B 678 -21.90 6.34 0.43
CA ALA B 678 -21.97 5.61 -0.83
C ALA B 678 -23.28 4.83 -0.88
N GLU B 679 -23.60 4.19 0.24
CA GLU B 679 -24.82 3.39 0.35
C GLU B 679 -26.07 4.26 0.23
N ARG B 680 -26.13 5.35 1.00
CA ARG B 680 -27.30 6.22 0.94
C ARG B 680 -27.51 6.80 -0.45
N ALA B 681 -26.43 7.26 -1.09
CA ALA B 681 -26.53 7.83 -2.43
C ALA B 681 -27.00 6.78 -3.44
N ALA B 682 -26.39 5.59 -3.37
CA ALA B 682 -26.75 4.51 -4.30
C ALA B 682 -28.23 4.16 -4.14
N HIS B 683 -28.71 4.23 -2.91
CA HIS B 683 -30.10 3.92 -2.61
C HIS B 683 -31.08 4.84 -3.37
N VAL B 684 -30.76 6.13 -3.44
CA VAL B 684 -31.64 7.08 -4.13
C VAL B 684 -31.37 7.28 -5.62
N VAL B 685 -30.56 6.42 -6.23
CA VAL B 685 -30.33 6.54 -7.66
C VAL B 685 -31.60 6.00 -8.31
N LYS B 686 -32.30 6.85 -9.04
CA LYS B 686 -33.56 6.46 -9.68
C LYS B 686 -33.38 5.87 -11.06
N VAL B 687 -33.86 4.63 -11.22
CA VAL B 687 -33.78 3.93 -12.49
C VAL B 687 -35.20 3.66 -13.01
N THR B 688 -35.43 3.96 -14.28
CA THR B 688 -36.74 3.75 -14.89
C THR B 688 -36.68 2.52 -15.79
N TYR B 689 -37.54 1.55 -15.55
CA TYR B 689 -37.55 0.33 -16.35
C TYR B 689 -38.80 0.13 -17.16
N GLU B 690 -38.73 -0.85 -18.06
CA GLU B 690 -39.83 -1.26 -18.92
C GLU B 690 -39.64 -2.77 -18.94
N ASP B 691 -40.47 -3.48 -18.19
CA ASP B 691 -40.37 -4.93 -18.10
C ASP B 691 -40.41 -5.69 -19.42
N LEU B 692 -39.77 -6.85 -19.43
CA LEU B 692 -39.70 -7.73 -20.59
C LEU B 692 -40.05 -9.14 -20.11
N PRO B 693 -40.57 -9.99 -21.00
CA PRO B 693 -40.91 -11.36 -20.57
C PRO B 693 -39.72 -11.99 -19.85
N ALA B 694 -39.97 -12.55 -18.67
CA ALA B 694 -38.91 -13.16 -17.90
C ALA B 694 -39.05 -14.67 -17.78
N ILE B 695 -37.92 -15.35 -17.73
CA ILE B 695 -37.87 -16.80 -17.57
C ILE B 695 -37.10 -17.02 -16.27
N ILE B 696 -37.81 -17.46 -15.24
CA ILE B 696 -37.22 -17.66 -13.92
C ILE B 696 -36.83 -19.07 -13.53
N THR B 697 -37.76 -20.00 -13.68
CA THR B 697 -37.55 -21.39 -13.28
C THR B 697 -37.03 -22.35 -14.36
N ILE B 698 -36.54 -23.49 -13.89
CA ILE B 698 -36.04 -24.53 -14.76
C ILE B 698 -37.21 -24.93 -15.65
N GLU B 699 -38.41 -24.97 -15.06
CA GLU B 699 -39.61 -25.32 -15.80
C GLU B 699 -39.88 -24.30 -16.92
N ASP B 700 -39.76 -23.01 -16.60
CA ASP B 700 -39.98 -21.96 -17.59
C ASP B 700 -38.96 -22.08 -18.72
N ALA B 701 -37.72 -22.36 -18.34
CA ALA B 701 -36.63 -22.50 -19.30
C ALA B 701 -36.93 -23.62 -20.29
N ILE B 702 -37.32 -24.76 -19.75
CA ILE B 702 -37.64 -25.92 -20.59
C ILE B 702 -38.80 -25.62 -21.53
N LYS B 703 -39.87 -25.06 -20.98
CA LYS B 703 -41.06 -24.71 -21.75
C LYS B 703 -40.78 -23.68 -22.84
N ASN B 704 -39.75 -22.87 -22.63
CA ASN B 704 -39.39 -21.83 -23.58
C ASN B 704 -38.11 -22.19 -24.33
N ASN B 705 -37.59 -23.37 -24.04
CA ASN B 705 -36.37 -23.85 -24.67
C ASN B 705 -35.23 -22.84 -24.51
N SER B 706 -35.13 -22.27 -23.31
CA SER B 706 -34.09 -21.29 -23.01
C SER B 706 -32.90 -22.03 -22.37
N PHE B 707 -31.90 -22.36 -23.19
CA PHE B 707 -30.74 -23.07 -22.71
C PHE B 707 -29.42 -22.46 -23.19
N TYR B 708 -28.32 -22.88 -22.58
CA TYR B 708 -26.99 -22.42 -22.97
C TYR B 708 -26.32 -23.60 -23.69
N GLY B 709 -26.09 -23.44 -24.99
CA GLY B 709 -25.45 -24.49 -25.73
C GLY B 709 -26.37 -25.68 -25.93
N SER B 710 -25.79 -26.82 -26.32
CA SER B 710 -26.57 -28.02 -26.56
C SER B 710 -26.45 -29.04 -25.44
N GLU B 711 -27.24 -30.10 -25.59
CA GLU B 711 -27.29 -31.19 -24.62
C GLU B 711 -25.95 -31.89 -24.40
N LEU B 712 -25.64 -32.16 -23.14
CA LEU B 712 -24.42 -32.89 -22.77
C LEU B 712 -24.90 -34.31 -22.55
N LYS B 713 -24.08 -35.29 -22.90
CA LYS B 713 -24.51 -36.67 -22.71
C LYS B 713 -23.41 -37.71 -22.69
N ILE B 714 -23.62 -38.72 -21.87
CA ILE B 714 -22.72 -39.85 -21.75
C ILE B 714 -23.64 -41.06 -21.84
N GLU B 715 -23.34 -41.97 -22.76
CA GLU B 715 -24.17 -43.15 -22.91
C GLU B 715 -23.31 -44.38 -23.13
N LYS B 716 -23.59 -45.43 -22.37
CA LYS B 716 -22.83 -46.67 -22.47
C LYS B 716 -23.79 -47.85 -22.38
N GLY B 717 -23.50 -48.87 -23.17
CA GLY B 717 -24.34 -50.06 -23.16
C GLY B 717 -25.55 -49.98 -24.07
N ASP B 718 -26.53 -50.81 -23.80
CA ASP B 718 -27.76 -50.87 -24.59
C ASP B 718 -28.94 -50.67 -23.65
N LEU B 719 -29.41 -49.42 -23.55
CA LEU B 719 -30.54 -49.10 -22.68
C LEU B 719 -31.77 -49.93 -22.99
N LYS B 720 -32.28 -49.81 -24.21
CA LYS B 720 -33.47 -50.54 -24.63
C LYS B 720 -33.39 -51.99 -24.18
N LYS B 721 -32.24 -52.62 -24.41
CA LYS B 721 -32.07 -54.01 -24.02
C LYS B 721 -32.08 -54.10 -22.49
N GLY B 722 -31.36 -53.19 -21.85
CA GLY B 722 -31.30 -53.18 -20.39
C GLY B 722 -32.66 -53.21 -19.74
N PHE B 723 -33.54 -52.30 -20.15
CA PHE B 723 -34.87 -52.26 -19.57
C PHE B 723 -35.66 -53.54 -19.90
N SER B 724 -35.38 -54.14 -21.05
CA SER B 724 -36.08 -55.36 -21.46
C SER B 724 -35.78 -56.51 -20.50
N GLU B 725 -34.57 -56.52 -19.96
CA GLU B 725 -34.13 -57.57 -19.06
C GLU B 725 -34.55 -57.32 -17.62
N ALA B 726 -34.70 -56.04 -17.27
CA ALA B 726 -35.07 -55.63 -15.91
C ALA B 726 -36.36 -56.25 -15.38
N ASP B 727 -36.31 -56.69 -14.12
CA ASP B 727 -37.47 -57.26 -13.45
C ASP B 727 -38.45 -56.14 -13.13
N ASN B 728 -37.89 -55.01 -12.67
CA ASN B 728 -38.70 -53.85 -12.30
C ASN B 728 -38.14 -52.56 -12.88
N VAL B 729 -39.01 -51.58 -13.06
CA VAL B 729 -38.61 -50.28 -13.58
C VAL B 729 -39.31 -49.18 -12.80
N VAL B 730 -38.51 -48.25 -12.28
CA VAL B 730 -39.03 -47.13 -11.51
C VAL B 730 -38.71 -45.82 -12.21
N SER B 731 -39.73 -44.97 -12.35
CA SER B 731 -39.57 -43.66 -12.98
C SER B 731 -39.95 -42.57 -12.00
N GLY B 732 -39.25 -41.45 -12.07
CA GLY B 732 -39.57 -40.36 -11.17
C GLY B 732 -38.91 -39.03 -11.51
N GLU B 733 -39.16 -38.06 -10.66
CA GLU B 733 -38.61 -36.73 -10.81
C GLU B 733 -38.07 -36.32 -9.45
N LEU B 734 -36.97 -35.58 -9.44
CA LEU B 734 -36.36 -35.15 -8.18
C LEU B 734 -35.82 -33.74 -8.32
N TYR B 735 -35.82 -33.00 -7.21
CA TYR B 735 -35.32 -31.64 -7.19
C TYR B 735 -34.42 -31.39 -5.98
N ILE B 736 -33.37 -30.59 -6.19
CA ILE B 736 -32.46 -30.24 -5.11
C ILE B 736 -32.21 -28.73 -5.19
N GLY B 737 -32.59 -28.03 -4.12
CA GLY B 737 -32.43 -26.58 -4.07
C GLY B 737 -30.98 -26.12 -4.15
N GLY B 738 -30.79 -24.83 -4.43
CA GLY B 738 -29.46 -24.27 -4.52
C GLY B 738 -28.78 -24.13 -3.17
N GLN B 739 -27.83 -23.21 -3.08
CA GLN B 739 -27.12 -22.99 -1.82
C GLN B 739 -26.23 -21.76 -1.91
N ASP B 740 -26.22 -20.96 -0.85
CA ASP B 740 -25.39 -19.76 -0.79
C ASP B 740 -24.12 -20.14 -0.06
N HIS B 741 -22.98 -19.77 -0.63
CA HIS B 741 -21.69 -20.10 -0.04
C HIS B 741 -21.56 -19.69 1.42
N PHE B 742 -22.05 -18.50 1.72
CA PHE B 742 -21.96 -17.93 3.05
C PHE B 742 -20.56 -18.00 3.67
N TYR B 743 -19.55 -17.59 2.91
CA TYR B 743 -18.19 -17.52 3.43
C TYR B 743 -18.34 -16.40 4.46
N LEU B 744 -17.75 -16.53 5.64
CA LEU B 744 -17.92 -15.50 6.64
C LEU B 744 -17.41 -14.15 6.16
N GLU B 745 -16.38 -14.15 5.31
CA GLU B 745 -15.90 -12.91 4.74
C GLU B 745 -16.53 -12.78 3.35
N THR B 746 -17.27 -11.71 3.11
CA THR B 746 -17.92 -11.51 1.82
C THR B 746 -16.88 -11.04 0.79
N HIS B 747 -17.33 -10.87 -0.44
CA HIS B 747 -16.46 -10.40 -1.51
C HIS B 747 -15.88 -9.04 -1.16
N CYS B 748 -14.64 -8.79 -1.56
CA CYS B 748 -13.99 -7.52 -1.24
C CYS B 748 -12.78 -7.24 -2.13
N THR B 749 -12.64 -5.99 -2.55
CA THR B 749 -11.50 -5.60 -3.37
C THR B 749 -11.08 -4.18 -3.07
N ILE B 750 -9.76 -3.96 -3.07
CA ILE B 750 -9.18 -2.65 -2.90
C ILE B 750 -8.41 -2.46 -4.20
N ALA B 751 -8.57 -1.30 -4.84
CA ALA B 751 -7.87 -1.04 -6.10
C ALA B 751 -7.03 0.22 -5.97
N ILE B 752 -5.74 0.08 -6.23
CA ILE B 752 -4.81 1.20 -6.15
C ILE B 752 -4.31 1.61 -7.52
N PRO B 753 -4.71 2.80 -7.99
CA PRO B 753 -4.30 3.33 -9.30
C PRO B 753 -2.96 4.05 -9.12
N LYS B 754 -1.97 3.65 -9.89
CA LYS B 754 -0.64 4.26 -9.79
C LYS B 754 -0.54 5.59 -10.50
N GLY B 755 -1.18 5.69 -11.66
CA GLY B 755 -1.11 6.92 -12.42
C GLY B 755 -0.01 6.83 -13.46
N GLU B 756 0.62 5.66 -13.53
CA GLU B 756 1.70 5.43 -14.50
C GLU B 756 1.40 4.26 -15.42
N GLU B 757 1.45 4.52 -16.72
CA GLU B 757 1.26 3.47 -17.72
C GLU B 757 0.08 2.53 -17.49
N GLY B 758 -0.97 3.02 -16.84
CA GLY B 758 -2.14 2.19 -16.60
C GLY B 758 -2.01 1.21 -15.45
N GLU B 759 -0.86 1.25 -14.77
CA GLU B 759 -0.61 0.36 -13.63
C GLU B 759 -1.65 0.44 -12.51
N MET B 760 -2.05 -0.73 -12.02
CA MET B 760 -3.00 -0.81 -10.92
C MET B 760 -2.63 -2.02 -10.06
N GLU B 761 -2.64 -1.83 -8.75
CA GLU B 761 -2.32 -2.90 -7.81
C GLU B 761 -3.57 -3.20 -7.01
N LEU B 762 -4.00 -4.46 -7.00
CA LEU B 762 -5.22 -4.82 -6.29
C LEU B 762 -5.07 -5.89 -5.23
N PHE B 763 -5.77 -5.69 -4.12
CA PHE B 763 -5.80 -6.62 -3.02
C PHE B 763 -7.21 -7.17 -3.12
N VAL B 764 -7.33 -8.47 -3.35
CA VAL B 764 -8.64 -9.07 -3.55
C VAL B 764 -8.87 -10.38 -2.82
N SER B 765 -10.11 -10.59 -2.40
CA SER B 765 -10.50 -11.83 -1.74
C SER B 765 -10.99 -12.74 -2.87
N THR B 766 -10.08 -13.44 -3.52
CA THR B 766 -10.44 -14.31 -4.64
C THR B 766 -9.57 -15.56 -4.72
N GLN B 767 -10.10 -16.61 -5.33
CA GLN B 767 -9.37 -17.86 -5.51
C GLN B 767 -8.71 -17.84 -6.89
N ASN B 768 -8.98 -16.78 -7.65
CA ASN B 768 -8.51 -16.66 -9.03
C ASN B 768 -7.84 -15.33 -9.33
N ALA B 769 -6.59 -15.17 -8.91
CA ALA B 769 -5.88 -13.92 -9.17
C ALA B 769 -5.68 -13.73 -10.68
N MET B 770 -5.51 -14.84 -11.40
CA MET B 770 -5.30 -14.77 -12.85
C MET B 770 -6.44 -14.08 -13.60
N LYS B 771 -7.65 -14.61 -13.45
CA LYS B 771 -8.81 -14.05 -14.12
C LYS B 771 -9.13 -12.63 -13.63
N THR B 772 -8.86 -12.37 -12.36
CA THR B 772 -9.09 -11.04 -11.80
C THR B 772 -8.19 -10.08 -12.59
N GLN B 773 -6.93 -10.47 -12.74
CA GLN B 773 -5.95 -9.67 -13.46
C GLN B 773 -6.35 -9.41 -14.91
N SER B 774 -6.66 -10.46 -15.66
CA SER B 774 -7.04 -10.31 -17.06
C SER B 774 -8.37 -9.58 -17.28
N PHE B 775 -9.35 -9.83 -16.40
CA PHE B 775 -10.65 -9.17 -16.51
C PHE B 775 -10.52 -7.67 -16.23
N VAL B 776 -9.68 -7.31 -15.27
CA VAL B 776 -9.49 -5.90 -14.94
C VAL B 776 -8.75 -5.23 -16.10
N ALA B 777 -7.79 -5.93 -16.68
CA ALA B 777 -7.02 -5.38 -17.80
C ALA B 777 -7.93 -5.20 -19.03
N LYS B 778 -8.78 -6.18 -19.27
CA LYS B 778 -9.70 -6.16 -20.41
C LYS B 778 -10.63 -4.95 -20.30
N MET B 779 -11.18 -4.73 -19.12
CA MET B 779 -12.09 -3.61 -18.89
C MET B 779 -11.38 -2.27 -19.09
N LEU B 780 -10.16 -2.16 -18.57
CA LEU B 780 -9.37 -0.92 -18.67
C LEU B 780 -8.78 -0.74 -20.06
N GLY B 781 -8.61 -1.83 -20.78
CA GLY B 781 -8.03 -1.75 -22.11
C GLY B 781 -6.53 -1.53 -22.05
N VAL B 782 -5.86 -2.24 -21.15
CA VAL B 782 -4.41 -2.14 -21.02
C VAL B 782 -3.82 -3.55 -21.00
N PRO B 783 -2.53 -3.68 -21.33
CA PRO B 783 -1.91 -5.01 -21.34
C PRO B 783 -2.00 -5.65 -19.94
N VAL B 784 -2.04 -6.98 -19.91
CA VAL B 784 -2.12 -7.69 -18.64
C VAL B 784 -0.92 -7.42 -17.72
N ASN B 785 0.25 -7.17 -18.31
CA ASN B 785 1.44 -6.93 -17.50
C ASN B 785 1.41 -5.63 -16.69
N ARG B 786 0.35 -4.85 -16.84
CA ARG B 786 0.22 -3.59 -16.12
C ARG B 786 -0.55 -3.80 -14.81
N ILE B 787 -1.18 -4.96 -14.68
CA ILE B 787 -2.02 -5.25 -13.52
C ILE B 787 -1.44 -6.25 -12.52
N LEU B 788 -1.40 -5.86 -11.26
CA LEU B 788 -0.88 -6.72 -10.20
C LEU B 788 -2.00 -7.08 -9.25
N VAL B 789 -2.19 -8.38 -9.03
CA VAL B 789 -3.22 -8.83 -8.12
C VAL B 789 -2.56 -9.61 -6.97
N ARG B 790 -2.88 -9.19 -5.76
CA ARG B 790 -2.32 -9.80 -4.55
C ARG B 790 -3.43 -10.36 -3.66
N VAL B 791 -3.26 -11.60 -3.22
CA VAL B 791 -4.21 -12.26 -2.36
C VAL B 791 -3.49 -12.81 -1.14
N LYS B 792 -3.77 -12.23 0.03
CA LYS B 792 -3.16 -12.67 1.27
C LYS B 792 -3.89 -13.95 1.70
N ARG B 793 -5.18 -13.80 2.00
CA ARG B 793 -6.00 -14.93 2.41
C ARG B 793 -7.47 -14.54 2.26
N MET B 794 -8.35 -15.53 2.20
CA MET B 794 -9.79 -15.30 2.10
C MET B 794 -10.47 -15.83 3.35
N GLY B 795 -11.49 -15.12 3.80
CA GLY B 795 -12.24 -15.60 4.95
C GLY B 795 -13.26 -16.55 4.33
N GLY B 796 -12.76 -17.56 3.61
CA GLY B 796 -13.62 -18.54 2.97
C GLY B 796 -13.86 -18.23 1.50
N GLY B 797 -14.06 -19.28 0.70
CA GLY B 797 -14.30 -19.11 -0.73
C GLY B 797 -15.31 -20.14 -1.22
N PHE B 798 -14.99 -21.41 -1.02
CA PHE B 798 -15.90 -22.50 -1.41
C PHE B 798 -16.35 -22.51 -2.86
N GLY B 799 -15.57 -21.90 -3.73
CA GLY B 799 -15.93 -21.86 -5.14
C GLY B 799 -16.61 -20.55 -5.52
N GLY B 800 -17.22 -19.89 -4.55
CA GLY B 800 -17.91 -18.63 -4.82
C GLY B 800 -16.97 -17.51 -5.19
N LYS B 801 -15.68 -17.72 -4.96
CA LYS B 801 -14.70 -16.70 -5.29
C LYS B 801 -13.79 -17.19 -6.41
N GLU B 802 -14.21 -18.26 -7.08
CA GLU B 802 -13.44 -18.81 -8.19
C GLU B 802 -13.54 -17.88 -9.40
N THR B 803 -14.69 -17.24 -9.59
CA THR B 803 -14.90 -16.33 -10.71
C THR B 803 -15.72 -15.08 -10.39
N ARG B 804 -16.84 -15.25 -9.68
CA ARG B 804 -17.73 -14.15 -9.36
C ARG B 804 -17.13 -12.98 -8.58
N SER B 805 -15.95 -13.17 -8.02
CA SER B 805 -15.33 -12.07 -7.29
C SER B 805 -14.97 -10.95 -8.26
N THR B 806 -14.90 -11.26 -9.56
CA THR B 806 -14.56 -10.23 -10.55
C THR B 806 -15.65 -9.19 -10.69
N LEU B 807 -16.88 -9.56 -10.34
CA LEU B 807 -18.00 -8.62 -10.43
C LEU B 807 -17.66 -7.37 -9.62
N VAL B 808 -17.06 -7.57 -8.44
CA VAL B 808 -16.70 -6.45 -7.60
C VAL B 808 -15.34 -5.84 -7.96
N SER B 809 -14.35 -6.70 -8.22
CA SER B 809 -13.02 -6.21 -8.56
C SER B 809 -13.00 -5.27 -9.76
N VAL B 810 -13.70 -5.66 -10.84
CA VAL B 810 -13.72 -4.82 -12.03
C VAL B 810 -14.41 -3.48 -11.80
N ALA B 811 -15.49 -3.49 -11.02
CA ALA B 811 -16.18 -2.26 -10.73
C ALA B 811 -15.27 -1.34 -9.91
N VAL B 812 -14.62 -1.91 -8.90
CA VAL B 812 -13.72 -1.13 -8.06
C VAL B 812 -12.54 -0.59 -8.87
N ALA B 813 -12.04 -1.42 -9.79
CA ALA B 813 -10.92 -1.01 -10.64
C ALA B 813 -11.35 0.19 -11.50
N LEU B 814 -12.57 0.15 -12.00
CA LEU B 814 -13.06 1.26 -12.82
C LEU B 814 -13.08 2.55 -12.01
N ALA B 815 -13.58 2.47 -10.77
CA ALA B 815 -13.65 3.64 -9.90
C ALA B 815 -12.26 4.22 -9.68
N ALA B 816 -11.29 3.34 -9.41
CA ALA B 816 -9.91 3.78 -9.19
C ALA B 816 -9.39 4.47 -10.44
N TYR B 817 -9.64 3.85 -11.60
CA TYR B 817 -9.20 4.41 -12.86
C TYR B 817 -9.82 5.81 -13.09
N LYS B 818 -11.14 5.91 -12.97
CA LYS B 818 -11.80 7.20 -13.20
C LYS B 818 -11.46 8.31 -12.20
N THR B 819 -11.38 7.97 -10.92
CA THR B 819 -11.08 8.98 -9.91
C THR B 819 -9.59 9.24 -9.71
N GLY B 820 -8.78 8.22 -9.93
CA GLY B 820 -7.35 8.38 -9.71
C GLY B 820 -7.04 8.17 -8.23
N HIS B 821 -8.06 7.81 -7.45
CA HIS B 821 -7.89 7.57 -6.02
C HIS B 821 -7.99 6.09 -5.71
N PRO B 822 -7.39 5.65 -4.59
CA PRO B 822 -7.51 4.23 -4.27
C PRO B 822 -9.00 4.07 -3.95
N VAL B 823 -9.59 2.93 -4.26
CA VAL B 823 -11.01 2.71 -3.99
C VAL B 823 -11.21 1.31 -3.47
N ARG B 824 -12.20 1.12 -2.61
CA ARG B 824 -12.48 -0.21 -2.09
C ARG B 824 -13.97 -0.47 -1.91
N CYS B 825 -14.33 -1.75 -1.89
CA CYS B 825 -15.71 -2.15 -1.67
C CYS B 825 -15.76 -3.56 -1.10
N MET B 826 -16.48 -3.70 0.02
CA MET B 826 -16.68 -5.00 0.63
C MET B 826 -18.20 -5.13 0.65
N LEU B 827 -18.71 -6.21 0.09
CA LEU B 827 -20.15 -6.41 0.02
C LEU B 827 -20.80 -6.69 1.35
N ASP B 828 -21.97 -6.09 1.58
CA ASP B 828 -22.72 -6.38 2.79
C ASP B 828 -23.27 -7.77 2.45
N ARG B 829 -23.68 -8.52 3.46
CA ARG B 829 -24.21 -9.87 3.25
C ARG B 829 -25.40 -9.95 2.29
N ASN B 830 -26.34 -9.02 2.40
CA ASN B 830 -27.50 -9.07 1.51
C ASN B 830 -27.13 -8.83 0.06
N GLU B 831 -26.15 -7.96 -0.19
CA GLU B 831 -25.69 -7.70 -1.56
C GLU B 831 -25.03 -8.96 -2.10
N ASP B 832 -24.18 -9.57 -1.27
CA ASP B 832 -23.45 -10.77 -1.66
C ASP B 832 -24.40 -11.92 -2.06
N MET B 833 -25.36 -12.23 -1.19
CA MET B 833 -26.30 -13.32 -1.48
C MET B 833 -27.15 -13.08 -2.73
N LEU B 834 -27.50 -11.83 -2.98
CA LEU B 834 -28.32 -11.48 -4.14
C LEU B 834 -27.56 -11.54 -5.48
N ILE B 835 -26.38 -10.92 -5.49
CA ILE B 835 -25.57 -10.78 -6.69
C ILE B 835 -24.60 -11.84 -7.18
N THR B 836 -23.77 -12.35 -6.27
CA THR B 836 -22.71 -13.28 -6.63
C THR B 836 -22.96 -14.72 -7.04
N GLY B 837 -24.22 -15.16 -7.06
CA GLY B 837 -24.50 -16.53 -7.46
C GLY B 837 -24.19 -17.60 -6.43
N GLY B 838 -24.80 -18.78 -6.58
CA GLY B 838 -24.57 -19.86 -5.65
C GLY B 838 -24.51 -21.20 -6.35
N ARG B 839 -24.79 -22.27 -5.59
CA ARG B 839 -24.79 -23.60 -6.15
C ARG B 839 -25.95 -23.70 -7.13
N HIS B 840 -25.81 -24.55 -8.14
CA HIS B 840 -26.84 -24.72 -9.15
C HIS B 840 -28.00 -25.59 -8.69
N PRO B 841 -29.23 -25.05 -8.71
CA PRO B 841 -30.36 -25.88 -8.30
C PRO B 841 -30.47 -26.91 -9.43
N PHE B 842 -30.85 -28.15 -9.11
CA PHE B 842 -30.97 -29.20 -10.13
C PHE B 842 -32.34 -29.87 -10.13
N LEU B 843 -32.80 -30.23 -11.33
CA LEU B 843 -34.05 -30.94 -11.51
C LEU B 843 -33.67 -32.17 -12.31
N ALA B 844 -34.06 -33.34 -11.84
CA ALA B 844 -33.73 -34.57 -12.54
C ALA B 844 -34.97 -35.40 -12.86
N ARG B 845 -34.93 -36.04 -14.03
CA ARG B 845 -35.99 -36.92 -14.49
C ARG B 845 -35.25 -38.21 -14.78
N TYR B 846 -35.58 -39.25 -14.02
CA TYR B 846 -34.91 -40.54 -14.14
C TYR B 846 -35.80 -41.75 -14.30
N LYS B 847 -35.17 -42.86 -14.67
CA LYS B 847 -35.83 -44.13 -14.89
C LYS B 847 -34.78 -45.20 -14.68
N VAL B 848 -35.03 -46.11 -13.74
CA VAL B 848 -34.07 -47.17 -13.45
C VAL B 848 -34.66 -48.58 -13.54
N GLY B 849 -33.94 -49.46 -14.21
CA GLY B 849 -34.38 -50.85 -14.34
C GLY B 849 -33.51 -51.74 -13.47
N PHE B 850 -34.14 -52.65 -12.74
CA PHE B 850 -33.39 -53.53 -11.85
C PHE B 850 -34.06 -54.89 -11.65
N MET B 851 -33.29 -55.85 -11.15
CA MET B 851 -33.80 -57.20 -10.91
C MET B 851 -34.37 -57.27 -9.49
N LYS B 852 -35.10 -58.33 -9.18
CA LYS B 852 -35.69 -58.50 -7.86
C LYS B 852 -34.61 -58.55 -6.78
N THR B 853 -33.38 -58.83 -7.19
CA THR B 853 -32.26 -58.92 -6.27
C THR B 853 -31.73 -57.53 -5.91
N GLY B 854 -32.13 -56.53 -6.69
CA GLY B 854 -31.68 -55.17 -6.44
C GLY B 854 -30.58 -54.77 -7.42
N THR B 855 -30.09 -55.72 -8.20
CA THR B 855 -29.04 -55.46 -9.18
C THR B 855 -29.53 -54.53 -10.27
N ILE B 856 -28.79 -53.44 -10.50
CA ILE B 856 -29.15 -52.47 -11.54
C ILE B 856 -28.77 -52.97 -12.93
N VAL B 857 -29.66 -52.78 -13.89
CA VAL B 857 -29.39 -53.22 -15.25
C VAL B 857 -29.48 -52.07 -16.25
N ALA B 858 -30.23 -51.03 -15.91
CA ALA B 858 -30.38 -49.90 -16.80
C ALA B 858 -30.69 -48.61 -16.04
N LEU B 859 -30.11 -47.51 -16.48
CA LEU B 859 -30.35 -46.22 -15.85
C LEU B 859 -30.40 -45.09 -16.86
N GLU B 860 -31.37 -44.22 -16.70
CA GLU B 860 -31.57 -43.07 -17.56
C GLU B 860 -31.84 -41.85 -16.70
N VAL B 861 -31.02 -40.82 -16.83
CA VAL B 861 -31.21 -39.61 -16.04
C VAL B 861 -30.95 -38.35 -16.86
N ASP B 862 -31.95 -37.49 -16.94
CA ASP B 862 -31.83 -36.22 -17.64
C ASP B 862 -31.69 -35.14 -16.58
N HIS B 863 -30.59 -34.39 -16.62
CA HIS B 863 -30.33 -33.34 -15.66
C HIS B 863 -30.59 -31.95 -16.23
N TYR B 864 -31.15 -31.07 -15.40
CA TYR B 864 -31.39 -29.69 -15.79
C TYR B 864 -30.95 -28.81 -14.64
N SER B 865 -30.05 -27.87 -14.91
CA SER B 865 -29.58 -26.98 -13.86
C SER B 865 -30.03 -25.56 -14.18
N ASN B 866 -30.28 -24.78 -13.13
CA ASN B 866 -30.66 -23.39 -13.34
C ASN B 866 -29.34 -22.65 -13.30
N ALA B 867 -28.88 -22.22 -14.47
CA ALA B 867 -27.60 -21.54 -14.62
C ALA B 867 -27.56 -20.03 -14.40
N GLY B 868 -28.72 -19.37 -14.45
CA GLY B 868 -28.72 -17.94 -14.25
C GLY B 868 -28.51 -17.16 -15.54
N ASN B 869 -28.20 -15.87 -15.42
CA ASN B 869 -28.03 -14.99 -16.58
C ASN B 869 -26.70 -14.97 -17.34
N SER B 870 -25.85 -15.96 -17.13
CA SER B 870 -24.59 -16.04 -17.89
C SER B 870 -24.14 -17.48 -17.79
N ARG B 871 -23.16 -17.84 -18.62
CA ARG B 871 -22.63 -19.20 -18.62
C ARG B 871 -21.71 -19.49 -17.44
N ASP B 872 -20.70 -18.64 -17.27
CA ASP B 872 -19.74 -18.81 -16.19
C ASP B 872 -19.25 -20.26 -16.19
N LEU B 873 -19.24 -20.91 -15.03
CA LEU B 873 -18.77 -22.29 -14.94
C LEU B 873 -19.84 -23.37 -15.07
N SER B 874 -21.06 -22.98 -15.47
CA SER B 874 -22.16 -23.93 -15.58
C SER B 874 -21.91 -25.17 -16.44
N HIS B 875 -21.24 -25.00 -17.58
CA HIS B 875 -20.99 -26.15 -18.45
C HIS B 875 -20.07 -27.18 -17.80
N SER B 876 -18.96 -26.74 -17.24
CA SER B 876 -18.03 -27.67 -16.59
C SER B 876 -18.70 -28.32 -15.38
N ILE B 877 -19.56 -27.57 -14.72
CA ILE B 877 -20.27 -28.10 -13.55
C ILE B 877 -21.19 -29.25 -13.96
N MET B 878 -21.85 -29.11 -15.11
CA MET B 878 -22.75 -30.17 -15.57
C MET B 878 -21.93 -31.39 -15.97
N GLU B 879 -20.76 -31.16 -16.56
CA GLU B 879 -19.90 -32.27 -16.95
C GLU B 879 -19.51 -33.08 -15.72
N ARG B 880 -19.09 -32.39 -14.66
CA ARG B 880 -18.70 -33.10 -13.43
C ARG B 880 -19.93 -33.84 -12.87
N ALA B 881 -21.11 -33.27 -13.03
CA ALA B 881 -22.32 -33.93 -12.55
C ALA B 881 -22.46 -35.27 -13.30
N LEU B 882 -22.40 -35.22 -14.63
CA LEU B 882 -22.52 -36.44 -15.42
C LEU B 882 -21.44 -37.46 -15.06
N PHE B 883 -20.24 -36.97 -14.73
CA PHE B 883 -19.13 -37.84 -14.35
C PHE B 883 -19.41 -38.56 -13.03
N HIS B 884 -20.40 -38.10 -12.28
CA HIS B 884 -20.70 -38.73 -10.99
C HIS B 884 -22.11 -39.29 -10.82
N MET B 885 -22.87 -39.38 -11.91
CA MET B 885 -24.24 -39.89 -11.83
C MET B 885 -24.27 -41.37 -11.47
N ASP B 886 -23.09 -41.97 -11.32
CA ASP B 886 -22.97 -43.39 -10.99
C ASP B 886 -22.57 -43.62 -9.54
N ASN B 887 -22.03 -42.57 -8.93
CA ASN B 887 -21.50 -42.66 -7.57
C ASN B 887 -20.55 -43.86 -7.53
N CYS B 888 -20.83 -44.85 -6.71
CA CYS B 888 -19.95 -46.02 -6.62
C CYS B 888 -20.55 -47.29 -7.18
N TYR B 889 -21.54 -47.17 -8.06
CA TYR B 889 -22.19 -48.36 -8.59
C TYR B 889 -21.98 -48.67 -10.07
N LYS B 890 -21.77 -49.95 -10.36
CA LYS B 890 -21.57 -50.43 -11.73
C LYS B 890 -22.91 -50.58 -12.41
N ILE B 891 -23.10 -49.83 -13.50
CA ILE B 891 -24.35 -49.88 -14.24
C ILE B 891 -24.06 -50.15 -15.72
N PRO B 892 -24.28 -51.39 -16.17
CA PRO B 892 -24.06 -51.85 -17.55
C PRO B 892 -24.65 -51.00 -18.68
N ASN B 893 -25.91 -50.61 -18.53
CA ASN B 893 -26.58 -49.80 -19.55
C ASN B 893 -26.96 -48.48 -18.91
N ILE B 894 -26.34 -47.39 -19.36
CA ILE B 894 -26.60 -46.09 -18.77
C ILE B 894 -26.57 -44.94 -19.78
N ARG B 895 -27.45 -43.97 -19.55
CA ARG B 895 -27.56 -42.79 -20.40
C ARG B 895 -27.86 -41.57 -19.55
N GLY B 896 -26.90 -40.65 -19.50
CA GLY B 896 -27.08 -39.44 -18.74
C GLY B 896 -26.97 -38.22 -19.64
N THR B 897 -27.92 -37.30 -19.52
CA THR B 897 -27.90 -36.09 -20.33
C THR B 897 -27.95 -34.89 -19.39
N GLY B 898 -27.52 -33.75 -19.90
CA GLY B 898 -27.53 -32.54 -19.09
C GLY B 898 -27.82 -31.31 -19.93
N ARG B 899 -28.56 -30.38 -19.37
CA ARG B 899 -28.89 -29.15 -20.06
C ARG B 899 -28.82 -27.98 -19.09
N LEU B 900 -28.28 -26.86 -19.56
CA LEU B 900 -28.15 -25.67 -18.73
C LEU B 900 -29.28 -24.72 -19.06
N CYS B 901 -30.10 -24.39 -18.06
CA CYS B 901 -31.21 -23.49 -18.28
C CYS B 901 -30.79 -22.03 -18.16
N LYS B 902 -31.08 -21.26 -19.21
CA LYS B 902 -30.75 -19.84 -19.22
C LYS B 902 -31.92 -19.13 -18.57
N THR B 903 -31.67 -18.43 -17.46
CA THR B 903 -32.74 -17.74 -16.75
C THR B 903 -32.39 -16.33 -16.29
N ASN B 904 -33.41 -15.59 -15.89
CA ASN B 904 -33.24 -14.23 -15.41
C ASN B 904 -32.99 -14.19 -13.92
N LEU B 905 -31.92 -14.89 -13.51
CA LEU B 905 -31.49 -14.94 -12.12
C LEU B 905 -29.99 -14.68 -12.14
N SER B 906 -29.43 -14.29 -11.00
CA SER B 906 -27.99 -14.06 -10.93
C SER B 906 -27.32 -15.35 -11.38
N SER B 907 -26.24 -15.22 -12.13
CA SER B 907 -25.51 -16.38 -12.63
C SER B 907 -24.97 -17.28 -11.53
N ASN B 908 -25.35 -18.55 -11.55
CA ASN B 908 -24.85 -19.48 -10.53
C ASN B 908 -23.47 -19.94 -10.93
N THR B 909 -22.68 -20.33 -9.93
CA THR B 909 -21.30 -20.70 -10.16
C THR B 909 -20.84 -21.95 -9.42
N ALA B 910 -19.54 -22.03 -9.21
CA ALA B 910 -18.95 -23.15 -8.51
C ALA B 910 -19.26 -23.06 -7.02
N PHE B 911 -19.56 -24.22 -6.42
CA PHE B 911 -19.82 -24.34 -5.00
C PHE B 911 -19.32 -25.72 -4.61
N ARG B 912 -18.41 -25.75 -3.65
CA ARG B 912 -17.78 -26.98 -3.14
C ARG B 912 -18.48 -28.26 -3.62
N GLY B 913 -17.85 -28.94 -4.58
CA GLY B 913 -18.46 -30.15 -5.13
C GLY B 913 -18.56 -29.98 -6.64
N PHE B 914 -18.78 -28.74 -7.08
CA PHE B 914 -18.83 -28.40 -8.49
C PHE B 914 -19.74 -29.30 -9.34
N GLY B 915 -21.00 -29.48 -8.92
CA GLY B 915 -21.90 -30.31 -9.69
C GLY B 915 -21.97 -31.76 -9.26
N GLY B 916 -20.93 -32.24 -8.56
CA GLY B 916 -20.93 -33.62 -8.11
C GLY B 916 -21.99 -33.95 -7.08
N PRO B 917 -22.12 -33.14 -6.01
CA PRO B 917 -23.12 -33.41 -4.97
C PRO B 917 -24.52 -33.64 -5.55
N GLN B 918 -24.94 -32.78 -6.48
CA GLN B 918 -26.26 -32.91 -7.09
C GLN B 918 -26.42 -34.24 -7.81
N ALA B 919 -25.43 -34.61 -8.61
CA ALA B 919 -25.47 -35.87 -9.36
C ALA B 919 -25.47 -37.06 -8.40
N LEU B 920 -24.58 -37.01 -7.42
CA LEU B 920 -24.48 -38.08 -6.42
C LEU B 920 -25.79 -38.23 -5.64
N PHE B 921 -26.44 -37.11 -5.37
CA PHE B 921 -27.70 -37.13 -4.62
C PHE B 921 -28.78 -37.83 -5.45
N ILE B 922 -28.89 -37.43 -6.71
CA ILE B 922 -29.86 -38.04 -7.60
C ILE B 922 -29.61 -39.54 -7.66
N ALA B 923 -28.33 -39.94 -7.69
CA ALA B 923 -27.98 -41.34 -7.74
C ALA B 923 -28.49 -42.11 -6.52
N GLU B 924 -28.14 -41.62 -5.33
CA GLU B 924 -28.57 -42.28 -4.11
C GLU B 924 -30.09 -42.30 -3.96
N ASN B 925 -30.77 -41.32 -4.55
CA ASN B 925 -32.22 -41.29 -4.45
C ASN B 925 -32.86 -42.50 -5.14
N TRP B 926 -32.59 -42.70 -6.42
CA TRP B 926 -33.18 -43.86 -7.08
C TRP B 926 -32.66 -45.15 -6.48
N MET B 927 -31.42 -45.14 -5.96
CA MET B 927 -30.88 -46.35 -5.35
C MET B 927 -31.69 -46.67 -4.10
N SER B 928 -32.06 -45.64 -3.34
CA SER B 928 -32.84 -45.87 -2.13
C SER B 928 -34.22 -46.39 -2.52
N GLU B 929 -34.72 -45.96 -3.67
CA GLU B 929 -36.02 -46.41 -4.14
C GLU B 929 -35.93 -47.87 -4.58
N VAL B 930 -34.81 -48.25 -5.18
CA VAL B 930 -34.61 -49.63 -5.62
C VAL B 930 -34.72 -50.58 -4.42
N ALA B 931 -34.01 -50.25 -3.35
CA ALA B 931 -34.03 -51.09 -2.14
C ALA B 931 -35.44 -51.27 -1.60
N VAL B 932 -36.18 -50.17 -1.48
CA VAL B 932 -37.54 -50.24 -0.96
C VAL B 932 -38.45 -51.09 -1.85
N THR B 933 -38.36 -50.87 -3.17
CA THR B 933 -39.18 -51.63 -4.11
C THR B 933 -38.90 -53.13 -4.01
N CYS B 934 -37.64 -53.50 -3.87
CA CYS B 934 -37.26 -54.92 -3.76
C CYS B 934 -37.55 -55.49 -2.38
N GLY B 935 -37.77 -54.61 -1.41
CA GLY B 935 -38.02 -55.09 -0.05
C GLY B 935 -36.75 -55.67 0.53
N LEU B 936 -35.61 -55.07 0.19
CA LEU B 936 -34.32 -55.54 0.68
C LEU B 936 -33.60 -54.48 1.50
N PRO B 937 -32.74 -54.91 2.43
CA PRO B 937 -31.99 -53.96 3.26
C PRO B 937 -31.16 -53.08 2.33
N ALA B 938 -31.24 -51.77 2.52
CA ALA B 938 -30.51 -50.82 1.67
C ALA B 938 -29.01 -51.08 1.55
N GLU B 939 -28.35 -51.40 2.66
CA GLU B 939 -26.91 -51.62 2.59
C GLU B 939 -26.58 -52.82 1.73
N GLU B 940 -27.47 -53.82 1.70
CA GLU B 940 -27.26 -55.01 0.88
C GLU B 940 -27.31 -54.66 -0.60
N VAL B 941 -28.31 -53.87 -0.96
CA VAL B 941 -28.49 -53.47 -2.35
C VAL B 941 -27.32 -52.60 -2.81
N ARG B 942 -26.88 -51.68 -1.94
CA ARG B 942 -25.77 -50.82 -2.32
C ARG B 942 -24.49 -51.63 -2.49
N TRP B 943 -24.22 -52.54 -1.57
CA TRP B 943 -23.02 -53.37 -1.66
C TRP B 943 -22.94 -54.19 -2.93
N LYS B 944 -24.01 -54.91 -3.26
CA LYS B 944 -24.00 -55.76 -4.46
C LYS B 944 -23.92 -55.03 -5.80
N ASN B 945 -24.19 -53.72 -5.80
CA ASN B 945 -24.13 -52.94 -7.04
C ASN B 945 -22.84 -52.14 -7.11
N MET B 946 -22.06 -52.24 -6.05
CA MET B 946 -20.82 -51.50 -5.92
C MET B 946 -19.71 -51.95 -6.89
N TYR B 947 -19.00 -50.98 -7.45
CA TYR B 947 -17.90 -51.28 -8.35
C TYR B 947 -16.93 -52.20 -7.63
N LYS B 948 -16.00 -52.77 -8.40
CA LYS B 948 -14.97 -53.62 -7.83
C LYS B 948 -13.65 -53.16 -8.44
N GLU B 949 -12.56 -53.45 -7.75
CA GLU B 949 -11.23 -53.09 -8.22
C GLU B 949 -11.10 -53.44 -9.70
N GLY B 950 -10.75 -52.44 -10.51
CA GLY B 950 -10.57 -52.68 -11.93
C GLY B 950 -11.69 -52.34 -12.89
N ASP B 951 -12.92 -52.22 -12.39
CA ASP B 951 -14.03 -51.91 -13.27
C ASP B 951 -13.86 -50.57 -13.97
N LEU B 952 -14.65 -50.36 -15.02
CA LEU B 952 -14.62 -49.11 -15.76
C LEU B 952 -15.90 -48.37 -15.40
N THR B 953 -15.80 -47.05 -15.27
CA THR B 953 -16.95 -46.24 -14.96
C THR B 953 -17.77 -46.11 -16.24
N HIS B 954 -18.89 -45.40 -16.17
CA HIS B 954 -19.73 -45.22 -17.35
C HIS B 954 -19.00 -44.39 -18.39
N PHE B 955 -17.98 -43.64 -17.95
CA PHE B 955 -17.19 -42.84 -18.88
C PHE B 955 -15.87 -43.54 -19.20
N ASN B 956 -15.90 -44.86 -19.04
CA ASN B 956 -14.80 -45.77 -19.33
C ASN B 956 -13.44 -45.57 -18.67
N GLN B 957 -13.41 -44.99 -17.47
CA GLN B 957 -12.12 -44.84 -16.82
C GLN B 957 -11.97 -45.98 -15.82
N ARG B 958 -10.78 -46.56 -15.77
CA ARG B 958 -10.52 -47.68 -14.88
C ARG B 958 -10.31 -47.23 -13.44
N LEU B 959 -10.92 -47.96 -12.52
CA LEU B 959 -10.82 -47.65 -11.10
C LEU B 959 -9.67 -48.46 -10.49
N GLU B 960 -8.55 -47.79 -10.26
CA GLU B 960 -7.38 -48.43 -9.68
C GLU B 960 -7.21 -47.94 -8.25
N GLY B 961 -7.07 -48.86 -7.32
CA GLY B 961 -6.93 -48.47 -5.92
C GLY B 961 -8.29 -48.07 -5.38
N PHE B 962 -9.31 -48.83 -5.77
CA PHE B 962 -10.69 -48.59 -5.35
C PHE B 962 -10.83 -49.05 -3.89
N SER B 963 -10.83 -48.10 -2.97
CA SER B 963 -10.92 -48.41 -1.54
C SER B 963 -12.28 -48.33 -0.88
N VAL B 964 -13.34 -48.07 -1.64
CA VAL B 964 -14.67 -47.98 -1.06
C VAL B 964 -15.02 -49.22 -0.22
N PRO B 965 -14.73 -50.43 -0.73
CA PRO B 965 -15.03 -51.65 0.03
C PRO B 965 -14.42 -51.63 1.44
N ARG B 966 -13.18 -51.16 1.56
CA ARG B 966 -12.51 -51.09 2.85
C ARG B 966 -13.20 -50.06 3.74
N CYS B 967 -13.46 -48.88 3.17
CA CYS B 967 -14.12 -47.81 3.91
C CYS B 967 -15.49 -48.29 4.36
N TRP B 968 -16.16 -49.00 3.46
CA TRP B 968 -17.49 -49.53 3.71
C TRP B 968 -17.49 -50.53 4.86
N ASP B 969 -16.65 -51.56 4.75
CA ASP B 969 -16.58 -52.56 5.82
C ASP B 969 -16.18 -51.95 7.17
N GLU B 970 -15.14 -51.13 7.17
CA GLU B 970 -14.69 -50.51 8.41
C GLU B 970 -15.77 -49.64 9.05
N CYS B 971 -16.42 -48.81 8.25
CA CYS B 971 -17.47 -47.94 8.77
C CYS B 971 -18.65 -48.76 9.31
N LEU B 972 -18.99 -49.84 8.61
CA LEU B 972 -20.08 -50.70 9.07
C LEU B 972 -19.72 -51.23 10.45
N LYS B 973 -18.49 -51.68 10.60
CA LYS B 973 -17.99 -52.23 11.85
C LYS B 973 -17.79 -51.22 12.97
N SER B 974 -17.07 -50.14 12.70
CA SER B 974 -16.83 -49.16 13.73
C SER B 974 -18.09 -48.43 14.18
N SER B 975 -19.09 -48.33 13.29
CA SER B 975 -20.34 -47.64 13.62
C SER B 975 -21.35 -48.60 14.27
N GLN B 976 -21.05 -49.89 14.27
CA GLN B 976 -21.95 -50.88 14.84
C GLN B 976 -23.31 -50.77 14.16
N TYR B 977 -23.26 -50.55 12.86
CA TYR B 977 -24.44 -50.40 12.01
C TYR B 977 -25.56 -51.42 12.26
N TYR B 978 -25.23 -52.71 12.22
CA TYR B 978 -26.25 -53.74 12.41
C TYR B 978 -26.92 -53.75 13.78
N ALA B 979 -26.14 -53.70 14.84
CA ALA B 979 -26.70 -53.70 16.18
C ALA B 979 -27.62 -52.50 16.36
N ARG B 980 -27.20 -51.36 15.82
CA ARG B 980 -27.99 -50.14 15.93
C ARG B 980 -29.24 -50.18 15.06
N LYS B 981 -29.19 -50.92 13.96
CA LYS B 981 -30.35 -51.01 13.10
C LYS B 981 -31.52 -51.58 13.89
N SER B 982 -31.28 -52.63 14.66
CA SER B 982 -32.33 -53.23 15.44
C SER B 982 -32.78 -52.28 16.56
N GLU B 983 -31.84 -51.53 17.11
CA GLU B 983 -32.15 -50.57 18.16
C GLU B 983 -33.09 -49.48 17.63
N VAL B 984 -32.89 -49.10 16.37
CA VAL B 984 -33.73 -48.09 15.75
C VAL B 984 -35.16 -48.61 15.60
N ASP B 985 -35.31 -49.85 15.14
CA ASP B 985 -36.63 -50.44 14.97
C ASP B 985 -37.39 -50.50 16.28
N LYS B 986 -36.68 -50.84 17.36
CA LYS B 986 -37.29 -50.92 18.67
C LYS B 986 -37.82 -49.54 19.06
N PHE B 987 -36.99 -48.51 18.89
CA PHE B 987 -37.41 -47.15 19.21
C PHE B 987 -38.70 -46.79 18.47
N ASN B 988 -38.72 -47.08 17.17
CA ASN B 988 -39.89 -46.77 16.35
C ASN B 988 -41.15 -47.52 16.77
N LYS B 989 -40.97 -48.70 17.35
CA LYS B 989 -42.11 -49.47 17.79
C LYS B 989 -42.64 -48.88 19.09
N GLU B 990 -41.73 -48.26 19.85
CA GLU B 990 -42.06 -47.67 21.14
C GLU B 990 -42.44 -46.19 21.14
N ASN B 991 -42.45 -45.57 19.96
CA ASN B 991 -42.79 -44.14 19.85
C ASN B 991 -43.65 -43.86 18.63
N CYS B 992 -44.81 -43.25 18.85
CA CYS B 992 -45.72 -42.91 17.76
C CYS B 992 -45.45 -41.54 17.15
N TRP B 993 -44.89 -40.63 17.94
CA TRP B 993 -44.65 -39.28 17.44
C TRP B 993 -43.20 -38.84 17.26
N LYS B 994 -42.30 -39.82 17.31
CA LYS B 994 -40.88 -39.61 17.10
C LYS B 994 -40.35 -40.87 16.44
N LYS B 995 -39.52 -40.70 15.43
CA LYS B 995 -38.96 -41.85 14.72
C LYS B 995 -37.48 -41.64 14.46
N ARG B 996 -36.74 -42.73 14.36
CA ARG B 996 -35.33 -42.64 14.08
C ARG B 996 -35.02 -43.31 12.76
N GLY B 997 -34.00 -42.82 12.09
CA GLY B 997 -33.61 -43.38 10.81
C GLY B 997 -32.12 -43.62 10.79
N LEU B 998 -31.69 -44.60 10.01
CA LEU B 998 -30.26 -44.93 9.93
C LEU B 998 -29.93 -45.20 8.47
N CYS B 999 -28.79 -44.67 8.01
CA CYS B 999 -28.40 -44.90 6.62
C CYS B 999 -26.90 -44.76 6.43
N ILE B 1000 -26.33 -45.67 5.65
CA ILE B 1000 -24.91 -45.63 5.38
C ILE B 1000 -24.72 -45.50 3.87
N ILE B 1001 -23.94 -44.51 3.45
CA ILE B 1001 -23.69 -44.30 2.03
C ILE B 1001 -22.22 -44.07 1.73
N PRO B 1002 -21.79 -44.49 0.54
CA PRO B 1002 -20.41 -44.34 0.09
C PRO B 1002 -20.34 -43.19 -0.89
N THR B 1003 -19.15 -42.93 -1.41
CA THR B 1003 -18.96 -41.89 -2.40
C THR B 1003 -17.57 -41.98 -2.98
N LYS B 1004 -17.46 -41.56 -4.23
CA LYS B 1004 -16.16 -41.52 -4.89
C LYS B 1004 -16.21 -40.19 -5.61
N PHE B 1005 -15.07 -39.50 -5.67
CA PHE B 1005 -15.02 -38.18 -6.30
C PHE B 1005 -13.78 -38.08 -7.20
N GLY B 1006 -14.01 -37.83 -8.49
CA GLY B 1006 -12.91 -37.71 -9.44
C GLY B 1006 -11.99 -36.53 -9.17
N ILE B 1007 -10.68 -36.75 -9.17
CA ILE B 1007 -9.72 -35.69 -8.89
C ILE B 1007 -8.99 -35.12 -10.11
N SER B 1008 -9.16 -33.80 -10.31
CA SER B 1008 -8.55 -33.00 -11.39
C SER B 1008 -9.61 -32.08 -12.00
N PHE B 1009 -9.18 -30.92 -12.50
CA PHE B 1009 -10.12 -30.00 -13.14
C PHE B 1009 -10.72 -30.68 -14.36
N THR B 1010 -12.02 -30.50 -14.59
CA THR B 1010 -12.64 -31.10 -15.76
C THR B 1010 -11.99 -30.52 -17.02
N VAL B 1011 -11.45 -29.30 -16.90
CA VAL B 1011 -10.76 -28.65 -18.02
C VAL B 1011 -9.28 -29.05 -17.95
N PRO B 1012 -8.82 -29.85 -18.91
CA PRO B 1012 -7.43 -30.32 -18.95
C PRO B 1012 -6.31 -29.30 -18.69
N PHE B 1013 -6.29 -28.20 -19.44
CA PHE B 1013 -5.22 -27.22 -19.28
C PHE B 1013 -5.17 -26.47 -17.95
N LEU B 1014 -6.17 -26.66 -17.10
CA LEU B 1014 -6.17 -26.01 -15.79
C LEU B 1014 -5.33 -26.80 -14.78
N ASN B 1015 -5.02 -28.04 -15.12
CA ASN B 1015 -4.22 -28.90 -14.25
C ASN B 1015 -2.72 -28.63 -14.41
N GLN B 1016 -2.31 -27.40 -14.08
CA GLN B 1016 -0.91 -26.99 -14.15
C GLN B 1016 -0.64 -26.11 -12.94
N ALA B 1017 0.60 -26.08 -12.47
CA ALA B 1017 0.94 -25.28 -11.31
C ALA B 1017 2.40 -24.84 -11.26
N GLY B 1018 2.60 -23.60 -10.85
CA GLY B 1018 3.94 -23.05 -10.76
C GLY B 1018 4.27 -22.60 -9.34
N ALA B 1019 5.56 -22.53 -9.05
CA ALA B 1019 6.03 -22.10 -7.75
C ALA B 1019 7.32 -21.31 -7.94
N LEU B 1020 7.61 -20.40 -7.01
CA LEU B 1020 8.82 -19.60 -7.07
C LEU B 1020 9.42 -19.62 -5.68
N ILE B 1021 10.70 -20.01 -5.56
CA ILE B 1021 11.34 -20.06 -4.27
C ILE B 1021 12.66 -19.29 -4.20
N HIS B 1022 12.83 -18.57 -3.11
CA HIS B 1022 14.06 -17.80 -2.89
C HIS B 1022 14.65 -18.21 -1.56
N VAL B 1023 15.97 -18.34 -1.51
CA VAL B 1023 16.63 -18.64 -0.24
C VAL B 1023 17.49 -17.40 -0.03
N TYR B 1024 17.23 -16.65 1.03
CA TYR B 1024 18.02 -15.45 1.29
C TYR B 1024 19.33 -15.82 1.98
N THR B 1025 20.26 -14.88 2.02
CA THR B 1025 21.57 -15.13 2.59
C THR B 1025 21.64 -15.52 4.06
N ASP B 1026 20.55 -15.36 4.80
CA ASP B 1026 20.56 -15.78 6.20
C ASP B 1026 20.04 -17.21 6.26
N GLY B 1027 19.73 -17.77 5.10
CA GLY B 1027 19.23 -19.13 5.05
C GLY B 1027 17.70 -19.23 5.14
N SER B 1028 17.02 -18.13 5.44
CA SER B 1028 15.56 -18.19 5.52
C SER B 1028 15.00 -18.33 4.11
N VAL B 1029 13.95 -19.14 3.96
CA VAL B 1029 13.33 -19.42 2.67
C VAL B 1029 11.94 -18.80 2.50
N LEU B 1030 11.71 -18.18 1.34
CA LEU B 1030 10.41 -17.59 1.04
C LEU B 1030 9.82 -18.38 -0.12
N VAL B 1031 8.70 -19.05 0.14
CA VAL B 1031 8.05 -19.84 -0.89
C VAL B 1031 6.81 -19.12 -1.41
N SER B 1032 6.66 -19.12 -2.73
CA SER B 1032 5.52 -18.52 -3.38
C SER B 1032 5.01 -19.52 -4.40
N HIS B 1033 3.69 -19.62 -4.55
CA HIS B 1033 3.08 -20.54 -5.51
C HIS B 1033 1.75 -19.95 -5.99
N GLY B 1034 1.18 -20.54 -7.03
CA GLY B 1034 -0.08 -20.04 -7.57
C GLY B 1034 -1.32 -20.23 -6.71
N GLY B 1035 -1.27 -21.10 -5.72
CA GLY B 1035 -2.44 -21.33 -4.89
C GLY B 1035 -2.70 -20.26 -3.85
N THR B 1036 -3.97 -20.14 -3.43
CA THR B 1036 -4.39 -19.17 -2.42
C THR B 1036 -4.90 -19.88 -1.16
N GLU B 1037 -4.86 -19.15 -0.05
CA GLU B 1037 -5.32 -19.68 1.23
C GLU B 1037 -6.74 -19.18 1.51
N MET B 1038 -7.66 -20.11 1.70
CA MET B 1038 -9.04 -19.74 1.99
C MET B 1038 -9.50 -20.47 3.24
N GLY B 1039 -8.53 -20.97 4.01
CA GLY B 1039 -8.83 -21.68 5.24
C GLY B 1039 -8.54 -23.17 5.19
N GLN B 1040 -8.32 -23.71 3.99
CA GLN B 1040 -8.06 -25.15 3.83
C GLN B 1040 -6.66 -25.58 4.28
N GLY B 1041 -5.81 -24.62 4.63
CA GLY B 1041 -4.47 -24.94 5.08
C GLY B 1041 -3.48 -25.28 3.97
N LEU B 1042 -3.67 -24.69 2.79
CA LEU B 1042 -2.78 -24.94 1.66
C LEU B 1042 -1.35 -24.51 1.90
N HIS B 1043 -1.15 -23.31 2.42
CA HIS B 1043 0.20 -22.82 2.67
C HIS B 1043 0.91 -23.64 3.75
N THR B 1044 0.13 -24.10 4.73
CA THR B 1044 0.70 -24.91 5.81
C THR B 1044 1.27 -26.18 5.18
N LYS B 1045 0.47 -26.82 4.34
CA LYS B 1045 0.88 -28.03 3.66
C LYS B 1045 2.09 -27.81 2.75
N MET B 1046 2.14 -26.66 2.07
CA MET B 1046 3.26 -26.37 1.19
C MET B 1046 4.53 -26.13 2.01
N VAL B 1047 4.38 -25.54 3.18
CA VAL B 1047 5.53 -25.29 4.03
C VAL B 1047 6.00 -26.63 4.57
N GLN B 1048 5.05 -27.52 4.82
CA GLN B 1048 5.37 -28.85 5.31
C GLN B 1048 6.12 -29.63 4.25
N VAL B 1049 5.69 -29.48 3.00
CA VAL B 1049 6.32 -30.15 1.87
C VAL B 1049 7.73 -29.61 1.62
N ALA B 1050 7.85 -28.29 1.59
CA ALA B 1050 9.14 -27.66 1.36
C ALA B 1050 10.14 -28.05 2.43
N SER B 1051 9.67 -28.13 3.67
CA SER B 1051 10.52 -28.51 4.79
C SER B 1051 11.02 -29.95 4.64
N LYS B 1052 10.16 -30.85 4.20
CA LYS B 1052 10.55 -32.25 4.01
C LYS B 1052 11.54 -32.39 2.85
N ALA B 1053 11.25 -31.71 1.75
CA ALA B 1053 12.10 -31.76 0.57
C ALA B 1053 13.49 -31.18 0.80
N LEU B 1054 13.56 -30.03 1.46
CA LEU B 1054 14.83 -29.38 1.73
C LEU B 1054 15.51 -29.95 2.98
N LYS B 1055 14.75 -30.70 3.76
CA LYS B 1055 15.26 -31.29 4.99
C LYS B 1055 15.78 -30.23 5.98
N ILE B 1056 14.93 -29.25 6.25
CA ILE B 1056 15.23 -28.17 7.20
C ILE B 1056 13.93 -27.93 7.98
N PRO B 1057 14.01 -27.33 9.17
CA PRO B 1057 12.80 -27.10 9.95
C PRO B 1057 11.83 -26.16 9.23
N ILE B 1058 10.53 -26.30 9.51
CA ILE B 1058 9.54 -25.42 8.89
C ILE B 1058 9.74 -23.97 9.34
N SER B 1059 10.34 -23.80 10.51
CA SER B 1059 10.60 -22.47 11.06
C SER B 1059 11.47 -21.62 10.14
N LYS B 1060 12.19 -22.27 9.23
CA LYS B 1060 13.06 -21.54 8.33
C LYS B 1060 12.38 -21.22 7.00
N ILE B 1061 11.12 -21.65 6.88
CA ILE B 1061 10.36 -21.43 5.65
C ILE B 1061 9.14 -20.56 5.90
N TYR B 1062 8.80 -19.72 4.93
CA TYR B 1062 7.66 -18.83 5.09
C TYR B 1062 6.92 -18.61 3.78
N ILE B 1063 5.61 -18.42 3.89
CA ILE B 1063 4.77 -18.13 2.74
C ILE B 1063 3.96 -16.92 3.14
N SER B 1064 4.17 -15.82 2.43
CA SER B 1064 3.49 -14.56 2.73
C SER B 1064 2.18 -14.35 2.00
N GLU B 1065 2.17 -14.56 0.69
CA GLU B 1065 0.96 -14.30 -0.07
C GLU B 1065 1.03 -14.89 -1.47
N THR B 1066 -0.02 -14.65 -2.24
CA THR B 1066 -0.12 -15.11 -3.62
C THR B 1066 -0.20 -13.83 -4.45
N SER B 1067 0.60 -13.74 -5.50
CA SER B 1067 0.61 -12.56 -6.36
C SER B 1067 0.93 -12.88 -7.83
N THR B 1068 0.32 -12.12 -8.73
CA THR B 1068 0.50 -12.35 -10.16
C THR B 1068 1.89 -12.00 -10.68
N ASN B 1069 2.70 -11.29 -9.89
CA ASN B 1069 4.03 -10.95 -10.36
C ASN B 1069 5.11 -11.91 -9.83
N THR B 1070 4.69 -12.97 -9.14
CA THR B 1070 5.63 -13.98 -8.64
C THR B 1070 5.35 -15.29 -9.40
N VAL B 1071 4.07 -15.64 -9.54
CA VAL B 1071 3.67 -16.84 -10.26
C VAL B 1071 2.51 -16.42 -11.17
N PRO B 1072 2.76 -16.34 -12.49
CA PRO B 1072 1.74 -15.95 -13.46
C PRO B 1072 0.89 -17.07 -14.02
N ASN B 1073 -0.16 -16.68 -14.73
CA ASN B 1073 -1.07 -17.61 -15.40
C ASN B 1073 -1.52 -18.79 -14.52
N SER B 1074 -1.73 -18.53 -13.25
CA SER B 1074 -2.16 -19.57 -12.32
C SER B 1074 -3.63 -19.93 -12.48
N SER B 1075 -3.93 -21.23 -12.34
CA SER B 1075 -5.31 -21.67 -12.42
C SER B 1075 -5.93 -21.25 -11.09
N PRO B 1076 -7.26 -21.07 -11.05
CA PRO B 1076 -7.86 -20.68 -9.77
C PRO B 1076 -7.60 -21.79 -8.75
N THR B 1077 -7.56 -21.44 -7.47
CA THR B 1077 -7.32 -22.42 -6.41
C THR B 1077 -8.61 -23.22 -6.31
N ALA B 1078 -8.61 -24.42 -6.88
CA ALA B 1078 -9.83 -25.20 -6.88
C ALA B 1078 -9.67 -26.64 -7.32
N ALA B 1079 -10.80 -27.34 -7.41
CA ALA B 1079 -10.82 -28.75 -7.81
C ALA B 1079 -10.13 -29.64 -6.79
N SER B 1080 -9.91 -29.10 -5.60
CA SER B 1080 -9.27 -29.85 -4.52
C SER B 1080 -7.88 -30.37 -4.87
N VAL B 1081 -7.29 -29.90 -5.97
CA VAL B 1081 -5.97 -30.39 -6.38
C VAL B 1081 -4.79 -29.49 -6.03
N SER B 1082 -5.05 -28.37 -5.38
CA SER B 1082 -3.99 -27.43 -5.03
C SER B 1082 -2.81 -28.10 -4.34
N THR B 1083 -3.08 -28.93 -3.34
CA THR B 1083 -2.01 -29.62 -2.63
C THR B 1083 -1.25 -30.50 -3.61
N ASP B 1084 -1.99 -31.27 -4.40
CA ASP B 1084 -1.41 -32.16 -5.40
C ASP B 1084 -0.42 -31.45 -6.33
N ILE B 1085 -0.93 -30.47 -7.06
CA ILE B 1085 -0.14 -29.75 -8.05
C ILE B 1085 0.86 -28.72 -7.55
N TYR B 1086 0.48 -27.86 -6.61
CA TYR B 1086 1.43 -26.89 -6.10
C TYR B 1086 2.46 -27.64 -5.26
N GLY B 1087 2.04 -28.74 -4.66
CA GLY B 1087 2.96 -29.54 -3.87
C GLY B 1087 4.10 -30.04 -4.74
N GLN B 1088 3.77 -30.47 -5.95
CA GLN B 1088 4.79 -30.95 -6.89
C GLN B 1088 5.70 -29.81 -7.35
N ALA B 1089 5.09 -28.69 -7.73
CA ALA B 1089 5.85 -27.51 -8.17
C ALA B 1089 6.82 -27.06 -7.08
N VAL B 1090 6.34 -26.98 -5.85
CA VAL B 1090 7.20 -26.58 -4.74
C VAL B 1090 8.32 -27.62 -4.62
N TYR B 1091 7.94 -28.89 -4.71
CA TYR B 1091 8.88 -30.00 -4.63
C TYR B 1091 10.00 -29.87 -5.66
N GLU B 1092 9.63 -29.62 -6.92
CA GLU B 1092 10.63 -29.49 -7.97
C GLU B 1092 11.58 -28.33 -7.71
N ALA B 1093 11.02 -27.17 -7.36
CA ALA B 1093 11.84 -26.00 -7.07
C ALA B 1093 12.81 -26.33 -5.95
N CYS B 1094 12.35 -27.05 -4.96
CA CYS B 1094 13.23 -27.43 -3.86
C CYS B 1094 14.37 -28.31 -4.38
N GLN B 1095 14.05 -29.26 -5.27
CA GLN B 1095 15.06 -30.15 -5.82
C GLN B 1095 16.14 -29.35 -6.53
N THR B 1096 15.73 -28.29 -7.23
CA THR B 1096 16.66 -27.45 -7.95
C THR B 1096 17.59 -26.74 -6.98
N ILE B 1097 17.05 -26.37 -5.82
CA ILE B 1097 17.84 -25.70 -4.82
C ILE B 1097 18.91 -26.66 -4.27
N LEU B 1098 18.47 -27.85 -3.87
CA LEU B 1098 19.38 -28.87 -3.33
C LEU B 1098 20.55 -29.18 -4.26
N LYS B 1099 20.26 -29.28 -5.56
CA LYS B 1099 21.29 -29.58 -6.53
C LYS B 1099 22.34 -28.47 -6.55
N ARG B 1100 21.89 -27.23 -6.51
CA ARG B 1100 22.80 -26.08 -6.52
C ARG B 1100 23.63 -26.01 -5.25
N LEU B 1101 23.06 -26.49 -4.15
CA LEU B 1101 23.75 -26.48 -2.87
C LEU B 1101 24.66 -27.70 -2.67
N GLU B 1102 24.39 -28.76 -3.41
CA GLU B 1102 25.14 -30.01 -3.29
C GLU B 1102 26.67 -29.91 -3.28
N PRO B 1103 27.26 -29.16 -4.22
CA PRO B 1103 28.72 -29.04 -4.23
C PRO B 1103 29.27 -28.49 -2.93
N PHE B 1104 28.54 -27.52 -2.35
CA PHE B 1104 28.97 -26.89 -1.12
C PHE B 1104 28.79 -27.80 0.09
N LYS B 1105 27.74 -28.62 0.05
CA LYS B 1105 27.50 -29.57 1.13
C LYS B 1105 28.64 -30.56 1.13
N LYS B 1106 28.98 -31.07 -0.05
CA LYS B 1106 30.05 -32.04 -0.20
C LYS B 1106 31.40 -31.52 0.28
N LYS B 1107 31.68 -30.24 0.04
CA LYS B 1107 32.94 -29.64 0.47
C LYS B 1107 32.99 -29.39 1.96
N ASN B 1108 31.82 -29.25 2.58
CA ASN B 1108 31.74 -29.00 4.02
C ASN B 1108 30.54 -29.75 4.62
N PRO B 1109 30.64 -31.09 4.65
CA PRO B 1109 29.62 -32.02 5.17
C PRO B 1109 29.10 -31.73 6.57
N ASP B 1110 29.96 -31.25 7.45
CA ASP B 1110 29.57 -30.96 8.82
C ASP B 1110 29.06 -29.53 9.00
N GLY B 1111 28.96 -28.78 7.92
CA GLY B 1111 28.48 -27.42 8.01
C GLY B 1111 26.98 -27.34 8.20
N SER B 1112 26.49 -26.12 8.41
CA SER B 1112 25.05 -25.91 8.61
C SER B 1112 24.42 -25.48 7.29
N TRP B 1113 23.08 -25.50 7.24
CA TRP B 1113 22.34 -25.09 6.07
C TRP B 1113 22.76 -23.64 5.77
N GLU B 1114 22.91 -22.86 6.83
CA GLU B 1114 23.32 -21.47 6.70
C GLU B 1114 24.71 -21.38 6.06
N ASP B 1115 25.63 -22.26 6.46
CA ASP B 1115 26.98 -22.26 5.91
C ASP B 1115 26.96 -22.53 4.41
N TRP B 1116 26.20 -23.53 3.99
CA TRP B 1116 26.13 -23.87 2.58
C TRP B 1116 25.50 -22.76 1.75
N VAL B 1117 24.41 -22.19 2.28
CA VAL B 1117 23.72 -21.11 1.58
C VAL B 1117 24.65 -19.91 1.37
N MET B 1118 25.35 -19.50 2.43
CA MET B 1118 26.27 -18.38 2.32
C MET B 1118 27.40 -18.71 1.34
N ALA B 1119 27.91 -19.93 1.40
CA ALA B 1119 28.99 -20.32 0.51
C ALA B 1119 28.50 -20.24 -0.93
N ALA B 1120 27.28 -20.72 -1.16
CA ALA B 1120 26.70 -20.69 -2.49
C ALA B 1120 26.60 -19.25 -2.97
N TYR B 1121 26.09 -18.37 -2.12
CA TYR B 1121 25.95 -16.96 -2.48
C TYR B 1121 27.29 -16.35 -2.88
N GLN B 1122 28.29 -16.54 -2.02
CA GLN B 1122 29.61 -15.99 -2.30
C GLN B 1122 30.28 -16.60 -3.52
N ASP B 1123 29.81 -17.77 -3.93
CA ASP B 1123 30.39 -18.40 -5.12
C ASP B 1123 29.52 -18.02 -6.32
N ARG B 1124 28.66 -17.03 -6.09
CA ARG B 1124 27.77 -16.53 -7.13
C ARG B 1124 26.92 -17.61 -7.79
N VAL B 1125 26.24 -18.39 -6.96
CA VAL B 1125 25.34 -19.43 -7.42
C VAL B 1125 23.95 -18.91 -7.06
N SER B 1126 23.05 -18.90 -8.05
CA SER B 1126 21.70 -18.39 -7.84
C SER B 1126 20.92 -19.21 -6.82
N LEU B 1127 20.27 -18.52 -5.89
CA LEU B 1127 19.47 -19.20 -4.86
C LEU B 1127 17.99 -18.93 -5.09
N SER B 1128 17.62 -18.72 -6.36
CA SER B 1128 16.23 -18.49 -6.72
C SER B 1128 15.86 -19.39 -7.88
N THR B 1129 14.69 -20.01 -7.81
CA THR B 1129 14.26 -20.88 -8.90
C THR B 1129 12.75 -21.05 -8.93
N THR B 1130 12.26 -21.49 -10.08
CA THR B 1130 10.85 -21.73 -10.25
C THR B 1130 10.66 -23.24 -10.19
N GLY B 1131 9.41 -23.65 -10.08
CA GLY B 1131 9.05 -25.06 -10.05
C GLY B 1131 7.78 -25.14 -10.86
N PHE B 1132 7.50 -26.29 -11.46
CA PHE B 1132 6.29 -26.42 -12.27
C PHE B 1132 5.85 -27.87 -12.33
N TYR B 1133 4.55 -28.09 -12.48
CA TYR B 1133 3.99 -29.44 -12.56
C TYR B 1133 2.79 -29.47 -13.49
N ARG B 1134 2.62 -30.61 -14.16
CA ARG B 1134 1.52 -30.82 -15.08
C ARG B 1134 0.99 -32.23 -14.82
N THR B 1135 -0.29 -32.36 -14.48
CA THR B 1135 -0.84 -33.68 -14.24
C THR B 1135 -0.85 -34.45 -15.56
N PRO B 1136 -0.14 -35.58 -15.61
CA PRO B 1136 -0.04 -36.41 -16.81
C PRO B 1136 -1.25 -37.29 -17.12
N ASN B 1137 -1.37 -37.66 -18.39
CA ASN B 1137 -2.41 -38.54 -18.89
C ASN B 1137 -3.87 -38.13 -18.68
N LEU B 1138 -4.19 -36.86 -18.95
CA LEU B 1138 -5.56 -36.39 -18.79
C LEU B 1138 -6.10 -35.95 -20.16
N GLY B 1139 -7.40 -36.16 -20.37
CA GLY B 1139 -7.98 -35.77 -21.64
C GLY B 1139 -9.18 -36.61 -22.04
N TYR B 1140 -10.30 -36.40 -21.38
CA TYR B 1140 -11.53 -37.12 -21.68
C TYR B 1140 -12.26 -36.42 -22.81
N SER B 1141 -12.99 -37.19 -23.59
CA SER B 1141 -13.77 -36.67 -24.70
C SER B 1141 -15.20 -37.18 -24.60
N PHE B 1142 -16.17 -36.28 -24.63
CA PHE B 1142 -17.56 -36.69 -24.57
C PHE B 1142 -17.96 -37.32 -25.90
N GLU B 1143 -17.24 -36.97 -26.96
CA GLU B 1143 -17.50 -37.50 -28.29
C GLU B 1143 -17.18 -38.99 -28.38
N THR B 1144 -16.04 -39.37 -27.84
CA THR B 1144 -15.58 -40.75 -27.89
C THR B 1144 -15.81 -41.50 -26.60
N ASN B 1145 -16.20 -40.79 -25.55
CA ASN B 1145 -16.42 -41.39 -24.24
C ASN B 1145 -15.20 -42.22 -23.86
N SER B 1146 -14.02 -41.60 -23.95
CA SER B 1146 -12.77 -42.26 -23.61
C SER B 1146 -11.73 -41.22 -23.21
N GLY B 1147 -10.66 -41.67 -22.57
CA GLY B 1147 -9.62 -40.75 -22.13
C GLY B 1147 -9.82 -40.50 -20.65
N ASN B 1148 -8.74 -40.29 -19.92
CA ASN B 1148 -8.86 -40.03 -18.49
C ASN B 1148 -9.40 -38.64 -18.16
N ALA B 1149 -10.44 -38.61 -17.34
CA ALA B 1149 -11.02 -37.34 -16.93
C ALA B 1149 -10.36 -36.93 -15.62
N PHE B 1150 -9.96 -37.93 -14.83
CA PHE B 1150 -9.33 -37.67 -13.54
C PHE B 1150 -8.03 -38.43 -13.38
N HIS B 1151 -7.21 -37.97 -12.44
CA HIS B 1151 -5.92 -38.58 -12.16
C HIS B 1151 -6.13 -39.78 -11.23
N TYR B 1152 -7.14 -39.69 -10.39
CA TYR B 1152 -7.50 -40.77 -9.46
C TYR B 1152 -8.78 -40.35 -8.75
N PHE B 1153 -9.23 -41.15 -7.79
CA PHE B 1153 -10.44 -40.85 -7.06
C PHE B 1153 -10.25 -40.86 -5.55
N THR B 1154 -11.00 -40.02 -4.86
CA THR B 1154 -10.93 -39.99 -3.40
C THR B 1154 -12.21 -40.68 -2.97
N TYR B 1155 -12.12 -41.55 -1.96
CA TYR B 1155 -13.28 -42.30 -1.51
C TYR B 1155 -13.61 -42.10 -0.04
N GLY B 1156 -14.86 -42.42 0.31
CA GLY B 1156 -15.29 -42.30 1.69
C GLY B 1156 -16.67 -42.90 1.93
N VAL B 1157 -16.96 -43.22 3.18
CA VAL B 1157 -18.26 -43.76 3.54
C VAL B 1157 -18.70 -43.14 4.85
N ALA B 1158 -20.01 -42.90 4.98
CA ALA B 1158 -20.55 -42.31 6.19
C ALA B 1158 -21.87 -42.94 6.61
N CYS B 1159 -22.02 -43.16 7.92
CA CYS B 1159 -23.23 -43.72 8.48
C CYS B 1159 -23.78 -42.68 9.44
N SER B 1160 -25.05 -42.30 9.26
CA SER B 1160 -25.67 -41.30 10.12
C SER B 1160 -27.00 -41.77 10.66
N GLU B 1161 -27.31 -41.37 11.88
CA GLU B 1161 -28.56 -41.72 12.53
C GLU B 1161 -29.23 -40.43 13.00
N VAL B 1162 -30.53 -40.35 12.81
CA VAL B 1162 -31.28 -39.16 13.21
C VAL B 1162 -32.56 -39.54 13.92
N GLU B 1163 -33.14 -38.57 14.61
CA GLU B 1163 -34.40 -38.75 15.28
C GLU B 1163 -35.24 -37.56 14.85
N ILE B 1164 -36.40 -37.82 14.26
CA ILE B 1164 -37.26 -36.73 13.85
C ILE B 1164 -38.44 -36.61 14.80
N ASP B 1165 -38.96 -35.39 14.93
CA ASP B 1165 -40.13 -35.11 15.74
C ASP B 1165 -41.22 -35.05 14.69
N CYS B 1166 -42.02 -36.10 14.58
CA CYS B 1166 -43.08 -36.18 13.58
C CYS B 1166 -44.16 -35.12 13.70
N LEU B 1167 -44.16 -34.38 14.81
CA LEU B 1167 -45.17 -33.35 15.01
C LEU B 1167 -44.71 -31.94 14.66
N THR B 1168 -43.39 -31.72 14.60
CA THR B 1168 -42.87 -30.38 14.30
C THR B 1168 -41.94 -30.28 13.10
N GLY B 1169 -41.29 -31.39 12.74
CA GLY B 1169 -40.38 -31.37 11.61
C GLY B 1169 -38.95 -31.14 12.05
N ASP B 1170 -38.74 -30.86 13.33
CA ASP B 1170 -37.39 -30.66 13.84
C ASP B 1170 -36.77 -32.05 13.91
N HIS B 1171 -35.45 -32.13 14.03
CA HIS B 1171 -34.78 -33.42 14.11
C HIS B 1171 -33.41 -33.29 14.74
N LYS B 1172 -32.91 -34.40 15.30
CA LYS B 1172 -31.59 -34.42 15.91
C LYS B 1172 -30.67 -35.27 15.05
N ASN B 1173 -29.39 -34.89 15.01
CA ASN B 1173 -28.40 -35.67 14.29
C ASN B 1173 -27.70 -36.38 15.45
N LEU B 1174 -28.18 -37.57 15.76
CA LEU B 1174 -27.67 -38.36 16.88
C LEU B 1174 -26.23 -38.82 16.74
N ARG B 1175 -25.91 -39.42 15.60
CA ARG B 1175 -24.56 -39.93 15.41
C ARG B 1175 -24.20 -40.11 13.95
N THR B 1176 -22.92 -39.88 13.66
CA THR B 1176 -22.38 -40.02 12.33
C THR B 1176 -20.98 -40.60 12.45
N ASP B 1177 -20.69 -41.55 11.58
CA ASP B 1177 -19.39 -42.21 11.56
C ASP B 1177 -18.86 -42.12 10.14
N ILE B 1178 -17.67 -41.54 9.98
CA ILE B 1178 -17.06 -41.38 8.65
C ILE B 1178 -15.69 -42.05 8.53
N VAL B 1179 -15.49 -42.75 7.41
CA VAL B 1179 -14.20 -43.38 7.13
C VAL B 1179 -13.83 -42.82 5.77
N MET B 1180 -12.77 -42.02 5.74
CA MET B 1180 -12.33 -41.34 4.54
C MET B 1180 -10.95 -41.78 4.05
N ASP B 1181 -10.87 -42.07 2.76
CA ASP B 1181 -9.61 -42.47 2.14
C ASP B 1181 -8.93 -41.27 1.51
N VAL B 1182 -7.95 -40.71 2.23
CA VAL B 1182 -7.21 -39.56 1.74
C VAL B 1182 -5.76 -39.98 1.54
N GLY B 1183 -5.56 -41.28 1.31
CA GLY B 1183 -4.21 -41.80 1.12
C GLY B 1183 -3.39 -41.54 2.36
N SER B 1184 -2.09 -41.28 2.17
CA SER B 1184 -1.22 -40.97 3.29
C SER B 1184 -1.30 -39.45 3.48
N SER B 1185 -2.22 -39.02 4.34
CA SER B 1185 -2.42 -37.60 4.61
C SER B 1185 -1.14 -36.82 4.88
N LEU B 1186 -1.07 -35.61 4.34
CA LEU B 1186 0.09 -34.75 4.57
C LEU B 1186 -0.07 -34.09 5.93
N ASN B 1187 -1.33 -33.98 6.37
CA ASN B 1187 -1.64 -33.37 7.65
C ASN B 1187 -3.03 -33.83 8.06
N PRO B 1188 -3.11 -34.91 8.86
CA PRO B 1188 -4.39 -35.46 9.31
C PRO B 1188 -5.28 -34.49 10.08
N ALA B 1189 -4.68 -33.46 10.69
CA ALA B 1189 -5.47 -32.47 11.42
C ALA B 1189 -6.23 -31.61 10.42
N ILE B 1190 -5.53 -31.17 9.37
CA ILE B 1190 -6.15 -30.35 8.34
C ILE B 1190 -7.15 -31.18 7.53
N ASP B 1191 -6.78 -32.43 7.23
CA ASP B 1191 -7.65 -33.31 6.45
C ASP B 1191 -8.91 -33.73 7.20
N ILE B 1192 -8.80 -34.05 8.48
CA ILE B 1192 -10.00 -34.42 9.22
C ILE B 1192 -10.86 -33.15 9.29
N GLY B 1193 -10.18 -32.00 9.37
CA GLY B 1193 -10.88 -30.73 9.42
C GLY B 1193 -11.67 -30.48 8.15
N GLN B 1194 -11.10 -30.87 7.01
CA GLN B 1194 -11.75 -30.71 5.73
C GLN B 1194 -12.91 -31.70 5.63
N VAL B 1195 -12.71 -32.89 6.18
CA VAL B 1195 -13.76 -33.92 6.16
C VAL B 1195 -14.99 -33.46 6.95
N GLU B 1196 -14.77 -33.01 8.18
CA GLU B 1196 -15.87 -32.56 9.01
C GLU B 1196 -16.51 -31.30 8.44
N GLY B 1197 -15.67 -30.38 7.97
CA GLY B 1197 -16.18 -29.14 7.39
C GLY B 1197 -17.03 -29.37 6.15
N ALA B 1198 -16.51 -30.20 5.23
CA ALA B 1198 -17.25 -30.50 4.01
C ALA B 1198 -18.55 -31.22 4.37
N PHE B 1199 -18.44 -32.22 5.24
CA PHE B 1199 -19.62 -32.98 5.67
C PHE B 1199 -20.74 -32.08 6.18
N VAL B 1200 -20.38 -31.12 7.01
CA VAL B 1200 -21.36 -30.19 7.57
C VAL B 1200 -21.98 -29.28 6.51
N GLN B 1201 -21.18 -28.78 5.57
CA GLN B 1201 -21.75 -27.94 4.52
C GLN B 1201 -22.72 -28.81 3.71
N GLY B 1202 -22.41 -30.10 3.60
CA GLY B 1202 -23.29 -31.00 2.87
C GLY B 1202 -24.56 -31.17 3.68
N LEU B 1203 -24.38 -31.34 4.99
CA LEU B 1203 -25.49 -31.49 5.92
C LEU B 1203 -26.42 -30.29 5.73
N GLY B 1204 -25.83 -29.10 5.60
CA GLY B 1204 -26.63 -27.90 5.40
C GLY B 1204 -27.37 -27.91 4.08
N LEU B 1205 -26.67 -28.30 3.01
CA LEU B 1205 -27.28 -28.35 1.67
C LEU B 1205 -28.51 -29.25 1.61
N PHE B 1206 -28.40 -30.42 2.24
CA PHE B 1206 -29.49 -31.39 2.19
C PHE B 1206 -30.56 -31.29 3.28
N THR B 1207 -30.34 -30.50 4.33
CA THR B 1207 -31.34 -30.45 5.41
C THR B 1207 -31.73 -29.10 6.02
N LEU B 1208 -30.92 -28.07 5.89
CA LEU B 1208 -31.27 -26.80 6.52
C LEU B 1208 -31.33 -25.58 5.61
N GLU B 1209 -30.40 -25.52 4.68
CA GLU B 1209 -30.28 -24.37 3.78
C GLU B 1209 -31.24 -24.34 2.60
N GLU B 1210 -31.94 -23.22 2.48
CA GLU B 1210 -32.89 -23.07 1.40
C GLU B 1210 -33.10 -21.60 1.04
N LEU B 1211 -33.02 -21.30 -0.24
CA LEU B 1211 -33.22 -19.94 -0.73
C LEU B 1211 -34.63 -19.83 -1.30
N HIS B 1212 -35.34 -18.77 -0.93
CA HIS B 1212 -36.72 -18.56 -1.42
C HIS B 1212 -36.75 -17.36 -2.34
N TYR B 1213 -37.44 -17.50 -3.47
CA TYR B 1213 -37.56 -16.42 -4.46
C TYR B 1213 -39.03 -16.12 -4.78
N SER B 1214 -39.34 -14.85 -4.98
CA SER B 1214 -40.71 -14.46 -5.34
C SER B 1214 -40.95 -15.00 -6.75
N PRO B 1215 -42.22 -15.12 -7.16
CA PRO B 1215 -42.50 -15.63 -8.51
C PRO B 1215 -41.86 -14.74 -9.59
N GLU B 1216 -41.64 -13.47 -9.26
CA GLU B 1216 -41.03 -12.52 -10.20
C GLU B 1216 -39.50 -12.63 -10.22
N GLY B 1217 -38.95 -13.58 -9.47
CA GLY B 1217 -37.50 -13.77 -9.47
C GLY B 1217 -36.70 -12.95 -8.47
N SER B 1218 -37.34 -12.49 -7.39
CA SER B 1218 -36.65 -11.71 -6.38
C SER B 1218 -36.37 -12.56 -5.14
N LEU B 1219 -35.09 -12.64 -4.77
CA LEU B 1219 -34.67 -13.42 -3.61
C LEU B 1219 -35.19 -12.80 -2.31
N HIS B 1220 -35.86 -13.62 -1.51
CA HIS B 1220 -36.40 -13.18 -0.22
C HIS B 1220 -35.37 -13.31 0.89
N THR B 1221 -34.66 -14.44 0.87
CA THR B 1221 -33.66 -14.77 1.87
C THR B 1221 -32.28 -14.18 1.58
N ARG B 1222 -31.93 -13.11 2.30
CA ARG B 1222 -30.65 -12.45 2.07
C ARG B 1222 -29.83 -12.21 3.34
N GLY B 1223 -30.00 -13.08 4.33
CA GLY B 1223 -29.24 -12.92 5.56
C GLY B 1223 -29.32 -14.14 6.45
N PRO B 1224 -28.44 -14.27 7.46
CA PRO B 1224 -28.47 -15.43 8.35
C PRO B 1224 -29.80 -15.55 9.10
N SER B 1225 -30.58 -14.47 9.16
CA SER B 1225 -31.86 -14.53 9.84
C SER B 1225 -32.84 -15.42 9.08
N THR B 1226 -32.73 -15.42 7.75
CA THR B 1226 -33.62 -16.23 6.93
C THR B 1226 -32.96 -17.41 6.24
N TYR B 1227 -31.65 -17.33 6.03
CA TYR B 1227 -30.92 -18.43 5.39
C TYR B 1227 -30.18 -19.10 6.54
N LYS B 1228 -30.59 -20.31 6.89
CA LYS B 1228 -29.98 -20.98 8.03
C LYS B 1228 -28.95 -22.06 7.73
N ILE B 1229 -27.68 -21.71 7.91
CA ILE B 1229 -26.59 -22.65 7.72
C ILE B 1229 -26.45 -23.42 9.04
N PRO B 1230 -25.75 -24.56 9.02
CA PRO B 1230 -25.57 -25.36 10.25
C PRO B 1230 -24.99 -24.51 11.40
N ALA B 1231 -25.53 -24.71 12.60
CA ALA B 1231 -25.06 -23.99 13.78
C ALA B 1231 -24.29 -24.96 14.68
N PHE B 1232 -23.72 -24.47 15.78
CA PHE B 1232 -22.98 -25.35 16.69
C PHE B 1232 -23.85 -26.54 17.08
N GLY B 1233 -25.12 -26.27 17.35
CA GLY B 1233 -26.04 -27.32 17.75
C GLY B 1233 -26.55 -28.23 16.64
N SER B 1234 -26.17 -27.96 15.39
CA SER B 1234 -26.64 -28.75 14.26
C SER B 1234 -25.83 -30.01 13.97
N ILE B 1235 -24.61 -30.08 14.47
CA ILE B 1235 -23.75 -31.23 14.20
C ILE B 1235 -24.14 -32.52 14.92
N PRO B 1236 -23.66 -33.67 14.42
CA PRO B 1236 -23.96 -34.96 15.04
C PRO B 1236 -23.42 -34.97 16.47
N THR B 1237 -24.27 -35.30 17.44
CA THR B 1237 -23.86 -35.33 18.85
C THR B 1237 -22.67 -36.25 19.05
N GLU B 1238 -22.72 -37.44 18.44
CA GLU B 1238 -21.60 -38.36 18.50
C GLU B 1238 -21.03 -38.28 17.09
N PHE B 1239 -19.87 -37.64 16.97
CA PHE B 1239 -19.23 -37.40 15.68
C PHE B 1239 -17.88 -38.13 15.59
N ARG B 1240 -17.81 -39.18 14.78
CA ARG B 1240 -16.59 -39.97 14.63
C ARG B 1240 -16.02 -39.90 13.22
N VAL B 1241 -14.73 -39.60 13.13
CA VAL B 1241 -14.07 -39.52 11.82
C VAL B 1241 -12.76 -40.29 11.85
N SER B 1242 -12.54 -41.10 10.82
CA SER B 1242 -11.30 -41.86 10.75
C SER B 1242 -10.76 -41.85 9.34
N LEU B 1243 -9.43 -41.72 9.24
CA LEU B 1243 -8.76 -41.73 7.94
C LEU B 1243 -8.26 -43.15 7.70
N LEU B 1244 -8.63 -43.71 6.57
CA LEU B 1244 -8.23 -45.07 6.20
C LEU B 1244 -6.72 -45.26 6.36
N ARG B 1245 -6.33 -46.35 7.01
CA ARG B 1245 -4.92 -46.66 7.23
C ARG B 1245 -4.30 -47.45 6.07
N ASP B 1246 -2.99 -47.29 5.90
CA ASP B 1246 -2.23 -48.01 4.87
C ASP B 1246 -2.86 -47.99 3.48
N CYS B 1247 -2.91 -46.82 2.85
CA CYS B 1247 -3.49 -46.69 1.53
C CYS B 1247 -2.79 -45.61 0.72
N PRO B 1248 -1.46 -45.69 0.62
CA PRO B 1248 -0.70 -44.68 -0.13
C PRO B 1248 -1.17 -44.54 -1.57
N ASN B 1249 -1.27 -43.30 -2.04
CA ASN B 1249 -1.68 -43.01 -3.41
C ASN B 1249 -0.45 -42.58 -4.20
N LYS B 1250 0.10 -43.50 -4.98
CA LYS B 1250 1.29 -43.21 -5.76
C LYS B 1250 1.09 -42.12 -6.82
N LYS B 1251 -0.15 -41.69 -7.00
CA LYS B 1251 -0.47 -40.66 -7.99
C LYS B 1251 -0.18 -39.23 -7.55
N ALA B 1252 -0.06 -39.01 -6.24
CA ALA B 1252 0.17 -37.64 -5.76
C ALA B 1252 1.31 -37.45 -4.75
N ILE B 1253 1.65 -36.18 -4.54
CA ILE B 1253 2.73 -35.77 -3.64
C ILE B 1253 2.73 -36.54 -2.31
N TYR B 1254 3.86 -37.18 -2.02
CA TYR B 1254 4.03 -37.95 -0.80
C TYR B 1254 2.88 -38.91 -0.50
N ALA B 1255 2.32 -39.48 -1.56
CA ALA B 1255 1.23 -40.45 -1.47
C ALA B 1255 -0.09 -39.97 -0.87
N SER B 1256 -0.33 -38.68 -0.86
CA SER B 1256 -1.58 -38.15 -0.30
C SER B 1256 -2.70 -38.13 -1.35
N LYS B 1257 -3.87 -37.63 -0.95
CA LYS B 1257 -5.02 -37.52 -1.83
C LYS B 1257 -5.81 -36.23 -1.56
N ALA B 1258 -6.40 -35.67 -2.60
CA ALA B 1258 -7.20 -34.45 -2.45
C ALA B 1258 -8.32 -34.74 -1.45
N VAL B 1259 -8.70 -33.74 -0.67
CA VAL B 1259 -9.73 -33.92 0.36
C VAL B 1259 -10.76 -32.79 0.43
N GLY B 1260 -10.48 -31.67 -0.22
CA GLY B 1260 -11.37 -30.52 -0.19
C GLY B 1260 -12.86 -30.72 -0.40
N GLU B 1261 -13.24 -31.23 -1.56
CA GLU B 1261 -14.65 -31.45 -1.90
C GLU B 1261 -15.23 -32.86 -1.71
N PRO B 1262 -14.42 -33.91 -1.94
CA PRO B 1262 -14.89 -35.30 -1.79
C PRO B 1262 -15.83 -35.66 -0.63
N PRO B 1263 -15.54 -35.20 0.59
CA PRO B 1263 -16.40 -35.53 1.75
C PRO B 1263 -17.75 -34.84 1.84
N LEU B 1264 -17.95 -33.76 1.10
CA LEU B 1264 -19.20 -33.02 1.21
C LEU B 1264 -20.46 -33.83 0.95
N PHE B 1265 -20.47 -34.63 -0.12
CA PHE B 1265 -21.66 -35.42 -0.41
C PHE B 1265 -22.04 -36.35 0.74
N LEU B 1266 -21.06 -36.76 1.54
CA LEU B 1266 -21.32 -37.67 2.65
C LEU B 1266 -22.35 -37.14 3.64
N GLY B 1267 -22.63 -35.84 3.59
CA GLY B 1267 -23.62 -35.26 4.46
C GLY B 1267 -25.01 -35.74 4.07
N ALA B 1268 -25.11 -36.35 2.89
CA ALA B 1268 -26.39 -36.85 2.40
C ALA B 1268 -26.87 -38.04 3.25
N SER B 1269 -25.94 -38.66 3.98
CA SER B 1269 -26.30 -39.79 4.82
C SER B 1269 -27.35 -39.34 5.84
N VAL B 1270 -27.27 -38.09 6.26
CA VAL B 1270 -28.24 -37.55 7.21
C VAL B 1270 -29.59 -37.45 6.50
N PHE B 1271 -29.57 -36.99 5.25
CA PHE B 1271 -30.78 -36.84 4.46
C PHE B 1271 -31.53 -38.16 4.32
N PHE B 1272 -30.82 -39.22 3.96
CA PHE B 1272 -31.48 -40.50 3.80
C PHE B 1272 -31.85 -41.17 5.12
N ALA B 1273 -31.16 -40.80 6.20
CA ALA B 1273 -31.51 -41.35 7.50
C ALA B 1273 -32.87 -40.73 7.82
N ILE B 1274 -33.01 -39.45 7.51
CA ILE B 1274 -34.27 -38.73 7.72
C ILE B 1274 -35.39 -39.36 6.90
N LYS B 1275 -35.12 -39.66 5.64
CA LYS B 1275 -36.12 -40.26 4.78
C LYS B 1275 -36.52 -41.60 5.39
N ASP B 1276 -35.52 -42.32 5.90
CA ASP B 1276 -35.74 -43.60 6.54
C ASP B 1276 -36.71 -43.40 7.71
N ALA B 1277 -36.50 -42.32 8.46
CA ALA B 1277 -37.34 -42.00 9.61
C ALA B 1277 -38.76 -41.66 9.18
N ILE B 1278 -38.89 -40.82 8.16
CA ILE B 1278 -40.20 -40.44 7.67
C ILE B 1278 -40.97 -41.69 7.25
N ARG B 1279 -40.27 -42.64 6.66
CA ARG B 1279 -40.89 -43.89 6.22
C ARG B 1279 -41.51 -44.64 7.39
N ALA B 1280 -40.85 -44.60 8.54
CA ALA B 1280 -41.37 -45.25 9.73
C ALA B 1280 -42.62 -44.52 10.19
N ALA B 1281 -42.58 -43.19 10.10
CA ALA B 1281 -43.69 -42.35 10.50
C ALA B 1281 -44.91 -42.60 9.61
N ARG B 1282 -44.70 -42.65 8.30
CA ARG B 1282 -45.78 -42.89 7.37
C ARG B 1282 -46.35 -44.29 7.56
N ALA B 1283 -45.54 -45.20 8.06
CA ALA B 1283 -45.99 -46.56 8.30
C ALA B 1283 -46.84 -46.56 9.57
N GLN B 1284 -46.54 -45.60 10.44
CA GLN B 1284 -47.22 -45.44 11.72
C GLN B 1284 -48.60 -44.81 11.59
N HIS B 1285 -48.72 -43.71 10.84
CA HIS B 1285 -50.00 -43.02 10.71
C HIS B 1285 -50.57 -42.83 9.32
N THR B 1286 -49.81 -43.18 8.28
CA THR B 1286 -50.32 -43.00 6.92
C THR B 1286 -50.94 -44.28 6.38
N ASN B 1287 -50.20 -45.02 5.56
CA ASN B 1287 -50.73 -46.26 5.00
C ASN B 1287 -49.88 -47.46 5.41
N ASN B 1288 -50.21 -48.63 4.88
CA ASN B 1288 -49.48 -49.85 5.20
C ASN B 1288 -48.74 -50.40 4.00
N ASN B 1289 -48.59 -49.58 2.95
CA ASN B 1289 -47.90 -50.01 1.75
C ASN B 1289 -46.39 -49.94 1.98
N THR B 1290 -45.84 -51.01 2.53
CA THR B 1290 -44.42 -51.10 2.83
C THR B 1290 -43.48 -50.79 1.67
N LYS B 1291 -44.01 -50.76 0.44
CA LYS B 1291 -43.20 -50.47 -0.74
C LYS B 1291 -43.50 -49.13 -1.39
N GLU B 1292 -44.16 -48.24 -0.63
CA GLU B 1292 -44.51 -46.92 -1.13
C GLU B 1292 -43.24 -46.13 -1.47
N LEU B 1293 -43.31 -45.33 -2.52
CA LEU B 1293 -42.18 -44.52 -2.94
C LEU B 1293 -42.57 -43.04 -2.95
N PHE B 1294 -42.57 -42.42 -1.77
CA PHE B 1294 -42.94 -41.02 -1.67
C PHE B 1294 -41.74 -40.12 -1.98
N ARG B 1295 -42.01 -39.02 -2.69
CA ARG B 1295 -40.96 -38.09 -3.08
C ARG B 1295 -40.53 -37.13 -1.98
N LEU B 1296 -39.23 -36.96 -1.84
CA LEU B 1296 -38.66 -36.05 -0.86
C LEU B 1296 -37.54 -35.27 -1.53
N ASP B 1297 -37.82 -34.02 -1.90
CA ASP B 1297 -36.79 -33.20 -2.53
C ASP B 1297 -35.85 -32.66 -1.46
N SER B 1298 -34.73 -32.11 -1.90
CA SER B 1298 -33.74 -31.52 -1.02
C SER B 1298 -33.89 -30.00 -1.10
N PRO B 1299 -33.68 -29.30 0.02
CA PRO B 1299 -33.31 -29.86 1.32
C PRO B 1299 -34.52 -30.39 2.08
N ALA B 1300 -34.28 -31.38 2.93
CA ALA B 1300 -35.34 -31.94 3.75
C ALA B 1300 -35.45 -31.05 4.98
N THR B 1301 -36.17 -29.94 4.82
CA THR B 1301 -36.36 -28.97 5.90
C THR B 1301 -37.49 -29.40 6.83
N PRO B 1302 -37.66 -28.69 7.97
CA PRO B 1302 -38.74 -29.08 8.88
C PRO B 1302 -40.07 -29.14 8.14
N GLU B 1303 -40.25 -28.23 7.18
CA GLU B 1303 -41.47 -28.19 6.40
C GLU B 1303 -41.70 -29.49 5.62
N LYS B 1304 -40.68 -29.93 4.88
CA LYS B 1304 -40.81 -31.16 4.11
C LYS B 1304 -40.94 -32.37 5.02
N ILE B 1305 -40.20 -32.38 6.11
CA ILE B 1305 -40.27 -33.50 7.04
C ILE B 1305 -41.67 -33.58 7.66
N ARG B 1306 -42.15 -32.47 8.19
CA ARG B 1306 -43.48 -32.46 8.81
C ARG B 1306 -44.58 -32.84 7.83
N ASN B 1307 -44.59 -32.19 6.66
CA ASN B 1307 -45.60 -32.46 5.65
C ASN B 1307 -45.59 -33.92 5.19
N ALA B 1308 -44.42 -34.55 5.22
CA ALA B 1308 -44.29 -35.93 4.81
C ALA B 1308 -44.87 -36.88 5.87
N CYS B 1309 -44.95 -36.41 7.11
CA CYS B 1309 -45.49 -37.22 8.20
C CYS B 1309 -47.01 -37.08 8.24
N VAL B 1310 -47.65 -37.51 7.16
CA VAL B 1310 -49.08 -37.44 7.02
C VAL B 1310 -49.80 -38.08 8.20
N ASP B 1311 -50.76 -37.35 8.77
CA ASP B 1311 -51.52 -37.86 9.91
C ASP B 1311 -52.86 -37.15 9.99
N LYS B 1312 -53.58 -37.38 11.09
CA LYS B 1312 -54.88 -36.77 11.29
C LYS B 1312 -54.81 -35.25 11.26
N PHE B 1313 -53.68 -34.71 11.72
CA PHE B 1313 -53.52 -33.26 11.75
C PHE B 1313 -53.26 -32.66 10.36
N THR B 1314 -52.27 -33.19 9.64
CA THR B 1314 -51.97 -32.69 8.30
C THR B 1314 -53.21 -32.83 7.41
N THR B 1315 -54.00 -33.87 7.68
CA THR B 1315 -55.21 -34.13 6.90
C THR B 1315 -56.27 -33.05 7.09
N LEU B 1316 -56.31 -32.45 8.27
CA LEU B 1316 -57.28 -31.39 8.53
C LEU B 1316 -56.78 -30.05 7.97
N CYS B 1317 -55.52 -30.01 7.55
CA CYS B 1317 -54.93 -28.78 7.01
C CYS B 1317 -54.62 -28.83 5.52
N LYS B 1326 -67.03 -27.48 -0.03
CA LYS B 1326 -68.51 -27.59 0.01
C LYS B 1326 -69.14 -27.36 -1.37
N PRO B 1327 -68.58 -27.96 -2.42
CA PRO B 1327 -69.14 -27.76 -3.76
C PRO B 1327 -70.56 -28.32 -3.91
N TRP B 1328 -71.36 -27.64 -4.72
CA TRP B 1328 -72.76 -28.03 -4.95
C TRP B 1328 -72.88 -29.48 -5.44
N SER B 1329 -72.03 -29.86 -6.38
CA SER B 1329 -72.07 -31.21 -6.90
C SER B 1329 -70.68 -31.80 -7.06
N LEU B 1330 -70.61 -33.12 -7.05
CA LEU B 1330 -69.35 -33.83 -7.20
C LEU B 1330 -69.62 -35.11 -7.98
N ARG B 1331 -68.88 -35.31 -9.07
CA ARG B 1331 -69.02 -36.49 -9.91
C ARG B 1331 -68.84 -37.76 -9.08
N VAL B 1332 -69.60 -38.80 -9.40
CA VAL B 1332 -69.51 -40.06 -8.68
C VAL B 1332 -68.61 -41.10 -9.34
#